data_9QR1
#
_entry.id   9QR1
#
_cell.length_a   81.575
_cell.length_b   189.299
_cell.length_c   84.109
_cell.angle_alpha   90.00
_cell.angle_beta   114.27
_cell.angle_gamma   90.00
#
_symmetry.space_group_name_H-M   'P 1 21 1'
#
loop_
_entity.id
_entity.type
_entity.pdbx_description
1 polymer 'Methyl-coenzyme M reductase subunit alpha'
2 polymer 'Methyl-coenzyme M reductase subunit beta'
3 polymer 'coenzyme-B sulfoethylthiotransferase'
4 non-polymer 'SODIUM ION'
5 non-polymer 1,2-ETHANEDIOL
6 non-polymer 'NITRATE ION'
7 non-polymer 'FACTOR 430'
8 non-polymer 'Coenzyme B'
9 non-polymer '1-THIOETHANESULFONIC ACID'
10 non-polymer 'POTASSIUM ION'
11 water water
#
loop_
_entity_poly.entity_id
_entity_poly.type
_entity_poly.pdbx_seq_one_letter_code
_entity_poly.pdbx_strand_id
1 'polypeptide(L)'
;MAVRFQKAMETKYTKEWGSNKNKGGKITDKKAKYLRLGYQQNPRKVEMAK(CSO)GAAITKKRGLQAYDPKLHLAGIPMG
QRQLTPYTISGTDIVCDGDDLHFVNNAAMQQEWDDIRRSCVVGLDLAHEVLEKRLGKEVTPETINYYLEVLNHAMPGAAI
VQEHMVETHPALVDDCYVKIFTGDETLQDEVDKQFVINIDNEFPANQAKQIKAAVGKTSWQAVHIPTIVTRTEDGPGTSR
WMAMQVGMTFISAYHMCAGEAAVGELAFTAK(MHS)AGLVEMGDMIPAR(AGM)ARGPNEPGGLSFGHMADICQTNRKGP
EDPVNVILQTASAATMLYDQIWLGGYMSGGVGFTMYATPAYTNDIVDDFLYWADEYASKKYGGRGKAKATIDTVKDIATE
STLYSLEAYEKYPTTLEDHFGGSQRATVCSIAAGGATALATGHSQAGLSA(TRX)YLSMYLHKEAHGRLGFF(GL3)YDL
Q(DYA)Q(SMC)GATNVFSIASDEGCIGECRGANYPNYAMNVGHQGGYTSVVAAAHAGKDAFCVNPLVKVCFADELINFD
FADPRGAFGKAALREWDRCAGERAFVIPAK
;
A,D
2 'polypeptide(L)'
;MADTIDLYSDRGAKLKSGVDINDISPMRNAAIKSIVTGIKRTAAVDLAGIEKTLATSAIGGKGRKIPGREMKLDIVKNAA
AIQKAVTEMVQVDSGDDTVVKALNGGKQLIVQVPSVRIDVAAEYVSSLTCTASAVTQALVSQFNIGMFDAPTVKSAVWGQ
YPQTLDMVGGNVKSIVEIPQKDEGFGYTLRNVMANHLAAVCKKNAMNTAALCSILENTGVFEMGDAIGNQTRHRLLAFSH
QGLNANNMVYGTTKALGKTGTIGSAVHACVEKAIADKVISADKKFASGYTTYKTNDVGKWNAYCAAGTLVATLINCGAQR
APQAVSSVLLYFQDLIEKETSLPGCDFGKVQGAAVGFSFFSHSIYGGGGPGVFNGNHVVTRHSKGLAVPCVAAAVALDAG
VQVYSPEKTSGLVGDVFSAVDEFREPIKAVAGAV
;
B,E
3 'polypeptide(L)'
;MAYKPQYYPGSTSVAKNRRKFMSDDVEKMRDISDEDLTALLGHRAPGSDYPSTHPPLSEIGEPACPVREVVEPTPGAAAG
DRMRYVQFADSMYNGPAVPYWRSYHAAINFRGVDPGTLSGRQVNEMRERDMEEYAKRQSETEITDWGLAGMRGCTVHG
(A1I9G)SLRLQEDGVMFDMLDRRRLEGGVIVSDKDQVGVPIDRKVNLGKPMSEAEAAKRTTIYRVDNVAFRSDKEVIEH
VQRVWELRTKYGFVPKA
;
C,F
#
loop_
_chem_comp.id
_chem_comp.type
_chem_comp.name
_chem_comp.formula
COM non-polymer '1-THIOETHANESULFONIC ACID' 'C2 H6 O3 S2'
EDO non-polymer 1,2-ETHANEDIOL 'C2 H6 O2'
F43 non-polymer 'FACTOR 430' 'C42 H51 N6 Ni O13 1'
K non-polymer 'POTASSIUM ION' 'K 1'
NA non-polymer 'SODIUM ION' 'Na 1'
NO3 non-polymer 'NITRATE ION' 'N O3 -1'
TP7 non-polymer 'Coenzyme B' 'C11 H22 N O7 P S'
#
# COMPACT_ATOMS: atom_id res chain seq x y z
N ALA A 2 -5.06 49.59 9.64
CA ALA A 2 -3.67 49.18 9.37
C ALA A 2 -3.65 47.80 8.69
N VAL A 3 -2.50 47.43 8.12
CA VAL A 3 -2.35 46.09 7.57
C VAL A 3 -1.46 45.26 8.48
N ARG A 4 -1.82 44.00 8.69
CA ARG A 4 -1.12 43.20 9.68
C ARG A 4 0.31 42.91 9.26
N PHE A 5 0.60 42.93 7.95
CA PHE A 5 1.90 42.63 7.39
C PHE A 5 2.82 43.85 7.30
N GLN A 6 2.44 44.99 7.88
CA GLN A 6 3.30 46.17 7.80
C GLN A 6 4.69 45.86 8.36
N LYS A 7 4.75 45.37 9.60
CA LYS A 7 6.02 45.07 10.24
C LYS A 7 6.83 44.06 9.45
N ALA A 8 6.20 42.97 9.03
CA ALA A 8 6.95 41.93 8.35
C ALA A 8 7.51 42.43 7.02
N MET A 9 6.75 43.23 6.29
CA MET A 9 7.27 43.77 5.04
C MET A 9 8.39 44.78 5.27
N GLU A 10 8.32 45.55 6.35
N GLU A 10 8.33 45.52 6.38
CA GLU A 10 9.43 46.42 6.72
CA GLU A 10 9.44 46.45 6.73
C GLU A 10 10.68 45.61 7.05
C GLU A 10 10.69 45.61 7.05
N THR A 11 10.55 44.53 7.82
CA THR A 11 11.68 43.66 8.11
C THR A 11 12.27 43.09 6.82
N LYS A 12 11.40 42.64 5.92
CA LYS A 12 11.87 41.91 4.75
C LYS A 12 12.58 42.80 3.77
N TYR A 13 12.11 44.05 3.61
CA TYR A 13 12.57 44.88 2.51
CA TYR A 13 12.61 44.89 2.53
C TYR A 13 13.18 46.23 2.92
N THR A 14 12.82 46.80 4.05
CA THR A 14 13.32 48.14 4.40
C THR A 14 14.46 48.09 5.39
N LYS A 15 14.82 46.90 5.85
CA LYS A 15 15.93 46.69 6.78
C LYS A 15 16.88 45.70 6.13
N GLU A 16 18.17 45.90 6.33
N GLU A 16 18.16 45.91 6.35
CA GLU A 16 19.14 45.02 5.72
CA GLU A 16 19.16 45.02 5.73
C GLU A 16 19.02 43.62 6.35
C GLU A 16 19.06 43.62 6.35
N TRP A 17 19.27 42.60 5.53
CA TRP A 17 19.34 41.22 5.99
C TRP A 17 20.66 40.67 5.47
N GLY A 18 21.50 40.21 6.40
CA GLY A 18 22.86 39.85 6.02
C GLY A 18 23.58 41.09 5.51
N SER A 19 24.16 40.99 4.33
CA SER A 19 24.77 42.13 3.67
CA SER A 19 24.80 42.11 3.64
C SER A 19 24.05 42.47 2.36
N ASN A 20 22.74 42.34 2.36
CA ASN A 20 21.97 42.57 1.14
C ASN A 20 21.74 44.02 0.79
N LYS A 21 22.21 44.95 1.60
CA LYS A 21 22.23 46.37 1.29
C LYS A 21 20.85 47.01 1.17
N ASN A 22 19.79 46.31 1.55
CA ASN A 22 18.47 46.90 1.52
C ASN A 22 18.34 47.88 2.71
N LYS A 23 17.78 49.07 2.47
CA LYS A 23 17.61 50.03 3.56
C LYS A 23 16.61 51.09 3.11
N GLY A 24 15.58 51.31 3.91
CA GLY A 24 14.68 52.41 3.68
C GLY A 24 13.62 52.08 2.64
N GLY A 25 12.95 53.15 2.19
CA GLY A 25 11.82 53.01 1.30
C GLY A 25 10.54 52.70 2.04
N LYS A 26 9.47 52.58 1.24
CA LYS A 26 8.14 52.26 1.74
C LYS A 26 7.70 50.91 1.18
N ILE A 27 6.84 50.23 1.92
CA ILE A 27 6.39 48.89 1.50
C ILE A 27 5.41 48.95 0.34
N THR A 28 4.99 50.16 -0.04
CA THR A 28 4.15 50.44 -1.20
C THR A 28 4.95 50.79 -2.45
N ASP A 29 6.27 50.96 -2.34
CA ASP A 29 7.06 51.36 -3.49
C ASP A 29 7.07 50.28 -4.57
N LYS A 30 6.99 50.72 -5.82
N LYS A 30 6.99 50.73 -5.82
CA LYS A 30 6.82 49.81 -6.94
CA LYS A 30 6.81 49.78 -6.96
C LYS A 30 8.13 49.37 -7.60
C LYS A 30 8.13 49.35 -7.59
N LYS A 31 9.25 50.06 -7.39
N LYS A 31 9.22 50.07 -7.36
CA LYS A 31 10.51 49.71 -8.04
CA LYS A 31 10.49 49.73 -8.04
C LYS A 31 11.49 49.17 -7.03
C LYS A 31 11.52 49.19 -7.02
N ALA A 32 12.52 48.48 -7.51
CA ALA A 32 13.54 47.90 -6.64
C ALA A 32 14.88 47.89 -7.36
N LYS A 33 15.93 47.76 -6.56
N LYS A 33 15.92 47.74 -6.53
CA LYS A 33 17.28 47.54 -7.05
CA LYS A 33 17.29 47.55 -7.06
C LYS A 33 17.59 46.05 -7.12
C LYS A 33 17.63 46.06 -7.12
N TYR A 34 18.34 45.66 -8.15
CA TYR A 34 18.78 44.28 -8.38
C TYR A 34 20.30 44.32 -8.38
N LEU A 35 20.89 44.12 -7.22
CA LEU A 35 22.30 44.43 -7.00
C LEU A 35 23.24 43.31 -7.42
N ARG A 36 22.73 42.11 -7.71
CA ARG A 36 23.55 41.01 -8.15
C ARG A 36 24.73 40.76 -7.22
N LEU A 37 24.43 40.73 -5.92
CA LEU A 37 25.45 40.43 -4.91
C LEU A 37 25.78 38.94 -4.85
N GLY A 38 24.89 38.07 -5.33
CA GLY A 38 25.11 36.66 -5.26
C GLY A 38 24.89 36.11 -3.86
N TYR A 39 25.28 34.85 -3.70
CA TYR A 39 24.89 34.13 -2.47
C TYR A 39 25.64 34.66 -1.26
N GLN A 40 26.79 35.32 -1.47
CA GLN A 40 27.62 35.75 -0.35
C GLN A 40 26.99 36.87 0.46
N GLN A 41 25.90 37.47 -0.02
CA GLN A 41 25.16 38.43 0.79
C GLN A 41 24.47 37.80 1.99
N ASN A 42 24.35 36.48 2.02
CA ASN A 42 23.49 35.78 2.97
C ASN A 42 24.28 34.82 3.83
N PRO A 43 24.45 35.09 5.12
CA PRO A 43 25.27 34.22 5.96
C PRO A 43 24.85 32.76 5.94
N ARG A 44 23.56 32.47 5.87
CA ARG A 44 23.12 31.07 5.84
C ARG A 44 23.61 30.38 4.56
N LYS A 45 23.44 31.02 3.40
CA LYS A 45 23.98 30.44 2.17
C LYS A 45 25.48 30.28 2.23
N VAL A 46 26.19 31.23 2.85
CA VAL A 46 27.64 31.09 2.96
C VAL A 46 28.01 29.87 3.82
N GLU A 47 27.30 29.66 4.93
CA GLU A 47 27.52 28.49 5.76
C GLU A 47 27.28 27.22 4.95
N MET A 48 26.19 27.18 4.17
CA MET A 48 25.90 26.03 3.30
C MET A 48 26.99 25.78 2.28
N ALA A 49 27.45 26.87 1.65
CA ALA A 49 28.49 26.73 0.64
C ALA A 49 29.77 26.19 1.25
N LYS A 50 30.18 26.70 2.40
CA LYS A 50 31.39 26.21 3.03
C LYS A 50 31.24 24.74 3.42
N CSO A 51 30.06 24.38 3.95
CA CSO A 51 29.82 22.95 4.28
CB CSO A 51 28.46 22.77 4.92
SG CSO A 51 28.34 23.43 6.60
C CSO A 51 29.93 22.12 2.99
O CSO A 51 30.58 21.02 3.04
OD CSO A 51 29.13 22.32 7.57
N GLY A 52 29.35 22.55 1.88
CA GLY A 52 29.39 21.77 0.67
C GLY A 52 30.78 21.57 0.15
N ALA A 53 31.58 22.65 0.19
CA ALA A 53 32.95 22.56 -0.28
C ALA A 53 33.74 21.57 0.57
N ALA A 54 33.49 21.56 1.88
CA ALA A 54 34.21 20.64 2.76
C ALA A 54 33.80 19.19 2.49
N ILE A 55 32.51 18.96 2.18
CA ILE A 55 32.04 17.61 1.83
C ILE A 55 32.71 17.15 0.54
N THR A 56 32.70 18.01 -0.49
CA THR A 56 33.36 17.66 -1.75
C THR A 56 34.77 17.17 -1.50
N LYS A 57 35.52 17.93 -0.71
CA LYS A 57 36.92 17.62 -0.44
C LYS A 57 37.06 16.34 0.36
N LYS A 58 36.24 16.17 1.40
CA LYS A 58 36.40 15.03 2.29
C LYS A 58 36.06 13.73 1.57
N ARG A 59 35.00 13.70 0.80
CA ARG A 59 34.56 12.44 0.22
C ARG A 59 35.11 12.22 -1.19
N GLY A 60 35.73 13.24 -1.79
CA GLY A 60 36.24 13.09 -3.14
C GLY A 60 35.14 12.98 -4.20
N LEU A 61 34.00 13.63 -3.98
CA LEU A 61 32.87 13.55 -4.91
C LEU A 61 32.08 14.84 -4.71
N GLN A 62 31.85 15.55 -5.82
CA GLN A 62 31.13 16.82 -5.88
C GLN A 62 29.89 16.83 -5.00
N ALA A 63 29.76 17.91 -4.23
CA ALA A 63 28.59 18.19 -3.41
C ALA A 63 28.10 19.61 -3.71
N TYR A 64 27.34 20.20 -2.81
CA TYR A 64 26.73 21.50 -3.03
C TYR A 64 27.76 22.54 -3.46
N ASP A 65 27.38 23.32 -4.49
CA ASP A 65 28.16 24.47 -4.93
C ASP A 65 27.22 25.44 -5.64
N PRO A 66 26.97 26.62 -5.08
CA PRO A 66 26.05 27.57 -5.75
C PRO A 66 26.42 27.91 -7.17
N LYS A 67 27.68 27.76 -7.54
CA LYS A 67 28.12 28.06 -8.92
C LYS A 67 27.61 27.03 -9.93
N LEU A 68 27.05 25.91 -9.49
CA LEU A 68 26.45 24.92 -10.37
C LEU A 68 25.00 25.21 -10.73
N HIS A 69 24.49 26.37 -10.34
CA HIS A 69 23.26 26.86 -10.93
C HIS A 69 23.37 26.92 -12.44
N LEU A 70 22.23 26.77 -13.10
CA LEU A 70 22.12 26.96 -14.54
C LEU A 70 22.79 28.27 -14.95
N ALA A 71 23.57 28.20 -16.02
CA ALA A 71 24.31 29.32 -16.61
C ALA A 71 25.49 29.76 -15.75
N GLY A 72 25.76 29.09 -14.65
CA GLY A 72 26.79 29.52 -13.73
C GLY A 72 26.49 30.82 -13.05
N ILE A 73 25.22 31.19 -13.00
CA ILE A 73 24.77 32.43 -12.36
CA ILE A 73 24.76 32.43 -12.37
C ILE A 73 24.14 32.05 -11.03
N PRO A 74 24.81 32.30 -9.89
CA PRO A 74 24.27 31.83 -8.61
CA PRO A 74 24.28 31.83 -8.61
C PRO A 74 23.05 32.60 -8.16
N MET A 75 22.30 31.97 -7.26
CA MET A 75 21.18 32.66 -6.64
C MET A 75 21.67 33.90 -5.91
N GLY A 76 20.74 34.83 -5.69
CA GLY A 76 21.05 36.12 -5.13
C GLY A 76 21.36 37.18 -6.16
N GLN A 77 20.83 37.03 -7.38
CA GLN A 77 20.86 38.13 -8.33
C GLN A 77 19.92 39.25 -7.89
N ARG A 78 18.67 38.90 -7.55
CA ARG A 78 17.87 39.76 -6.70
C ARG A 78 18.37 39.57 -5.26
N GLN A 79 18.02 40.50 -4.37
CA GLN A 79 18.48 40.35 -3.00
C GLN A 79 17.75 39.21 -2.30
N LEU A 80 18.49 38.53 -1.43
CA LEU A 80 17.94 37.44 -0.62
C LEU A 80 17.39 38.05 0.68
N THR A 81 16.11 37.81 0.93
CA THR A 81 15.35 38.50 1.94
C THR A 81 14.70 37.51 2.90
N PRO A 82 14.41 37.96 4.14
CA PRO A 82 13.98 37.02 5.20
C PRO A 82 12.48 36.83 5.28
N TYR A 83 12.12 36.03 6.30
CA TYR A 83 10.75 35.74 6.68
CA TYR A 83 10.75 35.73 6.67
C TYR A 83 10.58 36.02 8.17
N THR A 84 9.41 36.49 8.54
CA THR A 84 8.99 36.60 9.94
C THR A 84 7.93 35.53 10.18
N ILE A 85 8.07 34.74 11.25
CA ILE A 85 7.02 33.78 11.57
C ILE A 85 5.79 34.58 11.97
N SER A 86 4.66 34.30 11.35
CA SER A 86 3.46 35.09 11.60
C SER A 86 3.06 35.06 13.06
N GLY A 87 2.62 36.23 13.54
CA GLY A 87 2.26 36.41 14.92
C GLY A 87 3.42 36.51 15.87
N THR A 88 4.65 36.56 15.39
CA THR A 88 5.85 36.58 16.22
C THR A 88 6.82 37.66 15.71
N ASP A 89 7.91 37.82 16.46
CA ASP A 89 9.09 38.60 16.02
C ASP A 89 10.28 37.72 15.68
N ILE A 90 10.05 36.45 15.34
CA ILE A 90 11.12 35.54 14.94
C ILE A 90 11.37 35.76 13.45
N VAL A 91 12.60 36.14 13.11
CA VAL A 91 13.02 36.43 11.74
C VAL A 91 14.08 35.42 11.34
N CYS A 92 13.92 34.83 10.16
CA CYS A 92 14.84 33.79 9.75
C CYS A 92 14.93 33.75 8.20
N ASP A 93 15.75 32.86 7.68
CA ASP A 93 15.80 32.60 6.25
C ASP A 93 14.83 31.49 5.87
N GLY A 94 14.45 31.46 4.58
CA GLY A 94 13.67 30.35 4.09
C GLY A 94 14.35 29.01 4.36
N ASP A 95 15.68 28.98 4.25
CA ASP A 95 16.44 27.78 4.46
C ASP A 95 16.24 27.19 5.87
N ASP A 96 15.85 28.01 6.83
CA ASP A 96 15.62 27.54 8.20
C ASP A 96 14.24 26.87 8.36
N LEU A 97 13.44 26.83 7.26
CA LEU A 97 12.06 26.36 7.26
C LEU A 97 11.86 25.16 6.34
N HIS A 98 12.89 24.70 5.65
CA HIS A 98 12.76 23.43 4.92
C HIS A 98 12.55 22.31 5.94
N PHE A 99 11.68 21.33 5.65
CA PHE A 99 11.48 20.28 6.65
C PHE A 99 12.75 19.55 6.97
N VAL A 100 13.66 19.40 6.01
CA VAL A 100 14.91 18.68 6.27
C VAL A 100 15.74 19.42 7.29
N ASN A 101 15.67 20.75 7.29
CA ASN A 101 16.54 21.59 8.09
C ASN A 101 15.91 22.02 9.41
N ASN A 102 14.67 21.63 9.68
CA ASN A 102 13.90 22.15 10.81
C ASN A 102 13.38 20.99 11.63
N ALA A 103 14.00 20.77 12.79
CA ALA A 103 13.72 19.57 13.57
C ALA A 103 12.29 19.56 14.11
N ALA A 104 11.71 20.73 14.40
CA ALA A 104 10.34 20.75 14.91
C ALA A 104 9.37 20.26 13.83
N MET A 105 9.62 20.61 12.56
CA MET A 105 8.77 20.15 11.49
C MET A 105 8.83 18.62 11.39
N GLN A 106 10.04 18.05 11.43
CA GLN A 106 10.15 16.60 11.42
C GLN A 106 9.44 15.98 12.62
N GLN A 107 9.58 16.57 13.80
CA GLN A 107 8.94 16.01 14.99
C GLN A 107 7.42 16.13 14.94
N GLU A 108 6.88 17.18 14.33
CA GLU A 108 5.43 17.24 14.16
C GLU A 108 4.93 16.00 13.45
N TRP A 109 5.58 15.65 12.32
CA TRP A 109 5.15 14.46 11.59
C TRP A 109 5.39 13.20 12.40
N ASP A 110 6.59 13.06 13.01
CA ASP A 110 6.85 11.86 13.78
C ASP A 110 5.81 11.66 14.88
N ASP A 111 5.39 12.75 15.52
CA ASP A 111 4.44 12.63 16.62
C ASP A 111 3.06 12.20 16.13
N ILE A 112 2.66 12.56 14.91
CA ILE A 112 1.43 12.04 14.33
C ILE A 112 1.60 10.58 13.92
N ARG A 113 2.68 10.30 13.16
CA ARG A 113 2.92 8.97 12.60
C ARG A 113 3.03 7.91 13.70
N ARG A 114 3.66 8.26 14.84
CA ARG A 114 3.94 7.32 15.92
C ARG A 114 2.77 7.17 16.89
N SER A 115 1.61 7.77 16.61
CA SER A 115 0.49 7.77 17.55
C SER A 115 -0.72 6.99 17.04
N CYS A 116 -1.44 6.42 18.00
CA CYS A 116 -2.75 5.84 17.73
C CYS A 116 -3.55 5.84 19.01
N VAL A 117 -4.84 5.62 18.87
CA VAL A 117 -5.76 5.54 20.01
C VAL A 117 -6.35 4.14 20.03
N VAL A 118 -6.44 3.54 21.21
CA VAL A 118 -6.90 2.16 21.29
CA VAL A 118 -6.86 2.14 21.32
C VAL A 118 -7.82 2.01 22.49
N GLY A 119 -9.00 1.47 22.25
CA GLY A 119 -9.97 1.34 23.32
C GLY A 119 -9.54 0.40 24.42
N LEU A 120 -10.13 0.60 25.59
CA LEU A 120 -10.03 -0.34 26.69
C LEU A 120 -11.28 -1.18 26.91
N ASP A 121 -12.45 -0.68 26.52
N ASP A 121 -12.44 -0.66 26.54
CA ASP A 121 -13.67 -1.36 26.92
CA ASP A 121 -13.69 -1.37 26.92
C ASP A 121 -13.77 -2.77 26.32
C ASP A 121 -13.72 -2.78 26.33
N LEU A 122 -13.50 -2.90 25.01
CA LEU A 122 -13.60 -4.23 24.40
C LEU A 122 -12.58 -5.19 25.00
N ALA A 123 -11.36 -4.71 25.28
CA ALA A 123 -10.36 -5.59 25.86
C ALA A 123 -10.80 -6.09 27.22
N HIS A 124 -11.32 -5.19 28.04
CA HIS A 124 -11.83 -5.59 29.35
C HIS A 124 -12.99 -6.58 29.23
N GLU A 125 -13.84 -6.38 28.22
CA GLU A 125 -14.92 -7.33 27.97
CA GLU A 125 -14.92 -7.34 27.96
C GLU A 125 -14.37 -8.72 27.63
N VAL A 126 -13.27 -8.80 26.86
CA VAL A 126 -12.69 -10.11 26.59
C VAL A 126 -12.29 -10.80 27.90
N LEU A 127 -11.60 -10.06 28.77
CA LEU A 127 -11.13 -10.63 30.04
C LEU A 127 -12.31 -11.10 30.89
N GLU A 128 -13.36 -10.29 30.95
CA GLU A 128 -14.56 -10.63 31.74
C GLU A 128 -15.25 -11.86 31.16
N LYS A 129 -15.52 -11.85 29.86
CA LYS A 129 -16.25 -12.94 29.21
C LYS A 129 -15.47 -14.24 29.31
N ARG A 130 -14.24 -14.23 28.85
CA ARG A 130 -13.53 -15.50 28.66
C ARG A 130 -12.91 -16.05 29.93
N LEU A 131 -12.37 -15.19 30.78
CA LEU A 131 -11.70 -15.62 32.00
C LEU A 131 -12.48 -15.34 33.26
N GLY A 132 -13.51 -14.51 33.21
CA GLY A 132 -14.23 -14.11 34.41
C GLY A 132 -13.42 -13.17 35.28
N LYS A 133 -12.47 -12.44 34.72
CA LYS A 133 -11.68 -11.52 35.51
C LYS A 133 -12.52 -10.32 35.94
N GLU A 134 -12.18 -9.78 37.10
CA GLU A 134 -12.73 -8.52 37.58
C GLU A 134 -11.74 -7.39 37.30
N VAL A 135 -12.16 -6.39 36.54
CA VAL A 135 -11.35 -5.24 36.18
C VAL A 135 -11.71 -4.10 37.13
N THR A 136 -10.71 -3.49 37.75
CA THR A 136 -10.92 -2.41 38.71
C THR A 136 -9.91 -1.30 38.44
N PRO A 137 -10.07 -0.12 39.05
CA PRO A 137 -9.01 0.90 38.92
C PRO A 137 -7.67 0.36 39.39
N GLU A 138 -7.64 -0.51 40.39
CA GLU A 138 -6.38 -1.07 40.84
C GLU A 138 -5.73 -1.95 39.77
N THR A 139 -6.51 -2.81 39.10
CA THR A 139 -5.90 -3.65 38.07
C THR A 139 -5.46 -2.79 36.89
N ILE A 140 -6.24 -1.76 36.57
CA ILE A 140 -5.91 -0.84 35.48
C ILE A 140 -4.62 -0.09 35.80
N ASN A 141 -4.46 0.36 37.05
CA ASN A 141 -3.26 1.10 37.42
C ASN A 141 -2.01 0.25 37.28
N TYR A 142 -2.08 -1.02 37.69
CA TYR A 142 -0.93 -1.88 37.50
C TYR A 142 -0.66 -2.13 36.02
N TYR A 143 -1.72 -2.38 35.26
CA TYR A 143 -1.61 -2.49 33.80
C TYR A 143 -0.88 -1.28 33.23
N LEU A 144 -1.27 -0.07 33.63
CA LEU A 144 -0.68 1.12 33.03
C LEU A 144 0.77 1.33 33.44
N GLU A 145 1.09 0.98 34.69
CA GLU A 145 2.52 1.02 35.11
CA GLU A 145 2.51 1.02 35.13
C GLU A 145 3.41 0.08 34.27
N VAL A 146 2.95 -1.17 34.16
CA VAL A 146 3.69 -2.16 33.39
C VAL A 146 3.74 -1.76 31.93
N LEU A 147 2.62 -1.23 31.40
CA LEU A 147 2.55 -0.87 29.98
C LEU A 147 3.57 0.22 29.65
N ASN A 148 3.75 1.18 30.57
CA ASN A 148 4.69 2.26 30.32
C ASN A 148 6.15 1.81 30.44
N HIS A 149 6.41 0.80 31.26
CA HIS A 149 7.71 0.12 31.22
C HIS A 149 7.90 -0.64 29.92
N ALA A 150 6.87 -1.36 29.47
CA ALA A 150 7.04 -2.30 28.35
C ALA A 150 6.92 -1.65 26.97
N MET A 151 6.05 -0.66 26.83
CA MET A 151 5.78 -0.09 25.50
C MET A 151 7.03 0.33 24.75
N PRO A 152 8.05 0.94 25.38
CA PRO A 152 9.24 1.34 24.62
C PRO A 152 10.06 0.20 24.09
N GLY A 153 9.81 -1.03 24.57
CA GLY A 153 10.49 -2.22 24.14
C GLY A 153 11.21 -2.96 25.25
N ALA A 154 10.57 -3.16 26.40
CA ALA A 154 11.18 -3.84 27.53
C ALA A 154 10.37 -5.09 27.88
N ALA A 155 11.05 -6.04 28.51
CA ALA A 155 10.49 -7.34 28.79
C ALA A 155 9.71 -7.41 30.10
N ILE A 156 8.68 -8.26 30.03
CA ILE A 156 7.97 -8.54 31.29
CA ILE A 156 7.77 -8.51 31.17
C ILE A 156 7.69 -10.01 31.56
N VAL A 157 7.80 -10.90 30.56
CA VAL A 157 7.44 -12.32 30.85
C VAL A 157 8.66 -13.23 30.81
N GLN A 158 9.53 -13.07 29.82
CA GLN A 158 10.60 -14.08 29.59
C GLN A 158 11.89 -13.78 30.35
N GLU A 159 12.97 -14.49 29.99
CA GLU A 159 14.25 -14.38 30.73
C GLU A 159 15.40 -14.21 29.74
N HIS A 160 16.48 -13.59 30.19
CA HIS A 160 17.70 -13.41 29.39
C HIS A 160 17.40 -12.60 28.13
N MET A 161 16.53 -11.60 28.28
CA MET A 161 16.00 -10.88 27.10
C MET A 161 16.78 -9.62 26.74
N VAL A 162 16.88 -9.38 25.44
CA VAL A 162 17.31 -8.13 24.85
C VAL A 162 16.16 -7.13 24.97
N GLU A 163 16.50 -5.86 25.27
CA GLU A 163 15.50 -4.80 25.39
C GLU A 163 16.02 -3.54 24.70
N THR A 164 15.10 -2.69 24.26
CA THR A 164 15.52 -1.38 23.78
C THR A 164 16.15 -0.59 24.93
N HIS A 165 17.04 0.34 24.59
CA HIS A 165 17.70 1.12 25.62
C HIS A 165 16.84 2.31 25.99
N PRO A 166 16.42 2.45 27.27
CA PRO A 166 15.56 3.60 27.66
C PRO A 166 16.08 4.93 27.21
N ALA A 167 17.41 5.09 27.17
CA ALA A 167 17.95 6.39 26.78
C ALA A 167 17.58 6.78 25.37
N LEU A 168 17.22 5.83 24.53
CA LEU A 168 16.87 6.09 23.13
C LEU A 168 15.37 6.23 22.91
N VAL A 169 14.54 5.94 23.92
CA VAL A 169 13.10 5.78 23.74
C VAL A 169 12.29 6.52 24.81
N ASP A 170 12.84 7.63 25.32
CA ASP A 170 12.19 8.35 26.42
C ASP A 170 10.97 9.14 26.00
N ASP A 171 10.68 9.20 24.70
CA ASP A 171 9.51 9.88 24.15
C ASP A 171 8.32 8.96 23.98
N CYS A 172 8.46 7.68 24.32
CA CYS A 172 7.42 6.68 24.15
C CYS A 172 6.68 6.47 25.46
N TYR A 173 5.35 6.53 25.42
CA TYR A 173 4.54 6.36 26.60
C TYR A 173 3.08 6.13 26.18
N VAL A 174 2.26 5.80 27.17
CA VAL A 174 0.82 5.61 27.04
C VAL A 174 0.11 6.36 28.14
N LYS A 175 -0.89 7.17 27.77
CA LYS A 175 -1.83 7.77 28.70
C LYS A 175 -3.24 7.24 28.41
N ILE A 176 -4.18 7.52 29.30
N ILE A 176 -4.16 7.54 29.32
CA ILE A 176 -5.57 7.15 29.09
CA ILE A 176 -5.57 7.15 29.08
C ILE A 176 -6.43 8.38 29.22
C ILE A 176 -6.47 8.36 29.27
N PHE A 177 -7.59 8.32 28.57
CA PHE A 177 -8.67 9.27 28.80
C PHE A 177 -9.97 8.52 28.78
N THR A 178 -10.97 9.12 29.44
CA THR A 178 -12.23 8.42 29.64
C THR A 178 -13.37 9.41 29.85
N GLY A 179 -14.55 9.04 29.34
CA GLY A 179 -15.75 9.75 29.71
C GLY A 179 -16.34 9.33 31.04
N ASP A 180 -15.84 8.24 31.62
CA ASP A 180 -16.30 7.75 32.93
C ASP A 180 -15.60 8.58 33.99
N GLU A 181 -16.34 9.44 34.67
CA GLU A 181 -15.72 10.37 35.60
C GLU A 181 -15.18 9.66 36.83
N THR A 182 -15.83 8.58 37.27
CA THR A 182 -15.27 7.81 38.38
C THR A 182 -13.91 7.24 38.00
N LEU A 183 -13.81 6.65 36.81
CA LEU A 183 -12.54 6.09 36.40
C LEU A 183 -11.49 7.19 36.23
N GLN A 184 -11.88 8.33 35.68
CA GLN A 184 -10.93 9.43 35.51
C GLN A 184 -10.32 9.82 36.84
N ASP A 185 -11.11 9.77 37.92
CA ASP A 185 -10.62 10.13 39.24
CA ASP A 185 -10.64 10.13 39.25
C ASP A 185 -9.81 9.02 39.90
N GLU A 186 -10.13 7.76 39.62
CA GLU A 186 -9.52 6.64 40.34
C GLU A 186 -8.24 6.12 39.70
N VAL A 187 -8.01 6.38 38.41
CA VAL A 187 -6.74 6.03 37.78
C VAL A 187 -5.67 6.99 38.27
N ASP A 188 -4.47 6.46 38.51
CA ASP A 188 -3.33 7.24 38.94
C ASP A 188 -3.11 8.41 37.98
N LYS A 189 -3.07 9.62 38.54
CA LYS A 189 -3.07 10.81 37.71
C LYS A 189 -1.89 10.91 36.75
N GLN A 190 -0.78 10.23 37.03
CA GLN A 190 0.35 10.29 36.10
C GLN A 190 -0.06 9.81 34.70
N PHE A 191 -1.04 8.92 34.62
CA PHE A 191 -1.45 8.32 33.36
C PHE A 191 -2.60 9.04 32.67
N VAL A 192 -3.24 10.02 33.28
CA VAL A 192 -4.53 10.50 32.81
C VAL A 192 -4.40 11.79 32.03
N ILE A 193 -5.02 11.83 30.86
CA ILE A 193 -5.36 13.08 30.19
C ILE A 193 -6.73 13.47 30.72
N ASN A 194 -6.75 14.44 31.63
CA ASN A 194 -7.97 14.78 32.36
C ASN A 194 -8.75 15.77 31.49
N ILE A 195 -9.89 15.34 30.97
CA ILE A 195 -10.64 16.16 30.01
C ILE A 195 -11.12 17.45 30.63
N ASP A 196 -11.53 17.39 31.89
CA ASP A 196 -11.99 18.59 32.59
C ASP A 196 -10.87 19.60 32.79
N ASN A 197 -9.65 19.12 33.01
CA ASN A 197 -8.55 20.04 33.21
C ASN A 197 -7.99 20.60 31.90
N GLU A 198 -8.06 19.83 30.81
CA GLU A 198 -7.42 20.22 29.56
C GLU A 198 -8.31 21.03 28.63
N PHE A 199 -9.62 21.02 28.85
CA PHE A 199 -10.54 21.69 27.96
C PHE A 199 -11.42 22.66 28.74
N PRO A 200 -11.84 23.78 28.12
CA PRO A 200 -12.89 24.60 28.74
C PRO A 200 -14.13 23.78 28.98
N ALA A 201 -14.96 24.24 29.93
CA ALA A 201 -16.08 23.42 30.38
C ALA A 201 -17.03 23.04 29.25
N ASN A 202 -17.35 23.97 28.34
CA ASN A 202 -18.28 23.62 27.27
C ASN A 202 -17.68 22.57 26.36
N GLN A 203 -16.39 22.69 26.06
CA GLN A 203 -15.71 21.71 25.23
C GLN A 203 -15.62 20.35 25.91
N ALA A 204 -15.29 20.34 27.20
CA ALA A 204 -15.25 19.08 27.93
C ALA A 204 -16.59 18.39 27.88
N LYS A 205 -17.68 19.15 28.10
CA LYS A 205 -19.01 18.55 28.06
C LYS A 205 -19.32 17.95 26.69
N GLN A 206 -18.94 18.67 25.63
CA GLN A 206 -19.19 18.18 24.28
C GLN A 206 -18.41 16.90 23.98
N ILE A 207 -17.16 16.83 24.42
CA ILE A 207 -16.36 15.63 24.25
C ILE A 207 -16.96 14.47 25.02
N LYS A 208 -17.34 14.72 26.29
CA LYS A 208 -17.91 13.64 27.10
C LYS A 208 -19.21 13.13 26.50
N ALA A 209 -20.01 14.02 25.91
CA ALA A 209 -21.27 13.57 25.31
C ALA A 209 -20.98 12.63 24.15
N ALA A 210 -19.94 12.93 23.38
CA ALA A 210 -19.62 12.11 22.22
C ALA A 210 -19.00 10.78 22.63
N VAL A 211 -18.16 10.76 23.66
CA VAL A 211 -17.50 9.51 24.03
C VAL A 211 -18.30 8.69 25.03
N GLY A 212 -19.34 9.26 25.63
CA GLY A 212 -20.08 8.50 26.62
C GLY A 212 -19.19 8.14 27.80
N LYS A 213 -19.32 6.90 28.27
CA LYS A 213 -18.52 6.40 29.38
C LYS A 213 -17.32 5.58 28.92
N THR A 214 -16.95 5.65 27.66
CA THR A 214 -15.90 4.80 27.12
C THR A 214 -14.51 5.31 27.51
N SER A 215 -13.54 4.38 27.48
CA SER A 215 -12.17 4.63 27.89
C SER A 215 -11.18 4.22 26.81
N TRP A 216 -10.07 4.98 26.74
CA TRP A 216 -9.17 4.94 25.59
C TRP A 216 -7.74 5.13 26.05
N GLN A 217 -6.82 4.53 25.30
CA GLN A 217 -5.38 4.69 25.45
C GLN A 217 -4.85 5.54 24.31
N ALA A 218 -4.09 6.58 24.66
CA ALA A 218 -3.35 7.42 23.73
C ALA A 218 -1.91 6.91 23.74
N VAL A 219 -1.50 6.27 22.64
CA VAL A 219 -0.24 5.55 22.54
C VAL A 219 0.70 6.28 21.62
N HIS A 220 1.96 6.45 22.05
CA HIS A 220 2.98 7.13 21.27
C HIS A 220 4.23 6.24 21.26
N ILE A 221 4.47 5.58 20.13
CA ILE A 221 5.62 4.65 20.05
CA ILE A 221 5.61 4.60 20.04
C ILE A 221 6.89 5.43 19.80
N PRO A 222 8.08 4.83 19.98
CA PRO A 222 9.30 5.64 19.93
C PRO A 222 9.55 6.32 18.59
N THR A 223 10.03 7.57 18.64
CA THR A 223 10.42 8.27 17.42
C THR A 223 11.50 7.53 16.66
N ILE A 224 12.47 6.96 17.37
CA ILE A 224 13.57 6.27 16.68
C ILE A 224 13.02 5.11 15.86
N VAL A 225 11.95 4.50 16.34
CA VAL A 225 11.27 3.39 15.65
C VAL A 225 10.47 3.89 14.44
N THR A 226 9.68 4.95 14.63
CA THR A 226 8.87 5.43 13.50
C THR A 226 9.76 5.87 12.33
N ARG A 227 10.95 6.40 12.65
CA ARG A 227 11.90 6.83 11.62
C ARG A 227 12.57 5.63 10.94
N THR A 228 12.87 4.58 11.68
CA THR A 228 13.42 3.35 11.06
C THR A 228 12.35 2.65 10.24
N GLU A 229 11.11 2.69 10.71
CA GLU A 229 10.03 1.92 10.05
C GLU A 229 9.12 2.85 9.23
N ASP A 230 7.81 2.77 9.47
CA ASP A 230 6.83 3.55 8.69
C ASP A 230 5.58 3.69 9.55
N GLY A 231 4.59 4.42 9.05
CA GLY A 231 3.36 4.61 9.78
C GLY A 231 2.62 3.33 10.11
N PRO A 232 2.56 2.36 9.19
CA PRO A 232 1.83 1.13 9.50
C PRO A 232 2.43 0.35 10.65
N GLY A 233 3.68 0.64 11.02
CA GLY A 233 4.28 0.00 12.17
C GLY A 233 3.68 0.42 13.49
N THR A 234 3.02 1.57 13.55
CA THR A 234 2.63 2.10 14.87
C THR A 234 1.62 1.22 15.58
N SER A 235 0.51 0.87 14.93
CA SER A 235 -0.49 0.12 15.65
C SER A 235 0.01 -1.28 15.98
N ARG A 236 0.90 -1.82 15.13
CA ARG A 236 1.48 -3.13 15.39
C ARG A 236 2.35 -3.10 16.64
N TRP A 237 3.20 -2.08 16.77
CA TRP A 237 4.09 -1.95 17.94
C TRP A 237 3.24 -1.84 19.20
N MET A 238 2.26 -0.94 19.16
CA MET A 238 1.31 -0.78 20.25
C MET A 238 0.73 -2.11 20.66
N ALA A 239 0.23 -2.87 19.69
CA ALA A 239 -0.54 -4.06 20.02
C ALA A 239 0.31 -5.13 20.66
N MET A 240 1.59 -5.23 20.27
CA MET A 240 2.45 -6.25 20.86
C MET A 240 2.55 -6.01 22.36
N GLN A 241 2.77 -4.75 22.74
CA GLN A 241 3.08 -4.47 24.14
C GLN A 241 1.82 -4.36 24.98
N VAL A 242 0.70 -3.90 24.41
CA VAL A 242 -0.61 -4.04 25.04
C VAL A 242 -0.90 -5.51 25.35
N GLY A 243 -0.67 -6.38 24.37
CA GLY A 243 -0.93 -7.79 24.58
C GLY A 243 -0.08 -8.37 25.70
N MET A 244 1.21 -8.06 25.69
CA MET A 244 2.09 -8.57 26.75
C MET A 244 1.63 -8.09 28.11
N THR A 245 1.18 -6.85 28.20
CA THR A 245 0.82 -6.29 29.49
C THR A 245 -0.46 -6.91 30.01
N PHE A 246 -1.45 -7.17 29.14
CA PHE A 246 -2.64 -7.88 29.62
C PHE A 246 -2.29 -9.26 30.17
N ILE A 247 -1.37 -9.97 29.51
CA ILE A 247 -0.99 -11.30 29.98
C ILE A 247 -0.53 -11.23 31.44
N SER A 248 0.35 -10.26 31.74
CA SER A 248 0.90 -10.18 33.08
C SER A 248 -0.12 -9.63 34.07
N ALA A 249 -0.80 -8.54 33.71
CA ALA A 249 -1.67 -7.83 34.64
C ALA A 249 -2.91 -8.63 35.01
N TYR A 250 -3.28 -9.64 34.22
CA TYR A 250 -4.46 -10.45 34.49
C TYR A 250 -4.13 -11.94 34.62
N HIS A 251 -2.85 -12.25 34.82
CA HIS A 251 -2.44 -13.63 35.15
C HIS A 251 -2.98 -14.63 34.14
N MET A 252 -2.83 -14.29 32.87
CA MET A 252 -3.31 -15.18 31.79
C MET A 252 -2.23 -16.20 31.43
N CYS A 253 -2.62 -17.25 30.72
CA CYS A 253 -1.58 -18.05 30.06
C CYS A 253 -0.87 -17.06 29.13
N ALA A 254 0.45 -17.15 29.03
CA ALA A 254 1.21 -16.26 28.14
C ALA A 254 1.09 -16.83 26.72
N GLY A 255 -0.08 -16.64 26.13
CA GLY A 255 -0.42 -17.16 24.82
C GLY A 255 -1.53 -18.21 24.89
N GLU A 256 -2.78 -17.78 25.01
CA GLU A 256 -3.98 -18.62 24.97
C GLU A 256 -4.96 -17.97 24.01
N ALA A 257 -6.06 -18.67 23.71
CA ALA A 257 -7.04 -18.15 22.77
C ALA A 257 -7.54 -16.76 23.17
N ALA A 258 -7.72 -16.52 24.48
CA ALA A 258 -8.17 -15.19 24.89
C ALA A 258 -7.17 -14.09 24.50
N VAL A 259 -5.87 -14.41 24.50
CA VAL A 259 -4.86 -13.46 24.05
C VAL A 259 -5.07 -13.12 22.59
N GLY A 260 -5.44 -14.11 21.77
CA GLY A 260 -5.74 -13.83 20.36
C GLY A 260 -6.92 -12.90 20.18
N GLU A 261 -7.96 -13.03 21.02
CA GLU A 261 -9.08 -12.09 20.90
C GLU A 261 -8.68 -10.69 21.38
N LEU A 262 -7.76 -10.61 22.36
CA LEU A 262 -7.16 -9.31 22.71
C LEU A 262 -6.33 -8.73 21.56
N ALA A 263 -5.62 -9.58 20.80
CA ALA A 263 -4.84 -9.09 19.67
C ALA A 263 -5.77 -8.47 18.62
N PHE A 264 -6.85 -9.18 18.30
CA PHE A 264 -7.80 -8.66 17.32
C PHE A 264 -8.42 -7.35 17.83
N THR A 265 -8.65 -7.26 19.14
CA THR A 265 -9.12 -6.02 19.75
C THR A 265 -8.16 -4.86 19.52
N ALA A 266 -6.90 -5.07 19.86
CA ALA A 266 -5.93 -4.00 19.79
C ALA A 266 -5.63 -3.60 18.34
N LYS A 267 -5.59 -4.59 17.45
CA LYS A 267 -5.13 -4.34 16.10
C LYS A 267 -6.25 -3.95 15.14
N MHS A 268 -7.49 -4.20 15.55
CA MHS A 268 -8.62 -3.96 14.63
C MHS A 268 -9.84 -3.37 15.33
O MHS A 268 -10.12 -2.18 15.11
CB MHS A 268 -9.01 -5.29 13.94
CG MHS A 268 -7.91 -5.86 13.11
ND1 MHS A 268 -7.70 -5.48 11.78
CD2 MHS A 268 -6.91 -6.72 13.42
CE1 MHS A 268 -6.60 -6.16 11.37
NE2 MHS A 268 -6.10 -6.92 12.32
CM MHS A 268 -8.53 -4.57 11.00
N ALA A 269 -10.51 -4.13 16.19
CA ALA A 269 -11.83 -3.72 16.65
C ALA A 269 -11.80 -2.46 17.54
N GLY A 270 -10.77 -2.32 18.35
CA GLY A 270 -10.64 -1.19 19.25
C GLY A 270 -9.73 -0.09 18.77
N LEU A 271 -9.22 -0.17 17.55
CA LEU A 271 -8.13 0.69 17.09
C LEU A 271 -8.67 1.89 16.30
N VAL A 272 -8.12 3.06 16.62
CA VAL A 272 -8.30 4.28 15.87
C VAL A 272 -6.92 4.72 15.38
N GLU A 273 -6.69 4.49 14.08
N GLU A 273 -6.70 4.50 14.08
CA GLU A 273 -5.47 5.01 13.44
CA GLU A 273 -5.47 5.01 13.44
C GLU A 273 -5.74 6.45 12.96
C GLU A 273 -5.74 6.44 12.95
N MET A 274 -4.67 7.14 12.64
CA MET A 274 -4.81 8.48 12.11
C MET A 274 -5.44 8.48 10.72
N GLY A 275 -5.21 7.43 9.94
CA GLY A 275 -5.79 7.27 8.63
C GLY A 275 -5.47 5.88 8.12
N ASP A 276 -6.14 5.50 7.02
CA ASP A 276 -6.03 4.18 6.44
C ASP A 276 -5.15 4.20 5.17
N MET A 277 -4.99 3.04 4.55
CA MET A 277 -4.16 2.92 3.34
C MET A 277 -4.73 3.74 2.17
N ILE A 278 -3.86 3.89 1.18
CA ILE A 278 -4.20 4.65 -0.04
C ILE A 278 -3.95 3.73 -1.23
N PRO A 279 -4.36 4.11 -2.46
N PRO A 279 -4.36 4.11 -2.46
CA PRO A 279 -4.24 3.19 -3.58
CA PRO A 279 -4.24 3.21 -3.60
C PRO A 279 -2.87 2.86 -4.11
C PRO A 279 -2.87 2.84 -4.10
N ALA A 280 -2.81 1.87 -5.02
CA ALA A 280 -1.50 1.37 -5.49
C ALA A 280 -0.56 2.38 -6.10
N ARG A 281 -1.05 3.30 -6.90
CA ARG A 281 -0.11 4.20 -7.59
C ARG A 281 0.72 4.95 -6.58
N AGM A 282 0.12 5.28 -5.44
CA AGM A 282 0.79 5.99 -4.34
CB AGM A 282 0.16 7.37 -4.07
CG AGM A 282 -1.34 7.36 -3.83
CD AGM A 282 -1.98 8.74 -4.04
CE2 AGM A 282 -1.62 9.74 -2.95
NE1 AGM A 282 -3.43 8.67 -4.18
CZ AGM A 282 -4.06 8.19 -5.26
NH1 AGM A 282 -3.39 7.82 -6.35
NH2 AGM A 282 -5.41 8.11 -5.24
C AGM A 282 0.84 5.13 -3.08
O AGM A 282 0.80 5.64 -1.95
N ALA A 283 1.01 3.82 -3.26
CA ALA A 283 0.84 2.82 -2.21
C ALA A 283 1.57 3.22 -0.94
N ARG A 284 0.77 3.26 0.14
CA ARG A 284 1.21 3.39 1.52
C ARG A 284 0.13 2.71 2.36
N GLY A 285 0.51 2.23 3.53
CA GLY A 285 -0.42 1.74 4.51
C GLY A 285 -0.92 2.84 5.45
N PRO A 286 -1.56 2.43 6.56
CA PRO A 286 -2.13 3.39 7.54
C PRO A 286 -1.08 4.29 8.17
N ASN A 287 -1.58 5.41 8.72
CA ASN A 287 -0.75 6.35 9.47
C ASN A 287 0.32 7.00 8.59
N GLU A 288 -0.03 7.25 7.34
CA GLU A 288 0.75 8.04 6.44
C GLU A 288 -0.02 9.30 6.02
N PRO A 289 0.66 10.33 5.51
CA PRO A 289 -0.08 11.60 5.33
C PRO A 289 -1.19 11.51 4.28
N GLY A 290 -1.02 10.70 3.23
CA GLY A 290 -2.05 10.62 2.22
C GLY A 290 -3.38 10.15 2.77
N GLY A 291 -3.35 9.26 3.77
CA GLY A 291 -4.55 8.77 4.37
C GLY A 291 -5.13 9.67 5.43
N LEU A 292 -4.48 10.76 5.76
CA LEU A 292 -4.92 11.63 6.86
C LEU A 292 -6.05 12.54 6.38
N SER A 293 -7.24 12.36 6.96
CA SER A 293 -8.34 13.25 6.64
C SER A 293 -8.09 14.65 7.20
N PHE A 294 -8.71 15.63 6.56
CA PHE A 294 -8.60 17.01 7.02
C PHE A 294 -9.23 17.18 8.40
N GLY A 295 -10.34 16.47 8.67
CA GLY A 295 -10.92 16.54 9.99
C GLY A 295 -9.96 16.03 11.05
N HIS A 296 -9.29 14.89 10.80
CA HIS A 296 -8.31 14.43 11.78
C HIS A 296 -7.16 15.42 11.95
N MET A 297 -6.63 15.96 10.86
CA MET A 297 -5.54 16.93 11.02
C MET A 297 -5.98 18.15 11.81
N ALA A 298 -7.19 18.65 11.55
CA ALA A 298 -7.70 19.78 12.33
C ALA A 298 -7.82 19.41 13.80
N ASP A 299 -8.22 18.18 14.09
CA ASP A 299 -8.41 17.77 15.48
C ASP A 299 -7.10 17.49 16.20
N ILE A 300 -6.04 17.11 15.48
CA ILE A 300 -4.71 17.00 16.05
C ILE A 300 -4.24 18.36 16.58
N CYS A 301 -4.47 19.42 15.81
CA CYS A 301 -4.10 20.76 16.25
CA CYS A 301 -4.10 20.77 16.24
C CYS A 301 -4.88 21.16 17.49
N GLN A 302 -4.23 21.86 18.42
CA GLN A 302 -4.77 22.08 19.76
C GLN A 302 -5.05 23.53 20.11
N THR A 303 -4.93 24.45 19.15
CA THR A 303 -5.12 25.86 19.48
C THR A 303 -6.53 26.15 19.98
N ASN A 304 -7.53 25.43 19.48
CA ASN A 304 -8.92 25.72 19.89
C ASN A 304 -9.18 25.46 21.37
N ARG A 305 -8.44 24.56 22.01
CA ARG A 305 -8.69 24.36 23.44
C ARG A 305 -8.02 25.41 24.31
N LYS A 306 -7.01 26.09 23.77
CA LYS A 306 -6.27 27.11 24.51
CA LYS A 306 -6.26 27.11 24.50
C LYS A 306 -6.78 28.51 24.26
N GLY A 307 -7.26 28.81 23.06
CA GLY A 307 -7.66 30.14 22.69
C GLY A 307 -8.85 30.20 21.77
N PRO A 308 -9.98 29.62 22.19
CA PRO A 308 -11.18 29.62 21.34
C PRO A 308 -11.76 31.00 21.13
N GLU A 309 -11.38 31.98 21.94
CA GLU A 309 -11.88 33.34 21.77
C GLU A 309 -11.30 34.04 20.55
N ASP A 310 -10.26 33.48 19.92
CA ASP A 310 -9.68 34.00 18.68
C ASP A 310 -9.77 32.89 17.65
N PRO A 311 -10.98 32.63 17.12
CA PRO A 311 -11.11 31.54 16.15
C PRO A 311 -10.28 31.73 14.91
N VAL A 312 -10.03 32.99 14.49
CA VAL A 312 -9.16 33.21 13.34
C VAL A 312 -7.76 32.70 13.63
N ASN A 313 -7.25 32.95 14.84
CA ASN A 313 -5.94 32.42 15.20
C ASN A 313 -5.95 30.88 15.20
N VAL A 314 -7.03 30.26 15.66
CA VAL A 314 -7.15 28.81 15.59
C VAL A 314 -6.97 28.35 14.15
N ILE A 315 -7.72 28.99 13.24
CA ILE A 315 -7.69 28.63 11.82
C ILE A 315 -6.28 28.78 11.27
N LEU A 316 -5.60 29.88 11.61
CA LEU A 316 -4.27 30.17 11.09
C LEU A 316 -3.21 29.20 11.61
N GLN A 317 -3.25 28.88 12.91
CA GLN A 317 -2.32 27.89 13.45
C GLN A 317 -2.56 26.52 12.82
N THR A 318 -3.83 26.16 12.63
CA THR A 318 -4.16 24.91 11.95
C THR A 318 -3.63 24.90 10.53
N ALA A 319 -3.82 26.00 9.80
CA ALA A 319 -3.29 26.11 8.46
C ALA A 319 -1.78 25.91 8.46
N SER A 320 -1.11 26.40 9.49
CA SER A 320 0.35 26.29 9.57
C SER A 320 0.80 24.85 9.76
N ALA A 321 0.29 24.19 10.80
CA ALA A 321 0.65 22.78 11.02
C ALA A 321 0.29 21.92 9.83
N ALA A 322 -0.89 22.12 9.27
CA ALA A 322 -1.40 21.26 8.21
C ALA A 322 -0.68 21.51 6.89
N THR A 323 -0.47 22.78 6.54
CA THR A 323 0.21 23.08 5.29
C THR A 323 1.65 22.58 5.30
N MET A 324 2.36 22.75 6.42
CA MET A 324 3.71 22.20 6.52
C MET A 324 3.70 20.71 6.22
N LEU A 325 2.85 19.98 6.94
CA LEU A 325 2.83 18.54 6.76
C LEU A 325 2.45 18.16 5.33
N TYR A 326 1.31 18.66 4.86
CA TYR A 326 0.79 18.16 3.59
C TYR A 326 1.63 18.61 2.42
N ASP A 327 2.09 19.88 2.39
CA ASP A 327 2.85 20.36 1.23
C ASP A 327 4.33 20.09 1.36
N GLN A 328 4.94 20.30 2.55
CA GLN A 328 6.41 20.18 2.64
C GLN A 328 6.86 18.74 2.75
N ILE A 329 6.28 18.00 3.72
CA ILE A 329 6.72 16.64 4.00
C ILE A 329 6.03 15.64 3.07
N TRP A 330 4.72 15.74 2.92
CA TRP A 330 3.96 14.79 2.12
C TRP A 330 4.15 15.04 0.62
N LEU A 331 3.63 16.15 0.09
CA LEU A 331 3.74 16.35 -1.36
C LEU A 331 5.16 16.63 -1.79
N GLY A 332 5.89 17.43 -1.01
CA GLY A 332 7.26 17.84 -1.31
C GLY A 332 8.34 16.87 -0.90
N GLY A 333 7.94 15.80 -0.23
CA GLY A 333 8.82 14.79 0.30
C GLY A 333 8.40 13.44 -0.24
N TYR A 334 7.51 12.76 0.51
CA TYR A 334 7.00 11.45 0.16
C TYR A 334 6.60 11.31 -1.31
N MET A 335 5.91 12.30 -1.86
CA MET A 335 5.35 12.25 -3.20
C MET A 335 6.23 12.87 -4.28
N SER A 336 7.36 13.47 -3.91
CA SER A 336 8.26 14.08 -4.88
C SER A 336 9.65 14.07 -4.26
N GLY A 337 10.12 15.23 -3.76
CA GLY A 337 11.42 15.32 -3.13
C GLY A 337 12.27 16.38 -3.75
N GLY A 338 13.56 16.32 -3.45
CA GLY A 338 14.49 17.35 -3.87
C GLY A 338 14.37 18.61 -3.05
N VAL A 339 14.62 19.75 -3.71
CA VAL A 339 14.41 21.05 -3.03
C VAL A 339 12.98 21.10 -2.47
N GLY A 340 11.99 20.64 -3.21
CA GLY A 340 10.65 20.54 -2.63
C GLY A 340 9.92 21.87 -2.52
N PHE A 341 9.05 21.95 -1.50
CA PHE A 341 7.90 22.84 -1.53
C PHE A 341 7.78 23.72 -0.28
N THR A 342 8.91 24.11 0.31
CA THR A 342 8.91 25.01 1.46
C THR A 342 8.11 26.28 1.18
N MET A 343 8.42 26.96 0.07
CA MET A 343 7.81 28.26 -0.19
C MET A 343 6.37 28.12 -0.68
N TYR A 344 5.92 26.99 -1.22
CA TYR A 344 4.49 26.82 -1.43
C TYR A 344 3.75 26.84 -0.10
N ALA A 345 4.42 26.43 0.98
CA ALA A 345 3.82 26.31 2.31
C ALA A 345 4.00 27.53 3.19
N THR A 346 5.14 28.23 3.10
CA THR A 346 5.39 29.36 3.98
C THR A 346 4.34 30.45 3.96
N PRO A 347 3.54 30.66 2.91
CA PRO A 347 2.49 31.67 3.03
C PRO A 347 1.51 31.39 4.16
N ALA A 348 1.38 30.13 4.58
CA ALA A 348 0.46 29.83 5.67
C ALA A 348 0.98 30.31 7.03
N TYR A 349 2.30 30.54 7.18
CA TYR A 349 2.87 30.78 8.51
C TYR A 349 3.95 31.85 8.55
N THR A 350 4.12 32.65 7.50
CA THR A 350 5.09 33.72 7.51
C THR A 350 4.50 35.03 7.01
N ASN A 351 5.03 36.13 7.56
CA ASN A 351 4.86 37.50 7.07
C ASN A 351 3.46 38.09 7.25
N ASP A 352 2.57 37.41 7.95
CA ASP A 352 1.30 37.98 8.40
C ASP A 352 0.37 38.37 7.25
N ILE A 353 0.60 37.89 6.02
CA ILE A 353 -0.21 38.30 4.87
C ILE A 353 -1.56 37.58 4.85
N VAL A 354 -1.55 36.24 4.85
CA VAL A 354 -2.83 35.53 4.89
C VAL A 354 -3.57 35.94 6.15
N ASP A 355 -2.83 36.20 7.24
CA ASP A 355 -3.48 36.60 8.48
C ASP A 355 -4.26 37.89 8.26
N ASP A 356 -3.64 38.90 7.65
CA ASP A 356 -4.36 40.13 7.33
C ASP A 356 -5.63 39.83 6.56
N PHE A 357 -5.51 39.01 5.53
CA PHE A 357 -6.67 38.79 4.65
C PHE A 357 -7.80 38.07 5.35
N LEU A 358 -7.48 37.09 6.18
CA LEU A 358 -8.52 36.32 6.86
C LEU A 358 -9.15 37.13 7.98
N TYR A 359 -8.35 37.85 8.77
CA TYR A 359 -8.95 38.75 9.76
C TYR A 359 -9.89 39.75 9.07
N TRP A 360 -9.48 40.29 7.93
CA TRP A 360 -10.35 41.26 7.23
C TRP A 360 -11.67 40.61 6.83
N ALA A 361 -11.59 39.43 6.21
CA ALA A 361 -12.80 38.78 5.70
C ALA A 361 -13.73 38.38 6.82
N ASP A 362 -13.18 37.90 7.94
CA ASP A 362 -14.02 37.56 9.09
C ASP A 362 -14.66 38.81 9.69
N GLU A 363 -13.92 39.92 9.73
N GLU A 363 -13.93 39.93 9.72
CA GLU A 363 -14.54 41.19 10.21
CA GLU A 363 -14.55 41.17 10.20
C GLU A 363 -15.69 41.57 9.28
C GLU A 363 -15.69 41.58 9.28
N TYR A 364 -15.47 41.48 7.96
CA TYR A 364 -16.51 41.83 6.99
C TYR A 364 -17.75 40.98 7.23
N ALA A 365 -17.56 39.66 7.31
CA ALA A 365 -18.71 38.76 7.41
C ALA A 365 -19.41 38.92 8.74
N SER A 366 -18.64 39.04 9.82
CA SER A 366 -19.25 39.14 11.14
C SER A 366 -20.09 40.40 11.27
N LYS A 367 -19.63 41.51 10.71
CA LYS A 367 -20.45 42.72 10.72
C LYS A 367 -21.67 42.57 9.81
N LYS A 368 -21.48 42.01 8.61
CA LYS A 368 -22.56 41.93 7.64
C LYS A 368 -23.72 41.08 8.15
N TYR A 369 -23.40 39.96 8.79
CA TYR A 369 -24.39 38.98 9.18
C TYR A 369 -24.80 39.08 10.64
N GLY A 370 -24.42 40.17 11.33
CA GLY A 370 -24.98 40.45 12.64
C GLY A 370 -24.31 39.73 13.79
N GLY A 371 -23.06 39.31 13.61
CA GLY A 371 -22.30 38.62 14.63
C GLY A 371 -21.56 37.46 13.99
N ARG A 372 -20.49 37.02 14.64
CA ARG A 372 -19.70 35.93 14.10
C ARG A 372 -20.51 34.64 14.11
N GLY A 373 -20.41 33.87 13.04
CA GLY A 373 -21.02 32.55 12.97
C GLY A 373 -22.52 32.53 12.72
N LYS A 374 -23.12 33.63 12.28
CA LYS A 374 -24.57 33.75 12.16
CA LYS A 374 -24.57 33.74 12.16
C LYS A 374 -25.09 33.70 10.73
N ALA A 375 -24.22 33.59 9.75
CA ALA A 375 -24.65 33.59 8.37
C ALA A 375 -25.27 32.24 7.99
N LYS A 376 -26.31 32.30 7.17
CA LYS A 376 -26.91 31.07 6.65
C LYS A 376 -26.07 30.45 5.55
N ALA A 377 -26.03 29.12 5.51
CA ALA A 377 -25.26 28.38 4.51
C ALA A 377 -26.06 28.29 3.24
N THR A 378 -25.90 29.31 2.39
CA THR A 378 -26.63 29.44 1.14
C THR A 378 -25.67 29.95 0.05
N ILE A 379 -26.09 29.78 -1.19
CA ILE A 379 -25.37 30.35 -2.34
C ILE A 379 -25.13 31.84 -2.15
N ASP A 380 -26.14 32.58 -1.67
CA ASP A 380 -25.99 34.03 -1.58
C ASP A 380 -24.91 34.39 -0.55
N THR A 381 -24.86 33.69 0.58
CA THR A 381 -23.84 33.99 1.58
C THR A 381 -22.46 33.69 1.03
N VAL A 382 -22.30 32.51 0.42
CA VAL A 382 -21.02 32.13 -0.13
C VAL A 382 -20.54 33.14 -1.17
N LYS A 383 -21.44 33.51 -2.07
CA LYS A 383 -21.08 34.44 -3.14
C LYS A 383 -20.62 35.76 -2.56
N ASP A 384 -21.33 36.27 -1.57
CA ASP A 384 -21.00 37.56 -0.97
C ASP A 384 -19.63 37.52 -0.30
N ILE A 385 -19.44 36.60 0.65
CA ILE A 385 -18.21 36.62 1.42
C ILE A 385 -17.01 36.31 0.51
N ALA A 386 -17.14 35.31 -0.35
CA ALA A 386 -16.00 34.95 -1.19
C ALA A 386 -15.63 36.09 -2.13
N THR A 387 -16.64 36.78 -2.69
CA THR A 387 -16.33 37.84 -3.64
C THR A 387 -15.66 39.01 -2.93
N GLU A 388 -16.25 39.49 -1.84
CA GLU A 388 -15.70 40.65 -1.16
C GLU A 388 -14.32 40.35 -0.57
N SER A 389 -14.14 39.14 -0.02
CA SER A 389 -12.82 38.75 0.47
C SER A 389 -11.79 38.74 -0.64
N THR A 390 -12.13 38.10 -1.77
CA THR A 390 -11.14 37.98 -2.84
C THR A 390 -10.75 39.36 -3.37
N LEU A 391 -11.74 40.24 -3.50
CA LEU A 391 -11.43 41.60 -3.98
C LEU A 391 -10.49 42.32 -3.02
N TYR A 392 -10.72 42.21 -1.71
CA TYR A 392 -9.80 42.82 -0.74
C TYR A 392 -8.39 42.27 -0.90
N SER A 393 -8.28 40.93 -0.96
CA SER A 393 -6.98 40.28 -0.98
C SER A 393 -6.20 40.64 -2.24
N LEU A 394 -6.86 40.58 -3.39
CA LEU A 394 -6.18 40.94 -4.64
C LEU A 394 -5.77 42.41 -4.64
N GLU A 395 -6.66 43.28 -4.16
CA GLU A 395 -6.31 44.69 -4.09
C GLU A 395 -5.12 44.92 -3.17
N ALA A 396 -4.98 44.11 -2.12
CA ALA A 396 -3.84 44.27 -1.23
C ALA A 396 -2.53 43.94 -1.93
N TYR A 397 -2.49 42.83 -2.69
CA TYR A 397 -1.31 42.54 -3.47
C TYR A 397 -0.97 43.66 -4.43
N GLU A 398 -1.99 44.32 -4.95
CA GLU A 398 -1.78 45.40 -5.94
C GLU A 398 -1.36 46.71 -5.25
N LYS A 399 -1.83 46.93 -4.02
N LYS A 399 -1.84 46.93 -4.02
N LYS A 399 -1.83 46.93 -4.02
CA LYS A 399 -1.48 48.15 -3.26
CA LYS A 399 -1.48 48.15 -3.26
CA LYS A 399 -1.48 48.15 -3.26
C LYS A 399 -0.10 48.02 -2.59
C LYS A 399 -0.09 48.01 -2.63
C LYS A 399 -0.09 48.01 -2.63
N TYR A 400 0.33 46.79 -2.32
CA TYR A 400 1.61 46.56 -1.61
C TYR A 400 2.51 45.66 -2.44
N PRO A 401 3.34 46.25 -3.31
CA PRO A 401 4.24 45.45 -4.17
C PRO A 401 5.12 44.48 -3.41
N THR A 402 5.47 44.81 -2.16
CA THR A 402 6.25 43.92 -1.32
C THR A 402 5.56 42.59 -1.08
N THR A 403 4.24 42.61 -0.90
CA THR A 403 3.52 41.36 -0.67
C THR A 403 3.46 40.51 -1.94
N LEU A 404 3.25 41.15 -3.09
CA LEU A 404 3.27 40.46 -4.37
C LEU A 404 4.60 39.81 -4.64
N GLU A 405 5.68 40.49 -4.25
CA GLU A 405 7.02 39.95 -4.45
C GLU A 405 7.34 38.83 -3.47
N ASP A 406 6.80 38.91 -2.24
CA ASP A 406 7.00 37.82 -1.28
C ASP A 406 6.31 36.55 -1.81
N HIS A 407 5.03 36.68 -2.15
CA HIS A 407 4.25 35.58 -2.72
C HIS A 407 4.39 35.63 -4.24
N PHE A 408 5.63 35.40 -4.68
CA PHE A 408 6.01 35.62 -6.06
C PHE A 408 5.39 34.62 -7.02
N GLY A 409 4.98 33.44 -6.53
CA GLY A 409 4.31 32.47 -7.36
C GLY A 409 2.81 32.62 -7.25
N GLY A 410 2.12 32.54 -8.38
CA GLY A 410 0.69 32.64 -8.35
C GLY A 410 0.02 31.60 -7.47
N SER A 411 0.61 30.41 -7.37
CA SER A 411 0.05 29.39 -6.50
C SER A 411 -0.04 29.88 -5.06
N GLN A 412 1.02 30.58 -4.62
CA GLN A 412 1.06 31.11 -3.25
C GLN A 412 -0.07 32.10 -3.06
N ARG A 413 -0.25 33.01 -4.01
CA ARG A 413 -1.29 34.02 -3.93
C ARG A 413 -2.67 33.39 -3.91
N ALA A 414 -2.89 32.39 -4.77
CA ALA A 414 -4.19 31.72 -4.86
C ALA A 414 -4.53 31.00 -3.55
N THR A 415 -3.54 30.32 -2.98
CA THR A 415 -3.73 29.63 -1.70
C THR A 415 -4.11 30.63 -0.61
N VAL A 416 -3.40 31.74 -0.54
CA VAL A 416 -3.65 32.76 0.47
C VAL A 416 -5.06 33.33 0.32
N CYS A 417 -5.44 33.71 -0.90
CA CYS A 417 -6.76 34.29 -1.12
C CYS A 417 -7.87 33.30 -0.75
N SER A 418 -7.72 32.03 -1.14
CA SER A 418 -8.77 31.07 -0.88
C SER A 418 -8.83 30.64 0.58
N ILE A 419 -7.69 30.61 1.29
CA ILE A 419 -7.76 30.38 2.74
C ILE A 419 -8.61 31.49 3.39
N ALA A 420 -8.37 32.73 3.00
CA ALA A 420 -9.13 33.84 3.59
C ALA A 420 -10.61 33.73 3.26
N ALA A 421 -10.93 33.50 1.98
CA ALA A 421 -12.34 33.48 1.56
C ALA A 421 -13.05 32.26 2.12
N GLY A 422 -12.45 31.09 1.97
CA GLY A 422 -13.05 29.86 2.45
C GLY A 422 -13.13 29.82 3.96
N GLY A 423 -12.05 30.25 4.63
CA GLY A 423 -12.05 30.26 6.08
C GLY A 423 -13.08 31.21 6.65
N ALA A 424 -13.17 32.42 6.10
CA ALA A 424 -14.16 33.37 6.60
C ALA A 424 -15.58 32.83 6.38
N THR A 425 -15.82 32.18 5.25
CA THR A 425 -17.14 31.65 4.94
C THR A 425 -17.50 30.51 5.87
N ALA A 426 -16.58 29.58 6.10
CA ALA A 426 -16.85 28.45 6.99
C ALA A 426 -17.07 28.95 8.42
N LEU A 427 -16.30 29.94 8.86
CA LEU A 427 -16.47 30.50 10.20
C LEU A 427 -17.80 31.23 10.30
N ALA A 428 -18.21 31.95 9.25
CA ALA A 428 -19.48 32.68 9.31
C ALA A 428 -20.68 31.75 9.34
N THR A 429 -20.58 30.60 8.68
CA THR A 429 -21.71 29.68 8.51
C THR A 429 -21.65 28.45 9.40
N GLY A 430 -20.51 28.17 10.02
CA GLY A 430 -20.31 26.90 10.70
C GLY A 430 -20.42 25.69 9.80
N HIS A 431 -20.02 25.82 8.53
CA HIS A 431 -20.37 24.83 7.51
C HIS A 431 -19.17 24.59 6.60
N SER A 432 -18.60 23.39 6.68
CA SER A 432 -17.38 23.14 5.90
C SER A 432 -17.67 23.15 4.41
N GLN A 433 -18.84 22.64 3.98
CA GLN A 433 -19.16 22.61 2.55
C GLN A 433 -19.26 24.01 2.00
N ALA A 434 -19.93 24.91 2.74
CA ALA A 434 -20.00 26.30 2.31
C ALA A 434 -18.60 26.89 2.15
N GLY A 435 -17.71 26.58 3.07
CA GLY A 435 -16.34 27.05 2.98
C GLY A 435 -15.62 26.57 1.73
N LEU A 436 -15.80 25.29 1.37
CA LEU A 436 -15.20 24.79 0.14
C LEU A 436 -15.76 25.49 -1.08
N SER A 437 -17.07 25.74 -1.09
CA SER A 437 -17.67 26.43 -2.23
C SER A 437 -17.05 27.82 -2.41
N ALA A 438 -16.82 28.51 -1.29
CA ALA A 438 -16.19 29.83 -1.32
C ALA A 438 -14.74 29.73 -1.80
N TRX A 439 -14.01 28.72 -1.37
CA TRX A 439 -12.62 28.49 -1.84
C TRX A 439 -12.60 28.51 -3.36
O TRX A 439 -11.77 29.21 -3.97
CB TRX A 439 -12.13 27.16 -1.23
CG TRX A 439 -10.78 26.72 -1.73
CD1 TRX A 439 -10.50 26.30 -3.01
CD2 TRX A 439 -9.54 26.69 -1.02
NE1 TRX A 439 -9.17 26.01 -3.12
CE2 TRX A 439 -8.55 26.25 -1.93
CE3 TRX A 439 -9.18 27.00 0.29
CZ2 TRX A 439 -7.20 26.16 -1.55
CZ3 TRX A 439 -7.86 26.90 0.66
CH2 TRX A 439 -6.89 26.49 -0.25
OH2 TRX A 439 -5.59 26.43 0.21
N TYR A 440 -13.50 27.76 -3.98
CA TYR A 440 -13.48 27.66 -5.44
C TYR A 440 -13.92 28.94 -6.16
N LEU A 441 -14.98 29.60 -5.64
CA LEU A 441 -15.36 30.87 -6.25
C LEU A 441 -14.20 31.87 -6.20
N SER A 442 -13.48 31.93 -5.06
CA SER A 442 -12.32 32.80 -4.98
C SER A 442 -11.33 32.53 -6.11
N MET A 443 -11.01 31.24 -6.34
CA MET A 443 -10.07 30.88 -7.39
C MET A 443 -10.55 31.40 -8.75
N TYR A 444 -11.85 31.24 -9.03
CA TYR A 444 -12.35 31.62 -10.34
C TYR A 444 -12.27 33.12 -10.54
N LEU A 445 -12.60 33.90 -9.50
CA LEU A 445 -12.45 35.35 -9.58
C LEU A 445 -10.99 35.74 -9.79
N HIS A 446 -10.11 35.10 -9.02
CA HIS A 446 -8.67 35.38 -9.07
C HIS A 446 -8.10 35.20 -10.47
N LYS A 447 -8.46 34.08 -11.11
CA LYS A 447 -7.99 33.79 -12.46
C LYS A 447 -8.39 34.91 -13.42
N GLU A 448 -9.64 35.36 -13.35
CA GLU A 448 -10.07 36.42 -14.28
C GLU A 448 -9.43 37.76 -13.93
N ALA A 449 -9.18 38.04 -12.65
CA ALA A 449 -8.60 39.33 -12.26
C ALA A 449 -7.19 39.49 -12.79
N HIS A 450 -6.37 38.47 -12.62
CA HIS A 450 -4.95 38.55 -12.95
C HIS A 450 -4.58 37.93 -14.29
N GLY A 451 -5.50 37.17 -14.88
CA GLY A 451 -5.22 36.47 -16.13
C GLY A 451 -4.21 35.36 -15.98
N ARG A 452 -4.14 34.79 -14.79
CA ARG A 452 -3.22 33.74 -14.35
C ARG A 452 -3.77 33.26 -13.01
N LEU A 453 -3.38 32.06 -12.62
CA LEU A 453 -3.78 31.55 -11.30
C LEU A 453 -2.52 30.97 -10.66
N GLY A 454 -2.34 29.65 -10.70
CA GLY A 454 -1.19 29.01 -10.12
C GLY A 454 -0.27 28.40 -11.16
N PHE A 455 0.49 27.40 -10.72
CA PHE A 455 1.38 26.64 -11.59
C PHE A 455 0.55 25.86 -12.61
N PHE A 456 1.23 25.20 -13.54
CA PHE A 456 0.61 24.55 -14.70
C PHE A 456 -0.58 23.70 -14.31
CA GL3 A 457 -1.40 21.97 -12.79
N GL3 A 457 -0.43 22.96 -13.20
C GL3 A 457 -2.16 22.30 -11.53
S GL3 A 457 -2.99 21.12 -10.75
N TYR A 458 -2.14 23.63 -11.10
CA TYR A 458 -2.66 24.02 -9.81
C TYR A 458 -4.16 23.82 -9.68
N ASP A 459 -4.90 24.21 -10.71
CA ASP A 459 -6.35 24.23 -10.66
C ASP A 459 -7.02 23.00 -11.26
N LEU A 460 -6.37 21.84 -11.22
CA LEU A 460 -7.10 20.60 -11.50
C LEU A 460 -8.28 20.52 -10.53
N GLN A 461 -7.98 20.57 -9.23
CA GLN A 461 -9.06 20.44 -8.26
C GLN A 461 -9.92 21.69 -8.30
N DYA A 462 -9.32 22.85 -8.61
CA DYA A 462 -10.04 24.03 -8.75
CB DYA A 462 -9.67 25.15 -8.03
CG DYA A 462 -8.55 25.12 -7.05
OD1 DYA A 462 -7.44 24.72 -7.44
OD2 DYA A 462 -8.83 25.37 -5.88
C DYA A 462 -11.13 23.99 -9.68
O DYA A 462 -12.24 24.45 -9.37
N GLN A 463 -10.91 23.46 -10.88
CA GLN A 463 -11.92 23.46 -11.93
C GLN A 463 -12.94 22.35 -11.69
N SMC A 464 -12.52 21.21 -11.13
CA SMC A 464 -13.49 20.20 -10.66
CB SMC A 464 -12.74 18.91 -10.29
SG SMC A 464 -12.09 18.08 -11.76
CS SMC A 464 -10.54 17.45 -11.15
C SMC A 464 -14.23 20.70 -9.41
O SMC A 464 -15.21 20.06 -9.00
N GLY A 465 -13.77 21.80 -8.81
CA GLY A 465 -14.11 22.09 -7.44
C GLY A 465 -15.55 22.46 -7.19
N ALA A 466 -16.04 23.47 -7.87
CA ALA A 466 -17.38 23.95 -7.59
C ALA A 466 -18.40 22.84 -7.79
N THR A 467 -18.29 22.13 -8.89
CA THR A 467 -19.27 21.10 -9.21
C THR A 467 -19.20 19.92 -8.24
N ASN A 468 -18.03 19.65 -7.67
CA ASN A 468 -17.89 18.52 -6.76
C ASN A 468 -18.15 18.87 -5.29
N VAL A 469 -18.40 20.13 -4.93
CA VAL A 469 -18.67 20.44 -3.52
C VAL A 469 -19.91 19.71 -3.03
N PHE A 470 -20.98 19.76 -3.84
CA PHE A 470 -22.27 19.20 -3.46
C PHE A 470 -22.68 18.02 -4.34
N SER A 471 -21.73 17.44 -5.06
CA SER A 471 -21.99 16.22 -5.80
C SER A 471 -22.27 15.10 -4.80
N ILE A 472 -23.09 14.13 -5.23
CA ILE A 472 -23.28 12.88 -4.49
C ILE A 472 -22.69 11.68 -5.23
N ALA A 473 -21.90 11.89 -6.27
CA ALA A 473 -21.34 10.76 -7.01
C ALA A 473 -20.41 9.93 -6.13
N SER A 474 -20.21 8.68 -6.53
CA SER A 474 -19.40 7.74 -5.75
C SER A 474 -18.13 8.36 -5.22
N ASP A 475 -17.29 8.87 -6.13
CA ASP A 475 -15.96 9.31 -5.76
C ASP A 475 -15.86 10.84 -5.80
N GLU A 476 -16.99 11.52 -5.70
CA GLU A 476 -17.08 12.97 -5.58
C GLU A 476 -17.77 13.42 -4.32
N GLY A 477 -18.86 12.77 -3.96
CA GLY A 477 -19.56 13.16 -2.77
C GLY A 477 -18.76 12.85 -1.53
N CYS A 478 -18.63 13.85 -0.65
CA CYS A 478 -17.96 13.59 0.63
C CYS A 478 -18.10 14.86 1.48
N ILE A 479 -18.64 14.71 2.68
CA ILE A 479 -18.68 15.85 3.59
C ILE A 479 -17.25 16.37 3.84
N GLY A 480 -17.12 17.69 3.99
CA GLY A 480 -15.79 18.30 4.01
C GLY A 480 -14.84 17.71 5.06
N GLU A 481 -15.35 17.47 6.27
CA GLU A 481 -14.54 16.97 7.38
C GLU A 481 -13.88 15.64 7.05
N CYS A 482 -14.52 14.85 6.21
CA CYS A 482 -14.05 13.53 5.78
C CYS A 482 -13.21 13.52 4.52
N ARG A 483 -13.14 14.64 3.83
CA ARG A 483 -12.18 14.74 2.73
C ARG A 483 -10.76 14.71 3.31
N GLY A 484 -9.78 14.43 2.47
CA GLY A 484 -8.41 14.41 2.90
C GLY A 484 -7.49 14.31 1.71
N ALA A 485 -6.24 13.94 1.97
CA ALA A 485 -5.19 13.94 0.96
C ALA A 485 -5.34 12.79 -0.05
N ASN A 486 -6.38 11.95 0.10
CA ASN A 486 -6.69 10.92 -0.88
C ASN A 486 -8.03 11.16 -1.56
N TYR A 487 -8.74 12.23 -1.23
CA TYR A 487 -9.92 12.58 -2.00
C TYR A 487 -9.44 12.78 -3.44
N PRO A 488 -10.09 12.14 -4.44
CA PRO A 488 -9.44 12.00 -5.75
C PRO A 488 -8.90 13.29 -6.33
N ASN A 489 -9.72 14.33 -6.37
CA ASN A 489 -9.30 15.57 -6.98
C ASN A 489 -8.12 16.22 -6.23
N TYR A 490 -7.95 15.88 -4.94
CA TYR A 490 -6.97 16.52 -4.08
C TYR A 490 -5.67 15.71 -3.98
N ALA A 491 -5.55 14.58 -4.70
CA ALA A 491 -4.50 13.62 -4.39
C ALA A 491 -3.10 14.00 -4.87
N MET A 492 -2.95 15.10 -5.60
CA MET A 492 -1.65 15.37 -6.24
C MET A 492 -1.01 16.71 -5.86
N ASN A 493 -1.77 17.80 -5.64
CA ASN A 493 -1.18 19.12 -5.88
C ASN A 493 -1.01 19.97 -4.63
N VAL A 494 0.06 20.78 -4.64
CA VAL A 494 0.37 21.73 -3.56
C VAL A 494 -0.71 22.79 -3.46
N GLY A 495 -0.69 23.51 -2.33
CA GLY A 495 -1.46 24.72 -2.17
C GLY A 495 -2.88 24.56 -1.69
N HIS A 496 -3.29 23.32 -1.38
CA HIS A 496 -4.70 23.06 -1.10
C HIS A 496 -4.97 22.28 0.19
N GLN A 497 -4.27 21.18 0.44
CA GLN A 497 -4.64 20.27 1.54
C GLN A 497 -4.64 20.96 2.89
N GLY A 498 -3.59 21.70 3.21
CA GLY A 498 -3.55 22.40 4.47
C GLY A 498 -4.53 23.54 4.53
N GLY A 499 -4.77 24.17 3.39
CA GLY A 499 -5.81 25.19 3.32
C GLY A 499 -7.19 24.63 3.60
N TYR A 500 -7.54 23.49 3.00
CA TYR A 500 -8.82 22.88 3.30
C TYR A 500 -8.92 22.48 4.75
N THR A 501 -7.82 22.01 5.33
CA THR A 501 -7.83 21.66 6.75
C THR A 501 -8.21 22.88 7.57
N SER A 502 -7.69 24.04 7.19
CA SER A 502 -8.04 25.27 7.90
C SER A 502 -9.50 25.65 7.70
N VAL A 503 -10.06 25.38 6.51
CA VAL A 503 -11.48 25.63 6.26
C VAL A 503 -12.36 24.73 7.13
N VAL A 504 -11.99 23.45 7.22
CA VAL A 504 -12.68 22.52 8.11
C VAL A 504 -12.59 23.01 9.55
N ALA A 505 -11.40 23.41 9.99
CA ALA A 505 -11.24 23.95 11.33
C ALA A 505 -12.14 25.16 11.52
N ALA A 506 -12.23 26.02 10.49
CA ALA A 506 -13.01 27.24 10.59
C ALA A 506 -14.48 26.98 10.86
N ALA A 507 -15.03 25.88 10.32
CA ALA A 507 -16.41 25.52 10.53
C ALA A 507 -16.71 25.16 11.97
N HIS A 508 -15.68 24.98 12.80
CA HIS A 508 -15.83 24.55 14.20
C HIS A 508 -15.09 25.41 15.19
N ALA A 509 -14.15 26.24 14.78
CA ALA A 509 -13.32 27.00 15.70
C ALA A 509 -14.18 27.93 16.55
N GLY A 510 -13.88 27.97 17.83
CA GLY A 510 -14.63 28.80 18.76
C GLY A 510 -16.06 28.38 19.01
N LYS A 511 -16.51 27.26 18.47
CA LYS A 511 -17.87 26.78 18.53
C LYS A 511 -17.92 25.34 19.06
N ASP A 512 -17.10 24.47 18.51
CA ASP A 512 -17.09 23.07 18.90
C ASP A 512 -15.70 22.66 19.36
N ALA A 513 -15.67 21.62 20.18
CA ALA A 513 -14.42 21.11 20.72
C ALA A 513 -13.62 20.32 19.71
N PHE A 514 -14.25 19.84 18.63
CA PHE A 514 -13.58 19.03 17.63
C PHE A 514 -14.39 19.16 16.34
N CYS A 515 -13.78 18.74 15.24
CA CYS A 515 -14.37 18.74 13.92
C CYS A 515 -14.95 17.41 13.49
N VAL A 516 -14.28 16.32 13.83
CA VAL A 516 -14.69 15.02 13.32
C VAL A 516 -14.42 13.87 14.30
N ASN A 517 -13.47 13.98 15.22
CA ASN A 517 -13.12 12.80 16.02
C ASN A 517 -12.66 13.22 17.39
N PRO A 518 -13.52 13.09 18.41
CA PRO A 518 -13.11 13.48 19.78
C PRO A 518 -11.96 12.65 20.30
N LEU A 519 -11.80 11.43 19.82
CA LEU A 519 -10.72 10.58 20.30
C LEU A 519 -9.36 11.10 19.87
N VAL A 520 -9.26 11.53 18.62
CA VAL A 520 -8.05 12.17 18.11
C VAL A 520 -7.81 13.47 18.87
N LYS A 521 -8.85 14.26 19.07
CA LYS A 521 -8.70 15.54 19.77
C LYS A 521 -8.08 15.36 21.14
N VAL A 522 -8.59 14.42 21.93
CA VAL A 522 -8.08 14.26 23.29
C VAL A 522 -6.69 13.65 23.29
N CYS A 523 -6.42 12.70 22.39
CA CYS A 523 -5.08 12.12 22.27
C CYS A 523 -3.97 13.12 22.26
N PHE A 524 -4.15 14.22 21.52
CA PHE A 524 -3.09 15.20 21.33
C PHE A 524 -3.15 16.35 22.33
N ALA A 525 -4.08 16.29 23.30
CA ALA A 525 -4.22 17.32 24.33
C ALA A 525 -3.30 17.00 25.51
N ASP A 526 -1.99 17.07 25.24
CA ASP A 526 -1.00 16.46 26.12
C ASP A 526 0.33 17.17 25.94
N GLU A 527 0.77 17.89 26.97
CA GLU A 527 2.03 18.64 26.92
C GLU A 527 3.27 17.75 26.83
N LEU A 528 3.15 16.46 27.15
CA LEU A 528 4.31 15.58 27.06
C LEU A 528 4.64 15.25 25.60
N ILE A 529 3.71 15.43 24.67
CA ILE A 529 4.01 15.18 23.26
C ILE A 529 5.07 16.20 22.82
N ASN A 530 6.12 15.73 22.13
CA ASN A 530 7.29 16.57 21.88
C ASN A 530 6.95 17.85 21.10
N PHE A 531 6.17 17.73 20.03
CA PHE A 531 5.76 18.88 19.25
C PHE A 531 4.53 19.56 19.87
N ASP A 532 4.58 20.90 19.97
CA ASP A 532 3.49 21.67 20.58
C ASP A 532 2.39 21.94 19.57
N PHE A 533 1.42 21.04 19.49
CA PHE A 533 0.31 21.16 18.56
C PHE A 533 -0.62 22.31 18.87
N ALA A 534 -0.47 22.98 20.01
CA ALA A 534 -1.25 24.19 20.24
C ALA A 534 -0.60 25.45 19.66
N ASP A 535 0.70 25.41 19.40
CA ASP A 535 1.47 26.55 18.90
C ASP A 535 2.49 26.09 17.88
N PRO A 536 2.01 25.57 16.75
CA PRO A 536 2.95 25.09 15.73
C PRO A 536 3.82 26.20 15.20
N ARG A 537 3.28 27.41 14.99
CA ARG A 537 4.12 28.50 14.50
C ARG A 537 5.29 28.75 15.43
N GLY A 538 5.05 28.74 16.75
CA GLY A 538 6.12 29.01 17.68
C GLY A 538 7.19 27.95 17.65
N ALA A 539 6.79 26.68 17.48
CA ALA A 539 7.74 25.59 17.40
C ALA A 539 8.55 25.67 16.12
N PHE A 540 7.89 25.95 14.98
CA PHE A 540 8.64 26.12 13.74
C PHE A 540 9.68 27.21 13.88
N GLY A 541 9.28 28.34 14.49
CA GLY A 541 10.19 29.45 14.61
C GLY A 541 11.36 29.16 15.54
N LYS A 542 11.09 28.53 16.69
CA LYS A 542 12.18 28.22 17.61
C LYS A 542 13.19 27.28 16.95
N ALA A 543 12.70 26.31 16.16
CA ALA A 543 13.57 25.38 15.48
C ALA A 543 14.28 26.04 14.29
N ALA A 544 13.69 27.07 13.69
CA ALA A 544 14.36 27.81 12.64
C ALA A 544 15.62 28.48 13.19
N LEU A 545 15.61 28.85 14.47
CA LEU A 545 16.75 29.46 15.15
C LEU A 545 17.68 28.40 15.75
N ARG A 546 17.40 27.12 15.52
CA ARG A 546 18.20 26.02 16.06
C ARG A 546 18.18 26.00 17.58
N GLU A 547 17.09 26.49 18.18
CA GLU A 547 16.95 26.58 19.63
C GLU A 547 15.91 25.63 20.21
N TRP A 548 15.17 24.94 19.36
CA TRP A 548 14.09 24.06 19.82
C TRP A 548 14.73 22.76 20.32
N ASP A 549 14.40 22.38 21.56
N ASP A 549 14.42 22.38 21.57
CA ASP A 549 15.18 21.39 22.29
CA ASP A 549 15.19 21.38 22.30
C ASP A 549 14.41 20.10 22.58
C ASP A 549 14.42 20.09 22.56
N ARG A 550 13.32 19.83 21.85
CA ARG A 550 12.47 18.67 22.11
C ARG A 550 12.58 17.57 21.05
N CYS A 551 13.64 17.57 20.25
CA CYS A 551 13.85 16.52 19.27
C CYS A 551 13.99 15.16 19.90
N ALA A 552 13.25 14.18 19.42
CA ALA A 552 13.38 12.79 19.85
C ALA A 552 14.05 11.96 18.76
N GLY A 553 14.47 10.76 19.17
CA GLY A 553 14.85 9.74 18.22
C GLY A 553 16.29 9.73 17.72
N GLU A 554 17.15 10.58 18.25
CA GLU A 554 18.53 10.61 17.78
C GLU A 554 19.29 9.37 18.26
N ARG A 555 20.36 9.04 17.53
CA ARG A 555 21.22 7.90 17.83
C ARG A 555 22.48 8.30 18.62
N ALA A 556 22.56 9.56 19.07
CA ALA A 556 23.73 10.08 19.77
C ALA A 556 24.25 9.14 20.86
N PHE A 557 23.34 8.56 21.64
CA PHE A 557 23.73 7.80 22.82
C PHE A 557 24.58 6.58 22.45
N VAL A 558 24.41 6.05 21.25
CA VAL A 558 25.05 4.80 20.85
C VAL A 558 26.08 4.98 19.73
N ILE A 559 26.51 6.21 19.46
CA ILE A 559 27.55 6.45 18.46
C ILE A 559 28.62 7.36 19.08
N PRO A 560 29.82 7.39 18.52
CA PRO A 560 30.84 8.29 19.07
C PRO A 560 30.41 9.76 18.99
N ALA A 561 30.96 10.57 19.87
CA ALA A 561 30.85 12.01 19.72
C ALA A 561 31.43 12.49 18.38
N ALA B 2 -39.03 10.17 -25.96
CA ALA B 2 -37.76 9.46 -25.95
C ALA B 2 -36.68 10.31 -26.60
N ASP B 3 -35.43 9.99 -26.32
CA ASP B 3 -34.30 10.61 -26.99
C ASP B 3 -33.75 9.66 -28.03
N THR B 4 -33.68 10.12 -29.29
CA THR B 4 -33.19 9.29 -30.37
C THR B 4 -32.03 10.00 -31.03
N ILE B 5 -31.21 9.19 -31.69
CA ILE B 5 -30.03 9.60 -32.42
C ILE B 5 -29.91 8.75 -33.68
N ASP B 6 -29.19 9.25 -34.67
CA ASP B 6 -28.75 8.44 -35.79
C ASP B 6 -27.30 8.00 -35.49
N LEU B 7 -26.97 6.78 -35.85
CA LEU B 7 -25.62 6.24 -35.69
C LEU B 7 -24.91 6.28 -37.02
N TYR B 8 -23.68 6.79 -37.00
CA TYR B 8 -22.83 6.95 -38.17
C TYR B 8 -21.50 6.23 -37.96
N SER B 9 -20.93 5.77 -39.08
CA SER B 9 -19.68 5.05 -39.04
C SER B 9 -18.50 5.97 -38.73
N ASP B 10 -17.33 5.32 -38.60
CA ASP B 10 -16.06 6.03 -38.43
C ASP B 10 -15.77 7.02 -39.57
N ARG B 11 -16.43 6.84 -40.71
CA ARG B 11 -16.19 7.73 -41.88
C ARG B 11 -17.46 8.47 -42.29
N GLY B 12 -18.42 8.59 -41.39
CA GLY B 12 -19.56 9.43 -41.68
C GLY B 12 -20.66 8.81 -42.53
N ALA B 13 -20.69 7.49 -42.68
CA ALA B 13 -21.79 6.83 -43.37
C ALA B 13 -22.89 6.53 -42.37
N LYS B 14 -24.13 6.85 -42.73
CA LYS B 14 -25.23 6.60 -41.81
C LYS B 14 -25.48 5.10 -41.72
N LEU B 15 -25.47 4.57 -40.50
CA LEU B 15 -25.69 3.15 -40.24
C LEU B 15 -27.09 2.83 -39.75
N LYS B 16 -27.64 3.62 -38.81
CA LYS B 16 -28.94 3.37 -38.23
C LYS B 16 -29.62 4.70 -37.95
N SER B 17 -30.94 4.73 -38.12
CA SER B 17 -31.72 5.93 -37.93
C SER B 17 -32.69 5.78 -36.77
N GLY B 18 -32.85 6.84 -35.99
CA GLY B 18 -33.89 6.88 -34.99
C GLY B 18 -33.68 5.91 -33.85
N VAL B 19 -32.44 5.72 -33.45
CA VAL B 19 -32.08 4.80 -32.37
C VAL B 19 -32.35 5.46 -31.03
N ASP B 20 -33.09 4.79 -30.17
CA ASP B 20 -33.30 5.28 -28.82
C ASP B 20 -31.97 5.18 -28.06
N ILE B 21 -31.57 6.26 -27.38
CA ILE B 21 -30.29 6.21 -26.68
C ILE B 21 -30.25 5.08 -25.66
N ASN B 22 -31.40 4.67 -25.14
CA ASN B 22 -31.40 3.58 -24.15
C ASN B 22 -30.88 2.28 -24.78
N ASP B 23 -30.94 2.15 -26.11
CA ASP B 23 -30.49 0.95 -26.80
C ASP B 23 -28.99 0.93 -27.09
N ILE B 24 -28.27 2.04 -26.84
CA ILE B 24 -26.81 2.03 -26.85
C ILE B 24 -26.25 1.99 -25.42
N SER B 25 -27.10 1.84 -24.42
CA SER B 25 -26.59 1.72 -23.05
C SER B 25 -25.69 0.50 -22.90
N PRO B 26 -24.63 0.59 -22.09
CA PRO B 26 -23.91 -0.64 -21.72
C PRO B 26 -24.80 -1.70 -21.11
N MET B 27 -25.90 -1.29 -20.49
CA MET B 27 -26.79 -2.22 -19.84
C MET B 27 -27.80 -2.90 -20.77
N ARG B 28 -27.78 -2.57 -22.06
CA ARG B 28 -28.68 -3.19 -23.03
C ARG B 28 -28.03 -3.60 -24.34
N ASN B 29 -27.05 -2.87 -24.84
CA ASN B 29 -26.53 -3.11 -26.16
C ASN B 29 -25.72 -4.40 -26.19
N ALA B 30 -26.07 -5.28 -27.14
CA ALA B 30 -25.45 -6.60 -27.17
C ALA B 30 -23.98 -6.52 -27.52
N ALA B 31 -23.59 -5.57 -28.37
CA ALA B 31 -22.19 -5.48 -28.76
C ALA B 31 -21.34 -4.92 -27.63
N ILE B 32 -21.88 -3.99 -26.85
CA ILE B 32 -21.11 -3.55 -25.68
C ILE B 32 -20.89 -4.72 -24.73
N LYS B 33 -21.91 -5.54 -24.50
CA LYS B 33 -21.72 -6.73 -23.68
C LYS B 33 -20.63 -7.63 -24.29
N SER B 34 -20.65 -7.83 -25.62
CA SER B 34 -19.70 -8.73 -26.24
C SER B 34 -18.27 -8.17 -26.14
N ILE B 35 -18.12 -6.86 -26.31
CA ILE B 35 -16.81 -6.22 -26.22
C ILE B 35 -16.27 -6.31 -24.79
N VAL B 36 -17.08 -5.95 -23.80
CA VAL B 36 -16.63 -5.92 -22.42
C VAL B 36 -16.31 -7.33 -21.93
N THR B 37 -17.26 -8.25 -22.13
CA THR B 37 -17.02 -9.62 -21.69
C THR B 37 -15.87 -10.26 -22.47
N GLY B 38 -15.78 -9.93 -23.77
CA GLY B 38 -14.68 -10.44 -24.57
C GLY B 38 -13.34 -9.99 -24.01
N ILE B 39 -13.23 -8.71 -23.69
CA ILE B 39 -11.99 -8.20 -23.11
C ILE B 39 -11.66 -8.92 -21.81
N LYS B 40 -12.67 -9.13 -20.95
CA LYS B 40 -12.44 -9.84 -19.69
C LYS B 40 -11.87 -11.23 -19.93
N ARG B 41 -12.26 -11.87 -21.02
CA ARG B 41 -11.89 -13.26 -21.31
C ARG B 41 -10.57 -13.42 -22.06
N THR B 42 -9.97 -12.34 -22.52
CA THR B 42 -8.85 -12.43 -23.45
C THR B 42 -7.49 -12.22 -22.79
N ALA B 43 -6.53 -13.07 -23.18
CA ALA B 43 -5.16 -12.91 -22.76
C ALA B 43 -4.23 -13.09 -23.96
N ALA B 44 -3.12 -12.39 -23.90
CA ALA B 44 -2.05 -12.47 -24.88
C ALA B 44 -0.89 -13.26 -24.31
N VAL B 45 -0.40 -14.24 -25.08
CA VAL B 45 0.75 -15.06 -24.68
C VAL B 45 1.90 -14.76 -25.63
N ASP B 46 3.05 -14.39 -25.06
CA ASP B 46 4.26 -14.16 -25.85
C ASP B 46 5.13 -15.41 -25.83
N LEU B 47 4.89 -16.30 -26.80
CA LEU B 47 5.70 -17.52 -26.90
C LEU B 47 7.17 -17.21 -27.19
N ALA B 48 7.43 -16.28 -28.12
CA ALA B 48 8.80 -15.86 -28.38
C ALA B 48 9.40 -15.27 -27.12
N GLY B 49 8.60 -14.52 -26.36
CA GLY B 49 9.08 -13.93 -25.14
C GLY B 49 9.48 -14.98 -24.11
N ILE B 50 8.65 -16.01 -23.94
CA ILE B 50 9.01 -17.07 -23.00
C ILE B 50 10.31 -17.72 -23.43
N GLU B 51 10.43 -18.02 -24.72
CA GLU B 51 11.62 -18.64 -25.27
C GLU B 51 12.86 -17.83 -24.95
N LYS B 52 12.79 -16.54 -25.19
CA LYS B 52 13.94 -15.65 -24.94
C LYS B 52 14.22 -15.51 -23.45
N THR B 53 13.16 -15.35 -22.63
CA THR B 53 13.33 -15.28 -21.19
C THR B 53 14.11 -16.51 -20.69
N LEU B 54 13.67 -17.70 -21.13
CA LEU B 54 14.32 -18.93 -20.70
C LEU B 54 15.77 -19.04 -21.20
N ALA B 55 16.00 -18.69 -22.47
CA ALA B 55 17.33 -18.86 -23.04
C ALA B 55 18.34 -17.95 -22.38
N THR B 56 17.91 -16.80 -21.89
CA THR B 56 18.77 -15.80 -21.28
C THR B 56 18.64 -15.77 -19.77
N SER B 57 17.89 -16.70 -19.18
CA SER B 57 17.52 -16.71 -17.76
C SER B 57 17.17 -15.35 -17.19
N ALA B 58 16.45 -14.56 -18.00
CA ALA B 58 16.06 -13.20 -17.64
C ALA B 58 14.76 -13.23 -16.84
N ILE B 59 14.78 -13.99 -15.75
CA ILE B 59 13.57 -14.29 -15.00
C ILE B 59 13.20 -13.12 -14.11
N GLY B 60 11.99 -12.59 -14.31
CA GLY B 60 11.44 -11.55 -13.49
C GLY B 60 11.58 -10.12 -14.00
N GLY B 61 12.31 -9.88 -15.07
CA GLY B 61 12.42 -8.52 -15.59
C GLY B 61 13.25 -7.54 -14.78
N LYS B 62 13.19 -6.28 -15.20
CA LYS B 62 13.84 -5.18 -14.49
C LYS B 62 15.32 -5.44 -14.24
N GLY B 63 16.01 -5.93 -15.28
CA GLY B 63 17.44 -6.15 -15.25
C GLY B 63 17.89 -7.50 -14.80
N ARG B 64 16.98 -8.36 -14.40
CA ARG B 64 17.33 -9.63 -13.79
C ARG B 64 17.93 -10.61 -14.79
N LYS B 65 18.88 -11.42 -14.28
CA LYS B 65 19.43 -12.62 -14.89
C LYS B 65 19.87 -13.58 -13.80
N ILE B 66 19.46 -14.86 -13.90
CA ILE B 66 19.86 -15.87 -12.92
C ILE B 66 20.92 -16.76 -13.54
N PRO B 67 22.19 -16.62 -13.16
CA PRO B 67 23.23 -17.44 -13.79
C PRO B 67 22.97 -18.92 -13.55
N GLY B 68 23.21 -19.71 -14.58
CA GLY B 68 23.15 -21.14 -14.50
C GLY B 68 21.80 -21.77 -14.76
N ARG B 69 20.74 -20.97 -14.90
CA ARG B 69 19.39 -21.49 -15.06
C ARG B 69 18.87 -21.37 -16.50
N GLU B 70 19.73 -21.02 -17.47
CA GLU B 70 19.31 -20.92 -18.85
C GLU B 70 18.74 -22.25 -19.34
N MET B 71 17.73 -22.16 -20.19
CA MET B 71 17.11 -23.32 -20.81
CA MET B 71 17.10 -23.32 -20.81
C MET B 71 16.77 -22.97 -22.25
N LYS B 72 17.11 -23.85 -23.19
CA LYS B 72 16.89 -23.63 -24.62
C LYS B 72 15.76 -24.54 -25.07
N LEU B 73 14.58 -23.95 -25.31
CA LEU B 73 13.41 -24.70 -25.78
C LEU B 73 12.95 -24.12 -27.12
N ASP B 74 12.59 -25.02 -28.03
CA ASP B 74 12.10 -24.66 -29.36
C ASP B 74 10.59 -24.39 -29.32
N ILE B 75 10.24 -23.28 -28.67
CA ILE B 75 8.83 -23.00 -28.39
C ILE B 75 8.10 -22.51 -29.65
N VAL B 76 8.60 -21.43 -30.27
CA VAL B 76 7.90 -20.84 -31.41
C VAL B 76 7.70 -21.85 -32.52
N LYS B 77 8.73 -22.67 -32.79
CA LYS B 77 8.60 -23.67 -33.85
C LYS B 77 7.61 -24.77 -33.52
N ASN B 78 7.26 -24.94 -32.25
CA ASN B 78 6.27 -25.92 -31.82
C ASN B 78 4.95 -25.26 -31.40
N ALA B 79 4.69 -24.06 -31.91
CA ALA B 79 3.51 -23.33 -31.49
C ALA B 79 2.22 -24.10 -31.74
N ALA B 80 2.12 -24.86 -32.84
CA ALA B 80 0.86 -25.56 -33.12
C ALA B 80 0.56 -26.62 -32.05
N ALA B 81 1.58 -27.38 -31.65
CA ALA B 81 1.36 -28.39 -30.62
C ALA B 81 1.03 -27.74 -29.28
N ILE B 82 1.69 -26.62 -28.97
N ILE B 82 1.67 -26.61 -29.00
CA ILE B 82 1.37 -25.89 -27.75
CA ILE B 82 1.39 -25.88 -27.73
C ILE B 82 -0.05 -25.36 -27.80
C ILE B 82 -0.04 -25.34 -27.79
N GLN B 83 -0.45 -24.81 -28.94
CA GLN B 83 -1.82 -24.31 -29.08
C GLN B 83 -2.85 -25.40 -28.82
N LYS B 84 -2.60 -26.59 -29.35
CA LYS B 84 -3.57 -27.70 -29.18
C LYS B 84 -3.66 -28.05 -27.69
N ALA B 85 -2.53 -28.17 -27.00
CA ALA B 85 -2.57 -28.53 -25.59
C ALA B 85 -3.24 -27.44 -24.75
N VAL B 86 -2.93 -26.17 -25.04
CA VAL B 86 -3.54 -25.06 -24.32
C VAL B 86 -5.04 -25.04 -24.56
N THR B 87 -5.49 -25.29 -25.79
CA THR B 87 -6.92 -25.31 -26.06
C THR B 87 -7.63 -26.34 -25.19
N GLU B 88 -7.08 -27.55 -25.13
CA GLU B 88 -7.75 -28.63 -24.36
C GLU B 88 -7.79 -28.27 -22.86
N MET B 89 -6.75 -27.60 -22.36
CA MET B 89 -6.74 -27.23 -20.96
C MET B 89 -7.64 -26.04 -20.64
N VAL B 90 -7.71 -25.04 -21.51
CA VAL B 90 -8.50 -23.85 -21.23
C VAL B 90 -9.99 -24.13 -21.44
N GLN B 91 -10.34 -24.94 -22.42
CA GLN B 91 -11.74 -25.23 -22.64
C GLN B 91 -12.30 -25.99 -21.44
N VAL B 92 -13.60 -25.82 -21.20
CA VAL B 92 -14.33 -26.61 -20.21
C VAL B 92 -15.03 -27.79 -20.88
N ASP B 93 -15.78 -27.49 -21.94
CA ASP B 93 -16.46 -28.52 -22.72
C ASP B 93 -16.12 -28.30 -24.18
N SER B 94 -15.81 -29.39 -24.89
CA SER B 94 -15.63 -29.30 -26.34
CA SER B 94 -15.61 -29.26 -26.33
C SER B 94 -16.83 -28.59 -26.94
N GLY B 95 -16.58 -27.67 -27.87
CA GLY B 95 -17.65 -26.90 -28.46
C GLY B 95 -18.09 -25.67 -27.71
N ASP B 96 -17.49 -25.35 -26.56
CA ASP B 96 -17.78 -24.09 -25.89
C ASP B 96 -17.08 -22.94 -26.61
N ASP B 97 -17.13 -21.73 -26.03
CA ASP B 97 -16.66 -20.54 -26.71
C ASP B 97 -15.18 -20.23 -26.53
N THR B 98 -14.37 -21.20 -26.12
CA THR B 98 -12.93 -21.05 -26.05
C THR B 98 -12.34 -20.69 -27.42
N VAL B 99 -11.38 -19.77 -27.42
CA VAL B 99 -10.54 -19.47 -28.60
C VAL B 99 -9.08 -19.58 -28.20
N VAL B 100 -8.29 -20.29 -28.98
CA VAL B 100 -6.83 -20.25 -28.86
C VAL B 100 -6.28 -20.25 -30.27
N LYS B 101 -5.57 -19.21 -30.64
CA LYS B 101 -4.99 -19.14 -31.99
CA LYS B 101 -5.00 -19.13 -32.00
C LYS B 101 -3.56 -18.57 -31.98
N ALA B 102 -2.70 -19.24 -32.72
CA ALA B 102 -1.34 -18.74 -32.91
C ALA B 102 -1.36 -17.58 -33.90
N LEU B 103 -0.61 -16.54 -33.59
CA LEU B 103 -0.50 -15.34 -34.41
C LEU B 103 0.96 -15.07 -34.72
N ASN B 104 1.18 -14.37 -35.82
CA ASN B 104 2.48 -13.82 -36.16
C ASN B 104 3.57 -14.89 -36.16
N GLY B 105 3.34 -15.93 -36.94
CA GLY B 105 4.36 -16.94 -37.13
C GLY B 105 4.60 -17.81 -35.92
N GLY B 106 3.59 -17.96 -35.06
CA GLY B 106 3.76 -18.70 -33.84
C GLY B 106 4.41 -17.95 -32.71
N LYS B 107 4.65 -16.65 -32.88
CA LYS B 107 5.37 -15.90 -31.80
C LYS B 107 4.41 -15.62 -30.64
N GLN B 108 3.09 -15.59 -30.91
N GLN B 108 3.10 -15.61 -30.93
CA GLN B 108 2.10 -15.22 -29.91
CA GLN B 108 2.12 -15.24 -29.89
C GLN B 108 0.91 -16.16 -29.99
C GLN B 108 0.88 -16.10 -30.01
N LEU B 109 0.17 -16.25 -28.90
CA LEU B 109 -1.17 -16.82 -28.91
C LEU B 109 -2.16 -15.75 -28.46
N ILE B 110 -3.32 -15.74 -29.08
CA ILE B 110 -4.50 -15.16 -28.46
C ILE B 110 -5.26 -16.28 -27.76
N VAL B 111 -5.65 -16.06 -26.51
CA VAL B 111 -6.52 -16.96 -25.78
C VAL B 111 -7.74 -16.20 -25.34
N GLN B 112 -8.91 -16.75 -25.63
CA GLN B 112 -10.15 -16.29 -25.00
C GLN B 112 -10.71 -17.46 -24.21
N VAL B 113 -10.66 -17.35 -22.88
CA VAL B 113 -11.17 -18.43 -22.03
C VAL B 113 -12.66 -18.58 -22.26
N PRO B 114 -13.23 -19.74 -22.02
CA PRO B 114 -14.68 -19.86 -22.14
C PRO B 114 -15.37 -18.96 -21.15
N SER B 115 -16.55 -18.49 -21.53
CA SER B 115 -17.31 -17.54 -20.74
C SER B 115 -17.56 -18.00 -19.30
N VAL B 116 -17.78 -19.30 -19.08
CA VAL B 116 -18.06 -19.75 -17.72
C VAL B 116 -16.92 -19.44 -16.75
N ARG B 117 -15.68 -19.36 -17.24
CA ARG B 117 -14.57 -19.04 -16.36
C ARG B 117 -14.59 -17.60 -15.87
N ILE B 118 -15.32 -16.73 -16.58
CA ILE B 118 -15.54 -15.35 -16.08
CA ILE B 118 -15.55 -15.36 -16.04
C ILE B 118 -16.94 -15.21 -15.39
N ASP B 119 -17.93 -16.02 -15.82
CA ASP B 119 -19.24 -15.88 -15.21
C ASP B 119 -19.25 -16.42 -13.79
N VAL B 120 -18.62 -17.57 -13.57
CA VAL B 120 -18.60 -18.21 -12.25
C VAL B 120 -17.27 -17.86 -11.61
N ALA B 121 -17.09 -16.58 -11.31
CA ALA B 121 -15.83 -16.00 -10.91
C ALA B 121 -16.16 -14.58 -10.44
N ALA B 122 -15.29 -14.03 -9.58
CA ALA B 122 -15.53 -12.67 -9.12
C ALA B 122 -15.16 -11.59 -10.13
N GLU B 123 -14.07 -11.79 -10.86
CA GLU B 123 -13.68 -10.70 -11.76
CA GLU B 123 -13.35 -10.78 -11.60
C GLU B 123 -13.09 -11.30 -13.03
N TYR B 124 -12.12 -10.66 -13.64
CA TYR B 124 -11.70 -11.14 -14.97
CA TYR B 124 -11.68 -11.10 -15.00
C TYR B 124 -10.35 -11.88 -15.07
N VAL B 125 -9.72 -12.05 -13.90
CA VAL B 125 -8.33 -12.51 -13.89
C VAL B 125 -8.14 -13.96 -14.27
N SER B 126 -9.23 -14.74 -14.33
N SER B 126 -9.22 -14.75 -14.34
CA SER B 126 -9.09 -16.14 -14.81
CA SER B 126 -9.06 -16.12 -14.80
C SER B 126 -8.52 -16.16 -16.22
C SER B 126 -8.52 -16.16 -16.22
N SER B 127 -8.76 -15.11 -17.03
CA SER B 127 -8.15 -15.10 -18.36
C SER B 127 -6.64 -15.16 -18.27
N LEU B 128 -6.03 -14.45 -17.33
CA LEU B 128 -4.60 -14.47 -17.14
C LEU B 128 -4.16 -15.77 -16.49
N THR B 129 -4.82 -16.16 -15.40
CA THR B 129 -4.30 -17.27 -14.60
C THR B 129 -4.50 -18.61 -15.28
N CYS B 130 -5.69 -18.84 -15.86
CA CYS B 130 -5.91 -20.12 -16.53
CA CYS B 130 -5.94 -20.10 -16.56
C CYS B 130 -5.02 -20.23 -17.76
N THR B 131 -4.80 -19.12 -18.46
CA THR B 131 -3.87 -19.12 -19.58
C THR B 131 -2.46 -19.42 -19.11
N ALA B 132 -2.00 -18.72 -18.07
CA ALA B 132 -0.63 -18.94 -17.62
C ALA B 132 -0.43 -20.37 -17.13
N SER B 133 -1.41 -20.93 -16.45
N SER B 133 -1.41 -20.92 -16.44
CA SER B 133 -1.26 -22.30 -15.96
CA SER B 133 -1.31 -22.32 -15.96
C SER B 133 -1.28 -23.29 -17.15
C SER B 133 -1.28 -23.28 -17.15
N ALA B 134 -2.18 -23.08 -18.11
CA ALA B 134 -2.24 -23.96 -19.28
C ALA B 134 -0.92 -23.90 -20.04
N VAL B 135 -0.40 -22.69 -20.26
CA VAL B 135 0.86 -22.55 -20.98
C VAL B 135 2.01 -23.23 -20.22
N THR B 136 2.08 -23.03 -18.90
CA THR B 136 3.15 -23.63 -18.11
C THR B 136 3.07 -25.15 -18.20
N GLN B 137 1.87 -25.71 -17.99
CA GLN B 137 1.70 -27.16 -18.10
C GLN B 137 2.05 -27.65 -19.49
N ALA B 138 1.62 -26.94 -20.53
CA ALA B 138 1.87 -27.37 -21.90
C ALA B 138 3.37 -27.38 -22.21
N LEU B 139 4.12 -26.39 -21.69
CA LEU B 139 5.57 -26.37 -21.92
C LEU B 139 6.25 -27.52 -21.20
N VAL B 140 5.86 -27.75 -19.95
CA VAL B 140 6.47 -28.85 -19.21
C VAL B 140 6.25 -30.19 -19.92
N SER B 141 5.04 -30.42 -20.42
CA SER B 141 4.77 -31.68 -21.10
CA SER B 141 4.73 -31.66 -21.12
C SER B 141 5.42 -31.73 -22.48
N GLN B 142 5.35 -30.64 -23.25
CA GLN B 142 5.89 -30.66 -24.60
C GLN B 142 7.38 -30.93 -24.59
N PHE B 143 8.10 -30.35 -23.65
CA PHE B 143 9.56 -30.41 -23.61
C PHE B 143 10.10 -31.33 -22.54
N ASN B 144 9.22 -32.15 -21.94
CA ASN B 144 9.60 -33.16 -20.95
CA ASN B 144 9.61 -33.15 -20.96
C ASN B 144 10.49 -32.54 -19.87
N ILE B 145 10.00 -31.45 -19.31
CA ILE B 145 10.78 -30.71 -18.33
C ILE B 145 10.75 -31.43 -16.97
N GLY B 146 11.92 -31.64 -16.38
CA GLY B 146 12.01 -32.31 -15.11
C GLY B 146 11.61 -31.42 -13.94
N MET B 147 11.26 -32.08 -12.83
CA MET B 147 10.76 -31.42 -11.64
C MET B 147 11.69 -30.27 -11.21
N PHE B 148 13.01 -30.50 -11.18
CA PHE B 148 13.91 -29.48 -10.65
C PHE B 148 13.96 -28.24 -11.54
N ASP B 149 13.59 -28.35 -12.81
CA ASP B 149 13.58 -27.22 -13.74
C ASP B 149 12.20 -26.60 -13.91
N ALA B 150 11.15 -27.25 -13.42
CA ALA B 150 9.81 -26.73 -13.64
C ALA B 150 9.59 -25.34 -13.05
N PRO B 151 10.15 -25.00 -11.87
CA PRO B 151 9.96 -23.62 -11.36
C PRO B 151 10.57 -22.57 -12.27
N THR B 152 11.64 -22.91 -12.97
CA THR B 152 12.24 -21.97 -13.91
C THR B 152 11.24 -21.62 -15.02
N VAL B 153 10.60 -22.66 -15.57
CA VAL B 153 9.60 -22.47 -16.62
C VAL B 153 8.42 -21.67 -16.09
N LYS B 154 7.92 -22.04 -14.90
CA LYS B 154 6.80 -21.33 -14.32
C LYS B 154 7.13 -19.85 -14.16
N SER B 155 8.29 -19.51 -13.62
CA SER B 155 8.62 -18.11 -13.43
C SER B 155 8.90 -17.38 -14.75
N ALA B 156 9.32 -18.10 -15.80
CA ALA B 156 9.43 -17.47 -17.12
C ALA B 156 8.06 -17.03 -17.65
N VAL B 157 7.02 -17.80 -17.34
CA VAL B 157 5.66 -17.51 -17.81
C VAL B 157 4.99 -16.47 -16.92
N TRP B 158 5.02 -16.69 -15.61
CA TRP B 158 4.30 -15.88 -14.64
C TRP B 158 5.11 -14.69 -14.11
N GLY B 159 6.38 -14.58 -14.45
CA GLY B 159 7.20 -13.54 -13.87
C GLY B 159 7.37 -13.74 -12.37
N GLN B 160 7.51 -12.63 -11.64
CA GLN B 160 7.79 -12.67 -10.21
C GLN B 160 6.59 -13.02 -9.35
N TYR B 161 5.44 -13.26 -9.91
CA TYR B 161 4.25 -13.62 -9.12
C TYR B 161 4.49 -14.99 -8.50
N PRO B 162 4.31 -15.18 -7.18
CA PRO B 162 3.57 -14.34 -6.24
C PRO B 162 4.42 -13.46 -5.30
N GLN B 163 5.74 -13.31 -5.50
CA GLN B 163 6.44 -12.31 -4.71
C GLN B 163 5.88 -10.93 -4.99
N THR B 164 5.60 -10.63 -6.24
CA THR B 164 4.89 -9.44 -6.67
C THR B 164 3.40 -9.74 -6.84
N LEU B 165 2.58 -8.68 -6.80
CA LEU B 165 1.12 -8.83 -6.97
C LEU B 165 0.76 -9.12 -8.41
N ASP B 166 1.59 -8.68 -9.35
CA ASP B 166 1.37 -8.82 -10.78
C ASP B 166 2.45 -9.74 -11.38
N MET B 167 2.26 -10.05 -12.66
CA MET B 167 3.19 -10.99 -13.34
CA MET B 167 3.20 -10.99 -13.33
C MET B 167 4.40 -10.20 -13.93
N VAL B 168 5.14 -9.53 -13.06
CA VAL B 168 6.27 -8.70 -13.47
C VAL B 168 7.32 -9.55 -14.14
N GLY B 169 7.70 -9.18 -15.36
CA GLY B 169 8.64 -9.94 -16.13
C GLY B 169 8.07 -11.17 -16.78
N GLY B 170 6.77 -11.39 -16.69
CA GLY B 170 6.13 -12.53 -17.31
C GLY B 170 5.78 -12.28 -18.76
N ASN B 171 5.06 -13.26 -19.30
CA ASN B 171 4.79 -13.35 -20.73
C ASN B 171 3.32 -13.62 -21.06
N VAL B 172 2.42 -13.34 -20.12
CA VAL B 172 0.98 -13.45 -20.32
C VAL B 172 0.41 -12.12 -19.85
N LYS B 173 -0.32 -11.43 -20.73
CA LYS B 173 -0.72 -10.05 -20.48
C LYS B 173 -2.13 -9.77 -21.02
N SER B 174 -2.75 -8.76 -20.45
CA SER B 174 -4.00 -8.20 -20.93
C SER B 174 -3.86 -6.69 -21.07
N ILE B 175 -4.82 -6.07 -21.78
CA ILE B 175 -4.91 -4.62 -21.81
C ILE B 175 -5.38 -4.02 -20.50
N VAL B 176 -6.06 -4.81 -19.66
CA VAL B 176 -6.53 -4.37 -18.36
CA VAL B 176 -6.54 -4.41 -18.34
C VAL B 176 -5.51 -4.75 -17.30
N GLU B 177 -5.40 -3.89 -16.29
CA GLU B 177 -4.44 -4.12 -15.18
C GLU B 177 -5.11 -4.90 -14.05
N ILE B 178 -4.31 -5.34 -13.08
CA ILE B 178 -4.85 -6.12 -11.96
C ILE B 178 -5.84 -5.33 -11.11
N PRO B 179 -6.88 -5.96 -10.57
CA PRO B 179 -7.87 -5.19 -9.80
CA PRO B 179 -7.87 -5.21 -9.79
C PRO B 179 -7.29 -4.45 -8.60
N GLN B 180 -6.21 -4.94 -7.99
CA GLN B 180 -5.68 -4.26 -6.81
C GLN B 180 -5.12 -2.89 -7.14
N LYS B 181 -4.96 -2.58 -8.43
N LYS B 181 -4.96 -2.58 -8.43
CA LYS B 181 -4.44 -1.25 -8.83
CA LYS B 181 -4.44 -1.26 -8.82
C LYS B 181 -5.58 -0.23 -8.99
C LYS B 181 -5.58 -0.23 -9.03
N ASP B 182 -6.83 -0.64 -8.82
CA ASP B 182 -7.95 0.30 -8.97
C ASP B 182 -7.86 1.42 -7.94
N GLU B 183 -8.09 2.64 -8.40
CA GLU B 183 -8.17 3.78 -7.50
C GLU B 183 -9.43 3.74 -6.64
N GLY B 184 -10.46 3.08 -7.11
CA GLY B 184 -11.75 3.05 -6.42
C GLY B 184 -12.68 2.06 -7.07
N PHE B 185 -13.91 2.06 -6.59
CA PHE B 185 -14.93 1.16 -7.10
C PHE B 185 -15.23 1.48 -8.56
N GLY B 186 -15.26 0.45 -9.42
CA GLY B 186 -15.66 0.62 -10.79
C GLY B 186 -14.56 1.02 -11.74
N TYR B 187 -13.33 1.06 -11.29
CA TYR B 187 -12.22 1.55 -12.09
C TYR B 187 -11.51 0.50 -12.95
N THR B 188 -11.85 -0.80 -12.83
CA THR B 188 -11.06 -1.81 -13.56
C THR B 188 -11.10 -1.60 -15.07
N LEU B 189 -12.29 -1.39 -15.65
CA LEU B 189 -12.37 -1.20 -17.09
C LEU B 189 -11.82 0.13 -17.51
N ARG B 190 -11.59 1.05 -16.56
CA ARG B 190 -11.00 2.34 -16.81
C ARG B 190 -9.47 2.29 -16.81
N ASN B 191 -8.88 1.16 -16.41
N ASN B 191 -8.84 1.16 -16.50
CA ASN B 191 -7.43 1.04 -16.30
CA ASN B 191 -7.39 1.14 -16.26
C ASN B 191 -6.84 0.36 -17.52
C ASN B 191 -6.54 0.77 -17.49
N VAL B 192 -7.06 0.98 -18.67
CA VAL B 192 -6.50 0.53 -19.95
C VAL B 192 -5.69 1.69 -20.55
N MET B 193 -4.40 1.47 -20.70
CA MET B 193 -3.50 2.49 -21.19
CA MET B 193 -3.53 2.51 -21.18
CA MET B 193 -3.49 2.49 -21.18
C MET B 193 -3.95 3.01 -22.55
N ALA B 194 -3.86 4.34 -22.75
CA ALA B 194 -4.23 4.92 -24.03
C ALA B 194 -3.44 4.32 -25.18
N ASN B 195 -2.14 4.07 -24.97
CA ASN B 195 -1.37 3.43 -26.05
C ASN B 195 -1.94 2.08 -26.44
N HIS B 196 -2.40 1.30 -25.46
CA HIS B 196 -2.99 0.00 -25.78
C HIS B 196 -4.18 0.16 -26.70
N LEU B 197 -5.05 1.12 -26.36
CA LEU B 197 -6.27 1.32 -27.15
C LEU B 197 -5.96 1.70 -28.59
N ALA B 198 -5.00 2.60 -28.79
CA ALA B 198 -4.63 2.98 -30.15
C ALA B 198 -4.09 1.79 -30.93
N ALA B 199 -3.36 0.89 -30.26
CA ALA B 199 -2.85 -0.28 -30.95
C ALA B 199 -3.95 -1.29 -31.27
N VAL B 200 -4.91 -1.45 -30.36
CA VAL B 200 -6.02 -2.39 -30.60
C VAL B 200 -6.81 -1.96 -31.83
N CYS B 201 -6.98 -0.65 -31.99
CA CYS B 201 -7.77 -0.09 -33.11
C CYS B 201 -6.92 0.25 -34.33
N LYS B 202 -5.66 -0.19 -34.34
CA LYS B 202 -4.79 0.02 -35.54
C LYS B 202 -4.71 1.51 -35.88
N LYS B 203 -4.73 2.38 -34.87
CA LYS B 203 -4.52 3.84 -35.08
C LYS B 203 -5.66 4.49 -35.87
N ASN B 204 -6.84 3.87 -35.94
CA ASN B 204 -8.02 4.56 -36.51
C ASN B 204 -8.54 5.42 -35.36
N ALA B 205 -8.45 6.74 -35.47
CA ALA B 205 -8.73 7.60 -34.31
C ALA B 205 -10.18 7.54 -33.86
N MET B 206 -11.13 7.41 -34.80
CA MET B 206 -12.54 7.30 -34.43
C MET B 206 -12.82 6.00 -33.67
N ASN B 207 -12.31 4.88 -34.17
CA ASN B 207 -12.52 3.63 -33.46
C ASN B 207 -11.84 3.62 -32.10
N THR B 208 -10.64 4.23 -32.00
CA THR B 208 -9.94 4.31 -30.73
C THR B 208 -10.76 5.07 -29.71
N ALA B 209 -11.29 6.24 -30.11
CA ALA B 209 -12.12 7.02 -29.22
C ALA B 209 -13.33 6.18 -28.78
N ALA B 210 -13.94 5.45 -29.72
CA ALA B 210 -15.12 4.67 -29.39
C ALA B 210 -14.81 3.55 -28.41
N LEU B 211 -13.74 2.78 -28.64
CA LEU B 211 -13.41 1.69 -27.73
C LEU B 211 -13.16 2.25 -26.34
N CYS B 212 -12.38 3.32 -26.28
CA CYS B 212 -12.11 3.93 -25.00
C CYS B 212 -13.38 4.43 -24.34
N SER B 213 -14.25 5.08 -25.11
CA SER B 213 -15.50 5.60 -24.56
C SER B 213 -16.40 4.49 -24.05
N ILE B 214 -16.48 3.37 -24.78
CA ILE B 214 -17.25 2.23 -24.31
C ILE B 214 -16.74 1.76 -22.95
N LEU B 215 -15.43 1.59 -22.82
CA LEU B 215 -14.86 1.12 -21.57
C LEU B 215 -15.06 2.13 -20.44
N GLU B 216 -14.79 3.39 -20.72
CA GLU B 216 -14.94 4.46 -19.72
C GLU B 216 -16.37 4.53 -19.22
N ASN B 217 -17.34 4.53 -20.16
CA ASN B 217 -18.74 4.68 -19.76
C ASN B 217 -19.28 3.43 -19.10
N THR B 218 -18.81 2.25 -19.49
CA THR B 218 -19.17 1.04 -18.76
C THR B 218 -18.62 1.12 -17.35
N GLY B 219 -17.40 1.66 -17.21
CA GLY B 219 -16.83 1.90 -15.90
C GLY B 219 -17.66 2.86 -15.05
N VAL B 220 -18.15 3.96 -15.65
CA VAL B 220 -19.02 4.90 -14.93
C VAL B 220 -20.25 4.17 -14.39
N PHE B 221 -20.84 3.26 -15.19
CA PHE B 221 -21.94 2.45 -14.68
C PHE B 221 -21.50 1.62 -13.47
N GLU B 222 -20.34 0.96 -13.54
CA GLU B 222 -19.87 0.11 -12.44
C GLU B 222 -19.53 0.91 -11.18
N MET B 223 -19.09 2.16 -11.36
CA MET B 223 -18.90 3.12 -10.27
C MET B 223 -20.15 3.47 -9.52
N GLY B 224 -21.32 3.18 -10.07
CA GLY B 224 -22.56 3.59 -9.50
C GLY B 224 -22.99 4.98 -9.90
N ASP B 225 -22.37 5.55 -10.94
CA ASP B 225 -22.56 6.97 -11.29
C ASP B 225 -23.41 7.16 -12.53
N ALA B 226 -24.18 6.15 -12.92
CA ALA B 226 -25.15 6.26 -14.00
C ALA B 226 -26.54 5.83 -13.54
N ILE B 227 -26.85 6.06 -12.28
CA ILE B 227 -28.10 5.66 -11.66
C ILE B 227 -29.08 6.83 -11.65
N GLY B 228 -30.36 6.53 -11.84
CA GLY B 228 -31.42 7.49 -11.49
C GLY B 228 -31.32 8.75 -12.31
N ASN B 229 -31.06 9.88 -11.64
CA ASN B 229 -31.03 11.17 -12.31
C ASN B 229 -29.76 11.40 -13.13
N GLN B 230 -28.87 10.41 -13.21
CA GLN B 230 -27.69 10.50 -14.05
C GLN B 230 -27.80 9.68 -15.32
N THR B 231 -28.73 8.73 -15.46
CA THR B 231 -28.61 7.75 -16.55
C THR B 231 -28.69 8.41 -17.93
N ARG B 232 -29.74 9.18 -18.16
CA ARG B 232 -29.92 9.85 -19.46
C ARG B 232 -28.73 10.75 -19.75
N HIS B 233 -28.30 11.51 -18.74
CA HIS B 233 -27.16 12.41 -18.86
C HIS B 233 -25.93 11.64 -19.40
N ARG B 234 -25.64 10.49 -18.79
CA ARG B 234 -24.49 9.71 -19.23
C ARG B 234 -24.64 9.24 -20.65
N LEU B 235 -25.83 8.73 -21.01
CA LEU B 235 -26.02 8.14 -22.32
C LEU B 235 -25.95 9.18 -23.42
N LEU B 236 -26.44 10.38 -23.16
CA LEU B 236 -26.31 11.45 -24.16
C LEU B 236 -24.84 11.75 -24.44
N ALA B 237 -24.04 11.92 -23.40
CA ALA B 237 -22.64 12.28 -23.62
C ALA B 237 -21.87 11.13 -24.24
N PHE B 238 -22.10 9.91 -23.79
CA PHE B 238 -21.44 8.73 -24.34
C PHE B 238 -21.73 8.62 -25.83
N SER B 239 -23.01 8.69 -26.21
CA SER B 239 -23.34 8.49 -27.62
C SER B 239 -22.76 9.62 -28.49
N HIS B 240 -22.81 10.84 -27.98
CA HIS B 240 -22.31 11.97 -28.77
C HIS B 240 -20.79 11.99 -28.89
N GLN B 241 -20.06 11.71 -27.81
CA GLN B 241 -18.60 11.76 -27.89
C GLN B 241 -18.02 10.47 -28.46
N GLY B 242 -18.52 9.32 -28.02
CA GLY B 242 -17.92 8.04 -28.32
C GLY B 242 -18.48 7.30 -29.53
N LEU B 243 -19.75 7.56 -29.88
CA LEU B 243 -20.44 6.81 -30.92
C LEU B 243 -20.84 7.68 -32.11
N ASN B 244 -20.23 8.84 -32.26
CA ASN B 244 -20.45 9.67 -33.44
C ASN B 244 -21.93 9.92 -33.70
N ALA B 245 -22.70 10.14 -32.63
CA ALA B 245 -24.13 10.34 -32.79
C ALA B 245 -24.39 11.51 -33.74
N ASN B 246 -25.32 11.30 -34.67
CA ASN B 246 -25.74 12.33 -35.62
C ASN B 246 -24.58 12.83 -36.48
N ASN B 247 -23.48 12.09 -36.53
CA ASN B 247 -22.28 12.48 -37.27
C ASN B 247 -21.69 13.78 -36.75
N MET B 248 -22.00 14.19 -35.51
CA MET B 248 -21.48 15.48 -35.03
CA MET B 248 -21.48 15.47 -35.03
C MET B 248 -19.95 15.47 -34.98
N VAL B 249 -19.35 14.40 -34.43
CA VAL B 249 -17.88 14.36 -34.34
C VAL B 249 -17.26 14.31 -35.72
N TYR B 250 -17.59 13.29 -36.52
CA TYR B 250 -16.86 13.15 -37.77
C TYR B 250 -17.20 14.26 -38.74
N GLY B 251 -18.47 14.60 -38.85
CA GLY B 251 -18.87 15.61 -39.81
C GLY B 251 -18.24 16.96 -39.51
N THR B 252 -18.18 17.34 -38.23
CA THR B 252 -17.58 18.62 -37.88
C THR B 252 -16.08 18.57 -38.07
N THR B 253 -15.46 17.45 -37.70
CA THR B 253 -14.03 17.29 -37.94
C THR B 253 -13.69 17.46 -39.42
N LYS B 254 -14.49 16.85 -40.29
CA LYS B 254 -14.28 17.00 -41.73
C LYS B 254 -14.44 18.46 -42.14
N ALA B 255 -15.51 19.11 -41.69
CA ALA B 255 -15.74 20.49 -42.08
C ALA B 255 -14.61 21.40 -41.65
N LEU B 256 -14.04 21.15 -40.47
CA LEU B 256 -13.01 22.00 -39.86
C LEU B 256 -11.60 21.49 -40.12
N GLY B 257 -11.45 20.42 -40.90
CA GLY B 257 -10.19 19.72 -40.98
C GLY B 257 -9.08 20.41 -41.74
N LYS B 258 -9.38 21.42 -42.55
CA LYS B 258 -8.35 22.15 -43.28
C LYS B 258 -7.93 23.43 -42.60
N THR B 259 -8.86 24.19 -42.04
CA THR B 259 -8.53 25.50 -41.49
C THR B 259 -8.91 25.67 -40.02
N GLY B 260 -9.53 24.70 -39.39
CA GLY B 260 -10.07 24.91 -38.08
C GLY B 260 -9.04 24.80 -36.96
N THR B 261 -9.31 25.59 -35.91
CA THR B 261 -8.54 25.62 -34.67
C THR B 261 -9.42 25.11 -33.53
N ILE B 262 -8.81 25.01 -32.34
CA ILE B 262 -9.62 24.73 -31.14
C ILE B 262 -10.79 25.72 -31.06
N GLY B 263 -10.51 26.99 -31.29
CA GLY B 263 -11.57 28.00 -31.28
C GLY B 263 -12.65 27.74 -32.31
N SER B 264 -12.27 27.30 -33.51
CA SER B 264 -13.29 26.97 -34.51
C SER B 264 -14.23 25.89 -33.98
N ALA B 265 -13.68 24.89 -33.29
CA ALA B 265 -14.51 23.81 -32.75
C ALA B 265 -15.45 24.33 -31.68
N VAL B 266 -14.96 25.22 -30.81
CA VAL B 266 -15.80 25.84 -29.80
C VAL B 266 -16.97 26.55 -30.48
N HIS B 267 -16.64 27.40 -31.46
CA HIS B 267 -17.69 28.19 -32.12
C HIS B 267 -18.69 27.29 -32.85
N ALA B 268 -18.20 26.21 -33.46
CA ALA B 268 -19.11 25.29 -34.16
C ALA B 268 -20.07 24.65 -33.19
N CYS B 269 -19.61 24.32 -31.98
CA CYS B 269 -20.46 23.68 -30.99
C CYS B 269 -21.53 24.66 -30.51
N VAL B 270 -21.17 25.91 -30.24
CA VAL B 270 -22.14 26.92 -29.86
C VAL B 270 -23.15 27.12 -30.98
N GLU B 271 -22.66 27.25 -32.20
CA GLU B 271 -23.53 27.48 -33.35
C GLU B 271 -24.55 26.35 -33.49
N LYS B 272 -24.09 25.12 -33.36
CA LYS B 272 -24.98 23.96 -33.52
C LYS B 272 -26.00 23.90 -32.40
N ALA B 273 -25.56 24.20 -31.17
CA ALA B 273 -26.48 24.19 -30.04
C ALA B 273 -27.57 25.24 -30.21
N ILE B 274 -27.24 26.41 -30.75
CA ILE B 274 -28.26 27.43 -31.01
C ILE B 274 -29.20 26.94 -32.09
N ALA B 275 -28.65 26.42 -33.19
CA ALA B 275 -29.49 25.99 -34.32
C ALA B 275 -30.43 24.88 -33.90
N ASP B 276 -29.99 24.00 -33.01
CA ASP B 276 -30.79 22.85 -32.59
C ASP B 276 -31.67 23.18 -31.39
N LYS B 277 -31.68 24.44 -30.95
CA LYS B 277 -32.56 24.90 -29.87
C LYS B 277 -32.21 24.27 -28.52
N VAL B 278 -30.94 23.92 -28.34
CA VAL B 278 -30.42 23.41 -27.06
C VAL B 278 -30.07 24.58 -26.13
N ILE B 279 -29.55 25.66 -26.69
CA ILE B 279 -29.28 26.89 -25.94
C ILE B 279 -29.89 28.06 -26.69
N SER B 280 -30.10 29.15 -25.95
CA SER B 280 -30.60 30.39 -26.54
C SER B 280 -30.14 31.56 -25.69
N ALA B 281 -30.17 32.74 -26.29
CA ALA B 281 -29.73 33.94 -25.58
C ALA B 281 -30.60 34.19 -24.37
N ASP B 282 -29.96 34.63 -23.29
CA ASP B 282 -30.61 34.88 -22.01
C ASP B 282 -30.51 36.36 -21.68
N LYS B 283 -29.45 36.81 -21.03
CA LYS B 283 -29.34 38.18 -20.56
C LYS B 283 -28.27 38.95 -21.34
N LYS B 284 -28.66 40.09 -21.89
CA LYS B 284 -27.77 40.96 -22.65
C LYS B 284 -27.16 42.01 -21.72
N PHE B 285 -25.86 41.96 -21.55
CA PHE B 285 -25.14 42.96 -20.77
C PHE B 285 -24.97 44.23 -21.59
N ALA B 286 -24.59 45.31 -20.90
CA ALA B 286 -24.45 46.61 -21.55
C ALA B 286 -23.42 46.60 -22.68
N SER B 287 -22.35 45.79 -22.55
CA SER B 287 -21.35 45.73 -23.60
C SER B 287 -21.87 45.08 -24.88
N GLY B 288 -23.00 44.41 -24.82
CA GLY B 288 -23.52 43.61 -25.89
C GLY B 288 -23.31 42.12 -25.70
N TYR B 289 -22.42 41.73 -24.78
CA TYR B 289 -22.26 40.31 -24.47
C TYR B 289 -23.55 39.77 -23.91
N THR B 290 -23.93 38.58 -24.38
CA THR B 290 -25.15 37.93 -23.91
CA THR B 290 -25.15 37.93 -23.92
C THR B 290 -24.84 36.58 -23.29
N THR B 291 -25.36 36.37 -22.09
CA THR B 291 -25.31 35.03 -21.53
C THR B 291 -26.28 34.14 -22.30
N TYR B 292 -26.04 32.84 -22.25
CA TYR B 292 -26.93 31.84 -22.84
C TYR B 292 -27.56 31.00 -21.73
N LYS B 293 -28.76 30.51 -22.02
CA LYS B 293 -29.45 29.55 -21.18
C LYS B 293 -29.63 28.26 -21.96
N THR B 294 -29.89 27.16 -21.24
CA THR B 294 -30.22 25.89 -21.86
C THR B 294 -31.48 25.34 -21.21
N ASN B 295 -32.26 24.61 -22.00
CA ASN B 295 -33.38 23.85 -21.46
C ASN B 295 -33.07 22.35 -21.38
N ASP B 296 -31.81 21.94 -21.61
CA ASP B 296 -31.49 20.52 -21.59
C ASP B 296 -29.98 20.42 -21.32
N VAL B 297 -29.66 20.38 -20.04
CA VAL B 297 -28.26 20.28 -19.61
C VAL B 297 -27.61 19.04 -20.19
N GLY B 298 -28.35 17.93 -20.22
CA GLY B 298 -27.78 16.70 -20.74
C GLY B 298 -27.35 16.85 -22.19
N LYS B 299 -28.20 17.51 -22.97
CA LYS B 299 -27.84 17.72 -24.41
CA LYS B 299 -27.88 17.73 -24.40
C LYS B 299 -26.70 18.74 -24.61
N TRP B 300 -26.76 19.86 -23.86
CA TRP B 300 -25.68 20.83 -23.96
C TRP B 300 -24.35 20.17 -23.60
N ASN B 301 -24.33 19.43 -22.50
CA ASN B 301 -23.11 18.76 -22.06
C ASN B 301 -22.62 17.80 -23.12
N ALA B 302 -23.55 17.06 -23.76
CA ALA B 302 -23.18 16.11 -24.79
C ALA B 302 -22.61 16.79 -26.02
N TYR B 303 -23.18 17.95 -26.39
CA TYR B 303 -22.61 18.71 -27.49
C TYR B 303 -21.20 19.15 -27.16
N CYS B 304 -20.97 19.63 -25.93
CA CYS B 304 -19.62 19.98 -25.51
C CYS B 304 -18.69 18.78 -25.55
N ALA B 305 -19.17 17.60 -25.17
CA ALA B 305 -18.32 16.40 -25.20
C ALA B 305 -17.90 16.08 -26.63
N ALA B 306 -18.85 16.14 -27.56
CA ALA B 306 -18.54 15.92 -28.96
C ALA B 306 -17.56 16.96 -29.48
N GLY B 307 -17.81 18.23 -29.17
CA GLY B 307 -16.92 19.30 -29.64
C GLY B 307 -15.51 19.19 -29.12
N THR B 308 -15.36 18.67 -27.91
CA THR B 308 -14.05 18.46 -27.32
C THR B 308 -13.27 17.43 -28.15
N LEU B 309 -13.94 16.37 -28.58
CA LEU B 309 -13.29 15.40 -29.45
C LEU B 309 -13.00 15.99 -30.83
N VAL B 310 -13.94 16.76 -31.41
CA VAL B 310 -13.66 17.44 -32.67
C VAL B 310 -12.37 18.26 -32.55
N ALA B 311 -12.29 19.08 -31.49
CA ALA B 311 -11.12 19.92 -31.30
C ALA B 311 -9.84 19.10 -31.21
N THR B 312 -9.90 17.96 -30.51
CA THR B 312 -8.75 17.07 -30.40
C THR B 312 -8.34 16.59 -31.79
N LEU B 313 -9.32 16.08 -32.54
CA LEU B 313 -9.03 15.50 -33.86
C LEU B 313 -8.41 16.53 -34.79
N ILE B 314 -8.94 17.76 -34.83
CA ILE B 314 -8.40 18.73 -35.76
C ILE B 314 -7.09 19.33 -35.26
N ASN B 315 -6.90 19.50 -33.95
CA ASN B 315 -5.70 20.15 -33.45
C ASN B 315 -4.53 19.17 -33.36
N CYS B 316 -4.75 18.00 -32.73
CA CYS B 316 -3.74 16.97 -32.70
C CYS B 316 -3.54 16.37 -34.08
N GLY B 317 -4.60 16.26 -34.88
CA GLY B 317 -4.42 15.81 -36.25
C GLY B 317 -3.57 16.75 -37.07
N ALA B 318 -3.72 18.06 -36.86
CA ALA B 318 -2.87 19.03 -37.56
C ALA B 318 -1.41 18.85 -37.18
N GLN B 319 -1.12 18.62 -35.88
CA GLN B 319 0.25 18.38 -35.45
C GLN B 319 0.78 17.00 -35.85
N ARG B 320 -0.12 16.06 -36.20
CA ARG B 320 0.20 14.64 -36.32
C ARG B 320 1.03 14.18 -35.12
N ALA B 321 0.53 14.50 -33.93
CA ALA B 321 1.22 14.23 -32.67
C ALA B 321 0.18 14.24 -31.57
N PRO B 322 0.42 13.58 -30.42
CA PRO B 322 -0.64 13.53 -29.41
CA PRO B 322 -0.63 13.53 -29.40
C PRO B 322 -0.57 14.57 -28.31
N GLN B 323 0.58 15.22 -28.05
CA GLN B 323 0.76 15.94 -26.79
C GLN B 323 -0.27 17.04 -26.56
N ALA B 324 -0.75 17.68 -27.62
CA ALA B 324 -1.64 18.81 -27.44
C ALA B 324 -3.00 18.42 -26.89
N VAL B 325 -3.33 17.14 -26.78
CA VAL B 325 -4.65 16.80 -26.30
C VAL B 325 -4.91 17.38 -24.92
N SER B 326 -3.87 17.47 -24.08
CA SER B 326 -4.07 18.03 -22.74
C SER B 326 -4.55 19.47 -22.80
N SER B 327 -3.94 20.26 -23.67
CA SER B 327 -4.36 21.65 -23.78
CA SER B 327 -4.33 21.66 -23.84
CA SER B 327 -4.33 21.65 -23.82
C SER B 327 -5.69 21.79 -24.52
N VAL B 328 -5.97 20.93 -25.50
CA VAL B 328 -7.27 20.96 -26.17
C VAL B 328 -8.39 20.76 -25.17
N LEU B 329 -8.26 19.72 -24.36
CA LEU B 329 -9.28 19.39 -23.37
CA LEU B 329 -9.31 19.42 -23.40
C LEU B 329 -9.53 20.58 -22.45
N LEU B 330 -8.47 21.32 -22.09
CA LEU B 330 -8.58 22.45 -21.18
C LEU B 330 -9.26 23.63 -21.87
N TYR B 331 -8.67 24.07 -22.98
CA TYR B 331 -9.07 25.32 -23.59
C TYR B 331 -10.41 25.23 -24.33
N PHE B 332 -10.82 24.06 -24.82
CA PHE B 332 -12.18 23.97 -25.35
C PHE B 332 -13.18 24.40 -24.27
N GLN B 333 -13.01 23.88 -23.06
CA GLN B 333 -13.98 24.18 -22.00
C GLN B 333 -13.89 25.63 -21.57
N ASP B 334 -12.66 26.11 -21.33
CA ASP B 334 -12.49 27.47 -20.82
C ASP B 334 -13.08 28.45 -21.82
N LEU B 335 -12.75 28.28 -23.10
CA LEU B 335 -13.26 29.15 -24.14
C LEU B 335 -14.77 29.05 -24.30
N ILE B 336 -15.35 27.85 -24.24
CA ILE B 336 -16.80 27.77 -24.45
C ILE B 336 -17.55 28.41 -23.29
N GLU B 337 -17.03 28.30 -22.07
CA GLU B 337 -17.62 28.99 -20.94
C GLU B 337 -17.54 30.50 -21.12
N LYS B 338 -16.39 31.01 -21.55
CA LYS B 338 -16.25 32.44 -21.77
C LYS B 338 -17.18 32.91 -22.87
N GLU B 339 -17.41 32.06 -23.89
CA GLU B 339 -18.26 32.41 -25.02
C GLU B 339 -19.74 32.43 -24.65
N THR B 340 -20.18 31.60 -23.69
CA THR B 340 -21.60 31.38 -23.45
C THR B 340 -22.08 31.69 -22.03
N SER B 341 -21.19 31.69 -21.06
CA SER B 341 -21.52 31.72 -19.65
C SER B 341 -22.29 30.49 -19.17
N LEU B 342 -22.21 29.38 -19.93
CA LEU B 342 -22.70 28.08 -19.49
C LEU B 342 -21.49 27.20 -19.13
N PRO B 343 -21.65 26.25 -18.21
CA PRO B 343 -20.55 25.33 -17.89
C PRO B 343 -20.11 24.52 -19.09
N GLY B 344 -18.81 24.25 -19.14
CA GLY B 344 -18.21 23.40 -20.13
C GLY B 344 -18.45 21.92 -19.85
N CYS B 345 -17.75 21.06 -20.59
CA CYS B 345 -18.08 19.64 -20.56
C CYS B 345 -17.81 19.07 -19.16
N ASP B 346 -18.79 18.39 -18.61
CA ASP B 346 -18.67 17.78 -17.29
C ASP B 346 -18.51 18.84 -16.19
N PHE B 347 -18.96 20.05 -16.46
CA PHE B 347 -19.19 21.07 -15.44
C PHE B 347 -17.90 21.53 -14.77
N GLY B 348 -16.80 21.47 -15.49
CA GLY B 348 -15.49 21.81 -14.97
C GLY B 348 -14.56 20.61 -14.87
N LYS B 349 -15.09 19.38 -14.88
CA LYS B 349 -14.25 18.22 -14.60
CA LYS B 349 -14.25 18.22 -14.60
C LYS B 349 -13.36 17.81 -15.77
N VAL B 350 -13.81 18.02 -17.03
CA VAL B 350 -12.87 17.82 -18.13
C VAL B 350 -11.75 18.86 -18.05
N GLN B 351 -12.13 20.13 -17.85
CA GLN B 351 -11.12 21.18 -17.73
C GLN B 351 -10.13 20.87 -16.61
N GLY B 352 -10.63 20.44 -15.46
CA GLY B 352 -9.75 20.16 -14.34
C GLY B 352 -8.83 19.01 -14.60
N ALA B 353 -9.39 17.89 -15.11
CA ALA B 353 -8.52 16.79 -15.50
C ALA B 353 -7.45 17.28 -16.47
N ALA B 354 -7.83 18.15 -17.41
CA ALA B 354 -6.91 18.64 -18.43
C ALA B 354 -5.81 19.52 -17.85
N VAL B 355 -6.12 20.33 -16.83
CA VAL B 355 -5.11 21.13 -16.14
C VAL B 355 -4.03 20.22 -15.57
N GLY B 356 -4.45 19.22 -14.81
CA GLY B 356 -3.46 18.34 -14.21
C GLY B 356 -2.74 17.49 -15.23
N PHE B 357 -3.45 17.06 -16.27
CA PHE B 357 -2.86 16.27 -17.33
C PHE B 357 -1.82 17.08 -18.10
N SER B 358 -2.12 18.34 -18.40
CA SER B 358 -1.14 19.20 -19.05
C SER B 358 0.12 19.26 -18.18
N PHE B 359 -0.05 19.56 -16.90
CA PHE B 359 1.07 19.63 -15.96
C PHE B 359 1.87 18.34 -15.93
N PHE B 360 1.17 17.20 -15.78
CA PHE B 360 1.83 15.88 -15.65
C PHE B 360 2.22 15.31 -17.01
N SER B 361 2.18 16.09 -18.09
CA SER B 361 2.75 15.64 -19.35
C SER B 361 3.79 16.63 -19.85
N HIS B 362 4.12 17.65 -19.03
CA HIS B 362 5.09 18.67 -19.40
C HIS B 362 5.98 19.06 -18.22
N SER B 363 6.12 18.20 -17.20
CA SER B 363 6.83 18.55 -15.98
C SER B 363 7.68 17.37 -15.46
N ILE B 364 8.42 17.63 -14.39
CA ILE B 364 9.31 16.62 -13.84
C ILE B 364 8.61 15.60 -12.95
N TYR B 365 7.34 15.85 -12.57
CA TYR B 365 6.83 15.21 -11.34
C TYR B 365 6.23 13.82 -11.52
N GLY B 366 5.87 13.44 -12.74
CA GLY B 366 5.19 12.17 -12.97
C GLY B 366 4.52 12.24 -14.33
N GLY B 367 3.56 11.32 -14.51
CA GLY B 367 2.86 11.26 -15.80
C GLY B 367 3.74 10.77 -16.91
N GLY B 368 3.81 11.51 -18.00
CA GLY B 368 4.51 11.13 -19.22
C GLY B 368 3.75 11.67 -20.42
N GLY B 369 3.95 11.06 -21.57
CA GLY B 369 3.15 11.42 -22.72
C GLY B 369 1.71 10.94 -22.59
N PRO B 370 0.81 11.43 -23.44
CA PRO B 370 -0.59 11.00 -23.40
C PRO B 370 -0.78 9.50 -23.36
N GLY B 371 0.09 8.76 -24.04
CA GLY B 371 -0.10 7.33 -24.14
C GLY B 371 -0.07 6.55 -22.85
N VAL B 372 0.49 7.10 -21.78
CA VAL B 372 0.56 6.37 -20.51
C VAL B 372 -0.67 6.60 -19.64
N PHE B 373 -1.52 7.54 -20.00
CA PHE B 373 -2.69 7.86 -19.20
C PHE B 373 -3.84 6.90 -19.49
N ASN B 374 -4.85 6.95 -18.64
CA ASN B 374 -6.00 6.06 -18.68
C ASN B 374 -7.02 6.59 -17.67
N GLY B 375 -8.20 6.02 -17.71
CA GLY B 375 -9.26 6.48 -16.83
C GLY B 375 -9.05 6.17 -15.35
N ASN B 376 -8.13 5.27 -15.00
CA ASN B 376 -7.76 4.99 -13.62
C ASN B 376 -6.54 5.78 -13.17
N HIS B 377 -5.87 6.51 -14.06
CA HIS B 377 -4.68 7.25 -13.66
C HIS B 377 -5.11 8.37 -12.73
N VAL B 378 -4.37 8.57 -11.64
CA VAL B 378 -4.72 9.61 -10.68
C VAL B 378 -4.90 10.95 -11.35
N VAL B 379 -4.16 11.22 -12.44
CA VAL B 379 -4.23 12.53 -13.08
C VAL B 379 -5.50 12.71 -13.90
N THR B 380 -5.88 11.67 -14.65
CA THR B 380 -6.91 11.79 -15.68
C THR B 380 -8.22 11.12 -15.32
N ARG B 381 -8.39 10.65 -14.06
CA ARG B 381 -9.61 9.93 -13.68
C ARG B 381 -10.83 10.82 -13.52
N HIS B 382 -10.67 12.14 -13.39
CA HIS B 382 -11.66 12.97 -12.71
C HIS B 382 -12.92 13.27 -13.51
N SER B 383 -12.86 13.30 -14.83
CA SER B 383 -14.08 13.35 -15.63
C SER B 383 -14.79 12.02 -15.58
N LYS B 384 -16.12 12.07 -15.64
CA LYS B 384 -16.95 10.87 -15.71
C LYS B 384 -17.00 10.40 -17.17
N GLY B 385 -15.84 9.96 -17.65
CA GLY B 385 -15.73 9.26 -18.92
C GLY B 385 -15.52 10.10 -20.17
N LEU B 386 -15.37 11.43 -20.07
CA LEU B 386 -15.44 12.33 -21.22
C LEU B 386 -14.10 12.96 -21.59
N ALA B 387 -13.02 12.51 -20.98
CA ALA B 387 -11.68 13.02 -21.28
C ALA B 387 -10.78 12.00 -21.97
N VAL B 388 -10.64 10.82 -21.38
CA VAL B 388 -9.67 9.85 -21.87
C VAL B 388 -9.97 9.40 -23.30
N PRO B 389 -11.21 9.32 -23.77
CA PRO B 389 -11.39 8.95 -25.20
C PRO B 389 -10.67 9.88 -26.16
N CYS B 390 -10.62 11.17 -25.81
CA CYS B 390 -9.86 12.14 -26.59
C CYS B 390 -8.37 11.85 -26.54
N VAL B 391 -7.88 11.45 -25.37
CA VAL B 391 -6.46 11.12 -25.21
C VAL B 391 -6.10 9.96 -26.13
N ALA B 392 -6.91 8.91 -26.12
CA ALA B 392 -6.64 7.75 -26.94
C ALA B 392 -6.67 8.10 -28.43
N ALA B 393 -7.66 8.88 -28.86
CA ALA B 393 -7.70 9.33 -30.25
C ALA B 393 -6.45 10.12 -30.63
N ALA B 394 -5.98 10.99 -29.74
CA ALA B 394 -4.78 11.78 -30.03
C ALA B 394 -3.56 10.89 -30.21
N VAL B 395 -3.44 9.84 -29.39
CA VAL B 395 -2.33 8.90 -29.56
C VAL B 395 -2.37 8.28 -30.94
N ALA B 396 -3.57 7.90 -31.39
CA ALA B 396 -3.72 7.27 -32.70
C ALA B 396 -3.18 8.14 -33.82
N LEU B 397 -3.25 9.48 -33.67
CA LEU B 397 -2.85 10.45 -34.69
C LEU B 397 -1.34 10.73 -34.75
N ASP B 398 -0.54 10.10 -33.91
CA ASP B 398 0.90 10.37 -33.89
C ASP B 398 1.55 9.85 -35.18
N ALA B 399 2.32 10.70 -35.85
CA ALA B 399 3.13 10.27 -36.99
C ALA B 399 4.54 9.86 -36.62
N GLY B 400 4.93 10.05 -35.37
CA GLY B 400 6.24 9.62 -34.90
C GLY B 400 6.96 10.53 -33.92
N VAL B 401 6.21 11.30 -33.14
CA VAL B 401 6.83 12.22 -32.18
C VAL B 401 7.17 11.56 -30.85
N GLN B 402 6.29 10.71 -30.32
CA GLN B 402 6.49 10.23 -28.96
C GLN B 402 7.58 9.16 -28.91
N VAL B 403 8.31 9.15 -27.80
CA VAL B 403 9.24 8.07 -27.52
C VAL B 403 8.50 6.84 -27.02
N TYR B 404 7.67 7.01 -26.00
CA TYR B 404 6.93 5.87 -25.43
C TYR B 404 5.60 5.73 -26.17
N SER B 405 5.72 5.29 -27.41
CA SER B 405 4.63 5.07 -28.33
C SER B 405 4.02 3.69 -28.10
N PRO B 406 2.91 3.38 -28.80
CA PRO B 406 2.37 2.01 -28.69
C PRO B 406 3.33 0.95 -29.20
N GLU B 407 4.21 1.29 -30.12
CA GLU B 407 5.21 0.34 -30.58
C GLU B 407 6.16 -0.03 -29.45
N LYS B 408 6.40 0.89 -28.54
CA LYS B 408 7.29 0.64 -27.42
C LYS B 408 6.58 -0.01 -26.24
N THR B 409 5.31 0.32 -25.98
CA THR B 409 4.65 -0.11 -24.74
C THR B 409 3.62 -1.20 -24.92
N SER B 410 3.17 -1.45 -26.16
CA SER B 410 1.90 -2.16 -26.36
C SER B 410 1.95 -3.19 -27.47
N GLY B 411 3.13 -3.63 -27.88
CA GLY B 411 3.21 -4.52 -29.02
C GLY B 411 2.47 -5.84 -28.82
N LEU B 412 2.70 -6.52 -27.68
CA LEU B 412 2.06 -7.83 -27.49
C LEU B 412 0.54 -7.69 -27.40
N VAL B 413 0.06 -6.84 -26.49
CA VAL B 413 -1.38 -6.75 -26.32
C VAL B 413 -2.05 -6.12 -27.52
N GLY B 414 -1.38 -5.20 -28.21
CA GLY B 414 -1.97 -4.65 -29.41
C GLY B 414 -2.10 -5.68 -30.52
N ASP B 415 -1.07 -6.48 -30.72
CA ASP B 415 -1.09 -7.52 -31.75
C ASP B 415 -2.21 -8.51 -31.48
N VAL B 416 -2.39 -8.90 -30.23
CA VAL B 416 -3.39 -9.91 -29.90
C VAL B 416 -4.79 -9.32 -29.93
N PHE B 417 -5.02 -8.24 -29.18
CA PHE B 417 -6.36 -7.73 -29.05
C PHE B 417 -6.88 -7.12 -30.34
N SER B 418 -6.00 -6.57 -31.19
CA SER B 418 -6.44 -6.03 -32.47
C SER B 418 -6.95 -7.11 -33.41
N ALA B 419 -6.67 -8.39 -33.14
CA ALA B 419 -7.17 -9.47 -33.97
C ALA B 419 -8.66 -9.70 -33.81
N VAL B 420 -9.28 -9.14 -32.78
CA VAL B 420 -10.69 -9.33 -32.51
C VAL B 420 -11.47 -8.21 -33.18
N ASP B 421 -12.31 -8.57 -34.17
CA ASP B 421 -12.99 -7.58 -34.98
C ASP B 421 -13.79 -6.58 -34.14
N GLU B 422 -14.58 -7.05 -33.16
CA GLU B 422 -15.42 -6.12 -32.42
C GLU B 422 -14.60 -5.16 -31.56
N PHE B 423 -13.42 -5.59 -31.08
CA PHE B 423 -12.57 -4.63 -30.33
C PHE B 423 -12.00 -3.60 -31.27
N ARG B 424 -11.52 -4.03 -32.42
CA ARG B 424 -10.83 -3.15 -33.35
C ARG B 424 -11.79 -2.18 -34.04
N GLU B 425 -13.02 -2.63 -34.29
CA GLU B 425 -14.03 -1.90 -35.06
C GLU B 425 -15.32 -1.78 -34.23
N PRO B 426 -15.26 -1.05 -33.12
CA PRO B 426 -16.40 -1.06 -32.19
C PRO B 426 -17.59 -0.24 -32.64
N ILE B 427 -17.38 0.82 -33.40
CA ILE B 427 -18.53 1.63 -33.85
C ILE B 427 -19.45 0.76 -34.68
N LYS B 428 -18.88 0.02 -35.62
CA LYS B 428 -19.64 -0.91 -36.46
C LYS B 428 -20.37 -1.92 -35.60
N ALA B 429 -19.71 -2.46 -34.58
CA ALA B 429 -20.33 -3.48 -33.75
C ALA B 429 -21.52 -2.93 -32.98
N VAL B 430 -21.35 -1.77 -32.33
CA VAL B 430 -22.43 -1.20 -31.53
C VAL B 430 -23.65 -0.90 -32.39
N ALA B 431 -23.44 -0.30 -33.57
CA ALA B 431 -24.56 0.01 -34.46
C ALA B 431 -25.20 -1.27 -34.98
N GLY B 432 -24.40 -2.31 -35.21
CA GLY B 432 -24.92 -3.55 -35.71
C GLY B 432 -25.81 -4.28 -34.73
N ALA B 433 -25.75 -3.89 -33.45
CA ALA B 433 -26.52 -4.52 -32.38
C ALA B 433 -27.85 -3.83 -32.14
N VAL B 434 -28.17 -2.79 -32.90
CA VAL B 434 -29.46 -2.12 -32.81
C VAL B 434 -30.21 -2.18 -34.15
N ALA C 2 -23.25 32.66 -40.14
CA ALA C 2 -23.28 31.41 -39.35
C ALA C 2 -23.22 31.61 -37.84
N TYR C 3 -22.04 31.96 -37.30
CA TYR C 3 -21.97 32.35 -35.88
C TYR C 3 -20.90 33.43 -35.68
N LYS C 4 -21.33 34.54 -35.05
CA LYS C 4 -20.38 35.64 -34.77
C LYS C 4 -19.91 35.54 -33.32
N PRO C 5 -18.64 35.16 -33.07
CA PRO C 5 -18.25 34.99 -31.67
C PRO C 5 -18.26 36.31 -30.90
N GLN C 6 -18.60 36.22 -29.60
CA GLN C 6 -18.55 37.40 -28.68
C GLN C 6 -17.34 37.30 -27.75
N TYR C 7 -16.75 36.13 -27.55
CA TYR C 7 -15.46 35.88 -26.89
C TYR C 7 -15.46 35.98 -25.36
N TYR C 8 -15.92 37.10 -24.80
CA TYR C 8 -15.67 37.41 -23.39
C TYR C 8 -16.49 38.62 -23.01
N PRO C 9 -17.02 38.69 -21.79
CA PRO C 9 -17.78 39.87 -21.36
C PRO C 9 -16.87 41.04 -21.00
N GLY C 10 -17.51 42.14 -20.64
CA GLY C 10 -16.82 43.27 -20.06
C GLY C 10 -16.76 44.48 -20.97
N SER C 11 -16.76 45.67 -20.35
CA SER C 11 -16.73 46.91 -21.10
C SER C 11 -15.49 47.77 -20.80
N THR C 12 -14.60 47.33 -19.92
CA THR C 12 -13.42 48.10 -19.60
C THR C 12 -12.38 47.94 -20.71
N SER C 13 -11.33 48.79 -20.65
CA SER C 13 -10.24 48.63 -21.62
C SER C 13 -9.62 47.24 -21.51
N VAL C 14 -9.49 46.73 -20.29
CA VAL C 14 -8.92 45.39 -20.08
C VAL C 14 -9.73 44.34 -20.84
N ALA C 15 -11.06 44.37 -20.70
CA ALA C 15 -11.88 43.40 -21.41
C ALA C 15 -11.79 43.57 -22.91
N LYS C 16 -11.76 44.83 -23.38
CA LYS C 16 -11.63 45.08 -24.81
C LYS C 16 -10.29 44.53 -25.32
N ASN C 17 -9.22 44.73 -24.56
CA ASN C 17 -7.91 44.20 -24.95
C ASN C 17 -7.91 42.69 -24.95
N ARG C 18 -8.58 42.08 -23.97
CA ARG C 18 -8.72 40.63 -23.95
C ARG C 18 -9.41 40.12 -25.21
N ARG C 19 -10.48 40.80 -25.65
CA ARG C 19 -11.13 40.40 -26.89
C ARG C 19 -10.23 40.59 -28.10
N LYS C 20 -9.40 41.65 -28.11
CA LYS C 20 -8.43 41.83 -29.19
C LYS C 20 -7.47 40.65 -29.26
N PHE C 21 -6.92 40.21 -28.11
CA PHE C 21 -6.04 39.05 -28.14
C PHE C 21 -6.78 37.84 -28.70
N MET C 22 -7.99 37.58 -28.20
CA MET C 22 -8.76 36.40 -28.60
C MET C 22 -9.01 36.37 -30.10
N SER C 23 -9.28 37.54 -30.68
CA SER C 23 -9.62 37.64 -32.09
C SER C 23 -8.42 37.93 -32.99
N ASP C 24 -7.21 38.02 -32.43
CA ASP C 24 -5.99 38.37 -33.21
C ASP C 24 -6.11 39.78 -33.79
N ASP C 25 -6.92 40.65 -33.20
CA ASP C 25 -7.04 42.06 -33.61
C ASP C 25 -6.04 42.89 -32.84
N VAL C 26 -4.76 42.63 -33.10
CA VAL C 26 -3.65 43.24 -32.37
C VAL C 26 -2.73 43.94 -33.37
N GLU C 27 -2.24 45.09 -32.95
CA GLU C 27 -1.40 45.95 -33.79
C GLU C 27 0.03 45.45 -33.84
N LYS C 28 0.63 45.46 -35.03
CA LYS C 28 2.05 45.20 -35.16
C LYS C 28 2.81 46.42 -34.66
N MET C 29 3.70 46.22 -33.70
CA MET C 29 4.44 47.31 -33.07
CA MET C 29 4.44 47.33 -33.08
C MET C 29 5.89 47.40 -33.51
N ARG C 30 6.45 46.32 -34.02
CA ARG C 30 7.88 46.23 -34.29
C ARG C 30 8.08 45.09 -35.27
N ASP C 31 9.23 45.11 -35.94
CA ASP C 31 9.57 44.07 -36.89
C ASP C 31 10.72 43.23 -36.33
N ILE C 32 10.63 41.91 -36.47
CA ILE C 32 11.70 41.00 -36.07
C ILE C 32 11.97 40.09 -37.27
N SER C 33 13.19 40.08 -37.76
CA SER C 33 13.50 39.24 -38.92
C SER C 33 13.42 37.75 -38.55
N ASP C 34 13.25 36.93 -39.57
CA ASP C 34 13.17 35.50 -39.32
C ASP C 34 14.45 35.00 -38.67
N GLU C 35 15.60 35.45 -39.14
CA GLU C 35 16.86 34.96 -38.57
C GLU C 35 17.06 35.47 -37.15
N ASP C 36 16.68 36.73 -36.88
CA ASP C 36 16.76 37.24 -35.51
C ASP C 36 15.88 36.42 -34.56
N LEU C 37 14.66 36.10 -34.99
CA LEU C 37 13.78 35.31 -34.14
C LEU C 37 14.37 33.93 -33.90
N THR C 38 14.85 33.27 -34.95
CA THR C 38 15.45 31.96 -34.77
C THR C 38 16.60 32.02 -33.78
N ALA C 39 17.42 33.08 -33.84
CA ALA C 39 18.52 33.23 -32.90
C ALA C 39 18.01 33.34 -31.47
N LEU C 40 16.93 34.09 -31.25
CA LEU C 40 16.39 34.23 -29.91
C LEU C 40 15.82 32.91 -29.39
N LEU C 41 15.23 32.12 -30.27
CA LEU C 41 14.58 30.87 -29.85
C LEU C 41 15.58 29.79 -29.45
N GLY C 42 16.74 29.75 -30.11
CA GLY C 42 17.83 28.89 -29.70
C GLY C 42 17.77 27.44 -30.11
N HIS C 43 16.93 27.05 -31.09
CA HIS C 43 16.75 25.65 -31.45
C HIS C 43 17.58 25.20 -32.65
N ARG C 44 18.06 26.11 -33.47
CA ARG C 44 18.89 25.78 -34.64
C ARG C 44 19.58 27.06 -35.09
N ALA C 45 20.59 26.91 -35.92
CA ALA C 45 21.30 28.09 -36.40
C ALA C 45 20.37 28.92 -37.28
N PRO C 46 20.41 30.25 -37.18
CA PRO C 46 19.61 31.09 -38.07
C PRO C 46 19.84 30.73 -39.53
N GLY C 47 18.75 30.62 -40.26
CA GLY C 47 18.78 30.32 -41.68
C GLY C 47 18.94 28.87 -42.02
N SER C 48 19.16 28.00 -41.05
CA SER C 48 19.41 26.59 -41.33
C SER C 48 18.12 25.82 -41.54
N ASP C 49 18.24 24.67 -42.17
CA ASP C 49 17.07 23.82 -42.37
C ASP C 49 16.52 23.37 -41.02
N TYR C 50 15.21 23.14 -40.95
CA TYR C 50 14.59 22.64 -39.73
CA TYR C 50 14.60 22.65 -39.72
C TYR C 50 14.98 21.18 -39.53
N PRO C 51 15.55 20.81 -38.40
CA PRO C 51 15.79 19.39 -38.14
C PRO C 51 14.49 18.62 -38.12
N SER C 52 14.58 17.33 -38.34
CA SER C 52 13.40 16.48 -38.25
CA SER C 52 13.41 16.46 -38.27
C SER C 52 13.50 15.51 -37.07
N THR C 53 12.36 15.20 -36.48
CA THR C 53 12.27 14.11 -35.52
C THR C 53 11.82 12.81 -36.14
N HIS C 54 11.08 12.87 -37.24
CA HIS C 54 10.72 11.69 -38.03
C HIS C 54 10.72 12.10 -39.49
N PRO C 55 10.66 11.14 -40.41
CA PRO C 55 10.68 11.51 -41.83
C PRO C 55 9.45 12.29 -42.24
N PRO C 56 9.52 13.02 -43.35
CA PRO C 56 8.35 13.71 -43.85
C PRO C 56 7.23 12.72 -44.07
N LEU C 57 6.00 13.21 -43.96
CA LEU C 57 4.84 12.34 -44.12
C LEU C 57 4.82 11.67 -45.48
N SER C 58 5.33 12.33 -46.51
CA SER C 58 5.43 11.71 -47.83
C SER C 58 6.26 10.44 -47.85
N GLU C 59 7.10 10.19 -46.84
CA GLU C 59 7.92 8.99 -46.73
C GLU C 59 7.38 7.99 -45.72
N ILE C 60 6.21 8.25 -45.15
CA ILE C 60 5.63 7.42 -44.11
C ILE C 60 4.33 6.84 -44.66
N GLY C 61 4.14 5.55 -44.48
CA GLY C 61 2.86 4.94 -44.74
C GLY C 61 2.00 5.09 -43.50
N GLU C 62 1.21 6.16 -43.47
CA GLU C 62 0.39 6.45 -42.31
C GLU C 62 -0.73 5.40 -42.21
N PRO C 63 -1.19 5.10 -41.01
CA PRO C 63 -2.30 4.15 -40.88
C PRO C 63 -3.51 4.68 -41.63
N ALA C 64 -4.32 3.75 -42.09
CA ALA C 64 -5.63 4.08 -42.61
C ALA C 64 -6.44 4.65 -41.47
N CYS C 65 -6.83 5.87 -41.60
CA CYS C 65 -7.59 6.60 -40.61
C CYS C 65 -8.47 7.63 -41.26
N PRO C 66 -9.78 7.55 -41.06
CA PRO C 66 -10.68 8.54 -41.66
C PRO C 66 -10.40 9.97 -41.17
N VAL C 67 -9.82 10.11 -39.97
CA VAL C 67 -9.49 11.44 -39.47
C VAL C 67 -8.27 11.99 -40.18
N ARG C 68 -7.21 11.20 -40.29
CA ARG C 68 -6.06 11.65 -41.05
C ARG C 68 -6.43 12.03 -42.47
N GLU C 69 -7.40 11.33 -43.07
CA GLU C 69 -7.81 11.65 -44.44
C GLU C 69 -8.41 13.02 -44.58
N VAL C 70 -9.01 13.58 -43.52
CA VAL C 70 -9.71 14.85 -43.63
C VAL C 70 -9.06 15.98 -42.84
N VAL C 71 -8.09 15.71 -41.98
CA VAL C 71 -7.40 16.74 -41.22
C VAL C 71 -6.03 16.96 -41.84
N GLU C 72 -5.84 18.13 -42.40
N GLU C 72 -5.86 18.15 -42.41
CA GLU C 72 -4.60 18.42 -43.12
CA GLU C 72 -4.61 18.44 -43.13
C GLU C 72 -3.46 18.66 -42.13
C GLU C 72 -3.48 18.67 -42.15
N PRO C 73 -2.33 18.00 -42.28
CA PRO C 73 -1.18 18.32 -41.43
C PRO C 73 -0.74 19.76 -41.64
N THR C 74 -0.23 20.40 -40.57
CA THR C 74 0.45 21.67 -40.76
C THR C 74 1.69 21.48 -41.63
N PRO C 75 2.27 22.57 -42.14
CA PRO C 75 3.55 22.43 -42.87
C PRO C 75 4.64 21.77 -42.03
N GLY C 76 4.72 22.12 -40.76
CA GLY C 76 5.75 21.52 -39.92
C GLY C 76 5.52 20.04 -39.67
N ALA C 77 4.25 19.63 -39.53
CA ALA C 77 3.94 18.21 -39.36
C ALA C 77 4.28 17.44 -40.64
N ALA C 78 3.90 18.00 -41.80
CA ALA C 78 4.20 17.37 -43.07
C ALA C 78 5.69 17.13 -43.22
N ALA C 79 6.52 18.06 -42.74
CA ALA C 79 7.97 17.96 -42.86
C ALA C 79 8.60 17.08 -41.80
N GLY C 80 7.89 16.72 -40.73
CA GLY C 80 8.49 15.95 -39.64
C GLY C 80 9.32 16.75 -38.67
N ASP C 81 9.08 18.06 -38.56
CA ASP C 81 9.83 18.89 -37.63
C ASP C 81 9.73 18.38 -36.20
N ARG C 82 10.77 18.67 -35.42
CA ARG C 82 10.66 18.49 -33.97
C ARG C 82 9.55 19.37 -33.41
N MET C 83 9.00 18.94 -32.27
CA MET C 83 8.19 19.81 -31.45
C MET C 83 9.13 20.69 -30.65
N ARG C 84 9.10 22.00 -30.89
CA ARG C 84 9.89 22.98 -30.13
C ARG C 84 8.95 24.07 -29.63
N TYR C 85 9.49 25.04 -28.90
CA TYR C 85 8.60 25.94 -28.16
C TYR C 85 9.11 27.34 -28.07
N VAL C 86 8.20 28.24 -27.72
CA VAL C 86 8.51 29.59 -27.27
C VAL C 86 7.85 29.78 -25.91
N GLN C 87 8.53 30.49 -25.01
CA GLN C 87 7.99 30.73 -23.68
C GLN C 87 8.22 32.18 -23.31
N PHE C 88 7.19 32.80 -22.74
CA PHE C 88 7.18 34.20 -22.35
C PHE C 88 6.84 34.36 -20.87
N ALA C 89 7.47 35.35 -20.25
CA ALA C 89 7.10 35.86 -18.91
C ALA C 89 6.63 37.29 -19.10
N ASP C 90 5.53 37.67 -18.46
CA ASP C 90 4.89 38.99 -18.59
C ASP C 90 4.73 39.63 -17.23
N SER C 91 5.26 40.85 -17.06
CA SER C 91 5.11 41.53 -15.78
C SER C 91 3.65 41.75 -15.43
N MET C 92 3.39 41.62 -14.14
CA MET C 92 2.09 41.99 -13.58
C MET C 92 1.89 43.50 -13.51
N TYR C 93 2.95 44.31 -13.71
CA TYR C 93 2.84 45.77 -13.71
C TYR C 93 2.46 46.24 -15.10
N ASN C 94 1.25 45.83 -15.50
CA ASN C 94 0.63 46.21 -16.77
C ASN C 94 1.40 45.70 -17.98
N GLY C 95 2.07 44.56 -17.86
CA GLY C 95 2.48 43.87 -19.08
C GLY C 95 1.29 43.73 -20.01
N PRO C 96 1.46 43.92 -21.32
CA PRO C 96 0.26 43.88 -22.18
C PRO C 96 -0.45 42.53 -22.07
N ALA C 97 0.31 41.44 -22.09
CA ALA C 97 -0.25 40.11 -22.02
C ALA C 97 -0.35 39.61 -20.59
N VAL C 98 -1.36 38.76 -20.39
CA VAL C 98 -1.46 37.88 -19.23
C VAL C 98 -1.46 36.45 -19.76
N PRO C 99 -0.94 35.50 -18.97
CA PRO C 99 -0.75 34.15 -19.47
C PRO C 99 -1.94 33.48 -20.15
N TYR C 100 -3.12 33.51 -19.50
CA TYR C 100 -4.23 32.79 -20.11
C TYR C 100 -4.54 33.36 -21.49
N TRP C 101 -4.39 34.67 -21.68
CA TRP C 101 -4.74 35.30 -22.95
C TRP C 101 -3.71 35.06 -24.05
N ARG C 102 -2.44 34.83 -23.71
CA ARG C 102 -1.55 34.28 -24.73
C ARG C 102 -2.05 32.92 -25.19
N SER C 103 -2.51 32.08 -24.25
CA SER C 103 -2.98 30.75 -24.60
C SER C 103 -4.27 30.81 -25.41
N TYR C 104 -5.20 31.73 -25.08
CA TYR C 104 -6.40 31.85 -25.89
C TYR C 104 -6.07 32.33 -27.29
N HIS C 105 -5.12 33.28 -27.41
CA HIS C 105 -4.70 33.73 -28.73
C HIS C 105 -4.20 32.56 -29.56
N ALA C 106 -3.41 31.67 -28.96
CA ALA C 106 -2.94 30.48 -29.65
C ALA C 106 -4.09 29.59 -30.07
N ALA C 107 -4.95 29.23 -29.11
CA ALA C 107 -5.98 28.23 -29.36
C ALA C 107 -7.01 28.69 -30.37
N ILE C 108 -7.31 29.98 -30.41
CA ILE C 108 -8.34 30.47 -31.31
C ILE C 108 -7.77 30.66 -32.73
N ASN C 109 -6.53 31.13 -32.84
CA ASN C 109 -6.03 31.67 -34.11
C ASN C 109 -5.00 30.84 -34.84
N PHE C 110 -4.49 29.75 -34.25
CA PHE C 110 -3.45 28.93 -34.90
C PHE C 110 -3.87 27.47 -34.87
N ARG C 111 -3.69 26.79 -36.00
CA ARG C 111 -3.86 25.35 -36.05
C ARG C 111 -2.71 24.66 -35.33
N GLY C 112 -3.02 23.52 -34.73
CA GLY C 112 -1.96 22.66 -34.23
C GLY C 112 -1.11 23.26 -33.12
N VAL C 113 -1.75 23.69 -32.04
CA VAL C 113 -1.05 24.34 -30.92
C VAL C 113 -1.08 23.46 -29.67
N ASP C 114 -0.11 23.66 -28.78
CA ASP C 114 -0.05 23.04 -27.44
C ASP C 114 0.32 24.08 -26.41
N PRO C 115 -0.61 25.00 -26.09
CA PRO C 115 -0.30 26.06 -25.13
C PRO C 115 -0.46 25.61 -23.68
N GLY C 116 0.37 26.23 -22.83
CA GLY C 116 0.35 25.99 -21.41
C GLY C 116 0.41 27.29 -20.64
N THR C 117 -0.48 27.43 -19.68
CA THR C 117 -0.62 28.64 -18.88
C THR C 117 -0.15 28.38 -17.45
N LEU C 118 0.72 29.25 -16.97
CA LEU C 118 1.20 29.26 -15.59
C LEU C 118 1.26 30.71 -15.13
N SER C 119 1.57 30.96 -13.86
CA SER C 119 1.59 32.35 -13.40
C SER C 119 2.79 33.13 -13.93
N GLY C 120 3.96 32.52 -13.90
CA GLY C 120 5.20 33.20 -14.19
C GLY C 120 5.78 32.89 -15.54
N ARG C 121 5.02 32.12 -16.33
CA ARG C 121 5.49 31.66 -17.65
C ARG C 121 4.28 31.19 -18.43
N GLN C 122 4.32 31.35 -19.74
CA GLN C 122 3.34 30.81 -20.66
C GLN C 122 4.11 30.26 -21.85
N VAL C 123 3.71 29.09 -22.32
CA VAL C 123 4.48 28.35 -23.30
C VAL C 123 3.57 27.83 -24.41
N ASN C 124 4.13 27.65 -25.59
CA ASN C 124 3.42 26.96 -26.65
C ASN C 124 4.41 26.07 -27.37
N GLU C 125 4.06 24.79 -27.52
CA GLU C 125 4.85 23.83 -28.27
C GLU C 125 4.11 23.55 -29.59
N MET C 126 4.84 23.63 -30.69
CA MET C 126 4.34 23.32 -32.02
C MET C 126 5.46 22.68 -32.82
N ARG C 127 5.10 22.09 -33.96
CA ARG C 127 6.14 21.72 -34.91
C ARG C 127 6.98 22.97 -35.19
N GLU C 128 8.30 22.82 -35.28
CA GLU C 128 9.17 23.99 -35.17
C GLU C 128 8.80 25.13 -36.12
N ARG C 129 8.61 24.86 -37.43
CA ARG C 129 8.36 26.00 -38.32
C ARG C 129 7.03 26.68 -38.02
N ASP C 130 6.04 25.89 -37.58
CA ASP C 130 4.75 26.45 -37.23
C ASP C 130 4.89 27.30 -35.95
N MET C 131 5.71 26.84 -35.01
CA MET C 131 6.00 27.57 -33.78
C MET C 131 6.61 28.93 -34.11
N GLU C 132 7.50 28.99 -35.09
CA GLU C 132 8.15 30.27 -35.40
C GLU C 132 7.14 31.29 -35.92
N GLU C 133 6.16 30.85 -36.71
CA GLU C 133 5.11 31.76 -37.19
C GLU C 133 4.33 32.34 -36.02
N TYR C 134 3.96 31.47 -35.07
CA TYR C 134 3.24 31.90 -33.88
C TYR C 134 4.08 32.84 -33.01
N ALA C 135 5.34 32.46 -32.79
CA ALA C 135 6.24 33.27 -31.97
C ALA C 135 6.41 34.65 -32.56
N LYS C 136 6.52 34.72 -33.89
CA LYS C 136 6.67 36.01 -34.56
C LYS C 136 5.46 36.88 -34.28
N ARG C 137 4.27 36.31 -34.46
CA ARG C 137 3.05 37.10 -34.25
C ARG C 137 2.98 37.66 -32.84
N GLN C 138 3.23 36.81 -31.83
CA GLN C 138 3.14 37.32 -30.46
C GLN C 138 4.27 38.30 -30.15
N SER C 139 5.45 38.12 -30.76
CA SER C 139 6.62 38.94 -30.43
C SER C 139 6.59 40.31 -31.11
N GLU C 140 5.97 40.43 -32.28
CA GLU C 140 5.95 41.66 -33.04
C GLU C 140 4.78 42.56 -32.70
N THR C 141 3.70 42.01 -32.15
CA THR C 141 2.49 42.77 -31.91
C THR C 141 2.46 43.31 -30.50
N GLU C 142 1.40 44.05 -30.20
CA GLU C 142 1.20 44.61 -28.88
C GLU C 142 0.96 43.53 -27.83
N ILE C 143 0.83 42.27 -28.22
CA ILE C 143 0.81 41.19 -27.24
C ILE C 143 2.05 41.23 -26.35
N THR C 144 3.19 41.61 -26.91
CA THR C 144 4.44 41.70 -26.17
C THR C 144 4.92 43.14 -26.06
N ASP C 145 5.30 43.56 -24.85
CA ASP C 145 6.18 44.71 -24.67
C ASP C 145 7.50 44.13 -24.15
N TRP C 146 8.61 44.42 -24.83
CA TRP C 146 9.86 43.77 -24.49
C TRP C 146 10.61 44.40 -23.30
N GLY C 147 10.09 45.46 -22.70
CA GLY C 147 10.55 45.87 -21.38
C GLY C 147 9.85 45.13 -20.26
N LEU C 148 8.53 45.00 -20.38
CA LEU C 148 7.70 44.38 -19.36
C LEU C 148 7.64 42.87 -19.49
N ALA C 149 8.10 42.31 -20.61
CA ALA C 149 8.05 40.88 -20.86
C ALA C 149 9.43 40.43 -21.30
N GLY C 150 9.60 39.11 -21.31
CA GLY C 150 10.80 38.51 -21.88
C GLY C 150 10.50 37.13 -22.42
N MET C 151 11.38 36.66 -23.30
CA MET C 151 11.38 35.28 -23.82
C MET C 151 12.31 34.48 -22.91
N ARG C 152 11.74 33.55 -22.16
CA ARG C 152 12.48 32.86 -21.11
C ARG C 152 12.05 31.39 -21.08
N GLY C 153 12.88 30.52 -21.64
CA GLY C 153 12.59 29.09 -21.58
C GLY C 153 12.99 28.44 -20.27
N CYS C 154 13.65 29.20 -19.41
CA CYS C 154 14.04 28.74 -18.08
C CYS C 154 14.35 29.97 -17.24
N THR C 155 14.37 29.78 -15.93
CA THR C 155 14.78 30.83 -14.99
C THR C 155 13.88 32.06 -15.21
N VAL C 156 12.58 31.85 -15.02
CA VAL C 156 11.58 32.81 -15.48
C VAL C 156 11.34 33.97 -14.52
N HIS C 157 11.74 33.81 -13.26
CA HIS C 157 11.48 34.72 -12.14
C HIS C 157 11.47 36.17 -12.57
N GLY C 158 10.38 36.87 -12.25
CA GLY C 158 10.27 38.28 -12.57
C GLY C 158 8.86 38.83 -12.63
N A1I9G C 159 7.85 38.02 -12.97
CA A1I9G C 159 6.53 38.62 -13.29
C A1I9G C 159 5.93 39.38 -12.13
O A1I9G C 159 5.23 40.38 -12.33
CB A1I9G C 159 5.50 37.62 -13.85
CG A1I9G C 159 5.00 36.68 -12.80
ND1 A1I9G C 159 5.69 35.73 -12.15
CD2 A1I9G C 159 3.73 36.63 -12.26
CE1 A1I9G C 159 4.87 35.12 -11.26
NE2 A1I9G C 159 3.66 35.65 -11.30
CF A1I9G C 159 6.07 36.91 -15.08
N SER C 160 6.17 38.89 -10.92
CA SER C 160 5.58 39.41 -9.71
C SER C 160 6.57 40.27 -8.92
N LEU C 161 7.76 40.50 -9.45
CA LEU C 161 8.77 41.30 -8.78
C LEU C 161 8.59 42.76 -9.12
N ARG C 162 9.02 43.63 -8.20
CA ARG C 162 9.07 45.05 -8.50
C ARG C 162 9.95 45.30 -9.73
N LEU C 163 9.51 46.19 -10.58
CA LEU C 163 10.30 46.53 -11.76
C LEU C 163 11.61 47.18 -11.37
N GLN C 164 12.60 47.04 -12.24
CA GLN C 164 13.81 47.81 -12.13
C GLN C 164 13.51 49.29 -12.26
N GLU C 165 14.47 50.11 -11.81
CA GLU C 165 14.30 51.54 -11.89
C GLU C 165 14.13 52.04 -13.32
N ASP C 166 14.71 51.33 -14.28
CA ASP C 166 14.55 51.69 -15.68
C ASP C 166 13.24 51.21 -16.28
N GLY C 167 12.38 50.60 -15.49
CA GLY C 167 11.07 50.19 -15.93
C GLY C 167 11.01 48.81 -16.57
N VAL C 168 12.13 48.10 -16.64
CA VAL C 168 12.23 46.78 -17.24
C VAL C 168 12.09 45.70 -16.17
N MET C 169 11.43 44.60 -16.53
CA MET C 169 11.30 43.46 -15.62
C MET C 169 12.63 42.70 -15.51
N PHE C 170 13.02 42.47 -14.26
CA PHE C 170 14.23 41.73 -13.91
CA PHE C 170 14.25 41.76 -13.96
C PHE C 170 14.32 40.40 -14.65
N ASP C 171 15.53 40.07 -15.11
CA ASP C 171 15.88 38.76 -15.68
C ASP C 171 17.14 38.28 -14.97
N MET C 172 17.06 37.20 -14.19
CA MET C 172 18.25 36.64 -13.56
C MET C 172 19.35 36.41 -14.54
N LEU C 173 19.01 35.96 -15.75
CA LEU C 173 20.00 35.60 -16.77
C LEU C 173 20.29 36.73 -17.75
N ASP C 174 19.69 37.91 -17.58
CA ASP C 174 20.08 39.09 -18.37
C ASP C 174 20.07 38.81 -19.87
N ARG C 175 18.95 38.27 -20.37
CA ARG C 175 18.85 37.95 -21.80
C ARG C 175 18.55 39.16 -22.66
N ARG C 176 17.91 40.18 -22.09
CA ARG C 176 17.51 41.38 -22.83
C ARG C 176 17.50 42.54 -21.86
N ARG C 177 17.80 43.74 -22.37
CA ARG C 177 17.94 44.92 -21.52
C ARG C 177 17.83 46.16 -22.40
N LEU C 178 17.67 47.32 -21.73
CA LEU C 178 17.71 48.59 -22.45
CA LEU C 178 17.70 48.60 -22.44
C LEU C 178 19.13 48.98 -22.84
N GLU C 179 19.27 49.44 -24.07
CA GLU C 179 20.55 50.03 -24.55
C GLU C 179 20.18 51.12 -25.54
N GLY C 180 20.58 52.35 -25.24
CA GLY C 180 20.29 53.41 -26.18
C GLY C 180 18.82 53.61 -26.48
N GLY C 181 17.95 53.40 -25.50
CA GLY C 181 16.53 53.67 -25.66
C GLY C 181 15.72 52.55 -26.29
N VAL C 182 16.35 51.47 -26.73
CA VAL C 182 15.62 50.32 -27.24
C VAL C 182 16.00 49.11 -26.42
N ILE C 183 15.12 48.12 -26.43
CA ILE C 183 15.44 46.82 -25.84
C ILE C 183 16.28 46.05 -26.84
N VAL C 184 17.39 45.50 -26.36
CA VAL C 184 18.24 44.63 -27.16
C VAL C 184 18.34 43.27 -26.49
N SER C 185 18.55 42.24 -27.29
CA SER C 185 18.73 40.90 -26.74
C SER C 185 19.87 40.19 -27.44
N ASP C 186 20.77 39.64 -26.64
CA ASP C 186 21.99 39.00 -27.13
C ASP C 186 22.21 37.63 -26.51
N LYS C 187 21.12 36.98 -26.07
CA LYS C 187 21.13 35.61 -25.63
C LYS C 187 19.88 34.92 -26.12
N ASP C 188 19.97 33.60 -26.28
CA ASP C 188 18.78 32.82 -26.60
C ASP C 188 17.92 32.66 -25.35
N GLN C 189 16.77 32.03 -25.52
CA GLN C 189 15.76 32.06 -24.47
C GLN C 189 16.13 31.20 -23.27
N VAL C 190 17.17 30.38 -23.36
CA VAL C 190 17.66 29.64 -22.20
C VAL C 190 19.00 30.19 -21.71
N GLY C 191 19.35 31.40 -22.11
CA GLY C 191 20.47 32.10 -21.55
C GLY C 191 21.80 31.92 -22.25
N VAL C 192 21.85 31.26 -23.40
CA VAL C 192 23.11 31.05 -24.11
C VAL C 192 23.45 32.29 -24.94
N PRO C 193 24.63 32.91 -24.76
CA PRO C 193 24.97 34.08 -25.58
C PRO C 193 24.90 33.75 -27.07
N ILE C 194 24.41 34.72 -27.85
CA ILE C 194 24.34 34.61 -29.31
C ILE C 194 25.21 35.71 -29.92
N ASP C 195 25.57 35.49 -31.20
CA ASP C 195 26.54 36.36 -31.87
C ASP C 195 25.88 37.50 -32.63
N ARG C 196 24.72 37.96 -32.18
CA ARG C 196 24.06 39.13 -32.71
C ARG C 196 23.38 39.82 -31.54
N LYS C 197 22.94 41.06 -31.78
CA LYS C 197 22.19 41.84 -30.81
C LYS C 197 20.89 42.24 -31.49
N VAL C 198 19.81 41.58 -31.12
CA VAL C 198 18.52 41.81 -31.76
C VAL C 198 17.90 43.07 -31.19
N ASN C 199 17.48 43.97 -32.07
CA ASN C 199 16.80 45.21 -31.70
C ASN C 199 15.30 44.97 -31.63
N LEU C 200 14.77 44.95 -30.40
CA LEU C 200 13.38 44.69 -30.08
C LEU C 200 12.58 45.97 -29.88
N GLY C 201 13.18 47.12 -30.19
CA GLY C 201 12.46 48.37 -30.26
C GLY C 201 12.30 49.07 -28.93
N LYS C 202 11.69 50.24 -28.99
CA LYS C 202 11.46 51.01 -27.78
C LYS C 202 10.36 50.36 -26.94
N PRO C 203 10.54 50.31 -25.62
CA PRO C 203 9.46 49.83 -24.77
C PRO C 203 8.33 50.85 -24.71
N MET C 204 7.13 50.34 -24.43
CA MET C 204 5.98 51.23 -24.20
C MET C 204 6.23 52.08 -22.97
N SER C 205 5.70 53.31 -23.01
CA SER C 205 5.62 54.11 -21.80
C SER C 205 4.69 53.43 -20.79
N GLU C 206 4.81 53.83 -19.53
CA GLU C 206 3.89 53.33 -18.51
C GLU C 206 2.45 53.63 -18.89
N ALA C 207 2.17 54.83 -19.38
CA ALA C 207 0.81 55.18 -19.72
C ALA C 207 0.28 54.35 -20.89
N GLU C 208 1.12 54.06 -21.87
CA GLU C 208 0.68 53.21 -23.01
C GLU C 208 0.42 51.78 -22.52
N ALA C 209 1.33 51.24 -21.71
CA ALA C 209 1.11 49.89 -21.19
C ALA C 209 -0.21 49.82 -20.42
N ALA C 210 -0.52 50.85 -19.63
CA ALA C 210 -1.77 50.84 -18.86
C ALA C 210 -2.99 50.78 -19.78
N LYS C 211 -2.94 51.41 -20.95
CA LYS C 211 -4.05 51.38 -21.90
C LYS C 211 -4.13 50.09 -22.69
N ARG C 212 -3.00 49.38 -22.84
CA ARG C 212 -2.94 48.18 -23.67
C ARG C 212 -3.03 46.88 -22.88
N THR C 213 -2.99 46.96 -21.55
CA THR C 213 -2.85 45.74 -20.77
C THR C 213 -4.17 44.96 -20.66
N THR C 214 -3.99 43.65 -20.55
CA THR C 214 -5.03 42.67 -20.28
C THR C 214 -5.10 42.27 -18.81
N ILE C 215 -4.32 42.91 -17.93
CA ILE C 215 -4.42 42.65 -16.48
C ILE C 215 -5.26 43.74 -15.83
N TYR C 216 -6.05 43.36 -14.83
CA TYR C 216 -6.70 44.34 -13.94
C TYR C 216 -5.78 44.69 -12.78
N ARG C 217 -5.74 45.96 -12.40
CA ARG C 217 -5.01 46.42 -11.23
C ARG C 217 -5.80 47.57 -10.59
N VAL C 218 -5.78 47.61 -9.25
CA VAL C 218 -6.54 48.61 -8.51
C VAL C 218 -6.12 50.03 -8.83
N ASP C 219 -4.86 50.22 -9.22
CA ASP C 219 -4.29 51.52 -9.55
C ASP C 219 -4.29 51.81 -11.04
N ASN C 220 -5.02 51.03 -11.84
CA ASN C 220 -5.21 51.31 -13.26
C ASN C 220 -6.68 51.10 -13.60
N VAL C 221 -7.05 49.88 -13.99
CA VAL C 221 -8.42 49.47 -14.23
C VAL C 221 -8.69 48.36 -13.24
N ALA C 222 -9.48 48.66 -12.22
CA ALA C 222 -9.70 47.71 -11.13
C ALA C 222 -10.63 46.58 -11.58
N PHE C 223 -10.32 45.37 -11.14
CA PHE C 223 -11.23 44.25 -11.41
C PHE C 223 -12.61 44.52 -10.86
N ARG C 224 -12.68 45.11 -9.66
CA ARG C 224 -13.95 45.45 -9.03
C ARG C 224 -14.85 46.27 -9.93
N SER C 225 -14.26 47.03 -10.86
CA SER C 225 -15.02 47.89 -11.74
C SER C 225 -15.62 47.16 -12.94
N ASP C 226 -15.20 45.94 -13.24
CA ASP C 226 -15.71 45.23 -14.41
CA ASP C 226 -15.74 45.26 -14.43
C ASP C 226 -16.85 44.32 -13.95
N LYS C 227 -18.01 44.93 -13.76
CA LYS C 227 -19.13 44.23 -13.18
C LYS C 227 -19.59 43.07 -14.05
N GLU C 228 -19.47 43.20 -15.38
CA GLU C 228 -19.90 42.11 -16.24
C GLU C 228 -19.03 40.88 -16.03
N VAL C 229 -17.72 41.06 -15.91
CA VAL C 229 -16.84 39.91 -15.74
C VAL C 229 -17.13 39.22 -14.41
N ILE C 230 -17.31 39.99 -13.33
CA ILE C 230 -17.62 39.40 -12.04
C ILE C 230 -18.93 38.63 -12.11
N GLU C 231 -19.95 39.23 -12.74
CA GLU C 231 -21.23 38.52 -12.88
C GLU C 231 -21.06 37.22 -13.66
N HIS C 232 -20.29 37.25 -14.75
CA HIS C 232 -19.99 36.05 -15.52
C HIS C 232 -19.35 34.96 -14.66
N VAL C 233 -18.32 35.33 -13.89
CA VAL C 233 -17.63 34.36 -13.05
C VAL C 233 -18.62 33.72 -12.09
N GLN C 234 -19.43 34.57 -11.44
CA GLN C 234 -20.38 34.05 -10.44
C GLN C 234 -21.42 33.16 -11.11
N ARG C 235 -21.84 33.50 -12.34
CA ARG C 235 -22.87 32.69 -13.05
C ARG C 235 -22.29 31.30 -13.35
N VAL C 236 -21.07 31.25 -13.90
CA VAL C 236 -20.47 29.94 -14.25
C VAL C 236 -20.28 29.14 -12.96
N TRP C 237 -19.80 29.77 -11.89
CA TRP C 237 -19.64 29.08 -10.62
C TRP C 237 -20.97 28.51 -10.13
N GLU C 238 -22.03 29.32 -10.15
CA GLU C 238 -23.30 28.86 -9.61
C GLU C 238 -23.87 27.70 -10.44
N LEU C 239 -23.78 27.79 -11.78
CA LEU C 239 -24.29 26.72 -12.63
C LEU C 239 -23.47 25.45 -12.49
N ARG C 240 -22.13 25.57 -12.47
CA ARG C 240 -21.32 24.38 -12.24
C ARG C 240 -21.73 23.70 -10.94
N THR C 241 -21.92 24.50 -9.89
CA THR C 241 -22.27 23.99 -8.57
C THR C 241 -23.61 23.27 -8.61
N LYS C 242 -24.62 23.93 -9.17
CA LYS C 242 -25.96 23.35 -9.18
CA LYS C 242 -25.96 23.36 -9.20
C LYS C 242 -26.01 22.08 -10.02
N TYR C 243 -25.37 22.09 -11.20
CA TYR C 243 -25.42 20.93 -12.08
C TYR C 243 -24.66 19.75 -11.50
N GLY C 244 -23.66 20.02 -10.66
CA GLY C 244 -22.93 18.95 -9.99
C GLY C 244 -23.77 18.23 -8.96
N PHE C 245 -24.72 18.94 -8.37
CA PHE C 245 -25.68 18.30 -7.48
C PHE C 245 -26.70 17.49 -8.28
N VAL C 246 -27.41 18.15 -9.19
CA VAL C 246 -28.41 17.52 -10.06
C VAL C 246 -28.23 18.11 -11.46
N PRO C 247 -27.98 17.29 -12.50
CA PRO C 247 -27.68 17.85 -13.84
C PRO C 247 -28.96 18.16 -14.61
N LYS C 248 -29.67 19.17 -14.14
CA LYS C 248 -30.94 19.58 -14.72
CA LYS C 248 -30.94 19.58 -14.72
C LYS C 248 -30.99 21.10 -14.77
N ALA C 249 -31.56 21.63 -15.84
CA ALA C 249 -31.60 23.07 -16.02
C ALA C 249 -32.43 23.77 -14.96
N ALA D 2 38.06 -30.38 16.09
CA ALA D 2 37.76 -29.15 16.87
C ALA D 2 36.42 -28.57 16.41
N VAL D 3 35.78 -27.79 17.28
CA VAL D 3 34.51 -27.14 16.90
C VAL D 3 34.74 -25.64 16.84
N ARG D 4 34.10 -24.96 15.89
CA ARG D 4 34.41 -23.55 15.66
C ARG D 4 33.96 -22.68 16.82
N PHE D 5 32.96 -23.14 17.59
CA PHE D 5 32.33 -22.41 18.67
C PHE D 5 33.03 -22.65 20.02
N GLN D 6 34.17 -23.34 20.05
CA GLN D 6 34.86 -23.58 21.32
C GLN D 6 35.14 -22.27 22.05
N LYS D 7 35.80 -21.33 21.37
CA LYS D 7 36.17 -20.07 21.99
C LYS D 7 34.94 -19.29 22.46
N ALA D 8 33.91 -19.17 21.60
CA ALA D 8 32.75 -18.38 21.97
C ALA D 8 32.02 -18.98 23.16
N MET D 9 31.93 -20.30 23.24
CA MET D 9 31.27 -20.91 24.38
C MET D 9 32.10 -20.73 25.65
N GLU D 10 33.42 -20.73 25.54
CA GLU D 10 34.23 -20.43 26.71
C GLU D 10 34.04 -19.00 27.18
N THR D 11 34.04 -18.04 26.25
CA THR D 11 33.74 -16.66 26.61
C THR D 11 32.38 -16.54 27.29
N LYS D 12 31.38 -17.24 26.75
CA LYS D 12 30.02 -17.01 27.20
C LYS D 12 29.78 -17.59 28.59
N TYR D 13 30.39 -18.75 28.88
CA TYR D 13 30.00 -19.55 30.04
CA TYR D 13 29.99 -19.52 30.05
C TYR D 13 31.08 -19.85 31.05
N THR D 14 32.36 -19.81 30.66
CA THR D 14 33.45 -20.20 31.54
C THR D 14 34.31 -19.02 32.00
N LYS D 15 34.02 -17.82 31.52
CA LYS D 15 34.64 -16.58 31.95
C LYS D 15 33.55 -15.65 32.45
N GLU D 16 33.87 -14.89 33.49
CA GLU D 16 32.89 -13.98 34.05
C GLU D 16 32.55 -12.91 33.02
N TRP D 17 31.30 -12.49 33.06
CA TRP D 17 30.83 -11.35 32.28
C TRP D 17 30.11 -10.43 33.26
N GLY D 18 30.58 -9.19 33.34
CA GLY D 18 30.06 -8.31 34.36
C GLY D 18 30.47 -8.85 35.73
N SER D 19 29.50 -8.99 36.61
CA SER D 19 29.68 -9.61 37.92
CA SER D 19 29.67 -9.61 37.92
C SER D 19 28.86 -10.89 38.03
N ASN D 20 28.73 -11.63 36.93
CA ASN D 20 27.91 -12.83 36.92
C ASN D 20 28.55 -14.06 37.56
N LYS D 21 29.80 -13.95 38.03
CA LYS D 21 30.45 -15.00 38.82
C LYS D 21 30.65 -16.31 38.06
N ASN D 22 30.51 -16.32 36.75
CA ASN D 22 30.77 -17.55 36.00
C ASN D 22 32.29 -17.73 35.91
N LYS D 23 32.75 -18.93 36.23
CA LYS D 23 34.21 -19.14 36.23
C LYS D 23 34.51 -20.61 36.09
N GLY D 24 35.21 -20.95 35.04
CA GLY D 24 35.67 -22.31 34.95
C GLY D 24 34.57 -23.20 34.40
N GLY D 25 34.79 -24.50 34.59
CA GLY D 25 33.94 -25.49 33.95
C GLY D 25 34.35 -25.76 32.53
N LYS D 26 33.62 -26.68 31.90
CA LYS D 26 33.85 -27.10 30.53
C LYS D 26 32.58 -26.85 29.72
N ILE D 27 32.75 -26.60 28.43
CA ILE D 27 31.61 -26.28 27.59
C ILE D 27 30.73 -27.50 27.29
N THR D 28 31.19 -28.69 27.69
CA THR D 28 30.44 -29.93 27.61
C THR D 28 29.67 -30.25 28.89
N ASP D 29 29.85 -29.49 29.98
CA ASP D 29 29.22 -29.81 31.24
C ASP D 29 27.70 -29.65 31.12
N LYS D 30 26.99 -30.59 31.73
CA LYS D 30 25.54 -30.64 31.62
C LYS D 30 24.80 -29.86 32.68
N LYS D 31 25.47 -29.51 33.77
CA LYS D 31 24.79 -28.80 34.88
C LYS D 31 25.33 -27.37 34.98
N ALA D 32 24.56 -26.52 35.63
CA ALA D 32 24.96 -25.13 35.78
C ALA D 32 24.46 -24.61 37.12
N LYS D 33 25.06 -23.47 37.50
CA LYS D 33 24.62 -22.75 38.72
C LYS D 33 23.61 -21.67 38.31
N TYR D 34 22.61 -21.46 39.14
CA TYR D 34 21.56 -20.46 38.96
C TYR D 34 21.61 -19.57 40.18
N LEU D 35 22.39 -18.49 40.08
CA LEU D 35 22.78 -17.69 41.23
C LEU D 35 21.74 -16.63 41.60
N ARG D 36 20.77 -16.36 40.74
CA ARG D 36 19.71 -15.40 41.04
C ARG D 36 20.27 -14.05 41.47
N LEU D 37 21.25 -13.59 40.71
CA LEU D 37 21.85 -12.30 41.00
C LEU D 37 20.98 -11.12 40.54
N GLY D 38 20.05 -11.36 39.62
CA GLY D 38 19.25 -10.28 39.08
C GLY D 38 20.01 -9.41 38.10
N TYR D 39 19.40 -8.28 37.75
CA TYR D 39 19.96 -7.49 36.66
C TYR D 39 21.27 -6.79 37.04
N GLN D 40 21.53 -6.63 38.33
CA GLN D 40 22.70 -5.88 38.79
CA GLN D 40 22.70 -5.88 38.79
C GLN D 40 24.01 -6.60 38.46
N GLN D 41 23.96 -7.85 38.06
CA GLN D 41 25.15 -8.53 37.60
C GLN D 41 25.67 -7.98 36.27
N ASN D 42 24.89 -7.19 35.55
CA ASN D 42 25.17 -6.84 34.15
C ASN D 42 25.25 -5.32 34.02
N PRO D 43 26.45 -4.76 33.79
CA PRO D 43 26.58 -3.30 33.70
C PRO D 43 25.63 -2.66 32.70
N ARG D 44 25.39 -3.30 31.56
CA ARG D 44 24.49 -2.73 30.57
C ARG D 44 23.07 -2.61 31.10
N LYS D 45 22.56 -3.68 31.73
CA LYS D 45 21.25 -3.58 32.35
C LYS D 45 21.21 -2.51 33.43
N VAL D 46 22.28 -2.37 34.20
CA VAL D 46 22.30 -1.34 35.25
C VAL D 46 22.24 0.06 34.63
N GLU D 47 22.98 0.28 33.54
CA GLU D 47 22.90 1.55 32.81
C GLU D 47 21.47 1.82 32.36
N MET D 48 20.81 0.78 31.83
CA MET D 48 19.41 0.92 31.39
C MET D 48 18.50 1.25 32.56
N ALA D 49 18.67 0.55 33.69
CA ALA D 49 17.79 0.75 34.83
C ALA D 49 17.95 2.16 35.38
N LYS D 50 19.21 2.63 35.47
CA LYS D 50 19.42 4.00 35.99
C LYS D 50 18.84 5.03 35.03
N CSO D 51 18.99 4.80 33.72
CA CSO D 51 18.37 5.71 32.72
CB CSO D 51 18.71 5.24 31.32
SG CSO D 51 20.37 5.64 30.74
C CSO D 51 16.84 5.69 32.92
O CSO D 51 16.22 6.78 32.92
OD CSO D 51 20.40 7.27 30.46
N CYS D 51 18.98 4.80 33.73
CA CYS D 51 18.37 5.69 32.76
C CYS D 51 16.85 5.70 32.92
N GLY D 52 16.24 4.51 33.05
CA GLY D 52 14.80 4.44 33.20
C GLY D 52 14.29 5.19 34.40
N ALA D 53 14.97 5.04 35.55
CA ALA D 53 14.55 5.72 36.76
C ALA D 53 14.66 7.24 36.61
N ALA D 54 15.70 7.69 35.90
CA ALA D 54 15.86 9.11 35.67
C ALA D 54 14.77 9.65 34.74
N ILE D 55 14.38 8.87 33.74
CA ILE D 55 13.29 9.26 32.85
C ILE D 55 11.99 9.38 33.63
N THR D 56 11.68 8.35 34.44
CA THR D 56 10.47 8.38 35.26
C THR D 56 10.41 9.67 36.05
N LYS D 57 11.52 10.04 36.69
CA LYS D 57 11.53 11.24 37.53
C LYS D 57 11.42 12.51 36.71
N LYS D 58 12.18 12.60 35.61
CA LYS D 58 12.18 13.83 34.82
C LYS D 58 10.83 14.10 34.18
N ARG D 59 10.18 13.07 33.63
N ARG D 59 10.19 13.07 33.60
CA ARG D 59 8.95 13.33 32.91
CA ARG D 59 8.95 13.31 32.89
C ARG D 59 7.70 13.15 33.79
C ARG D 59 7.70 13.11 33.76
N GLY D 60 7.84 12.58 34.98
CA GLY D 60 6.68 12.39 35.84
C GLY D 60 5.75 11.28 35.36
N LEU D 61 6.30 10.28 34.68
CA LEU D 61 5.50 9.18 34.14
C LEU D 61 6.41 7.97 34.05
N GLN D 62 5.96 6.88 34.67
CA GLN D 62 6.67 5.60 34.72
C GLN D 62 7.34 5.24 33.41
N ALA D 63 8.60 4.83 33.51
CA ALA D 63 9.38 4.30 32.40
C ALA D 63 10.00 2.97 32.81
N TYR D 64 11.08 2.58 32.14
CA TYR D 64 11.68 1.27 32.36
C TYR D 64 12.00 1.03 33.82
N ASP D 65 11.67 -0.17 34.29
CA ASP D 65 12.03 -0.63 35.63
C ASP D 65 12.07 -2.16 35.61
N PRO D 66 13.23 -2.79 35.77
CA PRO D 66 13.26 -4.26 35.75
C PRO D 66 12.39 -4.93 36.77
N LYS D 67 12.02 -4.20 37.83
CA LYS D 67 11.16 -4.80 38.88
C LYS D 67 9.71 -4.95 38.40
N LEU D 68 9.36 -4.39 37.24
CA LEU D 68 8.04 -4.54 36.67
C LEU D 68 7.91 -5.80 35.81
N HIS D 69 8.92 -6.66 35.82
CA HIS D 69 8.75 -8.00 35.28
C HIS D 69 7.60 -8.70 35.99
N LEU D 70 6.96 -9.60 35.27
CA LEU D 70 5.94 -10.49 35.83
C LEU D 70 6.45 -11.07 37.13
N ALA D 71 5.58 -11.09 38.15
CA ALA D 71 5.81 -11.60 39.50
C ALA D 71 6.78 -10.75 40.29
N GLY D 72 7.23 -9.62 39.75
CA GLY D 72 8.25 -8.83 40.41
C GLY D 72 9.58 -9.52 40.51
N ILE D 73 9.82 -10.55 39.70
CA ILE D 73 11.08 -11.29 39.70
C ILE D 73 11.88 -10.79 38.49
N PRO D 74 12.96 -10.03 38.70
CA PRO D 74 13.67 -9.44 37.55
CA PRO D 74 13.66 -9.43 37.56
C PRO D 74 14.48 -10.45 36.77
N MET D 75 14.74 -10.08 35.51
CA MET D 75 15.64 -10.90 34.70
C MET D 75 17.00 -11.02 35.38
N GLY D 76 17.72 -12.06 34.98
CA GLY D 76 18.97 -12.42 35.63
C GLY D 76 18.83 -13.41 36.77
N GLN D 77 17.78 -14.24 36.75
CA GLN D 77 17.70 -15.35 37.69
C GLN D 77 18.71 -16.43 37.30
N ARG D 78 18.74 -16.80 36.03
CA ARG D 78 19.94 -17.39 35.45
C ARG D 78 20.96 -16.28 35.17
N GLN D 79 22.23 -16.66 34.96
CA GLN D 79 23.23 -15.63 34.70
C GLN D 79 23.03 -15.03 33.31
N LEU D 80 23.29 -13.71 33.24
CA LEU D 80 23.25 -12.97 31.99
C LEU D 80 24.62 -13.09 31.33
N THR D 81 24.63 -13.62 30.12
CA THR D 81 25.83 -14.04 29.43
C THR D 81 25.96 -13.38 28.08
N PRO D 82 27.20 -13.23 27.58
CA PRO D 82 27.45 -12.41 26.38
C PRO D 82 27.38 -13.18 25.07
N TYR D 83 27.69 -12.42 24.01
CA TYR D 83 27.76 -12.93 22.65
CA TYR D 83 27.74 -12.91 22.64
C TYR D 83 29.08 -12.51 22.04
N THR D 84 29.66 -13.36 21.21
CA THR D 84 30.80 -13.02 20.37
C THR D 84 30.30 -12.88 18.94
N ILE D 85 30.66 -11.80 18.25
CA ILE D 85 30.32 -11.70 16.84
C ILE D 85 31.08 -12.76 16.08
N SER D 86 30.39 -13.58 15.30
CA SER D 86 31.03 -14.71 14.65
C SER D 86 32.16 -14.25 13.74
N GLY D 87 33.24 -15.01 13.79
CA GLY D 87 34.45 -14.71 13.05
C GLY D 87 35.31 -13.60 13.62
N THR D 88 34.96 -13.10 14.79
CA THR D 88 35.66 -11.99 15.43
C THR D 88 35.94 -12.31 16.90
N ASP D 89 36.64 -11.37 17.56
CA ASP D 89 36.82 -11.36 19.01
C ASP D 89 36.02 -10.22 19.66
N ILE D 90 34.99 -9.72 18.99
CA ILE D 90 34.12 -8.69 19.56
C ILE D 90 33.10 -9.38 20.45
N VAL D 91 33.09 -9.00 21.73
CA VAL D 91 32.20 -9.57 22.75
C VAL D 91 31.29 -8.46 23.25
N CYS D 92 30.00 -8.73 23.31
CA CYS D 92 29.03 -7.73 23.72
C CYS D 92 27.81 -8.38 24.37
N ASP D 93 26.88 -7.54 24.83
CA ASP D 93 25.60 -8.01 25.31
C ASP D 93 24.60 -8.11 24.18
N GLY D 94 23.57 -8.94 24.39
CA GLY D 94 22.46 -8.96 23.43
C GLY D 94 21.86 -7.58 23.22
N ASP D 95 21.79 -6.79 24.30
CA ASP D 95 21.23 -5.43 24.23
C ASP D 95 21.97 -4.55 23.22
N ASP D 96 23.23 -4.84 22.95
CA ASP D 96 24.00 -4.05 21.97
C ASP D 96 23.68 -4.43 20.54
N LEU D 97 22.78 -5.40 20.34
CA LEU D 97 22.46 -5.96 19.02
C LEU D 97 20.99 -5.77 18.66
N HIS D 98 20.19 -5.14 19.51
CA HIS D 98 18.83 -4.78 19.10
C HIS D 98 18.94 -3.73 18.01
N PHE D 99 18.09 -3.79 16.96
CA PHE D 99 18.20 -2.77 15.92
C PHE D 99 18.04 -1.36 16.45
N VAL D 100 17.22 -1.17 17.49
CA VAL D 100 17.00 0.19 18.01
C VAL D 100 18.28 0.73 18.61
N ASN D 101 19.10 -0.16 19.20
CA ASN D 101 20.28 0.23 19.96
C ASN D 101 21.56 0.20 19.14
N ASN D 102 21.50 -0.23 17.87
CA ASN D 102 22.68 -0.50 17.05
C ASN D 102 22.60 0.33 15.77
N ALA D 103 23.41 1.39 15.71
CA ALA D 103 23.28 2.34 14.61
C ALA D 103 23.68 1.73 13.28
N ALA D 104 24.60 0.77 13.26
CA ALA D 104 24.95 0.13 11.99
C ALA D 104 23.78 -0.64 11.42
N MET D 105 23.01 -1.32 12.28
CA MET D 105 21.84 -2.06 11.80
C MET D 105 20.83 -1.10 11.17
N GLN D 106 20.57 0.02 11.84
CA GLN D 106 19.67 1.01 11.26
C GLN D 106 20.21 1.51 9.92
N GLN D 107 21.52 1.75 9.85
CA GLN D 107 22.08 2.29 8.61
C GLN D 107 22.09 1.27 7.49
N GLU D 108 22.23 -0.02 7.79
CA GLU D 108 22.08 -1.04 6.75
C GLU D 108 20.73 -0.88 6.05
N TRP D 109 19.66 -0.81 6.84
CA TRP D 109 18.34 -0.66 6.24
C TRP D 109 18.20 0.68 5.53
N ASP D 110 18.65 1.77 6.15
CA ASP D 110 18.53 3.07 5.47
C ASP D 110 19.24 3.06 4.13
N ASP D 111 20.41 2.43 4.05
CA ASP D 111 21.17 2.42 2.81
C ASP D 111 20.48 1.62 1.71
N ILE D 112 19.73 0.58 2.07
CA ILE D 112 18.92 -0.13 1.08
C ILE D 112 17.70 0.71 0.70
N ARG D 113 16.96 1.17 1.70
CA ARG D 113 15.72 1.90 1.48
C ARG D 113 15.93 3.13 0.63
N ARG D 114 17.05 3.84 0.84
CA ARG D 114 17.34 5.11 0.19
C ARG D 114 17.98 4.96 -1.18
N SER D 115 18.08 3.74 -1.70
CA SER D 115 18.81 3.50 -2.95
C SER D 115 17.90 2.99 -4.07
N CYS D 116 18.30 3.38 -5.29
CA CYS D 116 17.69 2.80 -6.48
C CYS D 116 18.68 2.90 -7.62
N VAL D 117 18.39 2.18 -8.70
CA VAL D 117 19.21 2.20 -9.90
C VAL D 117 18.34 2.73 -11.03
N VAL D 118 18.90 3.61 -11.86
CA VAL D 118 18.12 4.28 -12.89
CA VAL D 118 18.11 4.24 -12.91
C VAL D 118 18.94 4.34 -14.18
N GLY D 119 18.41 3.82 -15.27
CA GLY D 119 19.15 3.80 -16.50
C GLY D 119 19.42 5.18 -17.05
N LEU D 120 20.46 5.26 -17.87
CA LEU D 120 20.74 6.42 -18.69
C LEU D 120 20.35 6.27 -20.15
N ASP D 121 20.33 5.06 -20.69
CA ASP D 121 20.19 4.90 -22.13
CA ASP D 121 20.19 4.91 -22.13
C ASP D 121 18.85 5.44 -22.63
N LEU D 122 17.75 5.09 -21.96
CA LEU D 122 16.44 5.57 -22.40
C LEU D 122 16.36 7.08 -22.31
N ALA D 123 16.89 7.66 -21.24
CA ALA D 123 16.83 9.10 -21.09
C ALA D 123 17.58 9.79 -22.21
N HIS D 124 18.77 9.29 -22.53
CA HIS D 124 19.54 9.85 -23.64
C HIS D 124 18.78 9.68 -24.97
N GLU D 125 18.07 8.56 -25.13
CA GLU D 125 17.25 8.39 -26.32
C GLU D 125 16.15 9.43 -26.42
N VAL D 126 15.53 9.81 -25.30
CA VAL D 126 14.53 10.87 -25.34
C VAL D 126 15.13 12.16 -25.86
N LEU D 127 16.30 12.52 -25.34
CA LEU D 127 16.97 13.77 -25.75
C LEU D 127 17.31 13.74 -27.23
N GLU D 128 17.83 12.62 -27.70
CA GLU D 128 18.21 12.48 -29.09
C GLU D 128 16.98 12.55 -30.00
N LYS D 129 15.95 11.75 -29.69
CA LYS D 129 14.76 11.68 -30.53
C LYS D 129 14.03 13.02 -30.57
N ARG D 130 13.73 13.58 -29.41
CA ARG D 130 12.81 14.71 -29.37
C ARG D 130 13.48 16.04 -29.66
N LEU D 131 14.71 16.22 -29.17
CA LEU D 131 15.41 17.49 -29.32
C LEU D 131 16.57 17.44 -30.31
N GLY D 132 17.01 16.26 -30.72
CA GLY D 132 18.19 16.15 -31.57
C GLY D 132 19.48 16.43 -30.84
N LYS D 133 19.50 16.28 -29.52
CA LYS D 133 20.72 16.56 -28.77
C LYS D 133 21.77 15.48 -29.03
N GLU D 134 23.04 15.90 -28.97
CA GLU D 134 24.17 14.99 -29.01
C GLU D 134 24.70 14.78 -27.60
N VAL D 135 24.70 13.54 -27.14
CA VAL D 135 25.13 13.17 -25.79
C VAL D 135 26.56 12.66 -25.91
N THR D 136 27.45 13.23 -25.11
CA THR D 136 28.87 12.91 -25.21
C THR D 136 29.41 12.73 -23.79
N PRO D 137 30.63 12.22 -23.63
CA PRO D 137 31.22 12.18 -22.28
C PRO D 137 31.25 13.56 -21.61
N GLU D 138 31.48 14.62 -22.40
CA GLU D 138 31.47 15.96 -21.82
C GLU D 138 30.10 16.36 -21.29
N THR D 139 29.03 16.10 -22.06
CA THR D 139 27.71 16.45 -21.55
C THR D 139 27.34 15.60 -20.34
N ILE D 140 27.72 14.32 -20.35
CA ILE D 140 27.48 13.44 -19.20
C ILE D 140 28.22 13.90 -17.97
N ASN D 141 29.48 14.31 -18.13
CA ASN D 141 30.25 14.76 -16.96
C ASN D 141 29.64 15.99 -16.33
N TYR D 142 29.20 16.95 -17.15
CA TYR D 142 28.54 18.13 -16.59
C TYR D 142 27.25 17.72 -15.90
N TYR D 143 26.44 16.86 -16.55
CA TYR D 143 25.24 16.31 -15.92
C TYR D 143 25.55 15.72 -14.55
N LEU D 144 26.60 14.91 -14.45
CA LEU D 144 26.88 14.24 -13.17
C LEU D 144 27.38 15.20 -12.09
N GLU D 145 28.14 16.22 -12.49
CA GLU D 145 28.56 17.25 -11.54
CA GLU D 145 28.56 17.25 -11.54
C GLU D 145 27.35 17.98 -10.98
N VAL D 146 26.47 18.47 -11.85
CA VAL D 146 25.29 19.18 -11.42
C VAL D 146 24.39 18.25 -10.60
N LEU D 147 24.24 17.00 -11.04
CA LEU D 147 23.35 16.07 -10.35
C LEU D 147 23.79 15.86 -8.91
N ASN D 148 25.09 15.80 -8.66
CA ASN D 148 25.60 15.58 -7.32
C ASN D 148 25.46 16.82 -6.44
N HIS D 149 25.45 18.02 -7.02
CA HIS D 149 25.03 19.22 -6.31
C HIS D 149 23.54 19.19 -6.00
N ALA D 150 22.73 18.79 -6.99
CA ALA D 150 21.29 18.97 -6.88
C ALA D 150 20.58 17.85 -6.10
N MET D 151 21.06 16.61 -6.25
CA MET D 151 20.38 15.45 -5.67
C MET D 151 20.08 15.60 -4.19
N PRO D 152 20.97 16.14 -3.36
CA PRO D 152 20.64 16.26 -1.94
C PRO D 152 19.54 17.25 -1.63
N GLY D 153 19.15 18.09 -2.59
CA GLY D 153 18.09 19.05 -2.45
C GLY D 153 18.53 20.48 -2.64
N ALA D 154 19.31 20.75 -3.70
CA ALA D 154 19.80 22.10 -4.00
C ALA D 154 19.28 22.56 -5.37
N ALA D 155 19.18 23.88 -5.53
CA ALA D 155 18.59 24.50 -6.69
C ALA D 155 19.56 24.68 -7.85
N ILE D 156 19.00 24.57 -9.05
CA ILE D 156 19.79 24.91 -10.23
CA ILE D 156 19.67 24.66 -10.36
C ILE D 156 19.07 25.78 -11.21
N VAL D 157 17.74 25.88 -11.23
CA VAL D 157 17.05 26.69 -12.26
C VAL D 157 16.54 28.02 -11.74
N GLN D 158 15.88 28.02 -10.58
CA GLN D 158 15.07 29.16 -10.13
C GLN D 158 15.90 30.12 -9.26
N GLU D 159 15.23 31.05 -8.57
CA GLU D 159 15.89 32.13 -7.84
C GLU D 159 15.22 32.28 -6.47
N HIS D 160 16.00 32.77 -5.50
CA HIS D 160 15.51 33.03 -4.15
C HIS D 160 14.98 31.75 -3.50
N MET D 161 15.70 30.64 -3.76
CA MET D 161 15.20 29.33 -3.35
C MET D 161 15.71 28.84 -2.02
N VAL D 162 14.85 28.14 -1.30
CA VAL D 162 15.17 27.31 -0.14
C VAL D 162 15.85 26.05 -0.64
N GLU D 163 16.87 25.59 0.10
CA GLU D 163 17.58 24.36 -0.20
C GLU D 163 17.82 23.56 1.08
N THR D 164 18.00 22.25 0.91
CA THR D 164 18.45 21.46 2.05
C THR D 164 19.85 21.87 2.46
N HIS D 165 20.15 21.71 3.76
CA HIS D 165 21.45 22.12 4.26
C HIS D 165 22.46 21.02 3.99
N PRO D 166 23.55 21.29 3.24
CA PRO D 166 24.54 20.24 2.95
C PRO D 166 25.02 19.51 4.19
N ALA D 167 25.15 20.20 5.33
CA ALA D 167 25.63 19.53 6.52
C ALA D 167 24.76 18.37 6.95
N LEU D 168 23.48 18.36 6.55
CA LEU D 168 22.55 17.31 6.93
C LEU D 168 22.42 16.19 5.91
N VAL D 169 23.01 16.32 4.71
CA VAL D 169 22.73 15.46 3.58
C VAL D 169 24.02 14.99 2.87
N ASP D 170 25.11 14.88 3.63
CA ASP D 170 26.41 14.56 3.04
C ASP D 170 26.56 13.11 2.60
N ASP D 171 25.57 12.28 2.91
CA ASP D 171 25.54 10.86 2.55
C ASP D 171 24.81 10.62 1.23
N CYS D 172 24.25 11.66 0.63
CA CYS D 172 23.53 11.59 -0.63
C CYS D 172 24.43 11.88 -1.82
N TYR D 173 24.36 11.02 -2.82
CA TYR D 173 25.18 11.17 -4.02
C TYR D 173 24.67 10.22 -5.11
N VAL D 174 25.23 10.39 -6.31
CA VAL D 174 24.95 9.55 -7.47
C VAL D 174 26.27 9.15 -8.11
N LYS D 175 26.44 7.86 -8.37
CA LYS D 175 27.53 7.36 -9.21
C LYS D 175 26.93 6.66 -10.44
N ILE D 176 27.82 6.36 -11.38
CA ILE D 176 27.39 5.62 -12.57
CA ILE D 176 27.35 5.63 -12.58
C ILE D 176 28.21 4.38 -12.78
N PHE D 177 27.63 3.38 -13.41
CA PHE D 177 28.36 2.22 -13.88
C PHE D 177 27.88 1.88 -15.28
N THR D 178 28.73 1.19 -16.04
CA THR D 178 28.44 0.96 -17.43
C THR D 178 29.19 -0.24 -17.94
N GLY D 179 28.55 -0.99 -18.82
CA GLY D 179 29.24 -2.02 -19.55
C GLY D 179 30.02 -1.50 -20.74
N ASP D 180 29.84 -0.23 -21.10
CA ASP D 180 30.56 0.40 -22.21
C ASP D 180 31.94 0.82 -21.70
N GLU D 181 32.98 0.08 -22.12
CA GLU D 181 34.29 0.32 -21.53
C GLU D 181 34.85 1.68 -21.93
N THR D 182 34.53 2.17 -23.12
CA THR D 182 34.97 3.50 -23.49
C THR D 182 34.34 4.55 -22.58
N LEU D 183 33.03 4.45 -22.37
CA LEU D 183 32.38 5.40 -21.48
C LEU D 183 32.91 5.28 -20.05
N GLN D 184 33.16 4.06 -19.58
CA GLN D 184 33.71 3.88 -18.23
C GLN D 184 34.99 4.66 -18.07
N ASP D 185 35.80 4.75 -19.13
N ASP D 185 35.78 4.77 -19.13
CA ASP D 185 37.08 5.45 -19.04
CA ASP D 185 37.10 5.47 -19.04
C ASP D 185 36.94 6.95 -19.26
C ASP D 185 36.95 6.97 -19.25
N GLU D 186 35.94 7.41 -19.99
CA GLU D 186 35.82 8.83 -20.33
C GLU D 186 35.00 9.64 -19.32
N VAL D 187 34.19 8.99 -18.50
CA VAL D 187 33.52 9.68 -17.40
C VAL D 187 34.54 9.98 -16.31
N ASP D 188 34.43 11.17 -15.72
CA ASP D 188 35.28 11.59 -14.60
C ASP D 188 35.24 10.52 -13.51
N LYS D 189 36.43 10.05 -13.11
CA LYS D 189 36.52 8.93 -12.19
C LYS D 189 35.82 9.15 -10.85
N GLN D 190 35.62 10.41 -10.43
CA GLN D 190 34.93 10.63 -9.16
C GLN D 190 33.54 10.02 -9.17
N PHE D 191 32.93 9.93 -10.35
CA PHE D 191 31.55 9.47 -10.46
C PHE D 191 31.41 7.99 -10.72
N VAL D 192 32.47 7.26 -10.99
CA VAL D 192 32.36 5.93 -11.59
C VAL D 192 32.54 4.82 -10.55
N ILE D 193 31.62 3.85 -10.58
CA ILE D 193 31.83 2.54 -9.99
C ILE D 193 32.45 1.72 -11.11
N ASN D 194 33.75 1.48 -11.01
CA ASN D 194 34.51 0.85 -12.09
C ASN D 194 34.43 -0.67 -11.87
N ILE D 195 33.72 -1.36 -12.77
CA ILE D 195 33.42 -2.77 -12.58
C ILE D 195 34.71 -3.57 -12.60
N ASP D 196 35.65 -3.21 -13.47
CA ASP D 196 36.94 -3.92 -13.53
C ASP D 196 37.74 -3.72 -12.25
N ASN D 197 37.69 -2.53 -11.64
CA ASN D 197 38.41 -2.32 -10.40
C ASN D 197 37.77 -3.08 -9.25
N GLU D 198 36.44 -3.14 -9.22
CA GLU D 198 35.74 -3.63 -8.02
C GLU D 198 35.47 -5.13 -8.00
N PHE D 199 35.54 -5.81 -9.14
CA PHE D 199 35.20 -7.21 -9.23
C PHE D 199 36.38 -7.99 -9.78
N PRO D 200 36.65 -9.19 -9.24
CA PRO D 200 37.61 -10.08 -9.88
C PRO D 200 37.27 -10.27 -11.35
N ALA D 201 38.29 -10.57 -12.16
CA ALA D 201 38.12 -10.55 -13.61
C ALA D 201 36.99 -11.45 -14.09
N ASN D 202 36.87 -12.66 -13.54
CA ASN D 202 35.79 -13.54 -13.98
C ASN D 202 34.41 -12.95 -13.68
N GLN D 203 34.28 -12.33 -12.51
CA GLN D 203 33.02 -11.70 -12.12
C GLN D 203 32.74 -10.49 -12.97
N ALA D 204 33.76 -9.66 -13.23
CA ALA D 204 33.57 -8.50 -14.10
C ALA D 204 33.09 -8.94 -15.47
N LYS D 205 33.68 -9.98 -16.03
CA LYS D 205 33.27 -10.47 -17.33
C LYS D 205 31.80 -10.88 -17.33
N GLN D 206 31.38 -11.58 -16.28
CA GLN D 206 30.01 -12.07 -16.21
C GLN D 206 29.03 -10.92 -16.06
N ILE D 207 29.37 -9.90 -15.28
CA ILE D 207 28.53 -8.72 -15.15
C ILE D 207 28.41 -8.01 -16.49
N LYS D 208 29.55 -7.80 -17.17
N LYS D 208 29.55 -7.81 -17.16
CA LYS D 208 29.52 -7.08 -18.45
CA LYS D 208 29.54 -7.05 -18.44
C LYS D 208 28.72 -7.83 -19.49
C LYS D 208 28.73 -7.83 -19.50
N ALA D 209 28.77 -9.16 -19.46
CA ALA D 209 27.97 -9.94 -20.42
C ALA D 209 26.49 -9.72 -20.18
N ALA D 210 26.08 -9.62 -18.92
CA ALA D 210 24.68 -9.46 -18.59
C ALA D 210 24.20 -8.05 -18.90
N VAL D 211 25.03 -7.03 -18.64
CA VAL D 211 24.57 -5.66 -18.85
C VAL D 211 24.84 -5.14 -20.25
N GLY D 212 25.64 -5.83 -21.04
CA GLY D 212 25.93 -5.34 -22.38
C GLY D 212 26.68 -4.03 -22.33
N LYS D 213 26.30 -3.09 -23.19
CA LYS D 213 26.88 -1.75 -23.21
C LYS D 213 26.03 -0.71 -22.48
N THR D 214 25.07 -1.14 -21.67
CA THR D 214 24.14 -0.21 -21.06
C THR D 214 24.79 0.51 -19.86
N SER D 215 24.21 1.66 -19.52
CA SER D 215 24.72 2.55 -18.48
C SER D 215 23.65 2.89 -17.46
N TRP D 216 24.06 3.08 -16.21
CA TRP D 216 23.17 3.12 -15.07
C TRP D 216 23.67 4.10 -14.04
N GLN D 217 22.73 4.69 -13.31
CA GLN D 217 22.97 5.54 -12.16
C GLN D 217 22.63 4.80 -10.89
N ALA D 218 23.56 4.78 -9.93
CA ALA D 218 23.35 4.27 -8.57
C ALA D 218 23.09 5.49 -7.71
N VAL D 219 21.85 5.62 -7.24
CA VAL D 219 21.36 6.81 -6.56
C VAL D 219 21.10 6.48 -5.10
N HIS D 220 21.57 7.36 -4.22
CA HIS D 220 21.40 7.20 -2.76
C HIS D 220 20.89 8.52 -2.22
N ILE D 221 19.61 8.55 -1.87
CA ILE D 221 18.97 9.80 -1.42
C ILE D 221 19.33 10.00 0.07
N PRO D 222 19.09 11.18 0.66
CA PRO D 222 19.60 11.41 2.03
C PRO D 222 18.96 10.49 3.07
N THR D 223 19.77 10.02 4.02
CA THR D 223 19.25 9.23 5.13
C THR D 223 18.24 10.01 5.96
N ILE D 224 18.48 11.31 6.17
CA ILE D 224 17.52 12.08 6.98
C ILE D 224 16.15 12.10 6.32
N VAL D 225 16.13 12.04 4.98
CA VAL D 225 14.88 12.00 4.21
C VAL D 225 14.22 10.63 4.30
N THR D 226 14.97 9.54 4.10
CA THR D 226 14.38 8.22 4.14
C THR D 226 13.74 7.94 5.50
N ARG D 227 14.36 8.49 6.56
CA ARG D 227 13.85 8.32 7.91
C ARG D 227 12.58 9.15 8.14
N THR D 228 12.54 10.38 7.60
CA THR D 228 11.33 11.18 7.68
C THR D 228 10.19 10.56 6.87
N GLU D 229 10.51 9.97 5.73
CA GLU D 229 9.54 9.49 4.74
C GLU D 229 9.44 7.97 4.79
N ASP D 230 9.50 7.30 3.65
CA ASP D 230 9.36 5.87 3.52
C ASP D 230 10.10 5.42 2.27
N GLY D 231 10.13 4.10 2.05
CA GLY D 231 10.80 3.59 0.88
C GLY D 231 10.26 4.09 -0.44
N PRO D 232 8.94 4.22 -0.59
CA PRO D 232 8.40 4.70 -1.86
C PRO D 232 8.82 6.09 -2.20
N GLY D 233 9.32 6.85 -1.23
CA GLY D 233 9.86 8.17 -1.51
C GLY D 233 11.14 8.17 -2.31
N THR D 234 11.87 7.06 -2.32
CA THR D 234 13.24 7.09 -2.89
C THR D 234 13.25 7.37 -4.38
N SER D 235 12.49 6.59 -5.17
CA SER D 235 12.55 6.79 -6.62
C SER D 235 11.96 8.14 -6.99
N ARG D 236 11.00 8.62 -6.22
CA ARG D 236 10.42 9.92 -6.51
C ARG D 236 11.42 11.04 -6.29
N TRP D 237 12.19 10.97 -5.18
CA TRP D 237 13.21 11.98 -4.89
C TRP D 237 14.24 11.99 -6.02
N MET D 238 14.72 10.80 -6.34
CA MET D 238 15.70 10.65 -7.43
C MET D 238 15.17 11.30 -8.70
N ALA D 239 13.91 11.04 -9.04
CA ALA D 239 13.44 11.45 -10.36
C ALA D 239 13.29 12.96 -10.43
N MET D 240 12.98 13.61 -9.32
CA MET D 240 12.84 15.06 -9.37
C MET D 240 14.16 15.70 -9.76
N GLN D 241 15.24 15.21 -9.15
CA GLN D 241 16.52 15.88 -9.31
C GLN D 241 17.22 15.43 -10.60
N VAL D 242 17.01 14.19 -11.03
CA VAL D 242 17.42 13.77 -12.38
C VAL D 242 16.73 14.65 -13.44
N GLY D 243 15.42 14.89 -13.28
CA GLY D 243 14.71 15.72 -14.24
C GLY D 243 15.25 17.14 -14.28
N MET D 244 15.48 17.73 -13.11
CA MET D 244 16.04 19.08 -13.07
C MET D 244 17.37 19.16 -13.77
N THR D 245 18.21 18.15 -13.54
CA THR D 245 19.56 18.18 -14.09
C THR D 245 19.55 18.02 -15.60
N PHE D 246 18.69 17.15 -16.14
CA PHE D 246 18.58 17.09 -17.60
C PHE D 246 18.18 18.43 -18.20
N ILE D 247 17.24 19.13 -17.55
CA ILE D 247 16.82 20.43 -18.05
C ILE D 247 18.01 21.37 -18.24
N SER D 248 18.86 21.44 -17.21
CA SER D 248 19.98 22.38 -17.28
C SER D 248 21.06 21.89 -18.23
N ALA D 249 21.44 20.61 -18.11
CA ALA D 249 22.57 20.06 -18.83
C ALA D 249 22.33 19.96 -20.33
N TYR D 250 21.09 19.98 -20.78
CA TYR D 250 20.74 19.89 -22.19
C TYR D 250 19.95 21.09 -22.69
N HIS D 251 19.94 22.19 -21.92
CA HIS D 251 19.38 23.44 -22.41
C HIS D 251 17.95 23.28 -22.87
N MET D 252 17.16 22.55 -22.08
CA MET D 252 15.77 22.29 -22.43
C MET D 252 14.89 23.48 -21.97
N CYS D 253 13.66 23.49 -22.47
CA CYS D 253 12.67 24.34 -21.77
C CYS D 253 12.55 23.70 -20.38
N ALA D 254 12.50 24.51 -19.34
CA ALA D 254 12.35 24.01 -17.97
C ALA D 254 10.88 23.66 -17.75
N GLY D 255 10.49 22.52 -18.35
CA GLY D 255 9.14 22.01 -18.34
C GLY D 255 8.52 22.05 -19.73
N GLU D 256 8.83 21.02 -20.55
CA GLU D 256 8.24 20.81 -21.87
C GLU D 256 7.86 19.34 -21.96
N ALA D 257 7.17 18.97 -23.05
CA ALA D 257 6.74 17.58 -23.20
C ALA D 257 7.89 16.60 -23.08
N ALA D 258 9.07 16.94 -23.63
CA ALA D 258 10.19 16.02 -23.53
C ALA D 258 10.59 15.78 -22.06
N VAL D 259 10.46 16.78 -21.19
CA VAL D 259 10.68 16.59 -19.77
C VAL D 259 9.73 15.56 -19.20
N GLY D 260 8.47 15.57 -19.64
CA GLY D 260 7.52 14.55 -19.20
C GLY D 260 7.93 13.14 -19.59
N GLU D 261 8.49 12.97 -20.80
CA GLU D 261 8.95 11.65 -21.18
C GLU D 261 10.19 11.26 -20.40
N LEU D 262 11.03 12.21 -20.01
CA LEU D 262 12.12 11.94 -19.08
C LEU D 262 11.60 11.54 -17.69
N ALA D 263 10.50 12.16 -17.24
CA ALA D 263 9.94 11.80 -15.94
C ALA D 263 9.46 10.35 -15.97
N PHE D 264 8.75 9.96 -17.05
CA PHE D 264 8.29 8.58 -17.15
C PHE D 264 9.48 7.62 -17.18
N THR D 265 10.56 8.04 -17.85
CA THR D 265 11.78 7.25 -17.90
C THR D 265 12.34 7.02 -16.50
N ALA D 266 12.53 8.11 -15.74
CA ALA D 266 13.16 7.98 -14.42
C ALA D 266 12.27 7.23 -13.45
N LYS D 267 10.96 7.47 -13.50
CA LYS D 267 10.04 6.93 -12.51
C LYS D 267 9.50 5.56 -12.83
N MHS D 268 9.64 5.14 -14.10
CA MHS D 268 9.02 3.85 -14.51
C MHS D 268 9.93 3.08 -15.46
O MHS D 268 10.51 2.08 -15.02
CB MHS D 268 7.64 4.09 -15.17
CG MHS D 268 6.69 4.74 -14.23
ND1 MHS D 268 5.87 4.00 -13.37
CD2 MHS D 268 6.42 6.04 -13.97
CE1 MHS D 268 5.16 4.92 -12.65
NE2 MHS D 268 5.48 6.16 -12.97
CM MHS D 268 5.81 2.55 -13.30
N ALA D 269 10.11 3.54 -16.68
CA ALA D 269 10.71 2.67 -17.70
C ALA D 269 12.17 2.32 -17.45
N GLY D 270 12.93 3.27 -16.91
CA GLY D 270 14.33 3.07 -16.63
C GLY D 270 14.68 2.71 -15.20
N LEU D 271 13.68 2.51 -14.37
CA LEU D 271 13.85 2.40 -12.92
C LEU D 271 13.97 0.96 -12.44
N VAL D 272 14.97 0.70 -11.59
CA VAL D 272 15.12 -0.54 -10.85
C VAL D 272 15.03 -0.21 -9.35
N GLU D 273 13.88 -0.49 -8.76
N GLU D 273 13.87 -0.51 -8.77
CA GLU D 273 13.70 -0.40 -7.33
CA GLU D 273 13.70 -0.37 -7.31
C GLU D 273 14.19 -1.69 -6.67
C GLU D 273 14.19 -1.66 -6.66
N MET D 274 14.40 -1.61 -5.35
CA MET D 274 14.79 -2.80 -4.61
C MET D 274 13.68 -3.84 -4.59
N GLY D 275 12.42 -3.41 -4.58
CA GLY D 275 11.27 -4.29 -4.61
C GLY D 275 10.02 -3.45 -4.79
N ASP D 276 8.91 -4.13 -5.07
CA ASP D 276 7.63 -3.51 -5.37
C ASP D 276 6.70 -3.59 -4.16
N MET D 277 5.48 -3.06 -4.33
CA MET D 277 4.48 -3.04 -3.27
C MET D 277 4.07 -4.45 -2.86
N ILE D 278 3.39 -4.47 -1.70
CA ILE D 278 2.88 -5.75 -1.13
C ILE D 278 1.38 -5.54 -0.79
N PRO D 279 0.63 -6.57 -0.49
N PRO D 279 0.62 -6.60 -0.54
CA PRO D 279 -0.83 -6.46 -0.47
CA PRO D 279 -0.83 -6.50 -0.45
C PRO D 279 -1.39 -5.80 0.78
C PRO D 279 -1.38 -5.75 0.72
N ALA D 280 -2.69 -5.55 0.69
CA ALA D 280 -3.36 -4.61 1.60
C ALA D 280 -3.20 -4.93 3.07
N ARG D 281 -3.29 -6.20 3.45
CA ARG D 281 -3.23 -6.51 4.87
C ARG D 281 -1.95 -5.99 5.48
N AGM D 282 -0.86 -6.03 4.70
CA AGM D 282 0.45 -5.54 5.14
CB AGM D 282 1.49 -6.68 5.18
CG AGM D 282 1.66 -7.49 3.89
CD AGM D 282 2.30 -8.87 4.14
CE2 AGM D 282 3.79 -8.78 4.44
NE1 AGM D 282 2.11 -9.76 3.00
CZ AGM D 282 0.95 -10.38 2.73
NH1 AGM D 282 -0.13 -10.23 3.52
NH2 AGM D 282 0.87 -11.14 1.63
C AGM D 282 0.93 -4.38 4.28
O AGM D 282 2.11 -4.20 4.03
N ALA D 283 -0.01 -3.54 3.87
CA ALA D 283 0.18 -2.51 2.85
C ALA D 283 1.45 -1.71 3.07
N ARG D 284 2.32 -1.74 2.07
CA ARG D 284 3.49 -0.89 1.91
C ARG D 284 3.73 -0.74 0.40
N GLY D 285 4.33 0.37 0.02
CA GLY D 285 4.77 0.57 -1.34
C GLY D 285 6.17 0.01 -1.58
N PRO D 286 6.76 0.38 -2.73
CA PRO D 286 8.11 -0.10 -3.11
C PRO D 286 9.20 0.27 -2.11
N ASN D 287 10.31 -0.48 -2.21
CA ASN D 287 11.51 -0.21 -1.41
C ASN D 287 11.24 -0.37 0.09
N GLU D 288 10.41 -1.35 0.43
CA GLU D 288 10.22 -1.77 1.82
C GLU D 288 10.63 -3.24 1.94
N PRO D 289 10.89 -3.72 3.16
CA PRO D 289 11.51 -5.06 3.26
C PRO D 289 10.59 -6.18 2.77
N GLY D 290 9.27 -6.04 2.93
CA GLY D 290 8.39 -7.10 2.48
C GLY D 290 8.49 -7.37 0.98
N GLY D 291 8.75 -6.32 0.20
CA GLY D 291 8.89 -6.48 -1.23
C GLY D 291 10.26 -6.90 -1.70
N LEU D 292 11.22 -7.04 -0.79
CA LEU D 292 12.60 -7.33 -1.17
C LEU D 292 12.75 -8.82 -1.43
N SER D 293 13.04 -9.17 -2.67
CA SER D 293 13.32 -10.55 -2.99
C SER D 293 14.62 -11.01 -2.38
N PHE D 294 14.70 -12.32 -2.13
CA PHE D 294 15.91 -12.89 -1.56
C PHE D 294 17.08 -12.75 -2.54
N GLY D 295 16.84 -12.87 -3.84
CA GLY D 295 17.91 -12.63 -4.79
C GLY D 295 18.46 -11.22 -4.72
N HIS D 296 17.58 -10.21 -4.62
CA HIS D 296 18.09 -8.85 -4.45
C HIS D 296 18.86 -8.70 -3.16
N MET D 297 18.36 -9.22 -2.05
CA MET D 297 19.10 -9.07 -0.80
C MET D 297 20.47 -9.75 -0.89
N ALA D 298 20.54 -10.92 -1.51
CA ALA D 298 21.81 -11.59 -1.67
C ALA D 298 22.75 -10.77 -2.54
N ASP D 299 22.22 -10.08 -3.54
CA ASP D 299 23.07 -9.28 -4.43
C ASP D 299 23.50 -7.96 -3.80
N ILE D 300 22.73 -7.41 -2.87
CA ILE D 300 23.17 -6.24 -2.10
C ILE D 300 24.44 -6.56 -1.31
N CYS D 301 24.45 -7.73 -0.69
CA CYS D 301 25.63 -8.16 0.07
CA CYS D 301 25.63 -8.16 0.09
C CYS D 301 26.83 -8.31 -0.85
N GLN D 302 28.00 -7.89 -0.36
CA GLN D 302 29.19 -7.72 -1.21
C GLN D 302 30.36 -8.65 -0.88
N THR D 303 30.15 -9.61 0.01
CA THR D 303 31.25 -10.47 0.43
C THR D 303 31.79 -11.28 -0.74
N ASN D 304 30.93 -11.69 -1.68
CA ASN D 304 31.39 -12.53 -2.78
C ASN D 304 32.38 -11.83 -3.71
N ARG D 305 32.35 -10.51 -3.81
CA ARG D 305 33.36 -9.86 -4.66
C ARG D 305 34.70 -9.72 -3.98
N LYS D 306 34.74 -9.79 -2.64
CA LYS D 306 35.98 -9.64 -1.88
C LYS D 306 36.63 -10.98 -1.57
N GLY D 307 35.83 -12.01 -1.27
CA GLY D 307 36.33 -13.27 -0.82
C GLY D 307 35.62 -14.49 -1.40
N PRO D 308 35.54 -14.57 -2.73
CA PRO D 308 34.84 -15.72 -3.34
C PRO D 308 35.52 -17.05 -3.10
N GLU D 309 36.79 -17.04 -2.68
CA GLU D 309 37.49 -18.27 -2.35
C GLU D 309 36.97 -18.94 -1.08
N ASP D 310 36.16 -18.25 -0.28
CA ASP D 310 35.54 -18.84 0.91
C ASP D 310 34.02 -18.65 0.74
N PRO D 311 33.39 -19.47 -0.09
CA PRO D 311 31.95 -19.31 -0.32
C PRO D 311 31.13 -19.53 0.92
N VAL D 312 31.58 -20.37 1.85
CA VAL D 312 30.86 -20.51 3.12
C VAL D 312 30.82 -19.19 3.87
N ASN D 313 31.94 -18.47 3.92
CA ASN D 313 31.91 -17.15 4.53
C ASN D 313 30.98 -16.19 3.82
N VAL D 314 30.93 -16.25 2.50
CA VAL D 314 29.97 -15.43 1.73
C VAL D 314 28.56 -15.71 2.20
N ILE D 315 28.22 -17.01 2.32
CA ILE D 315 26.87 -17.42 2.74
C ILE D 315 26.57 -16.89 4.13
N LEU D 316 27.54 -17.03 5.04
CA LEU D 316 27.36 -16.64 6.43
C LEU D 316 27.20 -15.14 6.59
N GLN D 317 28.02 -14.34 5.90
CA GLN D 317 27.87 -12.89 5.94
C GLN D 317 26.53 -12.47 5.34
N THR D 318 26.12 -13.13 4.25
CA THR D 318 24.79 -12.85 3.67
C THR D 318 23.70 -13.17 4.68
N ALA D 319 23.79 -14.35 5.33
CA ALA D 319 22.81 -14.70 6.34
C ALA D 319 22.74 -13.64 7.42
N SER D 320 23.88 -13.04 7.76
CA SER D 320 23.93 -12.06 8.84
C SER D 320 23.21 -10.78 8.45
N ALA D 321 23.57 -10.19 7.29
CA ALA D 321 22.92 -8.96 6.85
C ALA D 321 21.43 -9.18 6.62
N ALA D 322 21.08 -10.32 6.01
CA ALA D 322 19.69 -10.57 5.62
C ALA D 322 18.81 -10.92 6.82
N THR D 323 19.34 -11.74 7.73
CA THR D 323 18.56 -12.13 8.92
C THR D 323 18.31 -10.93 9.82
N MET D 324 19.32 -10.07 10.00
CA MET D 324 19.10 -8.84 10.76
C MET D 324 17.94 -8.04 10.15
N LEU D 325 18.03 -7.76 8.85
CA LEU D 325 16.99 -6.94 8.23
C LEU D 325 15.62 -7.61 8.34
N TYR D 326 15.52 -8.85 7.85
CA TYR D 326 14.22 -9.48 7.71
C TYR D 326 13.59 -9.78 9.07
N ASP D 327 14.38 -10.32 10.02
CA ASP D 327 13.78 -10.70 11.30
C ASP D 327 13.75 -9.56 12.32
N GLN D 328 14.84 -8.77 12.42
CA GLN D 328 14.87 -7.75 13.48
C GLN D 328 14.09 -6.50 13.09
N ILE D 329 14.38 -5.93 11.90
CA ILE D 329 13.75 -4.67 11.50
C ILE D 329 12.39 -4.89 10.86
N TRP D 330 12.29 -5.85 9.95
CA TRP D 330 11.04 -6.08 9.21
C TRP D 330 10.04 -6.84 10.09
N LEU D 331 10.28 -8.11 10.38
CA LEU D 331 9.29 -8.86 11.14
C LEU D 331 9.17 -8.37 12.58
N GLY D 332 10.29 -8.04 13.22
CA GLY D 332 10.33 -7.62 14.60
C GLY D 332 10.10 -6.15 14.83
N GLY D 333 9.99 -5.38 13.75
CA GLY D 333 9.75 -3.95 13.78
C GLY D 333 8.50 -3.63 13.00
N TYR D 334 8.66 -3.41 11.69
CA TYR D 334 7.54 -3.04 10.79
C TYR D 334 6.30 -3.90 11.00
N MET D 335 6.46 -5.21 11.14
CA MET D 335 5.32 -6.14 11.20
C MET D 335 4.90 -6.51 12.61
N SER D 336 5.60 -6.02 13.63
CA SER D 336 5.23 -6.30 15.03
C SER D 336 5.76 -5.14 15.88
N GLY D 337 6.85 -5.35 16.58
CA GLY D 337 7.46 -4.33 17.40
C GLY D 337 7.64 -4.76 18.83
N GLY D 338 7.91 -3.79 19.68
CA GLY D 338 8.21 -4.07 21.06
C GLY D 338 9.65 -4.53 21.25
N VAL D 339 9.83 -5.39 22.24
CA VAL D 339 11.14 -6.05 22.42
C VAL D 339 11.60 -6.69 21.11
N GLY D 340 10.71 -7.35 20.39
CA GLY D 340 11.05 -7.85 19.07
C GLY D 340 11.96 -9.06 19.09
N PHE D 341 12.78 -9.16 18.02
CA PHE D 341 13.28 -10.46 17.54
C PHE D 341 14.80 -10.50 17.39
N THR D 342 15.53 -9.75 18.21
CA THR D 342 16.99 -9.79 18.19
C THR D 342 17.52 -11.21 18.29
N MET D 343 17.09 -11.97 19.29
CA MET D 343 17.68 -13.30 19.52
C MET D 343 17.16 -14.33 18.51
N TYR D 344 16.01 -14.13 17.84
CA TYR D 344 15.71 -15.02 16.72
C TYR D 344 16.75 -14.86 15.62
N ALA D 345 17.38 -13.68 15.52
CA ALA D 345 18.32 -13.34 14.46
C ALA D 345 19.78 -13.59 14.81
N THR D 346 20.18 -13.35 16.06
CA THR D 346 21.57 -13.50 16.47
C THR D 346 22.19 -14.85 16.18
N PRO D 347 21.47 -15.97 16.09
CA PRO D 347 22.16 -17.20 15.67
C PRO D 347 22.83 -17.10 14.31
N ALA D 348 22.40 -16.18 13.45
CA ALA D 348 23.05 -16.04 12.16
C ALA D 348 24.41 -15.40 12.24
N TYR D 349 24.73 -14.67 13.33
CA TYR D 349 25.92 -13.83 13.35
C TYR D 349 26.67 -13.81 14.69
N THR D 350 26.32 -14.71 15.63
CA THR D 350 27.02 -14.79 16.90
C THR D 350 27.42 -16.22 17.24
N ASN D 351 28.53 -16.31 17.95
CA ASN D 351 29.00 -17.48 18.68
C ASN D 351 29.47 -18.64 17.81
N ASP D 352 29.56 -18.45 16.50
CA ASP D 352 30.24 -19.37 15.60
C ASP D 352 29.56 -20.74 15.47
N ILE D 353 28.31 -20.88 15.91
CA ILE D 353 27.64 -22.18 15.93
C ILE D 353 27.14 -22.55 14.53
N VAL D 354 26.30 -21.70 13.91
CA VAL D 354 25.89 -22.03 12.54
C VAL D 354 27.11 -22.14 11.65
N ASP D 355 28.15 -21.34 11.91
CA ASP D 355 29.34 -21.40 11.09
C ASP D 355 29.95 -22.81 11.18
N ASP D 356 30.09 -23.36 12.37
CA ASP D 356 30.59 -24.71 12.51
C ASP D 356 29.78 -25.68 11.67
N PHE D 357 28.46 -25.59 11.78
CA PHE D 357 27.59 -26.57 11.15
C PHE D 357 27.65 -26.47 9.63
N LEU D 358 27.71 -25.26 9.10
CA LEU D 358 27.75 -25.07 7.65
C LEU D 358 29.10 -25.45 7.07
N TYR D 359 30.20 -25.05 7.72
CA TYR D 359 31.51 -25.53 7.27
C TYR D 359 31.55 -27.06 7.28
N TRP D 360 30.98 -27.70 8.30
CA TRP D 360 30.99 -29.16 8.34
C TRP D 360 30.23 -29.74 7.17
N ALA D 361 29.03 -29.23 6.91
CA ALA D 361 28.20 -29.81 5.87
C ALA D 361 28.79 -29.58 4.48
N ASP D 362 29.37 -28.41 4.25
CA ASP D 362 30.03 -28.19 2.96
C ASP D 362 31.27 -29.09 2.79
N GLU D 363 32.02 -29.35 3.86
N GLU D 363 32.01 -29.34 3.88
N GLU D 363 32.01 -29.34 3.88
CA GLU D 363 33.13 -30.28 3.76
CA GLU D 363 33.15 -30.26 3.76
CA GLU D 363 33.15 -30.26 3.76
C GLU D 363 32.63 -31.68 3.45
C GLU D 363 32.64 -31.68 3.45
C GLU D 363 32.64 -31.68 3.46
N TYR D 364 31.56 -32.10 4.10
CA TYR D 364 30.95 -33.40 3.83
C TYR D 364 30.59 -33.52 2.36
N ALA D 365 29.86 -32.53 1.84
CA ALA D 365 29.35 -32.61 0.48
C ALA D 365 30.49 -32.50 -0.53
N SER D 366 31.45 -31.60 -0.27
CA SER D 366 32.51 -31.38 -1.25
C SER D 366 33.38 -32.61 -1.36
N LYS D 367 33.61 -33.32 -0.25
CA LYS D 367 34.40 -34.54 -0.34
C LYS D 367 33.60 -35.65 -1.02
N LYS D 368 32.32 -35.79 -0.66
CA LYS D 368 31.53 -36.90 -1.18
C LYS D 368 31.30 -36.81 -2.68
N TYR D 369 31.10 -35.61 -3.20
CA TYR D 369 30.73 -35.42 -4.60
C TYR D 369 31.92 -35.04 -5.48
N GLY D 370 33.15 -35.17 -4.96
CA GLY D 370 34.34 -35.06 -5.78
C GLY D 370 34.81 -33.65 -6.03
N GLY D 371 34.42 -32.70 -5.20
CA GLY D 371 34.84 -31.32 -5.31
C GLY D 371 33.65 -30.44 -5.00
N ARG D 372 33.92 -29.20 -4.62
CA ARG D 372 32.83 -28.28 -4.30
C ARG D 372 32.01 -27.96 -5.54
N GLY D 373 30.69 -27.89 -5.38
CA GLY D 373 29.80 -27.48 -6.45
C GLY D 373 29.58 -28.52 -7.53
N LYS D 374 29.93 -29.78 -7.32
CA LYS D 374 29.86 -30.80 -8.36
C LYS D 374 28.69 -31.78 -8.22
N ALA D 375 27.86 -31.65 -7.21
CA ALA D 375 26.77 -32.58 -7.00
C ALA D 375 25.60 -32.31 -7.95
N LYS D 376 24.98 -33.36 -8.44
CA LYS D 376 23.82 -33.20 -9.30
C LYS D 376 22.59 -32.80 -8.48
N ALA D 377 21.73 -31.98 -9.07
CA ALA D 377 20.52 -31.49 -8.39
C ALA D 377 19.42 -32.53 -8.55
N THR D 378 19.39 -33.47 -7.60
CA THR D 378 18.45 -34.58 -7.59
C THR D 378 17.95 -34.84 -6.18
N ILE D 379 16.85 -35.59 -6.11
CA ILE D 379 16.32 -36.01 -4.82
C ILE D 379 17.38 -36.72 -4.00
N ASP D 380 18.14 -37.61 -4.63
CA ASP D 380 19.13 -38.36 -3.86
C ASP D 380 20.20 -37.45 -3.26
N THR D 381 20.67 -36.44 -4.01
CA THR D 381 21.68 -35.54 -3.45
C THR D 381 21.11 -34.78 -2.27
N VAL D 382 19.92 -34.22 -2.46
CA VAL D 382 19.29 -33.41 -1.41
C VAL D 382 19.10 -34.26 -0.15
N LYS D 383 18.57 -35.47 -0.34
CA LYS D 383 18.32 -36.33 0.81
C LYS D 383 19.61 -36.59 1.59
N ASP D 384 20.68 -36.90 0.86
CA ASP D 384 21.96 -37.21 1.48
C ASP D 384 22.50 -36.03 2.28
N ILE D 385 22.71 -34.90 1.61
CA ILE D 385 23.34 -33.77 2.30
C ILE D 385 22.48 -33.28 3.45
N ALA D 386 21.18 -33.14 3.22
CA ALA D 386 20.32 -32.61 4.28
C ALA D 386 20.30 -33.54 5.48
N THR D 387 20.27 -34.85 5.24
CA THR D 387 20.17 -35.78 6.36
C THR D 387 21.48 -35.78 7.16
N GLU D 388 22.60 -35.93 6.48
CA GLU D 388 23.87 -35.99 7.21
C GLU D 388 24.22 -34.68 7.89
N SER D 389 23.90 -33.55 7.25
CA SER D 389 24.10 -32.26 7.90
C SER D 389 23.25 -32.16 9.15
N THR D 390 21.96 -32.48 9.04
CA THR D 390 21.08 -32.31 10.19
C THR D 390 21.52 -33.18 11.35
N LEU D 391 21.92 -34.43 11.05
CA LEU D 391 22.39 -35.31 12.11
C LEU D 391 23.62 -34.73 12.81
N TYR D 392 24.58 -34.20 12.04
CA TYR D 392 25.74 -33.56 12.67
C TYR D 392 25.31 -32.43 13.60
N SER D 393 24.48 -31.54 13.07
CA SER D 393 24.08 -30.34 13.82
C SER D 393 23.36 -30.69 15.10
N LEU D 394 22.38 -31.58 15.02
CA LEU D 394 21.64 -31.98 16.21
C LEU D 394 22.56 -32.66 17.22
N GLU D 395 23.46 -33.52 16.76
CA GLU D 395 24.38 -34.16 17.68
C GLU D 395 25.29 -33.14 18.35
N ALA D 396 25.63 -32.04 17.68
CA ALA D 396 26.46 -31.01 18.29
C ALA D 396 25.73 -30.35 19.44
N TYR D 397 24.46 -30.01 19.25
CA TYR D 397 23.69 -29.44 20.35
C TYR D 397 23.64 -30.40 21.54
N GLU D 398 23.61 -31.70 21.26
CA GLU D 398 23.53 -32.72 22.30
C GLU D 398 24.88 -32.94 22.98
N LYS D 399 25.97 -32.81 22.24
CA LYS D 399 27.30 -32.97 22.80
C LYS D 399 27.77 -31.75 23.59
N TYR D 400 27.25 -30.57 23.26
CA TYR D 400 27.70 -29.29 23.82
C TYR D 400 26.51 -28.58 24.44
N PRO D 401 26.21 -28.85 25.71
CA PRO D 401 25.07 -28.20 26.37
C PRO D 401 25.09 -26.70 26.31
N THR D 402 26.27 -26.10 26.24
CA THR D 402 26.36 -24.65 26.14
C THR D 402 25.73 -24.13 24.84
N THR D 403 25.88 -24.86 23.73
CA THR D 403 25.25 -24.43 22.49
C THR D 403 23.73 -24.53 22.55
N LEU D 404 23.22 -25.59 23.18
CA LEU D 404 21.77 -25.76 23.33
C LEU D 404 21.19 -24.65 24.17
N GLU D 405 21.94 -24.23 25.20
CA GLU D 405 21.51 -23.15 26.08
C GLU D 405 21.59 -21.79 25.40
N ASP D 406 22.59 -21.57 24.54
CA ASP D 406 22.67 -20.33 23.78
C ASP D 406 21.45 -20.20 22.87
N HIS D 407 21.24 -21.23 22.05
CA HIS D 407 20.09 -21.30 21.15
C HIS D 407 18.95 -21.97 21.90
N PHE D 408 18.49 -21.26 22.93
CA PHE D 408 17.55 -21.83 23.88
C PHE D 408 16.16 -22.02 23.29
N GLY D 409 15.80 -21.30 22.23
CA GLY D 409 14.51 -21.50 21.58
C GLY D 409 14.67 -22.49 20.44
N GLY D 410 13.71 -23.39 20.32
CA GLY D 410 13.77 -24.32 19.22
C GLY D 410 13.80 -23.67 17.85
N SER D 411 13.16 -22.50 17.72
CA SER D 411 13.19 -21.79 16.45
C SER D 411 14.62 -21.46 16.04
N GLN D 412 15.43 -21.04 17.02
CA GLN D 412 16.81 -20.70 16.76
C GLN D 412 17.56 -21.92 16.24
N ARG D 413 17.37 -23.05 16.92
CA ARG D 413 18.03 -24.29 16.53
C ARG D 413 17.60 -24.75 15.15
N ALA D 414 16.32 -24.66 14.85
CA ALA D 414 15.81 -25.07 13.56
C ALA D 414 16.37 -24.20 12.44
N THR D 415 16.42 -22.89 12.67
CA THR D 415 17.01 -21.98 11.69
C THR D 415 18.46 -22.34 11.41
N VAL D 416 19.23 -22.56 12.48
CA VAL D 416 20.64 -22.86 12.33
C VAL D 416 20.85 -24.16 11.56
N CYS D 417 20.12 -25.21 11.94
CA CYS D 417 20.24 -26.46 11.22
C CYS D 417 19.90 -26.36 9.75
N SER D 418 18.81 -25.66 9.43
CA SER D 418 18.40 -25.59 8.04
C SER D 418 19.27 -24.67 7.21
N ILE D 419 19.86 -23.61 7.82
CA ILE D 419 20.86 -22.82 7.09
C ILE D 419 22.01 -23.72 6.68
N ALA D 420 22.47 -24.55 7.61
CA ALA D 420 23.61 -25.42 7.28
C ALA D 420 23.23 -26.45 6.21
N ALA D 421 22.08 -27.10 6.35
CA ALA D 421 21.70 -28.16 5.41
C ALA D 421 21.35 -27.56 4.05
N GLY D 422 20.54 -26.50 4.05
CA GLY D 422 20.14 -25.87 2.80
C GLY D 422 21.30 -25.19 2.11
N GLY D 423 22.12 -24.47 2.87
CA GLY D 423 23.27 -23.80 2.28
C GLY D 423 24.27 -24.77 1.71
N ALA D 424 24.58 -25.85 2.43
CA ALA D 424 25.53 -26.80 1.88
C ALA D 424 24.99 -27.45 0.62
N THR D 425 23.68 -27.72 0.58
CA THR D 425 23.10 -28.35 -0.60
C THR D 425 23.09 -27.42 -1.80
N ALA D 426 22.69 -26.17 -1.60
CA ALA D 426 22.71 -25.20 -2.70
C ALA D 426 24.13 -24.96 -3.20
N LEU D 427 25.10 -24.92 -2.30
CA LEU D 427 26.48 -24.73 -2.72
C LEU D 427 27.00 -25.96 -3.47
N ALA D 428 26.58 -27.15 -3.04
CA ALA D 428 27.03 -28.37 -3.71
C ALA D 428 26.47 -28.51 -5.12
N THR D 429 25.25 -28.02 -5.32
CA THR D 429 24.51 -28.22 -6.57
C THR D 429 24.45 -26.99 -7.47
N GLY D 430 24.80 -25.82 -6.95
CA GLY D 430 24.56 -24.58 -7.66
C GLY D 430 23.09 -24.32 -7.95
N HIS D 431 22.19 -24.75 -7.06
CA HIS D 431 20.77 -24.82 -7.38
C HIS D 431 19.95 -24.37 -6.19
N SER D 432 19.29 -23.22 -6.32
CA SER D 432 18.57 -22.68 -5.16
C SER D 432 17.38 -23.56 -4.79
N GLN D 433 16.71 -24.15 -5.78
CA GLN D 433 15.55 -25.01 -5.50
C GLN D 433 15.97 -26.22 -4.68
N ALA D 434 17.08 -26.85 -5.07
CA ALA D 434 17.61 -27.98 -4.32
C ALA D 434 17.89 -27.57 -2.87
N GLY D 435 18.46 -26.37 -2.67
CA GLY D 435 18.72 -25.89 -1.33
C GLY D 435 17.46 -25.73 -0.50
N LEU D 436 16.38 -25.19 -1.11
CA LEU D 436 15.11 -25.08 -0.38
C LEU D 436 14.58 -26.46 0.00
N SER D 437 14.70 -27.43 -0.92
CA SER D 437 14.20 -28.77 -0.63
C SER D 437 14.93 -29.35 0.58
N ALA D 438 16.25 -29.13 0.66
CA ALA D 438 17.04 -29.56 1.81
C ALA D 438 16.65 -28.85 3.09
N TRX D 439 16.41 -27.55 3.00
CA TRX D 439 15.93 -26.78 4.18
C TRX D 439 14.74 -27.51 4.81
O TRX D 439 14.72 -27.72 6.04
CB TRX D 439 15.59 -25.35 3.71
CG TRX D 439 14.96 -24.50 4.77
CD1 TRX D 439 13.71 -24.63 5.29
CD2 TRX D 439 15.54 -23.37 5.45
NE1 TRX D 439 13.49 -23.70 6.26
CE2 TRX D 439 14.59 -22.91 6.38
CE3 TRX D 439 16.79 -22.72 5.37
CZ2 TRX D 439 14.86 -21.84 7.25
CZ3 TRX D 439 17.05 -21.67 6.23
CH2 TRX D 439 16.10 -21.23 7.15
OH2 TRX D 439 16.48 -20.18 7.96
N TYR D 440 13.76 -27.89 4.01
CA TYR D 440 12.55 -28.49 4.55
C TYR D 440 12.79 -29.90 5.09
N LEU D 441 13.58 -30.72 4.39
CA LEU D 441 13.86 -32.05 4.91
C LEU D 441 14.55 -31.95 6.28
N SER D 442 15.48 -31.00 6.42
CA SER D 442 16.13 -30.80 7.71
C SER D 442 15.11 -30.55 8.81
N MET D 443 14.15 -29.64 8.57
CA MET D 443 13.12 -29.36 9.57
C MET D 443 12.37 -30.62 9.95
N TYR D 444 12.01 -31.44 8.97
CA TYR D 444 11.20 -32.61 9.27
C TYR D 444 11.99 -33.59 10.14
N LEU D 445 13.26 -33.79 9.82
CA LEU D 445 14.11 -34.67 10.65
C LEU D 445 14.22 -34.11 12.06
N HIS D 446 14.46 -32.80 12.16
CA HIS D 446 14.63 -32.11 13.43
C HIS D 446 13.44 -32.32 14.35
N LYS D 447 12.24 -32.13 13.80
CA LYS D 447 11.02 -32.31 14.59
C LYS D 447 10.95 -33.71 15.18
N GLU D 448 11.26 -34.73 14.38
CA GLU D 448 11.17 -36.09 14.93
C GLU D 448 12.30 -36.37 15.92
N ALA D 449 13.48 -35.79 15.72
CA ALA D 449 14.59 -36.06 16.64
C ALA D 449 14.29 -35.56 18.04
N HIS D 450 13.82 -34.32 18.14
CA HIS D 450 13.66 -33.66 19.43
C HIS D 450 12.21 -33.67 19.93
N GLY D 451 11.25 -34.07 19.11
CA GLY D 451 9.86 -34.05 19.52
C GLY D 451 9.31 -32.65 19.71
N ARG D 452 9.90 -31.69 19.01
CA ARG D 452 9.61 -30.27 19.07
C ARG D 452 10.36 -29.67 17.88
N LEU D 453 9.93 -28.48 17.47
CA LEU D 453 10.63 -27.78 16.38
C LEU D 453 10.82 -26.33 16.83
N GLY D 454 9.97 -25.43 16.37
CA GLY D 454 10.06 -24.03 16.73
C GLY D 454 8.89 -23.56 17.59
N PHE D 455 8.64 -22.25 17.54
CA PHE D 455 7.53 -21.63 18.23
C PHE D 455 6.21 -22.16 17.62
N PHE D 456 5.08 -21.75 18.22
CA PHE D 456 3.74 -22.28 17.88
C PHE D 456 3.51 -22.29 16.38
CA GL3 D 457 3.63 -20.99 14.31
N GL3 D 457 3.93 -21.21 15.71
C GL3 D 457 4.79 -21.08 13.37
S GL3 D 457 4.66 -20.45 11.85
N TYR D 458 5.94 -21.69 13.86
CA TYR D 458 7.18 -21.64 13.10
C TYR D 458 7.13 -22.37 11.77
N ASP D 459 6.52 -23.57 11.79
CA ASP D 459 6.57 -24.44 10.63
C ASP D 459 5.30 -24.36 9.76
N LEU D 460 4.64 -23.21 9.72
CA LEU D 460 3.64 -23.00 8.67
C LEU D 460 4.31 -23.20 7.32
N GLN D 461 5.38 -22.44 7.06
CA GLN D 461 6.02 -22.58 5.79
C GLN D 461 6.73 -23.90 5.67
N DYA D 462 7.23 -24.40 6.82
CA DYA D 462 7.81 -25.68 6.85
CB DYA D 462 9.07 -25.81 7.37
CG DYA D 462 9.87 -24.65 7.87
OD1 DYA D 462 9.32 -23.89 8.71
OD2 DYA D 462 10.94 -24.41 7.31
C DYA D 462 7.04 -26.78 6.36
O DYA D 462 7.54 -27.59 5.58
N GLN D 463 5.79 -26.86 6.79
CA GLN D 463 4.92 -27.96 6.39
C GLN D 463 4.37 -27.78 4.98
N SMC D 464 4.13 -26.54 4.56
CA SMC D 464 3.86 -26.27 3.12
CB SMC D 464 3.37 -24.84 2.94
SG SMC D 464 1.72 -24.61 3.66
CS SMC D 464 1.84 -22.96 4.36
C SMC D 464 5.13 -26.46 2.27
O SMC D 464 5.02 -26.46 1.04
N GLY D 465 6.29 -26.58 2.91
CA GLY D 465 7.54 -26.31 2.21
C GLY D 465 7.91 -27.31 1.15
N ALA D 466 8.02 -28.58 1.54
CA ALA D 466 8.49 -29.58 0.59
C ALA D 466 7.62 -29.58 -0.66
N THR D 467 6.30 -29.61 -0.47
CA THR D 467 5.39 -29.71 -1.61
C THR D 467 5.41 -28.47 -2.49
N ASN D 468 5.76 -27.30 -1.93
CA ASN D 468 5.76 -26.06 -2.70
C ASN D 468 7.11 -25.76 -3.34
N VAL D 469 8.17 -26.55 -3.10
CA VAL D 469 9.44 -26.22 -3.72
C VAL D 469 9.36 -26.29 -5.23
N PHE D 470 8.73 -27.35 -5.74
CA PHE D 470 8.64 -27.62 -7.17
C PHE D 470 7.20 -27.55 -7.69
N SER D 471 6.29 -26.96 -6.91
CA SER D 471 4.96 -26.67 -7.41
C SER D 471 5.04 -25.66 -8.55
N ILE D 472 4.09 -25.77 -9.49
CA ILE D 472 3.88 -24.75 -10.52
C ILE D 472 2.57 -23.99 -10.33
N ALA D 473 1.91 -24.14 -9.19
CA ALA D 473 0.65 -23.45 -8.99
C ALA D 473 0.84 -21.94 -8.97
N SER D 474 -0.25 -21.21 -9.21
CA SER D 474 -0.20 -19.76 -9.37
C SER D 474 0.65 -19.10 -8.30
N ASP D 475 0.26 -19.31 -7.03
CA ASP D 475 0.87 -18.62 -5.89
C ASP D 475 1.80 -19.53 -5.09
N GLU D 476 2.27 -20.60 -5.69
CA GLU D 476 3.25 -21.53 -5.12
C GLU D 476 4.49 -21.63 -5.97
N GLY D 477 4.34 -21.73 -7.29
CA GLY D 477 5.53 -21.84 -8.13
C GLY D 477 6.31 -20.54 -8.13
N CYS D 478 7.63 -20.67 -7.92
CA CYS D 478 8.49 -19.51 -8.00
C CYS D 478 9.92 -19.99 -7.86
N ILE D 479 10.77 -19.66 -8.83
CA ILE D 479 12.20 -19.97 -8.69
C ILE D 479 12.74 -19.31 -7.43
N GLY D 480 13.69 -19.98 -6.75
CA GLY D 480 14.12 -19.53 -5.43
C GLY D 480 14.61 -18.10 -5.39
N GLU D 481 15.40 -17.69 -6.39
CA GLU D 481 15.99 -16.36 -6.43
C GLU D 481 14.93 -15.26 -6.41
N CYS D 482 13.73 -15.56 -6.93
CA CYS D 482 12.66 -14.60 -7.02
C CYS D 482 11.68 -14.68 -5.86
N ARG D 483 11.80 -15.69 -5.00
CA ARG D 483 11.02 -15.68 -3.77
C ARG D 483 11.53 -14.54 -2.87
N GLY D 484 10.72 -14.15 -1.92
CA GLY D 484 11.06 -13.07 -1.01
C GLY D 484 10.09 -13.03 0.14
N ALA D 485 10.11 -11.91 0.85
CA ALA D 485 9.32 -11.74 2.07
C ALA D 485 7.83 -11.58 1.81
N ASN D 486 7.40 -11.61 0.57
CA ASN D 486 5.97 -11.63 0.25
C ASN D 486 5.56 -12.92 -0.45
N TYR D 487 6.46 -13.87 -0.64
CA TYR D 487 6.04 -15.18 -1.12
C TYR D 487 5.04 -15.69 -0.07
N PRO D 488 3.85 -16.17 -0.47
CA PRO D 488 2.76 -16.30 0.51
C PRO D 488 3.11 -17.06 1.77
N ASN D 489 3.69 -18.23 1.60
CA ASN D 489 4.00 -19.05 2.77
C ASN D 489 5.01 -18.37 3.69
N TYR D 490 5.82 -17.45 3.17
CA TYR D 490 6.91 -16.83 3.90
C TYR D 490 6.53 -15.48 4.50
N ALA D 491 5.30 -15.04 4.35
CA ALA D 491 4.97 -13.63 4.60
C ALA D 491 4.88 -13.24 6.07
N MET D 492 4.95 -14.19 7.01
CA MET D 492 4.67 -13.88 8.42
C MET D 492 5.82 -14.15 9.39
N ASN D 493 6.63 -15.20 9.21
CA ASN D 493 7.29 -15.78 10.39
C ASN D 493 8.80 -15.61 10.43
N VAL D 494 9.31 -15.45 11.65
CA VAL D 494 10.75 -15.36 11.89
C VAL D 494 11.47 -16.65 11.53
N GLY D 495 12.80 -16.56 11.44
CA GLY D 495 13.65 -17.72 11.33
C GLY D 495 13.92 -18.25 9.95
N HIS D 496 13.38 -17.59 8.92
CA HIS D 496 13.39 -18.15 7.58
C HIS D 496 13.91 -17.22 6.50
N GLN D 497 13.46 -15.97 6.43
CA GLN D 497 13.72 -15.12 5.27
C GLN D 497 15.22 -14.91 5.04
N GLY D 498 15.95 -14.56 6.09
CA GLY D 498 17.38 -14.38 5.96
C GLY D 498 18.11 -15.68 5.69
N GLY D 499 17.60 -16.78 6.24
CA GLY D 499 18.13 -18.08 5.93
C GLY D 499 17.97 -18.47 4.47
N TYR D 500 16.79 -18.24 3.89
CA TYR D 500 16.60 -18.49 2.48
C TYR D 500 17.49 -17.60 1.64
N THR D 501 17.69 -16.35 2.06
CA THR D 501 18.59 -15.48 1.34
C THR D 501 19.98 -16.10 1.28
N SER D 502 20.44 -16.68 2.38
CA SER D 502 21.74 -17.35 2.41
C SER D 502 21.76 -18.58 1.53
N VAL D 503 20.64 -19.30 1.42
CA VAL D 503 20.57 -20.46 0.52
C VAL D 503 20.65 -20.01 -0.94
N VAL D 504 19.94 -18.94 -1.29
CA VAL D 504 20.04 -18.36 -2.62
C VAL D 504 21.48 -17.93 -2.90
N ALA D 505 22.12 -17.25 -1.95
CA ALA D 505 23.50 -16.86 -2.12
C ALA D 505 24.38 -18.09 -2.31
N ALA D 506 24.11 -19.17 -1.58
CA ALA D 506 24.91 -20.38 -1.66
C ALA D 506 24.90 -20.99 -3.05
N ALA D 507 23.80 -20.86 -3.78
CA ALA D 507 23.69 -21.40 -5.13
C ALA D 507 24.61 -20.70 -6.11
N HIS D 508 25.16 -19.54 -5.72
CA HIS D 508 25.98 -18.71 -6.59
C HIS D 508 27.35 -18.36 -6.00
N ALA D 509 27.54 -18.46 -4.70
CA ALA D 509 28.77 -18.02 -4.05
C ALA D 509 29.97 -18.75 -4.61
N GLY D 510 31.03 -17.98 -4.87
CA GLY D 510 32.25 -18.55 -5.42
C GLY D 510 32.16 -19.04 -6.84
N LYS D 511 31.02 -18.88 -7.52
CA LYS D 511 30.78 -19.41 -8.88
C LYS D 511 30.33 -18.27 -9.80
N ASP D 512 29.38 -17.46 -9.32
CA ASP D 512 28.80 -16.38 -10.09
C ASP D 512 28.95 -15.05 -9.39
N ALA D 513 28.97 -13.99 -10.18
CA ALA D 513 29.11 -12.64 -9.66
C ALA D 513 27.85 -12.11 -9.00
N PHE D 514 26.69 -12.70 -9.29
CA PHE D 514 25.40 -12.25 -8.76
C PHE D 514 24.44 -13.43 -8.84
N CYS D 515 23.30 -13.28 -8.15
CA CYS D 515 22.29 -14.33 -8.05
C CYS D 515 21.11 -14.03 -8.97
N VAL D 516 20.71 -12.75 -9.10
CA VAL D 516 19.50 -12.41 -9.84
C VAL D 516 19.57 -11.07 -10.56
N ASN D 517 20.39 -10.09 -10.11
CA ASN D 517 20.31 -8.76 -10.70
C ASN D 517 21.67 -8.12 -10.66
N PRO D 518 22.38 -8.08 -11.81
CA PRO D 518 23.70 -7.46 -11.82
C PRO D 518 23.65 -5.98 -11.53
N LEU D 519 22.53 -5.32 -11.80
CA LEU D 519 22.42 -3.89 -11.57
C LEU D 519 22.44 -3.58 -10.07
N VAL D 520 21.71 -4.39 -9.28
CA VAL D 520 21.74 -4.26 -7.83
C VAL D 520 23.14 -4.58 -7.31
N LYS D 521 23.74 -5.64 -7.84
CA LYS D 521 25.07 -6.04 -7.40
C LYS D 521 26.06 -4.89 -7.53
N VAL D 522 26.10 -4.23 -8.69
CA VAL D 522 27.10 -3.19 -8.90
C VAL D 522 26.77 -1.94 -8.09
N CYS D 523 25.50 -1.62 -7.96
CA CYS D 523 25.07 -0.45 -7.19
C CYS D 523 25.73 -0.40 -5.81
N PHE D 524 25.79 -1.56 -5.13
CA PHE D 524 26.28 -1.62 -3.77
C PHE D 524 27.77 -1.88 -3.66
N ALA D 525 28.48 -1.97 -4.78
CA ALA D 525 29.93 -2.19 -4.80
C ALA D 525 30.65 -0.85 -4.71
N ASP D 526 30.56 -0.23 -3.52
CA ASP D 526 30.92 1.19 -3.40
C ASP D 526 31.23 1.48 -1.94
N GLU D 527 32.50 1.81 -1.67
CA GLU D 527 32.92 2.08 -0.31
C GLU D 527 32.34 3.35 0.28
N LEU D 528 31.77 4.23 -0.56
CA LEU D 528 31.17 5.46 -0.02
C LEU D 528 29.85 5.17 0.67
N ILE D 529 29.21 4.04 0.39
CA ILE D 529 27.98 3.70 1.09
C ILE D 529 28.27 3.50 2.56
N ASN D 530 27.46 4.11 3.43
CA ASN D 530 27.79 4.18 4.86
C ASN D 530 27.97 2.81 5.51
N PHE D 531 27.05 1.90 5.24
CA PHE D 531 27.11 0.55 5.77
C PHE D 531 28.00 -0.33 4.91
N ASP D 532 28.89 -1.10 5.54
CA ASP D 532 29.80 -1.99 4.83
C ASP D 532 29.12 -3.33 4.47
N PHE D 533 28.55 -3.38 3.27
CA PHE D 533 27.83 -4.57 2.81
C PHE D 533 28.75 -5.75 2.53
N ALA D 534 30.07 -5.55 2.48
CA ALA D 534 30.98 -6.68 2.37
C ALA D 534 31.27 -7.34 3.71
N ASP D 535 31.12 -6.63 4.84
CA ASP D 535 31.46 -7.18 6.15
C ASP D 535 30.40 -6.71 7.13
N PRO D 536 29.16 -7.20 6.95
CA PRO D 536 28.10 -6.79 7.88
C PRO D 536 28.39 -7.20 9.33
N ARG D 537 28.96 -8.40 9.54
CA ARG D 537 29.26 -8.80 10.92
C ARG D 537 30.17 -7.78 11.59
N GLY D 538 31.19 -7.32 10.88
CA GLY D 538 32.12 -6.37 11.47
C GLY D 538 31.46 -5.04 11.81
N ALA D 539 30.56 -4.58 10.96
CA ALA D 539 29.83 -3.35 11.24
C ALA D 539 28.91 -3.51 12.44
N PHE D 540 28.17 -4.61 12.49
CA PHE D 540 27.30 -4.86 13.64
C PHE D 540 28.11 -4.84 14.93
N GLY D 541 29.27 -5.50 14.91
CA GLY D 541 30.09 -5.57 16.10
C GLY D 541 30.67 -4.23 16.51
N LYS D 542 31.16 -3.46 15.55
CA LYS D 542 31.71 -2.15 15.89
C LYS D 542 30.64 -1.26 16.50
N ALA D 543 29.43 -1.31 15.95
CA ALA D 543 28.33 -0.52 16.49
C ALA D 543 27.84 -1.05 17.84
N ALA D 544 27.97 -2.35 18.08
CA ALA D 544 27.62 -2.91 19.39
C ALA D 544 28.49 -2.31 20.48
N LEU D 545 29.71 -1.95 20.13
CA LEU D 545 30.64 -1.28 21.03
C LEU D 545 30.48 0.23 21.07
N ARG D 546 29.53 0.77 20.30
CA ARG D 546 29.28 2.20 20.22
C ARG D 546 30.43 2.95 19.60
N GLU D 547 31.21 2.25 18.76
CA GLU D 547 32.41 2.79 18.12
C GLU D 547 32.26 3.01 16.62
N TRP D 548 31.16 2.59 16.03
CA TRP D 548 30.95 2.71 14.59
C TRP D 548 30.54 4.15 14.29
N ASP D 549 31.25 4.78 13.34
CA ASP D 549 31.28 6.22 13.17
CA ASP D 549 31.23 6.23 13.20
C ASP D 549 30.68 6.70 11.87
N ARG D 550 29.92 5.86 11.15
CA ARG D 550 29.42 6.19 9.83
C ARG D 550 27.90 6.44 9.81
N CYS D 551 27.30 6.77 10.96
CA CYS D 551 25.87 7.03 11.00
C CYS D 551 25.54 8.29 10.24
N ALA D 552 24.52 8.22 9.39
CA ALA D 552 24.02 9.36 8.64
C ALA D 552 22.67 9.80 9.19
N GLY D 553 22.26 11.01 8.81
CA GLY D 553 20.90 11.44 9.02
C GLY D 553 20.56 12.09 10.32
N GLU D 554 21.52 12.34 11.19
CA GLU D 554 21.22 12.96 12.47
C GLU D 554 20.84 14.44 12.29
N ARG D 555 20.07 14.95 13.27
CA ARG D 555 19.61 16.35 13.28
C ARG D 555 20.52 17.24 14.13
N ALA D 556 21.66 16.71 14.63
CA ALA D 556 22.55 17.44 15.52
C ALA D 556 22.86 18.86 15.05
N PHE D 557 23.12 19.05 13.76
CA PHE D 557 23.56 20.36 13.28
C PHE D 557 22.53 21.46 13.51
N VAL D 558 21.24 21.11 13.61
CA VAL D 558 20.18 22.11 13.71
C VAL D 558 19.42 22.07 15.02
N ILE D 559 19.99 21.44 16.05
CA ILE D 559 19.37 21.42 17.37
C ILE D 559 20.42 21.77 18.41
N PRO D 560 19.99 22.25 19.58
CA PRO D 560 20.94 22.55 20.63
C PRO D 560 21.58 21.28 21.14
N ALA D 561 22.71 21.46 21.78
CA ALA D 561 23.39 20.36 22.45
C ALA D 561 22.46 19.70 23.48
N ALA E 2 -13.39 -42.21 -15.23
CA ALA E 2 -14.41 -41.34 -14.68
C ALA E 2 -14.52 -41.56 -13.18
N ASP E 3 -15.26 -40.67 -12.52
CA ASP E 3 -15.52 -40.72 -11.08
C ASP E 3 -16.96 -40.41 -10.83
N THR E 4 -17.63 -41.32 -10.13
CA THR E 4 -19.05 -41.25 -9.81
C THR E 4 -19.23 -41.23 -8.32
N ILE E 5 -20.09 -40.31 -7.84
CA ILE E 5 -20.42 -40.17 -6.42
C ILE E 5 -21.93 -40.12 -6.25
N ASP E 6 -22.37 -40.36 -5.02
CA ASP E 6 -23.73 -40.06 -4.62
C ASP E 6 -23.71 -38.80 -3.76
N LEU E 7 -24.73 -37.97 -3.91
CA LEU E 7 -24.85 -36.73 -3.14
C LEU E 7 -25.86 -36.93 -2.02
N TYR E 8 -25.47 -36.55 -0.80
CA TYR E 8 -26.28 -36.70 0.40
C TYR E 8 -26.50 -35.35 1.05
N SER E 9 -27.62 -35.23 1.74
CA SER E 9 -28.00 -34.00 2.39
C SER E 9 -27.17 -33.72 3.64
N ASP E 10 -27.41 -32.53 4.20
CA ASP E 10 -26.81 -32.11 5.46
C ASP E 10 -27.09 -33.09 6.61
N ARG E 11 -28.10 -33.95 6.49
CA ARG E 11 -28.40 -34.93 7.52
C ARG E 11 -28.40 -36.35 6.99
N GLY E 12 -27.64 -36.60 5.93
CA GLY E 12 -27.37 -37.95 5.51
C GLY E 12 -28.45 -38.62 4.70
N ALA E 13 -29.40 -37.87 4.14
CA ALA E 13 -30.39 -38.45 3.25
C ALA E 13 -29.85 -38.43 1.81
N LYS E 14 -30.00 -39.56 1.11
N LYS E 14 -30.00 -39.55 1.11
CA LYS E 14 -29.48 -39.59 -0.28
CA LYS E 14 -29.50 -39.60 -0.29
C LYS E 14 -30.34 -38.66 -1.15
C LYS E 14 -30.34 -38.67 -1.15
N LEU E 15 -29.70 -37.73 -1.86
CA LEU E 15 -30.38 -36.77 -2.74
C LEU E 15 -30.28 -37.20 -4.19
N LYS E 16 -29.09 -37.58 -4.66
CA LYS E 16 -28.88 -37.98 -6.05
C LYS E 16 -27.92 -39.14 -6.09
N SER E 17 -28.19 -40.08 -6.96
N SER E 17 -28.20 -40.06 -6.99
CA SER E 17 -27.33 -41.23 -7.18
CA SER E 17 -27.33 -41.25 -7.16
C SER E 17 -26.61 -41.17 -8.52
C SER E 17 -26.64 -41.22 -8.52
N GLY E 18 -25.40 -41.70 -8.56
CA GLY E 18 -24.75 -41.88 -9.85
C GLY E 18 -24.36 -40.58 -10.50
N VAL E 19 -23.80 -39.65 -9.73
CA VAL E 19 -23.43 -38.31 -10.20
C VAL E 19 -21.97 -38.31 -10.66
N ASP E 20 -21.74 -37.91 -11.91
CA ASP E 20 -20.39 -37.65 -12.41
C ASP E 20 -19.81 -36.47 -11.66
N ILE E 21 -18.59 -36.60 -11.12
CA ILE E 21 -18.02 -35.46 -10.38
C ILE E 21 -17.91 -34.23 -11.26
N ASN E 22 -17.78 -34.41 -12.57
CA ASN E 22 -17.71 -33.24 -13.43
C ASN E 22 -18.95 -32.36 -13.34
N ASP E 23 -20.07 -32.95 -12.96
CA ASP E 23 -21.33 -32.23 -12.86
C ASP E 23 -21.49 -31.43 -11.58
N ILE E 24 -20.58 -31.57 -10.62
CA ILE E 24 -20.53 -30.68 -9.46
C ILE E 24 -19.42 -29.64 -9.62
N SER E 25 -18.77 -29.59 -10.79
CA SER E 25 -17.75 -28.55 -10.98
C SER E 25 -18.38 -27.16 -10.89
N PRO E 26 -17.65 -26.19 -10.34
CA PRO E 26 -18.08 -24.80 -10.49
C PRO E 26 -18.25 -24.39 -11.94
N MET E 27 -17.54 -25.03 -12.87
CA MET E 27 -17.64 -24.67 -14.29
C MET E 27 -18.81 -25.31 -15.01
N ARG E 28 -19.63 -26.12 -14.33
CA ARG E 28 -20.79 -26.75 -14.96
C ARG E 28 -22.07 -26.68 -14.12
N ASN E 29 -21.99 -26.76 -12.81
CA ASN E 29 -23.18 -26.92 -11.99
C ASN E 29 -23.96 -25.62 -11.93
N ALA E 30 -25.26 -25.71 -12.26
CA ALA E 30 -26.08 -24.50 -12.38
C ALA E 30 -26.27 -23.82 -11.03
N ALA E 31 -26.35 -24.59 -9.94
CA ALA E 31 -26.54 -24.01 -8.62
C ALA E 31 -25.29 -23.30 -8.13
N ILE E 32 -24.10 -23.84 -8.42
CA ILE E 32 -22.89 -23.10 -8.08
C ILE E 32 -22.87 -21.77 -8.82
N LYS E 33 -23.22 -21.77 -10.11
CA LYS E 33 -23.32 -20.52 -10.84
C LYS E 33 -24.30 -19.56 -10.16
N SER E 34 -25.48 -20.06 -9.78
CA SER E 34 -26.47 -19.22 -9.14
C SER E 34 -26.00 -18.66 -7.81
N ILE E 35 -25.33 -19.48 -7.02
CA ILE E 35 -24.83 -19.03 -5.72
C ILE E 35 -23.76 -17.97 -5.88
N VAL E 36 -22.79 -18.24 -6.75
CA VAL E 36 -21.66 -17.32 -6.93
C VAL E 36 -22.14 -15.99 -7.52
N THR E 37 -22.89 -16.06 -8.63
CA THR E 37 -23.36 -14.84 -9.24
C THR E 37 -24.36 -14.14 -8.33
N GLY E 38 -25.16 -14.89 -7.58
CA GLY E 38 -26.06 -14.27 -6.62
C GLY E 38 -25.29 -13.48 -5.58
N ILE E 39 -24.24 -14.08 -5.02
CA ILE E 39 -23.45 -13.36 -4.04
C ILE E 39 -22.85 -12.09 -4.63
N LYS E 40 -22.34 -12.16 -5.86
CA LYS E 40 -21.79 -10.98 -6.50
C LYS E 40 -22.82 -9.86 -6.61
N ARG E 41 -24.08 -10.21 -6.78
CA ARG E 41 -25.14 -9.23 -7.03
C ARG E 41 -25.79 -8.66 -5.77
N THR E 42 -25.49 -9.18 -4.59
CA THR E 42 -26.26 -8.91 -3.38
C THR E 42 -25.60 -7.87 -2.48
N ALA E 43 -26.41 -6.97 -1.95
CA ALA E 43 -25.94 -6.01 -0.96
C ALA E 43 -26.98 -5.91 0.15
N ALA E 44 -26.50 -5.61 1.34
CA ALA E 44 -27.32 -5.33 2.50
C ALA E 44 -27.34 -3.83 2.75
N VAL E 45 -28.52 -3.27 2.97
CA VAL E 45 -28.68 -1.86 3.29
C VAL E 45 -29.21 -1.73 4.71
N ASP E 46 -28.53 -0.95 5.55
CA ASP E 46 -28.98 -0.74 6.92
C ASP E 46 -29.69 0.61 6.97
N LEU E 47 -31.01 0.59 6.78
CA LEU E 47 -31.78 1.83 6.83
C LEU E 47 -31.82 2.41 8.25
N ALA E 48 -32.03 1.55 9.25
CA ALA E 48 -31.95 2.01 10.63
C ALA E 48 -30.56 2.59 10.91
N GLY E 49 -29.53 1.96 10.35
CA GLY E 49 -28.17 2.44 10.55
C GLY E 49 -27.96 3.81 9.95
N ILE E 50 -28.46 4.05 8.74
CA ILE E 50 -28.34 5.39 8.14
C ILE E 50 -29.06 6.40 9.02
N GLU E 51 -30.25 6.04 9.50
CA GLU E 51 -31.03 6.97 10.32
C GLU E 51 -30.27 7.35 11.58
N LYS E 52 -29.65 6.38 12.24
CA LYS E 52 -28.88 6.64 13.44
C LYS E 52 -27.60 7.40 13.14
N THR E 53 -26.88 7.03 12.09
CA THR E 53 -25.68 7.76 11.67
C THR E 53 -26.01 9.24 11.49
N LEU E 54 -27.10 9.52 10.77
CA LEU E 54 -27.48 10.91 10.53
C LEU E 54 -27.90 11.63 11.80
N ALA E 55 -28.70 10.96 12.65
CA ALA E 55 -29.22 11.61 13.85
C ALA E 55 -28.10 11.99 14.81
N THR E 56 -27.01 11.22 14.82
CA THR E 56 -25.90 11.39 15.74
C THR E 56 -24.67 11.97 15.04
N SER E 57 -24.80 12.36 13.78
CA SER E 57 -23.69 12.80 12.92
C SER E 57 -22.42 11.98 13.09
N ALA E 58 -22.60 10.67 13.20
CA ALA E 58 -21.50 9.74 13.41
C ALA E 58 -20.91 9.30 12.06
N ILE E 59 -20.50 10.29 11.30
CA ILE E 59 -20.13 10.10 9.91
CA ILE E 59 -20.13 10.09 9.90
C ILE E 59 -18.70 9.56 9.81
N GLY E 60 -18.54 8.38 9.21
CA GLY E 60 -17.25 7.84 8.91
C GLY E 60 -16.74 6.76 9.85
N GLY E 61 -17.39 6.52 10.97
CA GLY E 61 -16.98 5.44 11.86
C GLY E 61 -15.71 5.74 12.65
N LYS E 62 -15.25 4.71 13.36
CA LYS E 62 -14.00 4.76 14.11
C LYS E 62 -13.96 5.96 15.06
N GLY E 63 -15.08 6.17 15.74
CA GLY E 63 -15.18 7.19 16.78
C GLY E 63 -15.67 8.55 16.32
N ARG E 64 -15.90 8.72 15.03
CA ARG E 64 -16.18 10.05 14.50
C ARG E 64 -17.55 10.57 14.88
N LYS E 65 -17.59 11.89 15.06
CA LYS E 65 -18.80 12.68 15.18
C LYS E 65 -18.51 14.07 14.62
N ILE E 66 -19.39 14.59 13.75
CA ILE E 66 -19.25 15.93 13.20
C ILE E 66 -20.25 16.86 13.90
N PRO E 67 -19.80 17.70 14.82
CA PRO E 67 -20.75 18.58 15.49
C PRO E 67 -21.47 19.49 14.51
N GLY E 68 -22.77 19.68 14.75
CA GLY E 68 -23.58 20.62 13.99
C GLY E 68 -24.21 20.05 12.75
N ARG E 69 -23.88 18.83 12.36
CA ARG E 69 -24.35 18.26 11.10
C ARG E 69 -25.44 17.20 11.32
N GLU E 70 -25.98 17.08 12.53
CA GLU E 70 -27.03 16.10 12.79
C GLU E 70 -28.24 16.38 11.90
N MET E 71 -28.92 15.31 11.48
CA MET E 71 -30.13 15.41 10.69
CA MET E 71 -30.13 15.40 10.67
C MET E 71 -31.08 14.31 11.14
N LYS E 72 -32.36 14.68 11.29
N LYS E 72 -32.38 14.68 11.29
CA LYS E 72 -33.41 13.77 11.71
CA LYS E 72 -33.43 13.74 11.73
C LYS E 72 -34.25 13.45 10.48
C LYS E 72 -34.31 13.41 10.54
N LEU E 73 -34.09 12.24 9.94
CA LEU E 73 -34.88 11.74 8.83
C LEU E 73 -35.60 10.48 9.29
N ASP E 74 -36.91 10.41 9.03
CA ASP E 74 -37.71 9.25 9.45
C ASP E 74 -37.62 8.14 8.40
N ILE E 75 -36.42 7.58 8.27
CA ILE E 75 -36.12 6.65 7.19
C ILE E 75 -36.91 5.35 7.32
N VAL E 76 -36.81 4.70 8.48
CA VAL E 76 -37.46 3.40 8.65
C VAL E 76 -38.97 3.54 8.50
N LYS E 77 -39.55 4.61 9.05
CA LYS E 77 -40.98 4.86 8.88
C LYS E 77 -41.40 4.94 7.42
N ASN E 78 -40.53 5.47 6.56
CA ASN E 78 -40.76 5.64 5.12
C ASN E 78 -40.10 4.56 4.29
N ALA E 79 -39.86 3.38 4.87
CA ALA E 79 -39.14 2.35 4.16
C ALA E 79 -39.84 1.90 2.89
N ALA E 80 -41.18 1.85 2.88
CA ALA E 80 -41.88 1.37 1.68
C ALA E 80 -41.61 2.27 0.49
N ALA E 81 -41.71 3.58 0.68
CA ALA E 81 -41.45 4.52 -0.42
C ALA E 81 -39.98 4.45 -0.84
N ILE E 82 -39.07 4.31 0.13
CA ILE E 82 -37.66 4.19 -0.20
CA ILE E 82 -37.65 4.18 -0.19
C ILE E 82 -37.40 2.92 -0.99
N GLN E 83 -37.97 1.80 -0.55
CA GLN E 83 -37.81 0.54 -1.28
C GLN E 83 -38.26 0.67 -2.72
N LYS E 84 -39.39 1.30 -2.94
CA LYS E 84 -39.92 1.47 -4.29
C LYS E 84 -38.94 2.27 -5.16
N ALA E 85 -38.45 3.39 -4.62
CA ALA E 85 -37.53 4.24 -5.37
C ALA E 85 -36.24 3.50 -5.67
N VAL E 86 -35.71 2.77 -4.69
CA VAL E 86 -34.49 2.00 -4.89
C VAL E 86 -34.70 0.94 -5.97
N THR E 87 -35.84 0.23 -5.93
CA THR E 87 -36.14 -0.77 -6.95
C THR E 87 -36.06 -0.17 -8.35
N GLU E 88 -36.72 0.97 -8.53
N GLU E 88 -36.73 0.97 -8.53
CA GLU E 88 -36.78 1.57 -9.85
CA GLU E 88 -36.79 1.58 -9.88
C GLU E 88 -35.41 2.03 -10.31
C GLU E 88 -35.40 2.04 -10.33
N MET E 89 -34.56 2.48 -9.40
CA MET E 89 -33.24 2.95 -9.78
C MET E 89 -32.29 1.78 -10.02
N VAL E 90 -32.38 0.70 -9.25
CA VAL E 90 -31.44 -0.41 -9.39
C VAL E 90 -31.81 -1.25 -10.61
N GLN E 91 -33.10 -1.43 -10.89
CA GLN E 91 -33.48 -2.19 -12.08
C GLN E 91 -33.01 -1.48 -13.34
N VAL E 92 -32.79 -2.27 -14.38
CA VAL E 92 -32.52 -1.75 -15.71
C VAL E 92 -33.80 -1.74 -16.54
N ASP E 93 -34.47 -2.87 -16.59
CA ASP E 93 -35.77 -3.01 -17.23
C ASP E 93 -36.76 -3.57 -16.24
N SER E 94 -37.97 -2.99 -16.18
CA SER E 94 -39.02 -3.57 -15.35
C SER E 94 -39.18 -5.03 -15.73
N GLY E 95 -39.24 -5.91 -14.74
CA GLY E 95 -39.34 -7.32 -15.02
C GLY E 95 -38.03 -8.09 -15.09
N ASP E 96 -36.90 -7.42 -15.00
CA ASP E 96 -35.59 -8.09 -14.95
C ASP E 96 -35.42 -8.76 -13.59
N ASP E 97 -34.23 -9.32 -13.32
CA ASP E 97 -34.03 -10.12 -12.13
C ASP E 97 -33.62 -9.32 -10.89
N THR E 98 -33.84 -8.02 -10.90
CA THR E 98 -33.67 -7.19 -9.70
C THR E 98 -34.51 -7.72 -8.54
N VAL E 99 -33.96 -7.70 -7.33
CA VAL E 99 -34.68 -7.95 -6.09
C VAL E 99 -34.42 -6.80 -5.13
N VAL E 100 -35.47 -6.25 -4.56
CA VAL E 100 -35.33 -5.35 -3.42
C VAL E 100 -36.43 -5.71 -2.45
N LYS E 101 -36.07 -6.10 -1.22
CA LYS E 101 -37.07 -6.48 -0.22
C LYS E 101 -36.71 -5.89 1.13
N ALA E 102 -37.71 -5.45 1.86
CA ALA E 102 -37.50 -5.03 3.23
C ALA E 102 -37.43 -6.22 4.19
N LEU E 103 -36.58 -6.08 5.20
CA LEU E 103 -36.42 -7.07 6.24
C LEU E 103 -36.55 -6.37 7.58
N ASN E 104 -36.95 -7.12 8.59
CA ASN E 104 -36.89 -6.65 9.98
C ASN E 104 -37.65 -5.33 10.16
N GLY E 105 -38.89 -5.32 9.71
CA GLY E 105 -39.72 -4.15 9.88
C GLY E 105 -39.26 -2.93 9.14
N GLY E 106 -38.57 -3.13 8.02
CA GLY E 106 -38.07 -2.04 7.24
C GLY E 106 -36.78 -1.45 7.74
N LYS E 107 -36.15 -2.09 8.73
CA LYS E 107 -34.88 -1.56 9.21
C LYS E 107 -33.74 -1.88 8.25
N GLN E 108 -33.89 -2.92 7.42
N GLN E 108 -33.92 -2.91 7.43
CA GLN E 108 -32.87 -3.30 6.44
CA GLN E 108 -32.89 -3.28 6.44
C GLN E 108 -33.54 -3.58 5.11
C GLN E 108 -33.51 -3.67 5.10
N LEU E 109 -32.75 -3.48 4.03
CA LEU E 109 -33.14 -4.00 2.73
C LEU E 109 -32.14 -5.05 2.28
N ILE E 110 -32.63 -6.08 1.59
CA ILE E 110 -31.79 -6.87 0.70
C ILE E 110 -31.97 -6.31 -0.71
N VAL E 111 -30.85 -6.11 -1.40
CA VAL E 111 -30.84 -5.70 -2.81
C VAL E 111 -30.06 -6.74 -3.58
N GLN E 112 -30.62 -7.24 -4.67
CA GLN E 112 -29.86 -7.99 -5.67
C GLN E 112 -29.97 -7.17 -6.95
N VAL E 113 -28.85 -6.61 -7.40
CA VAL E 113 -28.87 -5.84 -8.65
C VAL E 113 -29.17 -6.78 -9.79
N PRO E 114 -29.73 -6.28 -10.90
CA PRO E 114 -29.95 -7.17 -12.04
C PRO E 114 -28.63 -7.70 -12.58
N SER E 115 -28.70 -8.91 -13.11
N SER E 115 -28.71 -8.92 -13.11
CA SER E 115 -27.49 -9.58 -13.60
CA SER E 115 -27.47 -9.60 -13.59
C SER E 115 -26.67 -8.76 -14.56
C SER E 115 -26.65 -8.74 -14.54
N VAL E 116 -27.30 -7.97 -15.43
CA VAL E 116 -26.51 -7.24 -16.42
C VAL E 116 -25.51 -6.29 -15.75
N ARG E 117 -25.81 -5.79 -14.53
CA ARG E 117 -24.87 -4.90 -13.86
C ARG E 117 -23.60 -5.61 -13.39
N ILE E 118 -23.62 -6.93 -13.29
N ILE E 118 -23.62 -6.94 -13.34
CA ILE E 118 -22.40 -7.70 -13.07
CA ILE E 118 -22.38 -7.72 -13.04
C ILE E 118 -21.86 -8.31 -14.37
C ILE E 118 -21.84 -8.33 -14.36
N ASP E 119 -22.70 -8.63 -15.33
CA ASP E 119 -22.20 -9.22 -16.57
C ASP E 119 -21.40 -8.22 -17.40
N VAL E 120 -21.92 -7.00 -17.54
CA VAL E 120 -21.28 -5.96 -18.34
C VAL E 120 -20.52 -5.04 -17.38
N ALA E 121 -19.51 -5.60 -16.75
CA ALA E 121 -18.79 -5.01 -15.64
C ALA E 121 -17.56 -5.88 -15.39
N ALA E 122 -16.53 -5.30 -14.77
CA ALA E 122 -15.28 -6.07 -14.55
C ALA E 122 -15.43 -7.00 -13.36
N GLU E 123 -16.09 -6.53 -12.32
CA GLU E 123 -16.03 -7.15 -10.98
CA GLU E 123 -16.15 -7.39 -11.11
C GLU E 123 -17.57 -7.38 -10.41
N TYR E 124 -17.64 -7.32 -9.04
N TYR E 124 -17.69 -7.30 -9.07
CA TYR E 124 -18.97 -7.45 -8.42
CA TYR E 124 -19.01 -7.44 -8.40
C TYR E 124 -19.33 -6.20 -7.70
C TYR E 124 -19.36 -6.18 -7.67
N VAL E 125 -18.49 -5.16 -7.75
CA VAL E 125 -18.75 -3.96 -6.90
C VAL E 125 -19.98 -3.13 -7.26
N SER E 126 -20.57 -3.32 -8.43
CA SER E 126 -21.80 -2.61 -8.72
CA SER E 126 -21.80 -2.60 -8.73
C SER E 126 -22.89 -2.91 -7.71
N SER E 127 -22.87 -4.10 -7.10
CA SER E 127 -23.86 -4.40 -6.07
CA SER E 127 -23.87 -4.38 -6.08
C SER E 127 -23.79 -3.38 -4.94
N LEU E 128 -22.58 -2.94 -4.60
CA LEU E 128 -22.42 -1.94 -3.56
C LEU E 128 -22.68 -0.54 -4.11
N THR E 129 -22.09 -0.20 -5.26
CA THR E 129 -22.13 1.18 -5.69
C THR E 129 -23.50 1.58 -6.22
N CYS E 130 -24.12 0.72 -7.02
CA CYS E 130 -25.43 1.07 -7.55
CA CYS E 130 -25.43 1.05 -7.56
C CYS E 130 -26.44 1.12 -6.43
N THR E 131 -26.34 0.21 -5.46
CA THR E 131 -27.20 0.25 -4.29
C THR E 131 -26.98 1.55 -3.51
N ALA E 132 -25.72 1.89 -3.20
CA ALA E 132 -25.46 3.08 -2.42
C ALA E 132 -25.93 4.34 -3.13
N SER E 133 -25.76 4.41 -4.46
CA SER E 133 -26.22 5.58 -5.19
C SER E 133 -27.74 5.64 -5.19
N ALA E 134 -28.41 4.50 -5.41
CA ALA E 134 -29.86 4.48 -5.40
C ALA E 134 -30.40 4.89 -4.04
N VAL E 135 -29.82 4.36 -2.96
CA VAL E 135 -30.27 4.73 -1.62
C VAL E 135 -30.07 6.22 -1.38
N THR E 136 -28.89 6.74 -1.73
CA THR E 136 -28.61 8.16 -1.51
C THR E 136 -29.61 9.02 -2.26
N GLN E 137 -29.81 8.74 -3.55
CA GLN E 137 -30.76 9.50 -4.33
C GLN E 137 -32.16 9.38 -3.76
N ALA E 138 -32.55 8.17 -3.33
CA ALA E 138 -33.90 7.98 -2.80
C ALA E 138 -34.11 8.78 -1.55
N LEU E 139 -33.10 8.87 -0.67
CA LEU E 139 -33.22 9.66 0.56
C LEU E 139 -33.32 11.14 0.26
N VAL E 140 -32.48 11.62 -0.67
CA VAL E 140 -32.53 13.04 -1.01
C VAL E 140 -33.91 13.41 -1.56
N SER E 141 -34.48 12.56 -2.40
CA SER E 141 -35.80 12.84 -2.97
CA SER E 141 -35.79 12.83 -2.97
CA SER E 141 -35.79 12.87 -2.97
C SER E 141 -36.90 12.70 -1.93
N GLN E 142 -36.88 11.60 -1.15
CA GLN E 142 -37.96 11.35 -0.21
C GLN E 142 -38.07 12.45 0.83
N PHE E 143 -36.95 12.99 1.28
CA PHE E 143 -36.91 13.95 2.37
C PHE E 143 -36.64 15.36 1.89
N ASN E 144 -36.68 15.59 0.58
CA ASN E 144 -36.49 16.94 0.02
CA ASN E 144 -36.49 16.94 0.02
C ASN E 144 -35.23 17.59 0.59
N ILE E 145 -34.12 16.84 0.54
CA ILE E 145 -32.88 17.32 1.12
C ILE E 145 -32.26 18.38 0.22
N GLY E 146 -31.91 19.52 0.83
CA GLY E 146 -31.30 20.59 0.09
C GLY E 146 -29.85 20.32 -0.28
N MET E 147 -29.39 21.04 -1.29
CA MET E 147 -28.06 20.85 -1.84
C MET E 147 -26.97 20.90 -0.74
N PHE E 148 -27.06 21.86 0.18
CA PHE E 148 -25.99 22.03 1.15
C PHE E 148 -25.91 20.87 2.15
N ASP E 149 -27.01 20.12 2.31
CA ASP E 149 -27.07 18.95 3.19
C ASP E 149 -26.86 17.62 2.47
N ALA E 150 -26.89 17.61 1.14
CA ALA E 150 -26.78 16.34 0.42
C ALA E 150 -25.47 15.62 0.70
N PRO E 151 -24.32 16.29 0.85
CA PRO E 151 -23.09 15.54 1.15
C PRO E 151 -23.14 14.82 2.48
N THR E 152 -23.88 15.38 3.44
CA THR E 152 -24.04 14.71 4.74
C THR E 152 -24.74 13.37 4.57
N VAL E 153 -25.83 13.37 3.79
CA VAL E 153 -26.54 12.13 3.52
C VAL E 153 -25.65 11.16 2.77
N LYS E 154 -24.97 11.64 1.73
CA LYS E 154 -24.11 10.75 0.94
C LYS E 154 -23.07 10.08 1.85
N SER E 155 -22.40 10.85 2.70
CA SER E 155 -21.38 10.26 3.56
C SER E 155 -21.97 9.37 4.64
N ALA E 156 -23.22 9.60 5.06
CA ALA E 156 -23.87 8.66 5.97
C ALA E 156 -24.07 7.29 5.32
N VAL E 157 -24.33 7.26 4.02
CA VAL E 157 -24.57 6.02 3.30
C VAL E 157 -23.24 5.35 2.92
N TRP E 158 -22.34 6.11 2.29
CA TRP E 158 -21.09 5.63 1.72
C TRP E 158 -19.90 5.61 2.69
N GLY E 159 -20.10 6.17 3.89
CA GLY E 159 -18.95 6.28 4.79
C GLY E 159 -17.91 7.23 4.26
N GLN E 160 -16.65 6.95 4.56
CA GLN E 160 -15.54 7.84 4.21
C GLN E 160 -15.10 7.71 2.76
N TYR E 161 -15.72 6.85 1.96
CA TYR E 161 -15.33 6.73 0.54
C TYR E 161 -15.68 8.05 -0.14
N PRO E 162 -14.76 8.67 -0.92
CA PRO E 162 -13.52 8.11 -1.48
C PRO E 162 -12.21 8.51 -0.79
N GLN E 163 -12.23 9.12 0.39
CA GLN E 163 -10.99 9.31 1.12
C GLN E 163 -10.36 7.95 1.43
N THR E 164 -11.18 7.00 1.87
CA THR E 164 -10.80 5.61 2.04
C THR E 164 -11.18 4.80 0.79
N LEU E 165 -10.53 3.65 0.64
CA LEU E 165 -10.82 2.76 -0.49
C LEU E 165 -12.14 2.04 -0.33
N ASP E 166 -12.58 1.87 0.91
CA ASP E 166 -13.81 1.15 1.25
C ASP E 166 -14.79 2.10 1.90
N MET E 167 -16.01 1.57 2.11
CA MET E 167 -17.08 2.43 2.68
CA MET E 167 -17.08 2.42 2.68
C MET E 167 -17.06 2.42 4.23
N VAL E 168 -15.92 2.87 4.78
CA VAL E 168 -15.72 2.86 6.22
C VAL E 168 -16.75 3.73 6.90
N GLY E 169 -17.49 3.15 7.84
CA GLY E 169 -18.55 3.89 8.52
C GLY E 169 -19.85 3.97 7.77
N GLY E 170 -19.93 3.33 6.61
CA GLY E 170 -21.12 3.38 5.79
C GLY E 170 -22.14 2.33 6.20
N ASN E 171 -23.20 2.24 5.39
CA ASN E 171 -24.38 1.46 5.73
C ASN E 171 -24.85 0.57 4.58
N VAL E 172 -23.96 0.27 3.64
CA VAL E 172 -24.22 -0.66 2.54
C VAL E 172 -23.06 -1.66 2.55
N LYS E 173 -23.37 -2.95 2.67
CA LYS E 173 -22.30 -3.93 2.87
C LYS E 173 -22.57 -5.26 2.17
N SER E 174 -21.50 -6.00 1.89
CA SER E 174 -21.56 -7.34 1.36
C SER E 174 -20.73 -8.27 2.24
N ILE E 175 -20.93 -9.58 2.05
CA ILE E 175 -20.06 -10.57 2.67
C ILE E 175 -18.67 -10.62 2.04
N VAL E 176 -18.59 -10.15 0.80
CA VAL E 176 -17.24 -10.08 0.11
CA VAL E 176 -17.28 -10.12 0.09
C VAL E 176 -16.58 -8.73 0.32
N GLU E 177 -15.28 -8.70 0.39
N GLU E 177 -15.22 -8.71 0.44
CA GLU E 177 -14.48 -7.47 0.62
CA GLU E 177 -14.44 -7.47 0.66
C GLU E 177 -14.08 -6.85 -0.72
C GLU E 177 -14.13 -6.85 -0.70
N ILE E 178 -13.58 -5.64 -0.69
CA ILE E 178 -13.21 -4.93 -1.93
C ILE E 178 -12.09 -5.66 -2.66
N PRO E 179 -12.08 -5.80 -3.99
N PRO E 179 -12.06 -5.50 -4.00
CA PRO E 179 -10.97 -6.56 -4.57
CA PRO E 179 -11.05 -6.21 -4.82
C PRO E 179 -9.55 -5.97 -4.35
C PRO E 179 -9.62 -5.90 -4.44
N GLN E 180 -9.36 -4.67 -3.99
CA GLN E 180 -8.01 -4.21 -3.73
C GLN E 180 -7.40 -4.92 -2.53
N LYS E 181 -8.23 -5.60 -1.73
N LYS E 181 -8.23 -5.61 -1.74
CA LYS E 181 -7.73 -6.32 -0.55
CA LYS E 181 -7.72 -6.32 -0.54
C LYS E 181 -7.28 -7.74 -0.91
C LYS E 181 -7.30 -7.76 -0.91
N ASP E 182 -7.44 -8.17 -2.17
CA ASP E 182 -7.01 -9.52 -2.54
C ASP E 182 -5.51 -9.68 -2.36
N GLU E 183 -5.13 -10.83 -1.80
CA GLU E 183 -3.71 -11.17 -1.68
C GLU E 183 -3.10 -11.52 -3.01
N GLY E 184 -3.89 -11.95 -3.97
CA GLY E 184 -3.39 -12.40 -5.26
C GLY E 184 -4.54 -12.66 -6.20
N PHE E 185 -4.21 -13.22 -7.35
CA PHE E 185 -5.20 -13.50 -8.38
C PHE E 185 -6.15 -14.57 -7.88
N GLY E 186 -7.45 -14.32 -8.02
CA GLY E 186 -8.46 -15.33 -7.74
C GLY E 186 -8.92 -15.38 -6.32
N TYR E 187 -8.49 -14.41 -5.50
CA TYR E 187 -8.79 -14.45 -4.06
C TYR E 187 -10.08 -13.73 -3.66
N THR E 188 -10.82 -13.09 -4.57
CA THR E 188 -11.97 -12.32 -4.13
C THR E 188 -13.01 -13.20 -3.45
N LEU E 189 -13.40 -14.32 -4.08
CA LEU E 189 -14.42 -15.16 -3.47
C LEU E 189 -13.92 -15.86 -2.23
N ARG E 190 -12.62 -15.86 -2.01
CA ARG E 190 -11.98 -16.43 -0.83
C ARG E 190 -11.97 -15.45 0.34
N ASN E 191 -12.35 -14.20 0.11
N ASN E 191 -12.41 -14.20 0.17
CA ASN E 191 -12.29 -13.17 1.15
CA ASN E 191 -12.19 -13.20 1.21
C ASN E 191 -13.65 -12.95 1.79
C ASN E 191 -13.36 -13.04 2.20
N VAL E 192 -14.21 -14.03 2.32
CA VAL E 192 -15.44 -14.00 3.09
C VAL E 192 -15.18 -14.51 4.50
N MET E 193 -15.38 -13.64 5.48
CA MET E 193 -15.12 -13.96 6.88
CA MET E 193 -15.09 -14.00 6.86
CA MET E 193 -15.09 -13.99 6.87
C MET E 193 -15.88 -15.23 7.30
N ALA E 194 -15.21 -16.10 8.05
CA ALA E 194 -15.87 -17.31 8.53
C ALA E 194 -17.13 -16.99 9.34
N ASN E 195 -17.09 -15.94 10.16
CA ASN E 195 -18.29 -15.58 10.91
C ASN E 195 -19.46 -15.26 9.98
N HIS E 196 -19.18 -14.58 8.86
CA HIS E 196 -20.28 -14.26 7.93
C HIS E 196 -20.93 -15.53 7.42
N LEU E 197 -20.12 -16.53 7.07
CA LEU E 197 -20.62 -17.77 6.51
C LEU E 197 -21.50 -18.50 7.50
N ALA E 198 -21.07 -18.58 8.76
CA ALA E 198 -21.88 -19.24 9.79
C ALA E 198 -23.22 -18.55 9.96
N ALA E 199 -23.22 -17.22 9.87
CA ALA E 199 -24.48 -16.48 9.97
C ALA E 199 -25.38 -16.69 8.76
N VAL E 200 -24.81 -16.73 7.55
CA VAL E 200 -25.61 -16.95 6.34
C VAL E 200 -26.32 -18.28 6.43
N CYS E 201 -25.66 -19.28 6.98
CA CYS E 201 -26.20 -20.64 7.03
C CYS E 201 -26.91 -20.93 8.36
N LYS E 202 -27.17 -19.92 9.17
CA LYS E 202 -27.95 -20.07 10.40
C LYS E 202 -27.35 -21.15 11.30
N LYS E 203 -26.01 -21.19 11.34
CA LYS E 203 -25.32 -22.12 12.27
CA LYS E 203 -25.31 -22.11 12.27
C LYS E 203 -25.48 -23.64 11.98
N ASN E 204 -25.97 -23.95 10.78
CA ASN E 204 -25.97 -25.35 10.35
C ASN E 204 -24.57 -25.68 9.86
N ALA E 205 -23.84 -26.50 10.61
CA ALA E 205 -22.40 -26.67 10.33
C ALA E 205 -22.14 -27.30 8.97
N MET E 206 -22.96 -28.26 8.55
CA MET E 206 -22.81 -28.86 7.23
C MET E 206 -23.01 -27.85 6.12
N ASN E 207 -24.06 -27.03 6.23
CA ASN E 207 -24.33 -26.05 5.15
C ASN E 207 -23.23 -24.99 5.16
N THR E 208 -22.75 -24.61 6.36
N THR E 208 -22.75 -24.61 6.36
CA THR E 208 -21.67 -23.61 6.45
CA THR E 208 -21.65 -23.62 6.44
C THR E 208 -20.43 -24.13 5.72
C THR E 208 -20.46 -24.15 5.69
N ALA E 209 -20.04 -25.37 6.02
CA ALA E 209 -18.85 -25.97 5.37
C ALA E 209 -19.07 -25.95 3.85
N ALA E 210 -20.28 -26.31 3.41
CA ALA E 210 -20.55 -26.38 1.98
C ALA E 210 -20.46 -25.02 1.31
N LEU E 211 -21.08 -23.99 1.89
CA LEU E 211 -21.02 -22.67 1.27
C LEU E 211 -19.59 -22.20 1.19
N CYS E 212 -18.84 -22.41 2.27
CA CYS E 212 -17.47 -21.95 2.29
C CYS E 212 -16.67 -22.75 1.23
N SER E 213 -16.89 -24.06 1.17
CA SER E 213 -16.17 -24.90 0.21
C SER E 213 -16.49 -24.51 -1.23
N ILE E 214 -17.75 -24.18 -1.52
CA ILE E 214 -18.13 -23.73 -2.86
C ILE E 214 -17.35 -22.47 -3.23
N LEU E 215 -17.31 -21.50 -2.31
CA LEU E 215 -16.59 -20.25 -2.59
C LEU E 215 -15.08 -20.50 -2.70
N GLU E 216 -14.51 -21.29 -1.77
CA GLU E 216 -13.08 -21.55 -1.80
C GLU E 216 -12.69 -22.24 -3.10
N ASN E 217 -13.43 -23.27 -3.48
CA ASN E 217 -13.08 -24.04 -4.68
C ASN E 217 -13.36 -23.27 -5.96
N THR E 218 -14.39 -22.44 -5.99
CA THR E 218 -14.57 -21.55 -7.13
C THR E 218 -13.39 -20.59 -7.21
N GLY E 219 -12.90 -20.11 -6.06
CA GLY E 219 -11.70 -19.29 -6.02
C GLY E 219 -10.48 -20.02 -6.57
N VAL E 220 -10.29 -21.28 -6.19
CA VAL E 220 -9.16 -22.06 -6.72
C VAL E 220 -9.23 -22.13 -8.25
N PHE E 221 -10.42 -22.28 -8.82
CA PHE E 221 -10.55 -22.20 -10.26
C PHE E 221 -10.10 -20.84 -10.80
N GLU E 222 -10.53 -19.75 -10.15
CA GLU E 222 -10.21 -18.40 -10.63
C GLU E 222 -8.70 -18.11 -10.49
N MET E 223 -8.05 -18.73 -9.50
CA MET E 223 -6.60 -18.65 -9.32
C MET E 223 -5.82 -19.31 -10.43
N GLY E 224 -6.48 -20.10 -11.27
CA GLY E 224 -5.81 -20.85 -12.29
C GLY E 224 -5.28 -22.18 -11.83
N ASP E 225 -5.71 -22.66 -10.67
CA ASP E 225 -5.12 -23.83 -10.02
C ASP E 225 -5.99 -25.07 -10.10
N ALA E 226 -6.97 -25.08 -11.03
CA ALA E 226 -7.77 -26.25 -11.34
C ALA E 226 -7.71 -26.61 -12.81
N ILE E 227 -6.59 -26.34 -13.46
CA ILE E 227 -6.38 -26.58 -14.88
C ILE E 227 -5.67 -27.92 -15.10
N GLY E 228 -6.05 -28.62 -16.15
CA GLY E 228 -5.21 -29.70 -16.65
C GLY E 228 -5.05 -30.80 -15.64
N ASN E 229 -3.81 -31.04 -15.22
CA ASN E 229 -3.51 -32.14 -14.30
C ASN E 229 -4.01 -31.90 -12.87
N GLN E 230 -4.64 -30.76 -12.60
CA GLN E 230 -5.24 -30.51 -11.28
C GLN E 230 -6.75 -30.64 -11.27
N THR E 231 -7.46 -30.67 -12.39
CA THR E 231 -8.92 -30.50 -12.34
C THR E 231 -9.63 -31.60 -11.54
N ARG E 232 -9.36 -32.86 -11.90
CA ARG E 232 -9.99 -33.98 -11.19
C ARG E 232 -9.61 -33.93 -9.72
N HIS E 233 -8.34 -33.68 -9.43
CA HIS E 233 -7.86 -33.61 -8.06
C HIS E 233 -8.69 -32.63 -7.25
N ARG E 234 -8.93 -31.44 -7.80
CA ARG E 234 -9.71 -30.44 -7.08
C ARG E 234 -11.15 -30.91 -6.87
N LEU E 235 -11.76 -31.48 -7.91
CA LEU E 235 -13.17 -31.86 -7.79
C LEU E 235 -13.39 -32.99 -6.79
N LEU E 236 -12.45 -33.91 -6.71
CA LEU E 236 -12.57 -34.99 -5.72
C LEU E 236 -12.57 -34.41 -4.30
N ALA E 237 -11.61 -33.54 -3.99
CA ALA E 237 -11.53 -33.03 -2.63
C ALA E 237 -12.72 -32.13 -2.32
N PHE E 238 -13.12 -31.30 -3.29
CA PHE E 238 -14.27 -30.40 -3.11
C PHE E 238 -15.52 -31.21 -2.79
N SER E 239 -15.80 -32.22 -3.62
CA SER E 239 -17.02 -32.98 -3.43
C SER E 239 -17.02 -33.74 -2.09
N HIS E 240 -15.86 -34.30 -1.72
CA HIS E 240 -15.78 -35.10 -0.50
C HIS E 240 -15.81 -34.24 0.75
N GLN E 241 -15.11 -33.11 0.76
CA GLN E 241 -15.09 -32.29 1.96
C GLN E 241 -16.28 -31.37 2.05
N GLY E 242 -16.70 -30.77 0.94
CA GLY E 242 -17.69 -29.72 0.93
C GLY E 242 -19.10 -30.17 0.64
N LEU E 243 -19.27 -31.24 -0.13
CA LEU E 243 -20.57 -31.68 -0.62
C LEU E 243 -20.99 -33.03 -0.05
N ASN E 244 -20.37 -33.47 1.03
CA ASN E 244 -20.80 -34.70 1.68
C ASN E 244 -20.92 -35.87 0.70
N ALA E 245 -19.95 -35.98 -0.22
CA ALA E 245 -20.01 -37.04 -1.22
C ALA E 245 -20.04 -38.38 -0.51
N ASN E 246 -20.94 -39.26 -0.97
CA ASN E 246 -21.07 -40.61 -0.46
C ASN E 246 -21.38 -40.64 1.03
N ASN E 247 -21.85 -39.53 1.60
CA ASN E 247 -22.13 -39.41 3.03
C ASN E 247 -20.90 -39.66 3.89
N MET E 248 -19.70 -39.48 3.35
CA MET E 248 -18.51 -39.77 4.17
CA MET E 248 -18.51 -39.77 4.16
C MET E 248 -18.41 -38.82 5.36
N VAL E 249 -18.61 -37.52 5.13
CA VAL E 249 -18.50 -36.59 6.25
C VAL E 249 -19.61 -36.82 7.27
N TYR E 250 -20.86 -36.76 6.85
CA TYR E 250 -21.91 -36.80 7.86
C TYR E 250 -22.01 -38.17 8.49
N GLY E 251 -21.91 -39.23 7.69
CA GLY E 251 -22.03 -40.54 8.24
C GLY E 251 -20.93 -40.86 9.23
N THR E 252 -19.70 -40.46 8.94
CA THR E 252 -18.60 -40.74 9.86
C THR E 252 -18.74 -39.89 11.11
N THR E 253 -19.13 -38.62 10.96
CA THR E 253 -19.39 -37.77 12.11
C THR E 253 -20.41 -38.39 13.03
N LYS E 254 -21.50 -38.88 12.47
CA LYS E 254 -22.52 -39.54 13.29
C LYS E 254 -21.94 -40.76 13.99
N ALA E 255 -21.20 -41.60 13.27
CA ALA E 255 -20.65 -42.82 13.87
C ALA E 255 -19.69 -42.48 15.02
N LEU E 256 -18.93 -41.40 14.89
CA LEU E 256 -17.90 -41.02 15.85
C LEU E 256 -18.38 -39.97 16.84
N GLY E 257 -19.65 -39.58 16.80
CA GLY E 257 -20.09 -38.39 17.50
C GLY E 257 -20.26 -38.53 19.00
N LYS E 258 -20.29 -39.74 19.54
CA LYS E 258 -20.38 -39.93 20.98
C LYS E 258 -19.05 -40.12 21.66
N THR E 259 -18.13 -40.90 21.09
CA THR E 259 -16.88 -41.24 21.77
C THR E 259 -15.64 -40.87 20.97
N GLY E 260 -15.78 -40.39 19.74
CA GLY E 260 -14.62 -40.21 18.89
C GLY E 260 -13.79 -38.97 19.23
N THR E 261 -12.50 -39.12 19.01
CA THR E 261 -11.49 -38.09 19.15
C THR E 261 -10.93 -37.73 17.77
N ILE E 262 -10.02 -36.74 17.72
CA ILE E 262 -9.28 -36.48 16.49
C ILE E 262 -8.64 -37.77 16.00
N GLY E 263 -8.01 -38.52 16.92
CA GLY E 263 -7.41 -39.78 16.55
C GLY E 263 -8.39 -40.78 15.97
N SER E 264 -9.59 -40.87 16.54
CA SER E 264 -10.61 -41.75 15.97
C SER E 264 -10.89 -41.40 14.52
N ALA E 265 -10.95 -40.11 14.21
CA ALA E 265 -11.23 -39.68 12.84
C ALA E 265 -10.08 -40.08 11.91
N VAL E 266 -8.84 -39.92 12.36
CA VAL E 266 -7.68 -40.35 11.58
C VAL E 266 -7.80 -41.84 11.29
N HIS E 267 -8.04 -42.64 12.33
CA HIS E 267 -8.11 -44.09 12.18
C HIS E 267 -9.24 -44.50 11.26
N ALA E 268 -10.38 -43.83 11.36
CA ALA E 268 -11.51 -44.15 10.48
C ALA E 268 -11.14 -43.88 9.03
N CYS E 269 -10.44 -42.79 8.76
CA CYS E 269 -10.02 -42.46 7.40
C CYS E 269 -9.09 -43.53 6.85
N VAL E 270 -8.09 -43.92 7.64
CA VAL E 270 -7.16 -44.96 7.19
C VAL E 270 -7.91 -46.26 6.93
N GLU E 271 -8.75 -46.65 7.88
CA GLU E 271 -9.50 -47.89 7.75
C GLU E 271 -10.33 -47.91 6.47
N LYS E 272 -11.03 -46.81 6.21
CA LYS E 272 -11.88 -46.73 5.03
CA LYS E 272 -11.88 -46.74 5.03
C LYS E 272 -11.04 -46.75 3.75
N ALA E 273 -9.91 -46.03 3.74
CA ALA E 273 -9.06 -46.04 2.55
C ALA E 273 -8.54 -47.45 2.27
N ILE E 274 -8.19 -48.20 3.30
CA ILE E 274 -7.76 -49.59 3.11
C ILE E 274 -8.91 -50.43 2.56
N ALA E 275 -10.07 -50.34 3.20
CA ALA E 275 -11.21 -51.14 2.78
C ALA E 275 -11.62 -50.87 1.34
N ASP E 276 -11.51 -49.61 0.92
CA ASP E 276 -11.94 -49.18 -0.39
C ASP E 276 -10.84 -49.31 -1.44
N LYS E 277 -9.68 -49.84 -1.05
CA LYS E 277 -8.58 -50.11 -1.95
C LYS E 277 -7.90 -48.84 -2.46
N VAL E 278 -8.02 -47.73 -1.72
CA VAL E 278 -7.33 -46.49 -2.06
C VAL E 278 -5.85 -46.57 -1.67
N ILE E 279 -5.56 -47.22 -0.55
CA ILE E 279 -4.20 -47.41 -0.06
C ILE E 279 -4.03 -48.88 0.28
N SER E 280 -2.77 -49.31 0.28
CA SER E 280 -2.44 -50.69 0.60
C SER E 280 -1.02 -50.76 1.15
N ALA E 281 -0.73 -51.86 1.84
CA ALA E 281 0.57 -52.03 2.46
C ALA E 281 1.68 -52.02 1.42
N ASP E 282 2.77 -51.34 1.74
CA ASP E 282 3.93 -51.22 0.86
C ASP E 282 5.11 -51.98 1.46
N LYS E 283 5.82 -51.39 2.41
CA LYS E 283 7.03 -51.98 2.98
C LYS E 283 6.87 -52.21 4.47
N LYS E 284 7.13 -53.42 4.92
CA LYS E 284 7.06 -53.75 6.34
C LYS E 284 8.46 -53.66 6.95
N PHE E 285 8.60 -52.78 7.93
CA PHE E 285 9.85 -52.60 8.65
C PHE E 285 10.01 -53.70 9.71
N ALA E 286 11.23 -53.82 10.24
CA ALA E 286 11.51 -54.87 11.22
C ALA E 286 10.65 -54.75 12.48
N SER E 287 10.26 -53.54 12.88
CA SER E 287 9.41 -53.38 14.05
C SER E 287 8.00 -53.88 13.83
N GLY E 288 7.61 -54.12 12.60
CA GLY E 288 6.25 -54.43 12.25
C GLY E 288 5.51 -53.26 11.62
N TYR E 289 6.02 -52.04 11.78
CA TYR E 289 5.39 -50.89 11.14
C TYR E 289 5.42 -51.07 9.63
N THR E 290 4.30 -50.78 8.97
CA THR E 290 4.22 -50.88 7.53
CA THR E 290 4.24 -50.88 7.52
C THR E 290 3.91 -49.53 6.88
N THR E 291 4.71 -49.15 5.90
CA THR E 291 4.34 -47.99 5.11
C THR E 291 3.21 -48.38 4.16
N TYR E 292 2.38 -47.39 3.79
CA TYR E 292 1.31 -47.57 2.82
C TYR E 292 1.61 -46.83 1.52
N LYS E 293 1.11 -47.38 0.42
CA LYS E 293 1.15 -46.72 -0.88
C LYS E 293 -0.28 -46.47 -1.34
N THR E 294 -0.46 -45.52 -2.25
CA THR E 294 -1.76 -45.25 -2.84
C THR E 294 -1.68 -45.45 -4.35
N ASN E 295 -2.79 -45.92 -4.93
CA ASN E 295 -2.94 -45.99 -6.37
C ASN E 295 -3.68 -44.77 -6.93
N ASP E 296 -4.04 -43.80 -6.08
CA ASP E 296 -4.90 -42.69 -6.52
C ASP E 296 -4.70 -41.54 -5.53
N VAL E 297 -3.73 -40.69 -5.81
CA VAL E 297 -3.42 -39.55 -4.95
C VAL E 297 -4.64 -38.67 -4.78
N GLY E 298 -5.39 -38.44 -5.85
CA GLY E 298 -6.54 -37.56 -5.75
C GLY E 298 -7.58 -38.09 -4.77
N LYS E 299 -7.79 -39.39 -4.82
CA LYS E 299 -8.80 -40.01 -3.96
CA LYS E 299 -8.78 -40.03 -3.96
C LYS E 299 -8.32 -40.10 -2.52
N TRP E 300 -7.06 -40.49 -2.29
CA TRP E 300 -6.52 -40.47 -0.94
C TRP E 300 -6.63 -39.07 -0.34
N ASN E 301 -6.22 -38.07 -1.12
CA ASN E 301 -6.28 -36.70 -0.65
C ASN E 301 -7.70 -36.29 -0.29
N ALA E 302 -8.67 -36.71 -1.10
CA ALA E 302 -10.07 -36.39 -0.85
C ALA E 302 -10.57 -37.07 0.41
N TYR E 303 -10.17 -38.32 0.64
CA TYR E 303 -10.54 -38.99 1.89
C TYR E 303 -9.96 -38.23 3.09
N CYS E 304 -8.70 -37.78 2.99
CA CYS E 304 -8.12 -36.97 4.05
C CYS E 304 -8.87 -35.67 4.24
N ALA E 305 -9.33 -35.04 3.17
CA ALA E 305 -10.07 -33.80 3.29
C ALA E 305 -11.38 -34.00 4.03
N ALA E 306 -12.11 -35.07 3.68
CA ALA E 306 -13.33 -35.40 4.40
C ALA E 306 -13.03 -35.69 5.86
N GLY E 307 -12.00 -36.51 6.13
CA GLY E 307 -11.68 -36.86 7.51
C GLY E 307 -11.30 -35.67 8.36
N THR E 308 -10.67 -34.67 7.75
CA THR E 308 -10.31 -33.45 8.46
C THR E 308 -11.57 -32.72 8.91
N LEU E 309 -12.59 -32.66 8.06
CA LEU E 309 -13.85 -32.06 8.47
C LEU E 309 -14.55 -32.91 9.53
N VAL E 310 -14.56 -34.25 9.38
CA VAL E 310 -15.13 -35.10 10.41
C VAL E 310 -14.49 -34.77 11.76
N ALA E 311 -13.17 -34.72 11.79
CA ALA E 311 -12.46 -34.46 13.04
C ALA E 311 -12.84 -33.12 13.62
N THR E 312 -13.02 -32.11 12.76
CA THR E 312 -13.46 -30.80 13.22
C THR E 312 -14.83 -30.89 13.85
N LEU E 313 -15.75 -31.54 13.15
CA LEU E 313 -17.11 -31.62 13.64
C LEU E 313 -17.20 -32.34 14.99
N ILE E 314 -16.49 -33.45 15.15
CA ILE E 314 -16.58 -34.20 16.40
C ILE E 314 -15.79 -33.53 17.52
N ASN E 315 -14.66 -32.89 17.23
CA ASN E 315 -13.84 -32.30 18.28
C ASN E 315 -14.34 -30.93 18.70
N CYS E 316 -14.57 -30.05 17.72
CA CYS E 316 -15.15 -28.74 18.02
C CYS E 316 -16.61 -28.91 18.44
N GLY E 317 -17.32 -29.88 17.86
CA GLY E 317 -18.67 -30.15 18.33
C GLY E 317 -18.69 -30.59 19.79
N ALA E 318 -17.70 -31.40 20.22
CA ALA E 318 -17.66 -31.81 21.62
C ALA E 318 -17.41 -30.61 22.53
N GLN E 319 -16.55 -29.68 22.11
CA GLN E 319 -16.32 -28.45 22.89
C GLN E 319 -17.48 -27.46 22.80
N ARG E 320 -18.35 -27.61 21.80
CA ARG E 320 -19.32 -26.56 21.44
C ARG E 320 -18.64 -25.21 21.41
N ALA E 321 -17.53 -25.14 20.68
CA ALA E 321 -16.70 -23.93 20.60
C ALA E 321 -15.84 -24.06 19.35
N PRO E 322 -15.35 -22.96 18.80
CA PRO E 322 -14.60 -23.07 17.54
CA PRO E 322 -14.61 -23.09 17.54
C PRO E 322 -13.09 -23.17 17.63
N GLN E 323 -12.48 -22.74 18.74
CA GLN E 323 -11.04 -22.51 18.72
C GLN E 323 -10.21 -23.73 18.35
N ALA E 324 -10.66 -24.93 18.68
CA ALA E 324 -9.84 -26.10 18.45
C ALA E 324 -9.67 -26.43 16.98
N VAL E 325 -10.40 -25.79 16.08
CA VAL E 325 -10.27 -26.15 14.67
C VAL E 325 -8.83 -26.00 14.21
N SER E 326 -8.09 -25.02 14.72
CA SER E 326 -6.68 -24.87 14.35
C SER E 326 -5.86 -26.10 14.67
N SER E 327 -6.05 -26.64 15.85
CA SER E 327 -5.30 -27.82 16.24
CA SER E 327 -5.34 -27.84 16.28
CA SER E 327 -5.34 -27.83 16.27
C SER E 327 -5.84 -29.07 15.55
N VAL E 328 -7.14 -29.17 15.30
CA VAL E 328 -7.67 -30.31 14.55
C VAL E 328 -7.04 -30.41 13.17
N LEU E 329 -7.03 -29.28 12.45
CA LEU E 329 -6.47 -29.23 11.11
CA LEU E 329 -6.48 -29.28 11.11
C LEU E 329 -5.04 -29.72 11.11
N LEU E 330 -4.28 -29.34 12.13
CA LEU E 330 -2.87 -29.70 12.22
C LEU E 330 -2.72 -31.17 12.52
N TYR E 331 -3.29 -31.62 13.63
CA TYR E 331 -3.00 -32.95 14.14
C TYR E 331 -3.68 -34.07 13.36
N PHE E 332 -4.79 -33.81 12.68
CA PHE E 332 -5.29 -34.84 11.77
C PHE E 332 -4.20 -35.21 10.77
N GLN E 333 -3.55 -34.20 10.18
CA GLN E 333 -2.57 -34.49 9.14
C GLN E 333 -1.33 -35.13 9.73
N ASP E 334 -0.83 -34.56 10.82
CA ASP E 334 0.42 -35.06 11.39
C ASP E 334 0.23 -36.53 11.80
N LEU E 335 -0.89 -36.83 12.47
CA LEU E 335 -1.15 -38.19 12.89
C LEU E 335 -1.36 -39.14 11.71
N ILE E 336 -2.08 -38.71 10.67
CA ILE E 336 -2.33 -39.65 9.57
C ILE E 336 -1.05 -39.95 8.81
N GLU E 337 -0.13 -38.97 8.72
CA GLU E 337 1.16 -39.23 8.11
C GLU E 337 1.97 -40.20 8.97
N LYS E 338 1.95 -40.03 10.29
CA LYS E 338 2.67 -40.95 11.16
C LYS E 338 2.08 -42.36 11.05
N GLU E 339 0.75 -42.46 10.88
CA GLU E 339 0.07 -43.75 10.82
C GLU E 339 0.33 -44.49 9.51
N THR E 340 0.57 -43.76 8.40
CA THR E 340 0.59 -44.37 7.08
C THR E 340 1.89 -44.18 6.29
N SER E 341 2.69 -43.18 6.64
CA SER E 341 3.80 -42.73 5.80
C SER E 341 3.36 -42.18 4.43
N LEU E 342 2.10 -41.78 4.27
CA LEU E 342 1.63 -41.05 3.11
C LEU E 342 1.39 -39.60 3.49
N PRO E 343 1.52 -38.67 2.55
CA PRO E 343 1.22 -37.27 2.86
C PRO E 343 -0.21 -37.05 3.28
N GLY E 344 -0.40 -36.12 4.21
CA GLY E 344 -1.71 -35.71 4.66
C GLY E 344 -2.38 -34.77 3.67
N CYS E 345 -3.49 -34.17 4.12
CA CYS E 345 -4.36 -33.46 3.17
C CYS E 345 -3.61 -32.27 2.57
N ASP E 346 -3.63 -32.17 1.25
CA ASP E 346 -2.98 -31.07 0.55
C ASP E 346 -1.46 -31.11 0.73
N PHE E 347 -0.94 -32.30 1.03
CA PHE E 347 0.50 -32.60 0.94
C PHE E 347 1.34 -31.77 1.90
N GLY E 348 0.76 -31.40 3.04
CA GLY E 348 1.42 -30.56 4.01
C GLY E 348 0.77 -29.20 4.14
N LYS E 349 -0.03 -28.76 3.15
CA LYS E 349 -0.49 -27.38 3.16
CA LYS E 349 -0.49 -27.38 3.15
C LYS E 349 -1.64 -27.14 4.12
N VAL E 350 -2.48 -28.14 4.37
CA VAL E 350 -3.46 -27.97 5.44
C VAL E 350 -2.73 -27.90 6.79
N GLN E 351 -1.78 -28.82 7.00
CA GLN E 351 -1.01 -28.81 8.25
C GLN E 351 -0.30 -27.48 8.44
N GLY E 352 0.32 -26.97 7.38
CA GLY E 352 1.06 -25.73 7.51
C GLY E 352 0.14 -24.55 7.78
N ALA E 353 -0.94 -24.43 7.02
CA ALA E 353 -1.92 -23.41 7.36
C ALA E 353 -2.35 -23.52 8.82
N ALA E 354 -2.58 -24.73 9.28
CA ALA E 354 -3.02 -24.96 10.65
C ALA E 354 -1.99 -24.55 11.70
N VAL E 355 -0.72 -24.78 11.43
CA VAL E 355 0.35 -24.34 12.35
C VAL E 355 0.27 -22.83 12.53
N GLY E 356 0.25 -22.09 11.42
CA GLY E 356 0.20 -20.64 11.54
C GLY E 356 -1.11 -20.15 12.12
N PHE E 357 -2.20 -20.80 11.76
CA PHE E 357 -3.51 -20.46 12.30
C PHE E 357 -3.58 -20.69 13.79
N SER E 358 -3.06 -21.82 14.28
CA SER E 358 -2.98 -22.05 15.72
C SER E 358 -2.22 -20.91 16.39
N PHE E 359 -1.05 -20.59 15.87
CA PHE E 359 -0.26 -19.50 16.41
C PHE E 359 -1.02 -18.18 16.42
N PHE E 360 -1.60 -17.81 15.30
CA PHE E 360 -2.31 -16.53 15.13
C PHE E 360 -3.75 -16.56 15.65
N SER E 361 -4.08 -17.58 16.44
CA SER E 361 -5.32 -17.57 17.21
C SER E 361 -5.07 -17.79 18.68
N HIS E 362 -3.81 -17.84 19.10
CA HIS E 362 -3.43 -18.04 20.49
C HIS E 362 -2.23 -17.18 20.90
N SER E 363 -1.96 -16.07 20.19
CA SER E 363 -0.79 -15.26 20.46
C SER E 363 -1.09 -13.77 20.34
N ILE E 364 -0.06 -12.95 20.62
CA ILE E 364 -0.21 -11.50 20.63
C ILE E 364 -0.17 -10.88 19.23
N TYR E 365 0.25 -11.63 18.18
CA TYR E 365 0.81 -10.98 17.01
C TYR E 365 -0.21 -10.55 15.95
N GLY E 366 -1.40 -11.14 15.94
CA GLY E 366 -2.38 -10.85 14.93
C GLY E 366 -3.44 -11.93 14.96
N GLY E 367 -4.19 -12.04 13.86
CA GLY E 367 -5.25 -13.05 13.79
C GLY E 367 -6.41 -12.72 14.70
N GLY E 368 -6.80 -13.65 15.53
CA GLY E 368 -7.97 -13.54 16.36
C GLY E 368 -8.60 -14.92 16.54
N GLY E 369 -9.88 -14.97 16.86
CA GLY E 369 -10.58 -16.23 16.88
C GLY E 369 -10.82 -16.74 15.47
N PRO E 370 -11.21 -18.02 15.35
CA PRO E 370 -11.51 -18.59 14.03
C PRO E 370 -12.40 -17.75 13.14
N GLY E 371 -13.36 -17.06 13.74
CA GLY E 371 -14.34 -16.34 12.98
C GLY E 371 -13.82 -15.22 12.11
N VAL E 372 -12.61 -14.71 12.40
CA VAL E 372 -12.08 -13.59 11.61
C VAL E 372 -11.29 -14.08 10.39
N PHE E 373 -11.01 -15.38 10.31
CA PHE E 373 -10.20 -15.89 9.22
C PHE E 373 -11.06 -16.16 7.99
N ASN E 374 -10.38 -16.41 6.88
CA ASN E 374 -11.01 -16.55 5.57
C ASN E 374 -9.91 -17.05 4.62
N GLY E 375 -10.32 -17.45 3.42
CA GLY E 375 -9.37 -17.96 2.45
C GLY E 375 -8.40 -16.95 1.89
N ASN E 376 -8.66 -15.65 2.05
CA ASN E 376 -7.74 -14.59 1.67
C ASN E 376 -6.84 -14.12 2.81
N HIS E 377 -7.09 -14.58 4.03
CA HIS E 377 -6.29 -14.13 5.16
C HIS E 377 -4.88 -14.67 4.97
N VAL E 378 -3.87 -13.81 5.22
CA VAL E 378 -2.49 -14.22 5.05
C VAL E 378 -2.20 -15.51 5.79
N VAL E 379 -2.84 -15.72 6.96
CA VAL E 379 -2.52 -16.89 7.78
C VAL E 379 -3.10 -18.17 7.19
N THR E 380 -4.36 -18.13 6.71
CA THR E 380 -5.12 -19.30 6.35
C THR E 380 -5.29 -19.52 4.84
N ARG E 381 -4.60 -18.76 4.00
CA ARG E 381 -4.78 -18.86 2.55
C ARG E 381 -4.13 -20.10 1.94
N HIS E 382 -3.20 -20.77 2.63
CA HIS E 382 -2.17 -21.58 1.99
C HIS E 382 -2.68 -22.91 1.43
N SER E 383 -3.68 -23.53 2.05
CA SER E 383 -4.33 -24.68 1.43
C SER E 383 -5.14 -24.27 0.22
N LYS E 384 -5.18 -25.15 -0.78
CA LYS E 384 -6.01 -24.92 -1.97
C LYS E 384 -7.45 -25.34 -1.67
N GLY E 385 -8.08 -24.60 -0.76
CA GLY E 385 -9.48 -24.70 -0.48
C GLY E 385 -9.95 -25.68 0.57
N LEU E 386 -9.03 -26.38 1.27
CA LEU E 386 -9.37 -27.53 2.10
C LEU E 386 -9.24 -27.26 3.60
N ALA E 387 -9.00 -26.02 4.01
CA ALA E 387 -8.88 -25.67 5.42
C ALA E 387 -10.03 -24.82 5.94
N VAL E 388 -10.31 -23.71 5.25
CA VAL E 388 -11.27 -22.74 5.74
C VAL E 388 -12.69 -23.31 5.85
N PRO E 389 -13.14 -24.25 5.02
CA PRO E 389 -14.48 -24.81 5.26
C PRO E 389 -14.63 -25.41 6.65
N CYS E 390 -13.57 -26.03 7.16
CA CYS E 390 -13.57 -26.55 8.52
C CYS E 390 -13.67 -25.43 9.54
N VAL E 391 -12.97 -24.31 9.28
CA VAL E 391 -13.04 -23.16 10.18
C VAL E 391 -14.47 -22.64 10.28
N ALA E 392 -15.14 -22.47 9.15
CA ALA E 392 -16.50 -21.95 9.15
C ALA E 392 -17.43 -22.90 9.88
N ALA E 393 -17.29 -24.21 9.65
CA ALA E 393 -18.10 -25.19 10.36
C ALA E 393 -17.89 -25.10 11.86
N ALA E 394 -16.64 -24.95 12.28
CA ALA E 394 -16.33 -24.84 13.70
C ALA E 394 -17.00 -23.62 14.33
N VAL E 395 -16.99 -22.48 13.63
CA VAL E 395 -17.68 -21.30 14.11
C VAL E 395 -19.16 -21.61 14.33
N ALA E 396 -19.79 -22.29 13.38
CA ALA E 396 -21.21 -22.62 13.51
C ALA E 396 -21.52 -23.37 14.79
N LEU E 397 -20.59 -24.18 15.30
CA LEU E 397 -20.77 -25.04 16.46
C LEU E 397 -20.61 -24.31 17.79
N ASP E 398 -20.29 -23.02 17.79
CA ASP E 398 -20.07 -22.30 19.05
C ASP E 398 -21.37 -22.17 19.83
N ALA E 399 -21.34 -22.55 21.11
CA ALA E 399 -22.48 -22.33 22.00
C ALA E 399 -22.39 -21.03 22.79
N GLY E 400 -21.29 -20.28 22.67
CA GLY E 400 -21.16 -18.99 23.30
C GLY E 400 -19.80 -18.66 23.90
N VAL E 401 -18.70 -19.23 23.38
CA VAL E 401 -17.38 -18.97 23.93
C VAL E 401 -16.75 -17.70 23.33
N GLN E 402 -16.88 -17.48 22.03
CA GLN E 402 -16.14 -16.40 21.40
C GLN E 402 -16.72 -15.02 21.73
N VAL E 403 -15.83 -14.04 21.87
CA VAL E 403 -16.25 -12.66 21.98
C VAL E 403 -16.62 -12.12 20.60
N TYR E 404 -15.74 -12.26 19.63
CA TYR E 404 -16.01 -11.74 18.29
C TYR E 404 -16.70 -12.83 17.48
N SER E 405 -17.96 -13.05 17.85
CA SER E 405 -18.84 -14.04 17.25
C SER E 405 -19.56 -13.44 16.06
N PRO E 406 -20.35 -14.25 15.33
CA PRO E 406 -21.14 -13.69 14.24
C PRO E 406 -22.16 -12.67 14.71
N GLU E 407 -22.63 -12.81 15.95
CA GLU E 407 -23.58 -11.82 16.51
C GLU E 407 -22.89 -10.47 16.62
N LYS E 408 -21.58 -10.46 16.89
CA LYS E 408 -20.87 -9.21 17.01
C LYS E 408 -20.38 -8.65 15.68
N THR E 409 -19.98 -9.51 14.74
CA THR E 409 -19.31 -9.05 13.53
C THR E 409 -20.17 -9.06 12.26
N SER E 410 -21.31 -9.77 12.28
CA SER E 410 -21.94 -10.22 11.04
C SER E 410 -23.46 -10.07 11.05
N GLY E 411 -24.02 -9.29 11.96
CA GLY E 411 -25.48 -9.21 12.03
C GLY E 411 -26.14 -8.71 10.75
N LEU E 412 -25.65 -7.62 10.18
CA LEU E 412 -26.27 -7.04 8.99
C LEU E 412 -26.18 -7.99 7.80
N VAL E 413 -24.96 -8.39 7.44
CA VAL E 413 -24.83 -9.22 6.27
C VAL E 413 -25.42 -10.61 6.51
N GLY E 414 -25.35 -11.12 7.74
CA GLY E 414 -25.92 -12.43 8.01
C GLY E 414 -27.43 -12.41 7.88
N ASP E 415 -28.09 -11.38 8.41
CA ASP E 415 -29.53 -11.28 8.29
C ASP E 415 -29.96 -11.20 6.83
N VAL E 416 -29.25 -10.40 6.04
CA VAL E 416 -29.63 -10.22 4.65
C VAL E 416 -29.32 -11.45 3.84
N PHE E 417 -28.08 -11.93 3.88
CA PHE E 417 -27.69 -13.00 2.97
C PHE E 417 -28.34 -14.32 3.35
N SER E 418 -28.64 -14.53 4.63
CA SER E 418 -29.33 -15.77 5.04
C SER E 418 -30.76 -15.86 4.50
N ALA E 419 -31.32 -14.73 4.03
CA ALA E 419 -32.66 -14.74 3.45
C ALA E 419 -32.70 -15.46 2.12
N VAL E 420 -31.57 -15.68 1.47
CA VAL E 420 -31.51 -16.28 0.15
C VAL E 420 -31.36 -17.79 0.32
N ASP E 421 -32.37 -18.55 -0.12
CA ASP E 421 -32.42 -19.98 0.13
C ASP E 421 -31.18 -20.73 -0.37
N GLU E 422 -30.72 -20.43 -1.58
CA GLU E 422 -29.58 -21.17 -2.11
C GLU E 422 -28.29 -20.88 -1.35
N PHE E 423 -28.14 -19.67 -0.80
CA PHE E 423 -26.94 -19.38 -0.01
C PHE E 423 -27.01 -20.12 1.33
N ARG E 424 -28.19 -20.14 1.94
CA ARG E 424 -28.38 -20.72 3.26
C ARG E 424 -28.38 -22.24 3.25
N GLU E 425 -28.86 -22.83 2.16
CA GLU E 425 -29.01 -24.27 2.00
C GLU E 425 -28.34 -24.74 0.71
N PRO E 426 -27.02 -24.63 0.64
CA PRO E 426 -26.34 -24.86 -0.63
C PRO E 426 -26.22 -26.32 -1.03
N ILE E 427 -26.15 -27.24 -0.07
CA ILE E 427 -26.05 -28.65 -0.42
C ILE E 427 -27.26 -29.07 -1.23
N LYS E 428 -28.43 -28.70 -0.74
CA LYS E 428 -29.67 -29.00 -1.43
C LYS E 428 -29.67 -28.40 -2.83
N ALA E 429 -29.18 -27.16 -2.95
CA ALA E 429 -29.17 -26.50 -4.25
C ALA E 429 -28.26 -27.21 -5.25
N VAL E 430 -27.04 -27.53 -4.83
CA VAL E 430 -26.08 -28.16 -5.73
C VAL E 430 -26.61 -29.51 -6.22
N ALA E 431 -27.20 -30.30 -5.31
CA ALA E 431 -27.72 -31.60 -5.73
C ALA E 431 -28.94 -31.44 -6.63
N GLY E 432 -29.74 -30.41 -6.39
CA GLY E 432 -30.90 -30.18 -7.23
C GLY E 432 -30.55 -29.85 -8.66
N ALA E 433 -29.34 -29.37 -8.91
CA ALA E 433 -28.93 -28.98 -10.25
C ALA E 433 -28.37 -30.13 -11.07
N VAL E 434 -28.20 -31.32 -10.50
CA VAL E 434 -27.67 -32.48 -11.25
C VAL E 434 -28.74 -33.52 -11.58
N ALA F 2 -11.94 -54.31 14.06
CA ALA F 2 -11.65 -52.89 14.07
C ALA F 2 -10.21 -52.64 13.60
N TYR F 3 -9.96 -51.49 12.98
CA TYR F 3 -8.61 -51.13 12.56
C TYR F 3 -7.73 -51.00 13.80
N LYS F 4 -6.57 -51.65 13.77
CA LYS F 4 -5.62 -51.62 14.87
C LYS F 4 -4.52 -50.63 14.51
N PRO F 5 -4.45 -49.48 15.15
CA PRO F 5 -3.44 -48.48 14.75
CA PRO F 5 -3.44 -48.48 14.75
C PRO F 5 -2.03 -48.96 15.04
N GLN F 6 -1.11 -48.52 14.18
CA GLN F 6 0.30 -48.78 14.40
C GLN F 6 1.05 -47.56 14.91
N TYR F 7 0.46 -46.36 14.79
CA TYR F 7 0.87 -45.10 15.41
C TYR F 7 2.11 -44.43 14.84
N TYR F 8 3.24 -45.15 14.78
CA TYR F 8 4.54 -44.50 14.59
C TYR F 8 5.57 -45.59 14.34
N PRO F 9 6.56 -45.36 13.48
CA PRO F 9 7.60 -46.38 13.24
C PRO F 9 8.61 -46.43 14.38
N GLY F 10 9.55 -47.36 14.26
CA GLY F 10 10.72 -47.42 15.11
C GLY F 10 10.69 -48.57 16.10
N SER F 11 11.88 -49.09 16.42
CA SER F 11 12.05 -50.14 17.41
C SER F 11 12.91 -49.73 18.60
N THR F 12 13.36 -48.49 18.66
CA THR F 12 14.13 -48.02 19.80
C THR F 12 13.21 -47.80 20.99
N SER F 13 13.81 -47.67 22.19
CA SER F 13 13.01 -47.36 23.37
C SER F 13 12.23 -46.05 23.17
N VAL F 14 12.87 -45.07 22.53
CA VAL F 14 12.22 -43.78 22.30
C VAL F 14 10.96 -43.97 21.47
N ALA F 15 11.06 -44.76 20.39
CA ALA F 15 9.88 -44.99 19.56
C ALA F 15 8.81 -45.77 20.32
N LYS F 16 9.21 -46.77 21.11
CA LYS F 16 8.23 -47.50 21.91
C LYS F 16 7.55 -46.59 22.90
N ASN F 17 8.31 -45.69 23.53
CA ASN F 17 7.72 -44.77 24.51
C ASN F 17 6.78 -43.78 23.82
N ARG F 18 7.10 -43.37 22.60
CA ARG F 18 6.22 -42.50 21.81
C ARG F 18 4.91 -43.21 21.53
N ARG F 19 4.95 -44.49 21.20
CA ARG F 19 3.71 -45.21 20.97
C ARG F 19 2.92 -45.39 22.27
N LYS F 20 3.60 -45.55 23.41
CA LYS F 20 2.90 -45.58 24.71
C LYS F 20 2.13 -44.29 24.93
N PHE F 21 2.76 -43.14 24.68
CA PHE F 21 2.06 -41.88 24.85
C PHE F 21 0.85 -41.82 23.93
N MET F 22 1.05 -42.18 22.67
CA MET F 22 -0.05 -42.04 21.69
C MET F 22 -1.24 -42.93 22.09
N SER F 23 -0.99 -44.11 22.64
CA SER F 23 -2.04 -45.06 22.99
C SER F 23 -2.51 -44.93 24.43
N ASP F 24 -1.98 -43.97 25.20
CA ASP F 24 -2.31 -43.79 26.61
C ASP F 24 -1.94 -45.02 27.45
N ASP F 25 -0.94 -45.78 27.00
CA ASP F 25 -0.43 -46.94 27.74
C ASP F 25 0.75 -46.47 28.58
N VAL F 26 0.44 -45.67 29.59
CA VAL F 26 1.44 -45.03 30.43
C VAL F 26 1.22 -45.40 31.89
N GLU F 27 2.32 -45.55 32.63
CA GLU F 27 2.26 -46.01 34.01
C GLU F 27 1.86 -44.86 34.94
N LYS F 28 0.95 -45.15 35.87
CA LYS F 28 0.63 -44.22 36.93
C LYS F 28 1.75 -44.23 37.96
N MET F 29 2.33 -43.06 38.24
CA MET F 29 3.48 -42.92 39.10
C MET F 29 3.18 -42.31 40.46
N ARG F 30 2.10 -41.56 40.58
CA ARG F 30 1.86 -40.77 41.78
C ARG F 30 0.38 -40.43 41.84
N ASP F 31 -0.06 -40.05 43.03
CA ASP F 31 -1.40 -39.54 43.25
C ASP F 31 -1.33 -38.03 43.52
N ILE F 32 -2.23 -37.29 42.87
CA ILE F 32 -2.42 -35.87 43.11
C ILE F 32 -3.92 -35.66 43.33
N SER F 33 -4.30 -35.07 44.47
CA SER F 33 -5.71 -34.89 44.73
C SER F 33 -6.33 -33.87 43.79
N ASP F 34 -7.65 -33.97 43.66
CA ASP F 34 -8.35 -33.04 42.80
C ASP F 34 -8.13 -31.60 43.26
N GLU F 35 -8.21 -31.37 44.58
CA GLU F 35 -8.07 -29.99 45.06
C GLU F 35 -6.64 -29.48 44.90
N ASP F 36 -5.66 -30.35 45.13
CA ASP F 36 -4.27 -29.93 44.90
C ASP F 36 -4.05 -29.56 43.42
N LEU F 37 -4.60 -30.37 42.49
CA LEU F 37 -4.46 -30.05 41.08
C LEU F 37 -5.12 -28.72 40.75
N THR F 38 -6.35 -28.51 41.26
CA THR F 38 -7.02 -27.24 41.01
C THR F 38 -6.18 -26.08 41.54
N ALA F 39 -5.56 -26.25 42.72
CA ALA F 39 -4.72 -25.19 43.27
C ALA F 39 -3.55 -24.87 42.35
N LEU F 40 -2.91 -25.92 41.80
CA LEU F 40 -1.78 -25.71 40.91
C LEU F 40 -2.18 -25.02 39.61
N LEU F 41 -3.38 -25.33 39.11
CA LEU F 41 -3.86 -24.77 37.84
C LEU F 41 -4.20 -23.30 37.96
N GLY F 42 -4.72 -22.86 39.11
CA GLY F 42 -4.92 -21.44 39.38
C GLY F 42 -6.13 -20.77 38.79
N HIS F 43 -7.15 -21.51 38.36
CA HIS F 43 -8.30 -20.92 37.70
C HIS F 43 -9.51 -20.69 38.61
N ARG F 44 -9.59 -21.37 39.76
CA ARG F 44 -10.69 -21.18 40.70
C ARG F 44 -10.25 -21.74 42.04
N ALA F 45 -10.97 -21.40 43.09
CA ALA F 45 -10.65 -21.94 44.41
C ALA F 45 -10.83 -23.46 44.42
N PRO F 46 -9.91 -24.21 45.02
CA PRO F 46 -10.11 -25.66 45.14
C PRO F 46 -11.48 -26.01 45.72
N GLY F 47 -12.13 -26.98 45.09
CA GLY F 47 -13.42 -27.45 45.55
C GLY F 47 -14.61 -26.61 45.10
N SER F 48 -14.38 -25.46 44.50
CA SER F 48 -15.47 -24.57 44.13
C SER F 48 -16.13 -25.02 42.83
N ASP F 49 -17.35 -24.53 42.62
CA ASP F 49 -18.05 -24.81 41.38
C ASP F 49 -17.26 -24.24 40.19
N TYR F 50 -17.38 -24.90 39.05
CA TYR F 50 -16.78 -24.37 37.83
C TYR F 50 -17.53 -23.14 37.37
N PRO F 51 -16.87 -21.97 37.21
CA PRO F 51 -17.54 -20.82 36.61
C PRO F 51 -18.01 -21.12 35.21
N SER F 52 -19.03 -20.38 34.78
N SER F 52 -19.01 -20.33 34.78
CA SER F 52 -19.50 -20.51 33.41
CA SER F 52 -19.52 -20.49 33.41
C SER F 52 -19.15 -19.26 32.61
C SER F 52 -19.26 -19.25 32.57
N THR F 53 -18.91 -19.46 31.30
CA THR F 53 -18.82 -18.35 30.36
C THR F 53 -20.13 -18.10 29.62
N HIS F 54 -20.98 -19.11 29.49
CA HIS F 54 -22.31 -18.97 28.93
C HIS F 54 -23.23 -19.94 29.65
N PRO F 55 -24.56 -19.79 29.49
CA PRO F 55 -25.46 -20.66 30.24
C PRO F 55 -25.37 -22.10 29.78
N PRO F 56 -25.75 -23.04 30.63
CA PRO F 56 -25.73 -24.46 30.24
C PRO F 56 -26.65 -24.70 29.06
N LEU F 57 -26.30 -25.72 28.28
CA LEU F 57 -27.07 -26.02 27.09
C LEU F 57 -28.52 -26.34 27.44
N SER F 58 -28.77 -26.91 28.62
CA SER F 58 -30.14 -27.21 29.02
C SER F 58 -30.98 -25.95 29.23
N GLU F 59 -30.35 -24.82 29.52
CA GLU F 59 -31.10 -23.62 29.83
C GLU F 59 -31.48 -22.86 28.58
N ILE F 60 -30.58 -22.81 27.61
CA ILE F 60 -30.77 -22.00 26.41
C ILE F 60 -31.03 -22.82 25.16
N GLY F 61 -30.85 -24.14 25.25
CA GLY F 61 -30.97 -24.97 24.04
C GLY F 61 -29.99 -24.51 22.96
N GLU F 62 -30.14 -24.99 21.75
N GLU F 62 -30.15 -24.98 21.76
CA GLU F 62 -29.10 -24.70 20.74
CA GLU F 62 -29.15 -24.66 20.71
C GLU F 62 -29.76 -24.69 19.34
C GLU F 62 -29.85 -24.55 19.36
N PRO F 63 -29.15 -24.01 18.36
CA PRO F 63 -29.73 -23.91 17.02
C PRO F 63 -29.87 -25.28 16.37
N ALA F 64 -30.80 -25.34 15.40
CA ALA F 64 -31.03 -26.56 14.64
C ALA F 64 -29.79 -26.83 13.79
N CYS F 65 -29.13 -27.96 14.04
CA CYS F 65 -27.96 -28.35 13.30
C CYS F 65 -27.85 -29.86 13.33
N PRO F 66 -27.81 -30.51 12.16
CA PRO F 66 -27.62 -31.95 12.12
CA PRO F 66 -27.63 -31.96 12.14
C PRO F 66 -26.34 -32.50 12.85
N VAL F 67 -25.31 -31.64 12.88
CA VAL F 67 -24.08 -32.05 13.54
C VAL F 67 -24.27 -31.99 15.06
N ARG F 68 -24.84 -30.89 15.56
CA ARG F 68 -25.10 -30.81 16.99
C ARG F 68 -25.98 -31.97 17.44
N GLU F 69 -26.90 -32.41 16.58
CA GLU F 69 -27.79 -33.50 16.97
C GLU F 69 -27.06 -34.81 17.19
N VAL F 70 -25.92 -35.03 16.54
CA VAL F 70 -25.23 -36.31 16.62
C VAL F 70 -23.89 -36.25 17.33
N VAL F 71 -23.37 -35.06 17.67
CA VAL F 71 -22.11 -34.94 18.39
C VAL F 71 -22.42 -34.54 19.83
N GLU F 72 -22.06 -35.42 20.77
CA GLU F 72 -22.37 -35.18 22.17
C GLU F 72 -21.46 -34.12 22.76
N PRO F 73 -22.00 -33.08 23.39
CA PRO F 73 -21.13 -32.14 24.11
C PRO F 73 -20.38 -32.87 25.21
N THR F 74 -19.17 -32.45 25.50
CA THR F 74 -18.51 -32.91 26.71
C THR F 74 -19.29 -32.41 27.92
N PRO F 75 -19.03 -32.95 29.12
CA PRO F 75 -19.68 -32.39 30.31
C PRO F 75 -19.39 -30.91 30.51
N GLY F 76 -18.15 -30.48 30.27
CA GLY F 76 -17.83 -29.07 30.45
C GLY F 76 -18.56 -28.20 29.43
N ALA F 77 -18.72 -28.69 28.20
CA ALA F 77 -19.43 -27.91 27.19
C ALA F 77 -20.91 -27.79 27.54
N ALA F 78 -21.52 -28.91 27.96
CA ALA F 78 -22.92 -28.88 28.36
C ALA F 78 -23.16 -27.89 29.49
N ALA F 79 -22.19 -27.75 30.39
CA ALA F 79 -22.33 -26.86 31.54
C ALA F 79 -22.00 -25.41 31.21
N GLY F 80 -21.36 -25.13 30.09
CA GLY F 80 -20.94 -23.77 29.78
C GLY F 80 -19.67 -23.30 30.44
N ASP F 81 -18.78 -24.22 30.85
CA ASP F 81 -17.55 -23.85 31.49
C ASP F 81 -16.73 -22.90 30.63
N ARG F 82 -15.90 -22.09 31.27
CA ARG F 82 -14.88 -21.37 30.56
C ARG F 82 -13.94 -22.34 29.87
N MET F 83 -13.29 -21.87 28.81
CA MET F 83 -12.12 -22.54 28.25
C MET F 83 -10.92 -22.11 29.10
N ARG F 84 -10.30 -23.09 29.77
CA ARG F 84 -9.08 -22.88 30.56
C ARG F 84 -8.04 -23.91 30.10
N TYR F 85 -6.87 -23.90 30.73
CA TYR F 85 -5.72 -24.58 30.14
C TYR F 85 -4.82 -25.18 31.21
N VAL F 86 -3.99 -26.11 30.77
CA VAL F 86 -2.79 -26.53 31.49
C VAL F 86 -1.63 -26.43 30.50
N GLN F 87 -0.46 -26.03 31.01
CA GLN F 87 0.72 -25.87 30.16
C GLN F 87 1.93 -26.45 30.87
N PHE F 88 2.73 -27.22 30.13
CA PHE F 88 3.91 -27.92 30.65
C PHE F 88 5.15 -27.52 29.88
N ALA F 89 6.26 -27.46 30.59
CA ALA F 89 7.60 -27.39 30.01
C ALA F 89 8.34 -28.67 30.39
N ASP F 90 9.05 -29.27 29.44
CA ASP F 90 9.75 -30.56 29.63
C ASP F 90 11.22 -30.42 29.26
N SER F 91 12.11 -30.78 30.17
CA SER F 91 13.54 -30.70 29.88
C SER F 91 13.93 -31.57 28.70
N MET F 92 14.86 -31.04 27.90
CA MET F 92 15.48 -31.83 26.83
C MET F 92 16.47 -32.86 27.38
N TYR F 93 16.83 -32.80 28.67
CA TYR F 93 17.73 -33.78 29.29
C TYR F 93 16.92 -34.98 29.74
N ASN F 94 16.33 -35.66 28.75
CA ASN F 94 15.56 -36.89 28.96
C ASN F 94 14.30 -36.67 29.79
N GLY F 95 13.69 -35.50 29.72
CA GLY F 95 12.34 -35.40 30.22
C GLY F 95 11.49 -36.48 29.59
N PRO F 96 10.59 -37.11 30.35
CA PRO F 96 9.82 -38.20 29.74
C PRO F 96 9.05 -37.75 28.51
N ALA F 97 8.41 -36.60 28.59
CA ALA F 97 7.63 -36.06 27.48
C ALA F 97 8.45 -35.15 26.59
N VAL F 98 8.04 -35.13 25.33
CA VAL F 98 8.40 -34.10 24.38
C VAL F 98 7.11 -33.42 23.92
N PRO F 99 7.15 -32.14 23.53
CA PRO F 99 5.91 -31.39 23.26
C PRO F 99 4.96 -32.06 22.28
N TYR F 100 5.43 -32.48 21.10
CA TYR F 100 4.49 -33.04 20.13
C TYR F 100 3.74 -34.22 20.71
N TRP F 101 4.42 -35.05 21.51
CA TRP F 101 3.80 -36.25 22.06
C TRP F 101 2.82 -35.98 23.19
N ARG F 102 2.98 -34.90 23.97
CA ARG F 102 1.87 -34.48 24.82
C ARG F 102 0.65 -34.14 23.96
N SER F 103 0.86 -33.46 22.83
CA SER F 103 -0.26 -33.10 21.94
C SER F 103 -0.90 -34.31 21.29
N TYR F 104 -0.10 -35.30 20.86
CA TYR F 104 -0.69 -36.52 20.30
C TYR F 104 -1.48 -37.27 21.35
N HIS F 105 -0.96 -37.33 22.59
CA HIS F 105 -1.70 -37.95 23.68
C HIS F 105 -3.07 -37.32 23.84
N ALA F 106 -3.13 -35.99 23.81
CA ALA F 106 -4.40 -35.28 23.88
C ALA F 106 -5.31 -35.64 22.73
N ALA F 107 -4.81 -35.48 21.50
CA ALA F 107 -5.63 -35.60 20.30
C ALA F 107 -6.17 -37.01 20.10
N ILE F 108 -5.40 -38.04 20.48
CA ILE F 108 -5.86 -39.41 20.30
C ILE F 108 -6.83 -39.83 21.40
N ASN F 109 -6.59 -39.41 22.64
CA ASN F 109 -7.24 -40.03 23.79
C ASN F 109 -8.32 -39.22 24.49
N PHE F 110 -8.51 -37.95 24.14
CA PHE F 110 -9.50 -37.12 24.83
C PHE F 110 -10.39 -36.45 23.79
N ARG F 111 -11.70 -36.44 24.08
CA ARG F 111 -12.63 -35.67 23.27
C ARG F 111 -12.48 -34.17 23.53
N GLY F 112 -12.69 -33.38 22.51
CA GLY F 112 -12.82 -31.94 22.72
C GLY F 112 -11.55 -31.27 23.26
N VAL F 113 -10.44 -31.41 22.53
CA VAL F 113 -9.16 -30.85 22.94
C VAL F 113 -8.72 -29.74 22.00
N ASP F 114 -7.85 -28.84 22.50
CA ASP F 114 -7.21 -27.79 21.69
C ASP F 114 -5.74 -27.74 22.08
N PRO F 115 -4.94 -28.73 21.66
CA PRO F 115 -3.52 -28.75 22.03
C PRO F 115 -2.68 -27.85 21.12
N GLY F 116 -1.61 -27.34 21.71
CA GLY F 116 -0.63 -26.52 21.01
C GLY F 116 0.78 -26.96 21.37
N THR F 117 1.61 -27.13 20.36
CA THR F 117 2.98 -27.58 20.53
C THR F 117 3.97 -26.47 20.18
N LEU F 118 4.92 -26.24 21.09
CA LEU F 118 6.02 -25.29 20.92
C LEU F 118 7.28 -25.97 21.47
N SER F 119 8.42 -25.32 21.34
CA SER F 119 9.64 -25.97 21.82
C SER F 119 9.74 -25.97 23.34
N GLY F 120 9.41 -24.86 23.97
CA GLY F 120 9.62 -24.65 25.39
C GLY F 120 8.38 -24.74 26.23
N ARG F 121 7.27 -25.09 25.56
CA ARG F 121 5.97 -25.15 26.24
C ARG F 121 5.03 -25.98 25.38
N GLN F 122 4.10 -26.66 26.01
CA GLN F 122 3.03 -27.39 25.35
C GLN F 122 1.78 -27.13 26.18
N VAL F 123 0.66 -26.86 25.50
CA VAL F 123 -0.55 -26.38 26.15
C VAL F 123 -1.76 -27.15 25.62
N ASN F 124 -2.80 -27.24 26.44
CA ASN F 124 -4.08 -27.77 25.99
C ASN F 124 -5.17 -26.94 26.63
N GLU F 125 -6.04 -26.39 25.80
CA GLU F 125 -7.23 -25.67 26.25
C GLU F 125 -8.45 -26.56 26.06
N MET F 126 -9.24 -26.68 27.13
CA MET F 126 -10.49 -27.43 27.10
C MET F 126 -11.49 -26.72 27.99
N ARG F 127 -12.76 -27.09 27.87
CA ARG F 127 -13.71 -26.64 28.88
C ARG F 127 -13.15 -27.06 30.25
N GLU F 128 -13.26 -26.18 31.26
CA GLU F 128 -12.45 -26.33 32.46
C GLU F 128 -12.53 -27.72 33.09
N ARG F 129 -13.72 -28.27 33.32
CA ARG F 129 -13.76 -29.55 34.03
C ARG F 129 -13.16 -30.67 33.19
N ASP F 130 -13.30 -30.58 31.86
CA ASP F 130 -12.69 -31.56 30.99
C ASP F 130 -11.17 -31.45 31.03
N MET F 131 -10.69 -30.21 31.07
CA MET F 131 -9.26 -29.94 31.13
C MET F 131 -8.65 -30.58 32.39
N GLU F 132 -9.36 -30.51 33.52
CA GLU F 132 -8.79 -31.06 34.74
C GLU F 132 -8.59 -32.56 34.63
N GLU F 133 -9.50 -33.28 33.96
CA GLU F 133 -9.32 -34.73 33.78
CA GLU F 133 -9.31 -34.73 33.78
C GLU F 133 -8.04 -35.02 32.98
N TYR F 134 -7.83 -34.26 31.91
CA TYR F 134 -6.64 -34.40 31.09
C TYR F 134 -5.39 -34.05 31.88
N ALA F 135 -5.44 -32.92 32.59
CA ALA F 135 -4.28 -32.49 33.36
C ALA F 135 -3.90 -33.54 34.40
N LYS F 136 -4.90 -34.15 35.02
CA LYS F 136 -4.62 -35.15 36.05
CA LYS F 136 -4.63 -35.15 36.04
C LYS F 136 -3.91 -36.35 35.43
N ARG F 137 -4.39 -36.81 34.28
CA ARG F 137 -3.77 -37.96 33.63
C ARG F 137 -2.32 -37.67 33.28
N GLN F 138 -2.04 -36.52 32.67
CA GLN F 138 -0.65 -36.22 32.32
C GLN F 138 0.20 -35.99 33.57
N SER F 139 -0.37 -35.46 34.64
CA SER F 139 0.39 -35.13 35.83
C SER F 139 0.70 -36.33 36.74
N GLU F 140 -0.18 -37.33 36.75
CA GLU F 140 -0.02 -38.48 37.64
C GLU F 140 0.77 -39.62 37.00
N THR F 141 0.90 -39.62 35.69
CA THR F 141 1.56 -40.71 35.00
C THR F 141 3.01 -40.36 34.67
N GLU F 142 3.69 -41.32 34.05
CA GLU F 142 5.07 -41.16 33.64
C GLU F 142 5.21 -40.12 32.53
N ILE F 143 4.11 -39.63 31.96
CA ILE F 143 4.21 -38.51 31.02
C ILE F 143 4.94 -37.34 31.65
N THR F 144 4.77 -37.13 32.96
CA THR F 144 5.45 -36.05 33.67
C THR F 144 6.40 -36.60 34.73
N ASP F 145 7.63 -36.11 34.70
CA ASP F 145 8.53 -36.18 35.85
C ASP F 145 8.61 -34.76 36.40
N TRP F 146 8.31 -34.57 37.68
CA TRP F 146 8.18 -33.22 38.22
C TRP F 146 9.52 -32.57 38.59
N GLY F 147 10.63 -33.28 38.44
CA GLY F 147 11.94 -32.66 38.47
C GLY F 147 12.33 -32.10 37.11
N LEU F 148 12.14 -32.91 36.07
CA LEU F 148 12.55 -32.54 34.71
C LEU F 148 11.51 -31.70 33.99
N ALA F 149 10.30 -31.62 34.54
CA ALA F 149 9.21 -30.88 33.93
C ALA F 149 8.63 -29.92 34.95
N GLY F 150 7.80 -29.00 34.48
CA GLY F 150 7.03 -28.12 35.34
C GLY F 150 5.74 -27.74 34.65
N MET F 151 4.78 -27.35 35.46
CA MET F 151 3.55 -26.70 35.04
C MET F 151 3.79 -25.20 35.01
N ARG F 152 3.78 -24.61 33.82
CA ARG F 152 4.18 -23.21 33.63
C ARG F 152 3.28 -22.57 32.60
N GLY F 153 2.33 -21.77 33.05
CA GLY F 153 1.49 -20.99 32.15
C GLY F 153 2.14 -19.74 31.62
N CYS F 154 3.31 -19.40 32.14
CA CYS F 154 4.08 -18.25 31.73
C CYS F 154 5.51 -18.44 32.20
N THR F 155 6.42 -17.66 31.61
CA THR F 155 7.81 -17.65 32.04
C THR F 155 8.36 -19.08 32.03
N VAL F 156 8.37 -19.65 30.83
CA VAL F 156 8.56 -21.09 30.66
C VAL F 156 10.02 -21.51 30.61
N HIS F 157 10.93 -20.56 30.37
CA HIS F 157 12.36 -20.75 30.18
C HIS F 157 12.91 -21.90 31.02
N GLY F 158 13.58 -22.84 30.38
CA GLY F 158 14.22 -23.94 31.08
C GLY F 158 14.47 -25.21 30.26
N A1I9G F 159 13.67 -25.47 29.22
CA A1I9G F 159 13.75 -26.82 28.61
C A1I9G F 159 15.11 -27.12 28.03
O A1I9G F 159 15.55 -28.27 28.03
CB A1I9G F 159 12.66 -27.10 27.54
CG A1I9G F 159 12.88 -26.30 26.27
ND1 A1I9G F 159 12.80 -24.96 26.13
CD2 A1I9G F 159 13.27 -26.82 25.04
CE1 A1I9G F 159 13.10 -24.69 24.84
NE2 A1I9G F 159 13.41 -25.80 24.15
CF A1I9G F 159 11.27 -26.85 28.16
N SER F 160 15.76 -26.08 27.49
CA SER F 160 17.02 -26.23 26.81
C SER F 160 18.21 -25.78 27.64
N LEU F 161 17.96 -25.41 28.88
CA LEU F 161 19.02 -24.96 29.79
C LEU F 161 19.66 -26.15 30.49
N ARG F 162 20.91 -25.98 30.87
CA ARG F 162 21.57 -26.97 31.71
C ARG F 162 20.77 -27.16 33.00
N LEU F 163 20.64 -28.41 33.43
CA LEU F 163 19.93 -28.68 34.68
C LEU F 163 20.67 -28.07 35.86
N GLN F 164 19.91 -27.79 36.93
CA GLN F 164 20.50 -27.42 38.20
C GLN F 164 21.35 -28.57 38.74
N GLU F 165 22.21 -28.26 39.70
CA GLU F 165 23.06 -29.28 40.29
C GLU F 165 22.26 -30.38 40.96
N ASP F 166 21.07 -30.06 41.46
CA ASP F 166 20.18 -31.04 42.07
C ASP F 166 19.39 -31.84 41.05
N GLY F 167 19.64 -31.64 39.76
CA GLY F 167 18.96 -32.40 38.74
C GLY F 167 17.61 -31.87 38.29
N VAL F 168 17.14 -30.79 38.86
CA VAL F 168 15.83 -30.21 38.55
C VAL F 168 16.01 -29.14 37.49
N MET F 169 15.01 -29.02 36.60
CA MET F 169 15.04 -27.98 35.57
C MET F 169 14.70 -26.63 36.20
N PHE F 170 15.54 -25.64 35.90
CA PHE F 170 15.37 -24.27 36.35
C PHE F 170 13.97 -23.75 36.06
N ASP F 171 13.45 -22.99 37.04
CA ASP F 171 12.21 -22.21 36.92
C ASP F 171 12.50 -20.80 37.40
N MET F 172 12.46 -19.82 36.50
CA MET F 172 12.67 -18.44 36.92
C MET F 172 11.78 -18.06 38.08
N LEU F 173 10.53 -18.53 38.07
CA LEU F 173 9.55 -18.19 39.10
C LEU F 173 9.51 -19.15 40.28
N ASP F 174 10.34 -20.18 40.28
CA ASP F 174 10.46 -21.06 41.45
C ASP F 174 9.09 -21.55 41.93
N ARG F 175 8.32 -22.15 41.01
CA ARG F 175 7.00 -22.67 41.37
C ARG F 175 7.06 -24.05 42.04
N ARG F 176 8.11 -24.81 41.77
CA ARG F 176 8.26 -26.15 42.31
C ARG F 176 9.76 -26.42 42.47
N ARG F 177 10.12 -27.20 43.51
CA ARG F 177 11.52 -27.44 43.83
C ARG F 177 11.62 -28.70 44.68
N LEU F 178 12.85 -29.20 44.82
CA LEU F 178 13.09 -30.32 45.73
C LEU F 178 13.07 -29.88 47.18
N GLU F 179 12.40 -30.65 48.02
CA GLU F 179 12.44 -30.47 49.47
C GLU F 179 12.35 -31.86 50.09
N GLY F 180 13.35 -32.24 50.87
CA GLY F 180 13.27 -33.53 51.53
C GLY F 180 13.17 -34.70 50.59
N GLY F 181 13.78 -34.60 49.41
CA GLY F 181 13.80 -35.69 48.46
C GLY F 181 12.58 -35.81 47.57
N VAL F 182 11.57 -34.98 47.76
CA VAL F 182 10.41 -34.96 46.87
C VAL F 182 10.27 -33.57 46.27
N ILE F 183 9.62 -33.50 45.12
CA ILE F 183 9.24 -32.21 44.54
C ILE F 183 8.03 -31.70 45.27
N VAL F 184 8.07 -30.42 45.66
CA VAL F 184 6.95 -29.72 46.24
C VAL F 184 6.66 -28.49 45.41
N SER F 185 5.39 -28.08 45.44
CA SER F 185 4.97 -26.89 44.71
C SER F 185 4.01 -26.08 45.54
N ASP F 186 4.29 -24.78 45.64
CA ASP F 186 3.53 -23.86 46.48
C ASP F 186 3.16 -22.58 45.71
N LYS F 187 3.10 -22.65 44.37
CA LYS F 187 2.60 -21.58 43.54
C LYS F 187 1.75 -22.18 42.44
N ASP F 188 0.81 -21.38 41.93
CA ASP F 188 0.03 -21.79 40.76
C ASP F 188 0.88 -21.65 39.50
N GLN F 189 0.33 -22.08 38.37
CA GLN F 189 1.14 -22.22 37.17
C GLN F 189 1.58 -20.89 36.57
N VAL F 190 1.00 -19.78 37.02
CA VAL F 190 1.47 -18.47 36.57
C VAL F 190 2.23 -17.73 37.67
N GLY F 191 2.70 -18.45 38.69
CA GLY F 191 3.60 -17.90 39.67
C GLY F 191 2.96 -17.27 40.89
N VAL F 192 1.64 -17.38 41.05
CA VAL F 192 0.98 -16.79 42.20
C VAL F 192 1.13 -17.72 43.40
N PRO F 193 1.68 -17.27 44.53
CA PRO F 193 1.78 -18.15 45.69
C PRO F 193 0.41 -18.67 46.12
N ILE F 194 0.37 -19.94 46.51
CA ILE F 194 -0.85 -20.59 46.99
C ILE F 194 -0.64 -21.00 48.44
N ASP F 195 -1.74 -21.23 49.14
CA ASP F 195 -1.72 -21.47 50.57
C ASP F 195 -1.60 -22.95 50.90
N ARG F 196 -0.98 -23.73 50.05
CA ARG F 196 -0.72 -25.13 50.32
C ARG F 196 0.60 -25.49 49.64
N LYS F 197 1.15 -26.63 50.06
CA LYS F 197 2.37 -27.17 49.49
C LYS F 197 2.07 -28.57 48.97
N VAL F 198 2.02 -28.70 47.66
CA VAL F 198 1.63 -29.96 47.02
C VAL F 198 2.85 -30.85 46.86
N ASN F 199 2.73 -32.09 47.31
CA ASN F 199 3.80 -33.09 47.17
C ASN F 199 3.64 -33.82 45.84
N LEU F 200 4.62 -33.66 44.96
CA LEU F 200 4.57 -34.20 43.60
C LEU F 200 5.51 -35.39 43.41
N GLY F 201 6.00 -35.94 44.50
CA GLY F 201 6.70 -37.20 44.48
C GLY F 201 8.19 -37.05 44.27
N LYS F 202 8.90 -38.17 44.38
CA LYS F 202 10.32 -38.18 44.12
C LYS F 202 10.55 -38.06 42.61
N PRO F 203 11.53 -37.29 42.17
CA PRO F 203 11.87 -37.29 40.74
C PRO F 203 12.49 -38.61 40.34
N MET F 204 12.34 -38.93 39.07
CA MET F 204 12.98 -40.11 38.50
C MET F 204 14.49 -39.96 38.59
N SER F 205 15.18 -41.08 38.77
CA SER F 205 16.63 -41.08 38.61
C SER F 205 16.98 -40.77 37.15
N GLU F 206 18.22 -40.34 36.93
CA GLU F 206 18.69 -40.12 35.56
C GLU F 206 18.55 -41.41 34.75
N ALA F 207 18.80 -42.55 35.37
CA ALA F 207 18.73 -43.81 34.64
C ALA F 207 17.30 -44.17 34.23
N GLU F 208 16.33 -43.95 35.12
CA GLU F 208 14.93 -44.20 34.74
C GLU F 208 14.47 -43.22 33.68
N ALA F 209 14.89 -41.95 33.79
CA ALA F 209 14.49 -41.00 32.78
C ALA F 209 15.00 -41.41 31.41
N ALA F 210 16.24 -41.91 31.34
CA ALA F 210 16.79 -42.31 30.05
C ALA F 210 15.96 -43.43 29.43
N LYS F 211 15.43 -44.34 30.26
CA LYS F 211 14.65 -45.47 29.76
C LYS F 211 13.24 -45.07 29.35
N ARG F 212 12.70 -44.02 29.94
CA ARG F 212 11.30 -43.63 29.75
C ARG F 212 11.11 -42.47 28.78
N THR F 213 12.21 -41.85 28.36
CA THR F 213 12.06 -40.63 27.58
C THR F 213 11.61 -40.89 26.14
N THR F 214 10.89 -39.90 25.62
CA THR F 214 10.47 -39.79 24.23
C THR F 214 11.37 -38.87 23.41
N ILE F 215 12.49 -38.39 23.94
CA ILE F 215 13.45 -37.61 23.17
C ILE F 215 14.62 -38.48 22.76
N TYR F 216 15.14 -38.27 21.55
CA TYR F 216 16.41 -38.87 21.16
C TYR F 216 17.55 -37.97 21.60
N ARG F 217 18.66 -38.59 22.03
CA ARG F 217 19.90 -37.89 22.37
C ARG F 217 21.07 -38.80 22.02
N VAL F 218 22.16 -38.20 21.52
CA VAL F 218 23.30 -38.96 21.03
C VAL F 218 23.92 -39.79 22.13
N ASP F 219 23.84 -39.33 23.38
CA ASP F 219 24.43 -40.02 24.51
C ASP F 219 23.44 -40.92 25.23
N ASN F 220 22.27 -41.18 24.66
CA ASN F 220 21.31 -42.14 25.22
C ASN F 220 20.86 -43.05 24.09
N VAL F 221 19.82 -42.65 23.39
CA VAL F 221 19.32 -43.33 22.18
C VAL F 221 19.43 -42.32 21.06
N ALA F 222 20.43 -42.47 20.19
CA ALA F 222 20.69 -41.48 19.17
C ALA F 222 19.64 -41.54 18.07
N PHE F 223 19.20 -40.38 17.62
CA PHE F 223 18.26 -40.34 16.50
C PHE F 223 18.83 -41.05 15.29
N ARG F 224 20.12 -40.88 15.04
CA ARG F 224 20.80 -41.53 13.93
C ARG F 224 20.56 -43.02 13.91
N SER F 225 20.39 -43.64 15.08
CA SER F 225 20.22 -45.08 15.18
C SER F 225 18.80 -45.55 14.86
N ASP F 226 17.82 -44.65 14.81
CA ASP F 226 16.44 -45.07 14.53
C ASP F 226 16.22 -44.99 13.04
N LYS F 227 16.70 -46.03 12.36
CA LYS F 227 16.68 -46.01 10.88
C LYS F 227 15.24 -45.99 10.36
N GLU F 228 14.32 -46.64 11.06
CA GLU F 228 12.93 -46.64 10.61
C GLU F 228 12.34 -45.25 10.62
N VAL F 229 12.58 -44.49 11.70
CA VAL F 229 12.01 -43.15 11.77
C VAL F 229 12.61 -42.26 10.69
N ILE F 230 13.93 -42.33 10.50
CA ILE F 230 14.56 -41.53 9.46
C ILE F 230 13.99 -41.88 8.08
N GLU F 231 13.84 -43.17 7.78
CA GLU F 231 13.28 -43.58 6.50
C GLU F 231 11.86 -43.05 6.33
N HIS F 232 11.06 -43.11 7.39
CA HIS F 232 9.71 -42.55 7.37
C HIS F 232 9.72 -41.07 7.03
N VAL F 233 10.58 -40.30 7.70
CA VAL F 233 10.65 -38.87 7.46
C VAL F 233 10.99 -38.61 5.99
N GLN F 234 12.01 -39.32 5.51
CA GLN F 234 12.46 -39.11 4.12
C GLN F 234 11.35 -39.50 3.16
N ARG F 235 10.58 -40.54 3.47
CA ARG F 235 9.52 -40.99 2.54
C ARG F 235 8.42 -39.91 2.46
N VAL F 236 7.97 -39.41 3.62
CA VAL F 236 6.93 -38.40 3.62
C VAL F 236 7.41 -37.15 2.89
N TRP F 237 8.66 -36.73 3.14
CA TRP F 237 9.24 -35.60 2.43
C TRP F 237 9.22 -35.83 0.92
N GLU F 238 9.69 -36.99 0.48
CA GLU F 238 9.79 -37.25 -0.95
C GLU F 238 8.42 -37.26 -1.61
N LEU F 239 7.42 -37.89 -0.97
CA LEU F 239 6.10 -37.94 -1.57
C LEU F 239 5.42 -36.59 -1.55
N ARG F 240 5.55 -35.82 -0.46
CA ARG F 240 5.01 -34.45 -0.48
C ARG F 240 5.59 -33.66 -1.63
N THR F 241 6.89 -33.78 -1.83
CA THR F 241 7.62 -33.07 -2.87
C THR F 241 7.09 -33.44 -4.25
N LYS F 242 7.04 -34.74 -4.52
CA LYS F 242 6.63 -35.21 -5.83
CA LYS F 242 6.63 -35.25 -5.83
C LYS F 242 5.19 -34.83 -6.13
N TYR F 243 4.28 -35.02 -5.16
CA TYR F 243 2.86 -34.75 -5.40
C TYR F 243 2.61 -33.25 -5.55
N GLY F 244 3.46 -32.41 -4.98
CA GLY F 244 3.36 -30.98 -5.18
C GLY F 244 3.69 -30.55 -6.59
N PHE F 245 4.56 -31.29 -7.27
CA PHE F 245 4.84 -31.03 -8.68
C PHE F 245 3.68 -31.53 -9.54
N VAL F 246 3.34 -32.81 -9.43
CA VAL F 246 2.21 -33.41 -10.15
C VAL F 246 1.51 -34.32 -9.16
N PRO F 247 0.20 -34.15 -8.91
CA PRO F 247 -0.50 -34.96 -7.88
C PRO F 247 -0.94 -36.30 -8.45
N LYS F 248 0.03 -37.18 -8.66
CA LYS F 248 -0.17 -38.46 -9.31
C LYS F 248 0.74 -39.49 -8.68
N ALA F 249 0.19 -40.66 -8.40
CA ALA F 249 0.94 -41.73 -7.75
C ALA F 249 2.14 -42.16 -8.57
NA NA G . 10.57 6.17 7.99
C1 EDO H . -12.82 1.81 17.77
O1 EDO H . -13.44 0.82 18.61
C2 EDO H . -13.67 3.08 17.68
O2 EDO H . -14.91 2.74 17.04
H11 EDO H . -12.68 1.45 16.88
H12 EDO H . -11.94 2.04 18.11
HO1 EDO H . -13.29 0.06 18.31
H21 EDO H . -13.21 3.77 17.17
H22 EDO H . -13.83 3.43 18.56
HO2 EDO H . -14.79 2.08 16.53
C1 EDO I . 16.75 32.01 0.35
O1 EDO I . 17.75 32.81 0.99
C2 EDO I . 16.50 30.76 1.19
O2 EDO I . 16.71 31.09 2.57
H11 EDO I . 17.05 31.75 -0.54
H21 EDO I . 17.08 30.04 0.92
H22 EDO I . 15.58 30.46 1.07
C1 EDO J . -13.69 -0.50 35.13
O1 EDO J . -14.64 -1.55 35.11
C2 EDO J . -12.94 -0.41 36.40
O2 EDO J . -13.67 0.22 37.41
H11 EDO J . -14.14 0.34 34.96
H12 EDO J . -13.06 -0.64 34.39
HO1 EDO J . -14.93 -1.68 35.89
H21 EDO J . -12.11 0.07 36.25
H22 EDO J . -12.69 -1.30 36.69
HO2 EDO J . -14.39 -0.20 37.55
N NO3 K . -15.63 25.88 21.51
O1 NO3 K . -15.13 24.80 21.10
O2 NO3 K . -15.06 26.98 21.25
O3 NO3 K . -16.68 25.85 22.19
C1 EDO L . 16.74 31.98 0.31
O1 EDO L . 15.72 32.95 0.61
C2 EDO L . 16.53 30.75 1.21
O2 EDO L . 16.74 31.10 2.59
H11 EDO L . 16.69 31.72 -0.62
H21 EDO L . 17.15 30.06 0.95
H22 EDO L . 15.64 30.40 1.09
NI F43 M . 8.68 25.14 -9.60
NA F43 M . 9.96 23.58 -8.99
CHA F43 M . 9.28 23.77 -6.67
C1A F43 M . 10.15 23.26 -7.77
C2A F43 M . 11.41 22.46 -7.50
C3A F43 M . 12.15 22.70 -8.85
C4A F43 M . 10.94 22.84 -9.81
C5A F43 M . 11.04 20.98 -7.30
C6A F43 M . 12.28 20.11 -7.04
O7A F43 M . 12.78 20.05 -5.92
N8A F43 M . 12.78 19.46 -8.05
C9A F43 M . 12.16 23.01 -6.27
CAA F43 M . 13.10 23.92 -8.92
CBA F43 M . 14.45 23.71 -8.18
CCA F43 M . 15.51 24.49 -8.93
ODA F43 M . 16.41 23.84 -9.50
OEA F43 M . 15.43 25.73 -8.97
NB F43 M . 9.02 24.58 -11.57
CHB F43 M . 11.18 23.43 -11.20
C1B F43 M . 9.89 23.44 -12.03
C2B F43 M . 10.09 23.64 -13.55
C3B F43 M . 9.75 25.13 -13.75
C4B F43 M . 8.88 25.41 -12.55
N5B F43 M . 9.21 22.14 -11.97
C6B F43 M . 8.83 21.65 -13.17
O7B F43 M . 8.37 20.52 -13.36
C8B F43 M . 9.04 22.72 -14.20
C9B F43 M . 11.45 23.21 -14.07
CAB F43 M . 10.96 26.08 -13.78
CBB F43 M . 10.63 27.56 -13.81
CCB F43 M . 11.81 28.36 -14.35
ODB F43 M . 12.26 29.34 -13.68
OEB F43 M . 12.31 28.00 -15.46
NC F43 M . 7.72 26.88 -10.15
CHC F43 M . 8.05 26.57 -12.55
C1C F43 M . 7.53 27.22 -11.47
C2C F43 M . 6.65 28.43 -11.60
C3C F43 M . 6.76 29.03 -10.21
C4C F43 M . 7.22 27.84 -9.37
C5C F43 M . 5.20 28.02 -11.97
C6C F43 M . 4.36 29.25 -12.24
O7C F43 M . 4.77 30.08 -13.06
O8C F43 M . 3.28 29.39 -11.59
C8C F43 M . 7.85 30.15 -10.11
C9C F43 M . 7.47 31.45 -10.81
CAC F43 M . 8.50 32.56 -10.59
OBC F43 M . 9.69 32.26 -10.17
OCC F43 M . 8.12 33.72 -10.84
ND F43 M . 8.68 25.92 -7.69
CHD F43 M . 7.25 27.87 -7.96
C5D F43 M . 7.27 27.85 -4.99
C6D F43 M . 6.74 29.08 -5.73
C7D F43 M . 6.43 28.84 -7.20
O8D F43 M . 5.49 29.46 -7.69
C9D F43 M . 10.00 25.90 -4.22
CAD F43 M . 9.49 25.91 -2.78
OBD F43 M . 8.27 25.79 -2.59
OCD F43 M . 10.36 26.05 -1.87
C1D F43 M . 8.07 27.00 -7.23
C2D F43 M . 8.42 27.24 -5.77
C3D F43 M . 8.94 25.88 -5.32
C4D F43 M . 9.46 25.28 -6.63
C1 EDO N . -11.37 36.74 15.31
O1 EDO N . -10.72 35.55 15.77
C2 EDO N . -11.55 37.75 16.43
O2 EDO N . -10.25 38.10 16.91
H11 EDO N . -12.23 36.51 14.94
H12 EDO N . -10.85 37.14 14.59
HO1 EDO N . -9.93 35.74 16.00
H21 EDO N . -12.09 37.38 17.15
H22 EDO N . -12.02 38.54 16.11
HO2 EDO N . -10.03 38.85 16.59
N TP7 O . 2.86 11.70 -8.44
P TP7 O . 3.15 8.70 -11.90
O1P TP7 O . 4.63 8.58 -12.12
O2P TP7 O . 2.42 9.19 -13.13
O3P TP7 O . 2.52 7.47 -11.32
O4P TP7 O . 3.07 9.89 -10.80
CB TP7 O . 1.83 10.18 -10.16
C TP7 O . 2.90 9.29 -8.02
O TP7 O . 4.17 9.37 -7.99
OXT TP7 O . 2.24 8.32 -7.58
CA TP7 O . 2.15 10.45 -8.66
CG TP7 O . 1.14 11.35 -10.84
O1 TP7 O . 1.07 12.92 -7.75
C1 TP7 O . 2.28 12.78 -7.89
C2 TP7 O . 3.24 13.85 -7.46
C3 TP7 O . 2.66 14.83 -6.46
C4 TP7 O . 3.72 15.73 -5.83
C5 TP7 O . 4.48 16.61 -6.82
C6 TP7 O . 3.63 17.64 -7.57
C7 TP7 O . 2.91 18.58 -6.60
S7 TP7 O . 1.94 19.85 -7.46
C1 COM P . 5.77 24.21 -10.77
C2 COM P . 5.83 23.14 -11.85
S1 COM P . 6.71 23.77 -9.30
S2 COM P . 5.19 23.68 -13.40
O1S COM P . 5.09 22.48 -14.24
O2S COM P . 3.88 24.25 -13.13
O3S COM P . 6.12 24.65 -13.94
K K Q . -10.15 -28.66 -19.63
C1 EDO R . -33.08 -1.72 -31.02
O1 EDO R . -33.02 -2.38 -32.30
C2 EDO R . -32.74 -2.69 -29.89
O2 EDO R . -31.44 -3.24 -30.12
H11 EDO R . -33.97 -1.37 -30.88
H12 EDO R . -32.46 -0.98 -31.00
HO1 EDO R . -32.55 -1.92 -32.83
H21 EDO R . -33.41 -3.40 -29.84
H22 EDO R . -32.77 -2.22 -29.03
HO2 EDO R . -30.95 -3.08 -29.46
C1 EDO S . 5.28 -10.16 -33.79
O1 EDO S . 5.78 -9.69 -32.56
C2 EDO S . 4.35 -9.26 -34.51
O2 EDO S . 4.47 -7.92 -34.12
H11 EDO S . 4.83 -11.01 -33.63
H12 EDO S . 6.03 -10.35 -34.38
HO1 EDO S . 5.58 -8.87 -32.48
H21 EDO S . 3.44 -9.55 -34.34
H22 EDO S . 4.51 -9.33 -35.46
HO2 EDO S . 3.88 -7.73 -33.56
C1 EDO T . -10.64 3.03 -20.46
O1 EDO T . -9.95 1.90 -19.95
C2 EDO T . -9.70 4.13 -20.81
O2 EDO T . -8.49 4.24 -20.09
H11 EDO T . -11.27 3.35 -19.81
H12 EDO T . -11.13 2.77 -21.25
HO1 EDO T . -10.49 1.41 -19.54
H21 EDO T . -10.18 4.97 -20.72
H22 EDO T . -9.47 4.04 -21.75
HO2 EDO T . -7.91 3.76 -20.44
C1 EDO U . -10.48 31.48 -35.96
O1 EDO U . -9.65 30.57 -36.71
C2 EDO U . -11.61 30.69 -35.29
O2 EDO U . -12.25 29.87 -36.28
H11 EDO U . -10.84 32.15 -36.55
H12 EDO U . -9.95 31.94 -35.29
HO1 EDO U . -9.08 30.23 -36.19
H21 EDO U . -12.25 31.31 -34.89
H22 EDO U . -11.25 30.15 -34.58
HO2 EDO U . -11.78 29.86 -36.99
C1 EDO V . -32.96 6.08 -14.64
O1 EDO V . -32.34 4.87 -15.18
C2 EDO V . -34.25 5.63 -13.91
O2 EDO V . -33.96 4.88 -12.70
H11 EDO V . -33.18 6.70 -15.34
H12 EDO V . -32.36 6.54 -14.02
HO1 EDO V . -31.51 5.00 -15.26
H21 EDO V . -34.80 5.10 -14.50
H22 EDO V . -34.78 6.42 -13.67
N NO3 W . -12.68 -27.96 -16.81
O1 NO3 W . -12.84 -27.28 -15.78
O2 NO3 W . -11.82 -27.61 -17.66
O3 NO3 W . -13.36 -28.99 -17.03
C1 EDO X . -34.47 26.75 -25.92
O1 EDO X . -34.76 28.00 -26.57
C2 EDO X . -33.04 26.73 -25.40
O2 EDO X . -32.77 27.69 -24.35
H11 EDO X . -34.61 26.01 -26.54
H12 EDO X . -35.09 26.61 -25.18
HO1 EDO X . -34.47 27.97 -27.36
H21 EDO X . -32.43 26.90 -26.13
H22 EDO X . -32.82 25.84 -25.07
HO2 EDO X . -33.34 27.60 -23.73
N NO3 Y . -31.90 18.50 -18.14
O1 NO3 Y . -31.87 19.81 -18.18
O2 NO3 Y . -32.80 17.95 -17.42
O3 NO3 Y . -31.08 17.71 -18.77
C1 EDO Z . 18.09 40.42 -41.25
O1 EDO Z . 17.96 39.28 -40.44
C2 EDO Z . 18.60 41.62 -40.52
O2 EDO Z . 19.83 41.39 -39.89
H11 EDO Z . 17.23 40.64 -41.64
H12 EDO Z . 18.69 40.24 -41.98
HO1 EDO Z . 18.71 38.88 -40.39
H21 EDO Z . 17.94 41.88 -39.86
H22 EDO Z . 18.68 42.36 -41.14
HO2 EDO Z . 19.98 40.56 -39.85
C1 EDO AA . -18.76 41.06 -26.26
O1 EDO AA . -18.14 40.81 -27.53
C2 EDO AA . -19.06 42.54 -26.13
O2 EDO AA . -20.00 42.94 -27.13
H11 EDO AA . -18.18 40.77 -25.55
H12 EDO AA . -19.58 40.54 -26.19
HO1 EDO AA . -17.77 40.06 -27.51
H21 EDO AA . -18.24 43.05 -26.23
H22 EDO AA . -19.41 42.74 -25.25
HO2 EDO AA . -20.44 43.60 -26.86
C1 EDO BA . 35.97 -23.42 2.14
O1 EDO BA . 36.62 -22.55 3.07
C2 EDO BA . 34.47 -23.19 2.21
O2 EDO BA . 34.15 -21.82 1.94
H11 EDO BA . 36.17 -24.34 2.35
H12 EDO BA . 36.29 -23.25 1.24
HO1 EDO BA . 36.89 -22.99 3.73
H21 EDO BA . 34.13 -23.44 3.09
H22 EDO BA . 34.01 -23.76 1.56
HO2 EDO BA . 34.41 -21.33 2.58
C1 EDO CA . 15.56 -2.26 -16.29
O1 EDO CA . 14.76 -3.08 -17.15
C2 EDO CA . 14.98 -0.84 -16.29
O2 EDO CA . 15.00 -0.27 -17.62
H11 EDO CA . 16.48 -2.23 -16.61
H12 EDO CA . 15.58 -2.61 -15.39
HO1 EDO CA . 15.08 -3.86 -17.16
H21 EDO CA . 15.50 -0.28 -15.69
H22 EDO CA . 14.07 -0.87 -15.96
HO2 EDO CA . 14.30 0.19 -17.73
C1 EDO DA . 28.86 17.69 6.60
O1 EDO DA . 29.26 18.90 7.25
C2 EDO DA . 28.14 16.76 7.59
O2 EDO DA . 27.72 17.49 8.77
H11 EDO DA . 29.65 17.23 6.25
H12 EDO DA . 28.29 17.89 5.85
HO1 EDO DA . 29.73 19.36 6.73
H21 EDO DA . 28.73 16.04 7.85
H22 EDO DA . 27.36 16.36 7.16
HO2 EDO DA . 26.89 17.65 8.72
C1 COM EA . 6.78 -17.03 20.20
C2 COM EA . 5.28 -16.83 20.16
S1 COM EA . 7.70 -15.47 20.13
S2 COM EA . 4.37 -18.28 20.54
O1S COM EA . 2.97 -17.97 20.22
O2S COM EA . 4.90 -19.32 19.67
O3S COM EA . 4.58 -18.57 21.96
N NO3 FA . 32.55 -15.92 -8.59
O1 NO3 FA . 31.64 -15.07 -8.79
O2 NO3 FA . 32.81 -16.28 -7.41
O3 NO3 FA . 33.20 -16.39 -9.58
C1 EDO GA . 20.52 -8.83 27.00
O1 EDO GA . 21.81 -8.25 26.80
C2 EDO GA . 20.55 -9.88 28.11
O2 EDO GA . 21.37 -10.96 27.64
H11 EDO GA . 20.22 -9.24 26.18
H12 EDO GA . 19.88 -8.14 27.23
HO1 EDO GA . 21.94 -7.65 27.37
H21 EDO GA . 19.66 -10.19 28.30
H22 EDO GA . 20.91 -9.51 28.92
HO2 EDO GA . 21.04 -11.28 26.94
NI F43 HA . 8.36 -15.25 22.45
NA F43 HA . 7.91 -13.22 22.47
CHA F43 HA . 9.83 -12.63 21.12
C1A F43 HA . 8.67 -12.31 21.98
C2A F43 HA . 8.42 -10.89 22.52
C3A F43 HA . 7.54 -11.23 23.73
C4A F43 HA . 6.86 -12.52 23.22
C5A F43 HA . 7.66 -10.08 21.42
C6A F43 HA . 7.38 -8.65 21.89
O7A F43 HA . 8.25 -7.77 21.82
N8A F43 HA . 6.21 -8.41 22.39
C9A F43 HA . 9.77 -10.21 22.84
CAA F43 HA . 8.28 -11.46 25.06
CBA F43 HA . 8.75 -10.17 25.75
CCA F43 HA . 8.67 -10.34 27.25
ODA F43 HA . 7.86 -9.63 27.88
OEA F43 HA . 9.41 -11.17 27.82
NB F43 HA . 6.46 -15.62 23.25
CHB F43 HA . 6.13 -13.40 24.23
C1B F43 HA . 5.45 -14.59 23.55
C2B F43 HA . 4.37 -15.31 24.42
C3B F43 HA . 5.10 -16.56 24.94
C4B F43 HA . 6.21 -16.70 23.91
N5B F43 HA . 4.67 -14.16 22.38
C6B F43 HA . 3.42 -14.66 22.33
O7B F43 HA . 2.55 -14.30 21.53
C8B F43 HA . 3.27 -15.70 23.42
C9B F43 HA . 3.73 -14.42 25.50
CAB F43 HA . 5.70 -16.42 26.36
CBB F43 HA . 6.58 -17.58 26.79
CCB F43 HA . 6.70 -17.63 28.31
ODB F43 HA . 7.83 -17.66 28.82
OEB F43 HA . 5.62 -17.62 28.96
NC F43 HA . 8.98 -17.20 22.74
CHC F43 HA . 6.93 -17.95 23.79
C1C F43 HA . 8.15 -18.15 23.28
C2C F43 HA . 8.76 -19.53 23.18
C3C F43 HA . 10.24 -19.17 23.01
C4C F43 HA . 10.18 -17.74 22.48
C5C F43 HA . 8.22 -20.34 22.01
C6C F43 HA . 8.74 -21.76 22.04
O7C F43 HA . 9.31 -22.23 21.01
O8C F43 HA . 8.57 -22.42 23.10
C8C F43 HA . 11.04 -19.16 24.36
C9C F43 HA . 11.31 -20.53 24.97
CAC F43 HA . 12.19 -20.49 26.22
OBC F43 HA . 12.39 -19.38 26.84
OCC F43 HA . 12.64 -21.58 26.58
ND F43 HA . 10.34 -14.83 22.07
CHD F43 HA . 11.31 -17.06 21.97
C5D F43 HA . 13.61 -15.65 20.80
C6D F43 HA . 13.81 -17.10 21.23
C7D F43 HA . 12.48 -17.80 21.45
O8D F43 HA . 12.46 -19.02 21.23
C9D F43 HA . 13.08 -12.36 21.71
CAD F43 HA . 14.21 -12.03 20.74
OBD F43 HA . 15.05 -11.14 21.15
OCD F43 HA . 14.26 -12.61 19.64
C1D F43 HA . 11.37 -15.68 21.91
C2D F43 HA . 12.66 -14.92 21.74
C3D F43 HA . 12.19 -13.54 21.31
C4D F43 HA . 10.81 -13.45 21.94
N TP7 IA . 0.81 -9.82 11.08
P TP7 IA . -3.74 -9.40 11.28
O1P TP7 IA . -4.07 -8.72 9.96
O2P TP7 IA . -3.94 -8.51 12.47
O3P TP7 IA . -4.44 -10.71 11.42
O4P TP7 IA . -2.14 -9.66 11.32
CB TP7 IA . -1.49 -10.30 10.22
C TP7 IA . -0.33 -8.08 9.81
O TP7 IA . -0.64 -7.68 8.65
OXT TP7 IA . -0.22 -7.34 10.84
CA TP7 IA . -0.13 -9.57 10.01
CG TP7 IA . -1.32 -11.77 10.52
O1 TP7 IA . 2.06 -11.36 9.97
C1 TP7 IA . 1.90 -10.61 10.94
C2 TP7 IA . 2.92 -10.49 12.03
C3 TP7 IA . 4.30 -10.98 11.62
C4 TP7 IA . 5.38 -10.60 12.62
C5 TP7 IA . 5.18 -11.16 14.04
C6 TP7 IA . 5.20 -12.67 14.14
C7 TP7 IA . 6.50 -13.26 13.65
S7 TP7 IA . 6.59 -15.07 13.82
K K JA . -33.16 2.37 -13.63
C1 EDO KA . -8.99 -43.37 19.40
O1 EDO KA . -10.23 -43.88 18.85
C2 EDO KA . -8.92 -43.53 20.91
O2 EDO KA . -9.94 -42.76 21.53
H11 EDO KA . -8.89 -42.43 19.16
H12 EDO KA . -8.24 -43.84 18.99
HO1 EDO KA . -10.44 -44.58 19.26
H21 EDO KA . -8.04 -43.24 21.22
H22 EDO KA . -9.01 -44.46 21.15
HO2 EDO KA . -9.70 -41.95 21.56
C1 EDO LA . -40.14 -7.11 6.75
O1 EDO LA . -39.59 -5.82 6.85
C2 EDO LA . -41.06 -7.45 7.86
O2 EDO LA . -40.38 -7.71 9.08
H11 EDO LA . -39.42 -7.77 6.71
H12 EDO LA . -40.63 -7.19 5.91
HO1 EDO LA . -40.17 -5.25 6.64
H21 EDO LA . -41.58 -8.23 7.62
H22 EDO LA . -41.68 -6.72 8.00
HO2 EDO LA . -40.81 -7.38 9.72
N NO3 MA . -30.65 1.68 -16.40
O1 NO3 MA . -31.05 1.63 -15.23
O2 NO3 MA . -29.42 1.63 -16.64
O3 NO3 MA . -31.50 1.79 -17.30
C1 EDO NA . 13.65 -49.36 7.63
O1 EDO NA . 13.85 -49.92 6.33
C2 EDO NA . 14.92 -48.67 8.09
O2 EDO NA . 16.04 -49.56 7.89
H11 EDO NA . 13.40 -50.06 8.26
H12 EDO NA . 12.91 -48.73 7.61
HO1 EDO NA . 13.86 -49.30 5.76
H21 EDO NA . 14.86 -48.43 9.02
H22 EDO NA . 15.06 -47.84 7.59
HO2 EDO NA . 15.86 -50.10 7.27
C1 EDO OA . 5.51 -51.11 15.41
O1 EDO OA . 4.92 -52.40 15.26
C2 EDO OA . 4.51 -50.04 14.97
O2 EDO OA . 3.36 -50.12 15.83
H11 EDO OA . 6.32 -51.04 14.87
H12 EDO OA . 5.77 -50.96 16.33
HO1 EDO OA . 5.53 -52.97 15.12
H21 EDO OA . 4.24 -50.19 14.05
H22 EDO OA . 4.90 -49.16 15.02
HO2 EDO OA . 2.92 -49.41 15.78
#